data_7WCP
#
_entry.id   7WCP
#
_cell.length_a   1.00
_cell.length_b   1.00
_cell.length_c   1.00
_cell.angle_alpha   90.00
_cell.angle_beta   90.00
_cell.angle_gamma   90.00
#
_symmetry.space_group_name_H-M   'P 1'
#
loop_
_entity.id
_entity.type
_entity.pdbx_description
1 polymer 'Surface glycoprotein'
2 polymer SWC11H
3 polymer SWC11L
#
loop_
_entity_poly.entity_id
_entity_poly.type
_entity_poly.pdbx_seq_one_letter_code
_entity_poly.pdbx_strand_id
1 'polypeptide(L)'
;MFVFLVLLPLVSSQCVNLRTRTQLPPAYTNSFTRGVYYPDKVFRSSVLHSTQDLFLPFFSNVTWFHAIHVSGTNGTKRFD
NPVLPFNDGVYFASTEKSNIIRGWIFGTTLDSKTQSLLIVNNATNVVIKVCEFQFCNDPFLDVYYHKNNKSWMESGVYSS
ANNCTFEYVSQPFLMDLEGKQGNFKNLREFVFKNIDGYFKIYSKHTPINLVRDLPQGFSALEPLVDLPIGINITRFQTLL
ALHRSYLTPGDSSSGWTAGAAAYYVGYLQPRTFLLKYNENGTITDAVDCALDPLSETKCTLKSFTVEKGIYQTSNFRVQP
TESIVRFPNITNLCPFGEVFNATRFASVYAWNRKRISNCVADYSVLYNSASFSTFKCYGVSPTKLNDLCFTNVYADSFVI
RGDEVRQIAPGQTGKIADYNYKLPDDFTGCVIAWNSNNLDSKVGGNYNYRYRLFRKSNLKPFERDISTEIYQAGSKPCNG
VEGFNCYFPLQSYGFQPTNGVGYQPYRVVVLSFELLHAPATVCGPKKSTNLVKNKCVNFNFNGLTGTGVLTESNKKFLPF
QQFGRDIADTTDAVRDPQTLEILDITPCSFGGVSVITPGTNTSNQVAVLYQGVNCTEVPVAIHADQLTPTWRVYSTGSNV
FQTRAGCLIGAEHVNNSYECDIPIGAGICASYQTQTNSRGSASSVASQSIIAYTMSLGAENSVAYSNNSIAIPTNFTISV
TTEILPVSMTKTSVDCTMYICGDSTECSNLLLQYGSFCTQLNRALTGIAVEQDKNTQEVFAQVKQIYKTPPIKDFGGFNF
SQILPDPSKPSKRSPIEDLLFNKVTLADAGFIKQYGDCLGDIAARDLICAQKFNGLTVLPPLLTDEMIAQYTSALLAGTI
TSGWTFGAGPALQIPFPMQMAYRFNGIGVTQNVLYENQKLIANQFNSAIGKIQDSLSSTPSALGKLQNVVNQNAQALNTL
VKQLSSNFGAISSVLNDILSRLDPPEAEVQIDRLITGRLQSLQTYVTQQLIRAAEIRASANLAATKMSECVLGQSKRVDF
CGKGYHLMSFPQSAPHGVVFLHVTYVPAQEKNFTTAPAICHDGKAHFPREGVFVSNGTHWFVTQRNFYEPQIITTDNTFV
SGNCDVVIGIVNNTVYDPLQPELDSFKEELDKYFKNHTSPDVDLGDISGINASVVNIQKEIDRLNEVAKNLNESLIDLQE
LGKYEQGSGYIPEAPRDGQAYVRKDGEWVLLSTFLGRSLEVLFQGPGHHHHHHHHSAWSHPQFEKGGGSGGGGSGGSAWS
HPQFEK
;
A,B,C
2 'polypeptide(L)'
;EVQLVESGGGLIQPGGSLRLSCAASEFIVSRNYMSWVRQAPGTGLEWVSVIYPGGSTFYADSVKGRFTISRDNSKNTLYL
QMDSLRVEDTAVYYCARDYGDFYFDYWGQGTLVTVSSASTKGPSVFPLAPSSKSTSGGTAALGCLVKDYFPEPVTVSWNS
GALTSGVHTFPAVLQSSGLYSLSSVVTVPSSSLGTQTYICNVNHKPSNTKVDKKVEPKSCDK
;
D,H,M
3 'polypeptide(L)'
;EIVMTQSPVSLSVSPGERATLSCRASQGVASNLAWYQQKAGQAPRLLIYGASTRATGIPARFSGSGSGTEFTLTISTLQS
EDSAVYYCQQYNDRPRTFGQGTKLEIKRT
;
E,L,N
#
# COMPACT_ATOMS: atom_id res chain seq x y z
N ALA A 27 -45.02 34.24 14.49
CA ALA A 27 -45.42 34.19 13.09
C ALA A 27 -44.44 33.34 12.29
N TYR A 28 -44.83 32.97 11.07
CA TYR A 28 -43.97 32.18 10.18
C TYR A 28 -44.26 32.55 8.74
N THR A 29 -43.23 32.47 7.90
CA THR A 29 -43.33 32.93 6.53
C THR A 29 -42.58 31.94 5.63
N ASN A 30 -43.02 31.83 4.38
CA ASN A 30 -42.30 31.04 3.39
C ASN A 30 -40.95 31.65 3.05
N SER A 31 -40.01 30.79 2.73
CA SER A 31 -38.62 31.17 2.45
C SER A 31 -38.25 30.76 1.04
N PHE A 32 -39.08 31.19 0.07
CA PHE A 32 -39.34 30.53 -1.21
C PHE A 32 -38.12 29.92 -1.88
N THR A 33 -37.18 30.76 -2.29
CA THR A 33 -35.93 30.29 -2.84
C THR A 33 -34.73 30.97 -2.23
N ARG A 34 -34.91 31.75 -1.17
CA ARG A 34 -33.87 32.66 -0.74
C ARG A 34 -32.82 31.92 0.07
N GLY A 35 -31.77 32.64 0.43
CA GLY A 35 -30.75 32.11 1.31
C GLY A 35 -29.63 31.37 0.64
N VAL A 36 -29.43 31.57 -0.66
CA VAL A 36 -28.40 30.87 -1.42
C VAL A 36 -27.27 31.86 -1.69
N TYR A 37 -26.04 31.38 -1.66
CA TYR A 37 -24.89 32.26 -1.68
C TYR A 37 -23.75 31.59 -2.42
N TYR A 38 -22.80 32.39 -2.89
CA TYR A 38 -21.66 31.87 -3.60
C TYR A 38 -20.73 31.19 -2.59
N PRO A 39 -20.54 29.89 -2.69
CA PRO A 39 -19.97 29.15 -1.55
C PRO A 39 -18.45 29.07 -1.49
N ASP A 40 -17.73 29.31 -2.59
CA ASP A 40 -16.31 28.95 -2.55
C ASP A 40 -15.37 29.94 -3.25
N LYS A 41 -15.83 31.14 -3.59
CA LYS A 41 -15.01 32.27 -4.03
C LYS A 41 -14.33 32.01 -5.38
N VAL A 42 -14.87 31.10 -6.20
CA VAL A 42 -14.32 30.79 -7.52
C VAL A 42 -15.30 31.23 -8.59
N PHE A 43 -14.89 31.04 -9.84
CA PHE A 43 -15.68 31.44 -10.99
C PHE A 43 -16.04 30.20 -11.79
N ARG A 44 -17.30 30.06 -12.15
CA ARG A 44 -17.76 29.05 -13.10
C ARG A 44 -18.72 29.71 -14.08
N SER A 45 -18.76 29.20 -15.30
CA SER A 45 -19.59 29.84 -16.30
C SER A 45 -20.41 28.82 -17.09
N SER A 46 -21.72 29.01 -17.08
CA SER A 46 -22.71 28.13 -17.72
C SER A 46 -22.59 26.70 -17.22
N VAL A 47 -22.45 26.53 -15.91
CA VAL A 47 -22.09 25.25 -15.31
C VAL A 47 -23.09 24.94 -14.21
N LEU A 48 -23.61 23.73 -14.21
CA LEU A 48 -24.36 23.23 -13.07
C LEU A 48 -23.39 22.56 -12.10
N HIS A 49 -23.30 23.07 -10.89
CA HIS A 49 -22.32 22.59 -9.94
C HIS A 49 -23.01 22.20 -8.64
N SER A 50 -22.65 21.05 -8.11
CA SER A 50 -23.25 20.57 -6.87
C SER A 50 -22.30 20.84 -5.71
N THR A 51 -22.83 21.44 -4.65
CA THR A 51 -22.07 21.75 -3.45
C THR A 51 -22.74 21.14 -2.23
N GLN A 52 -21.93 20.79 -1.25
CA GLN A 52 -22.41 20.26 0.02
C GLN A 52 -21.97 21.23 1.11
N ASP A 53 -22.92 22.01 1.61
CA ASP A 53 -22.55 23.16 2.43
C ASP A 53 -23.79 23.56 3.24
N LEU A 54 -23.56 24.33 4.30
CA LEU A 54 -24.60 24.87 5.16
C LEU A 54 -25.45 25.86 4.37
N PHE A 55 -26.60 25.42 3.91
CA PHE A 55 -27.50 26.23 3.13
C PHE A 55 -28.83 26.40 3.86
N LEU A 56 -29.55 27.44 3.48
CA LEU A 56 -30.93 27.54 3.92
C LEU A 56 -31.78 26.64 3.04
N PRO A 57 -32.54 25.73 3.63
CA PRO A 57 -33.40 24.86 2.82
C PRO A 57 -34.50 25.64 2.12
N PHE A 58 -34.88 25.16 0.94
CA PHE A 58 -35.94 25.82 0.20
C PHE A 58 -37.27 25.54 0.84
N PHE A 59 -38.16 26.55 0.78
CA PHE A 59 -39.54 26.48 1.24
C PHE A 59 -39.66 26.14 2.71
N SER A 60 -38.66 26.50 3.50
CA SER A 60 -38.74 26.32 4.93
C SER A 60 -39.58 27.44 5.54
N ASN A 61 -39.99 27.23 6.78
CA ASN A 61 -40.66 28.28 7.53
C ASN A 61 -39.60 29.13 8.21
N VAL A 62 -39.62 30.42 7.96
CA VAL A 62 -38.73 31.34 8.64
C VAL A 62 -39.54 32.13 9.65
N THR A 63 -38.90 32.50 10.75
CA THR A 63 -39.54 33.23 11.82
C THR A 63 -39.61 34.71 11.45
N TRP A 64 -40.79 35.30 11.57
CA TRP A 64 -41.00 36.70 11.23
C TRP A 64 -41.21 37.49 12.51
N PHE A 65 -40.34 38.45 12.76
CA PHE A 65 -40.38 39.26 13.97
C PHE A 65 -40.77 40.68 13.61
N HIS A 66 -41.84 41.16 14.22
CA HIS A 66 -42.24 42.55 14.02
C HIS A 66 -42.10 43.31 15.32
N PHE A 79 -41.79 47.91 18.55
CA PHE A 79 -40.62 47.25 17.98
C PHE A 79 -39.83 46.55 19.07
N ASP A 80 -39.63 45.24 18.93
CA ASP A 80 -38.94 44.44 19.93
C ASP A 80 -37.91 43.54 19.28
N ASN A 81 -37.03 42.97 20.11
CA ASN A 81 -35.86 42.25 19.67
C ASN A 81 -35.51 41.11 20.63
N PRO A 82 -36.08 39.93 20.43
CA PRO A 82 -35.87 38.82 21.38
C PRO A 82 -34.54 38.08 21.21
N VAL A 83 -34.44 36.94 21.89
CA VAL A 83 -33.21 36.16 21.94
C VAL A 83 -33.37 34.94 21.04
N LEU A 84 -32.35 34.68 20.22
CA LEU A 84 -32.43 33.68 19.16
C LEU A 84 -31.20 32.78 19.17
N PRO A 85 -31.36 31.46 19.16
CA PRO A 85 -30.22 30.56 19.06
C PRO A 85 -29.59 30.60 17.67
N PHE A 86 -28.30 30.36 17.63
CA PHE A 86 -27.50 30.53 16.42
C PHE A 86 -27.34 29.26 15.61
N ASN A 87 -27.89 28.13 16.07
CA ASN A 87 -27.24 26.81 16.11
C ASN A 87 -26.17 26.55 15.05
N ASP A 88 -26.49 26.78 13.77
CA ASP A 88 -25.52 26.50 12.72
C ASP A 88 -25.16 27.70 11.86
N GLY A 89 -26.03 28.69 11.75
CA GLY A 89 -25.80 29.82 10.88
C GLY A 89 -27.14 30.50 10.72
N VAL A 90 -27.11 31.72 10.21
CA VAL A 90 -28.29 32.59 10.18
C VAL A 90 -28.47 33.11 8.77
N TYR A 91 -29.69 32.98 8.26
CA TYR A 91 -30.17 33.81 7.17
C TYR A 91 -31.03 34.90 7.77
N PHE A 92 -30.59 36.13 7.63
CA PHE A 92 -31.25 37.30 8.16
C PHE A 92 -31.76 38.13 7.00
N ALA A 93 -32.99 38.63 7.10
CA ALA A 93 -33.46 39.55 6.08
C ALA A 93 -34.26 40.66 6.74
N SER A 94 -34.32 41.80 6.07
CA SER A 94 -35.01 42.95 6.65
C SER A 94 -35.60 43.84 5.57
N THR A 95 -36.57 44.65 5.96
CA THR A 95 -37.20 45.57 5.02
C THR A 95 -36.58 46.96 5.09
N ASN A 99 -33.10 52.33 7.91
CA ASN A 99 -31.90 52.23 8.73
C ASN A 99 -32.28 52.13 10.21
N ILE A 100 -33.17 51.19 10.53
CA ILE A 100 -33.58 50.99 11.91
C ILE A 100 -32.61 50.07 12.62
N ILE A 101 -32.44 48.85 12.11
CA ILE A 101 -31.44 47.93 12.64
C ILE A 101 -30.06 48.43 12.25
N ARG A 102 -29.10 48.29 13.16
CA ARG A 102 -27.76 48.80 12.91
C ARG A 102 -26.65 47.80 13.14
N GLY A 103 -26.93 46.61 13.69
CA GLY A 103 -25.83 45.70 13.95
C GLY A 103 -26.28 44.48 14.72
N TRP A 104 -25.29 43.72 15.17
CA TRP A 104 -25.52 42.39 15.70
C TRP A 104 -24.56 42.12 16.85
N ILE A 105 -25.01 41.28 17.78
CA ILE A 105 -24.20 40.82 18.89
C ILE A 105 -24.22 39.30 18.89
N PHE A 106 -23.05 38.68 18.88
CA PHE A 106 -22.90 37.23 18.94
C PHE A 106 -22.12 36.85 20.20
N GLY A 107 -22.46 35.70 20.75
CA GLY A 107 -21.79 35.22 21.94
C GLY A 107 -22.59 34.11 22.59
N THR A 108 -22.06 33.63 23.72
CA THR A 108 -22.65 32.49 24.43
C THR A 108 -23.12 32.85 25.83
N THR A 109 -22.24 33.39 26.67
CA THR A 109 -22.46 33.53 28.11
C THR A 109 -22.32 34.97 28.61
N LEU A 110 -23.03 35.93 28.01
CA LEU A 110 -22.74 37.35 28.14
C LEU A 110 -22.96 37.93 29.54
N ASP A 111 -22.76 39.26 29.64
CA ASP A 111 -22.24 40.03 30.78
C ASP A 111 -20.78 39.70 31.03
N SER A 112 -19.96 39.93 30.02
CA SER A 112 -18.50 40.07 30.07
C SER A 112 -17.73 38.80 30.39
N LYS A 113 -18.39 37.69 30.66
CA LYS A 113 -17.64 36.48 30.98
C LYS A 113 -17.06 35.79 29.74
N THR A 114 -17.50 36.19 28.56
CA THR A 114 -16.98 35.67 27.30
C THR A 114 -16.78 36.85 26.36
N GLN A 115 -15.71 36.81 25.57
CA GLN A 115 -15.54 37.72 24.46
C GLN A 115 -16.70 37.60 23.48
N SER A 116 -17.37 38.72 23.21
CA SER A 116 -18.57 38.73 22.40
C SER A 116 -18.31 39.47 21.12
N LEU A 117 -18.75 38.90 20.01
CA LEU A 117 -18.72 39.60 18.74
C LEU A 117 -19.73 40.74 18.76
N LEU A 118 -19.30 41.93 18.36
CA LEU A 118 -20.20 43.06 18.30
C LEU A 118 -19.93 43.84 17.02
N ILE A 119 -20.97 44.05 16.25
CA ILE A 119 -20.89 44.65 14.92
C ILE A 119 -21.90 45.79 14.90
N VAL A 120 -21.42 47.01 14.76
CA VAL A 120 -22.25 48.20 14.81
C VAL A 120 -21.94 49.04 13.59
N ASN A 121 -22.96 49.47 12.87
CA ASN A 121 -22.74 50.34 11.73
C ASN A 121 -23.22 51.75 12.09
N ASN A 122 -22.28 52.56 12.58
CA ASN A 122 -22.52 53.96 12.92
C ASN A 122 -21.95 54.84 11.82
N ALA A 123 -22.84 55.62 11.19
CA ALA A 123 -22.49 56.84 10.45
C ALA A 123 -21.51 56.58 9.30
N THR A 124 -21.91 55.70 8.38
CA THR A 124 -21.06 55.15 7.31
C THR A 124 -19.77 54.56 7.86
N ASN A 125 -19.85 53.77 8.93
CA ASN A 125 -18.71 53.03 9.42
C ASN A 125 -19.18 51.84 10.22
N VAL A 126 -18.85 50.63 9.77
CA VAL A 126 -19.13 49.41 10.50
C VAL A 126 -17.89 49.04 11.32
N VAL A 127 -18.10 48.71 12.58
CA VAL A 127 -17.03 48.40 13.51
C VAL A 127 -17.34 47.06 14.16
N ILE A 128 -16.32 46.20 14.22
CA ILE A 128 -16.43 44.84 14.73
C ILE A 128 -15.40 44.66 15.84
N LYS A 129 -15.86 44.26 17.02
CA LYS A 129 -14.99 44.08 18.18
C LYS A 129 -15.35 42.78 18.89
N VAL A 130 -14.36 42.23 19.62
CA VAL A 130 -14.52 40.92 20.23
C VAL A 130 -14.36 41.21 21.73
N CYS A 131 -14.77 42.41 22.13
CA CYS A 131 -14.61 42.83 23.52
C CYS A 131 -15.64 42.12 24.40
N GLU A 132 -15.23 41.74 25.61
CA GLU A 132 -16.15 41.02 26.50
C GLU A 132 -17.10 42.02 27.13
N PHE A 133 -18.12 42.39 26.35
CA PHE A 133 -19.05 43.42 26.76
C PHE A 133 -19.99 42.88 27.82
N GLN A 134 -20.41 43.75 28.73
CA GLN A 134 -21.56 43.44 29.55
C GLN A 134 -22.81 43.63 28.72
N PHE A 135 -23.65 42.61 28.70
CA PHE A 135 -24.91 42.70 27.98
C PHE A 135 -25.86 43.59 28.75
N CYS A 136 -26.60 44.41 28.03
CA CYS A 136 -27.67 45.14 28.68
C CYS A 136 -28.85 44.20 28.90
N ASN A 137 -29.82 44.66 29.69
CA ASN A 137 -31.06 43.92 29.83
C ASN A 137 -31.81 43.87 28.51
N ASP A 138 -31.71 44.93 27.72
CA ASP A 138 -32.30 45.01 26.38
C ASP A 138 -31.55 46.10 25.65
N PRO A 139 -30.48 45.76 24.94
CA PRO A 139 -29.65 46.79 24.29
C PRO A 139 -30.34 47.39 23.07
N PHE A 140 -29.79 48.50 22.59
CA PHE A 140 -30.34 49.19 21.43
C PHE A 140 -29.29 50.05 20.73
N GLY A 156 -24.64 53.81 23.33
CA GLY A 156 -24.78 53.45 24.74
C GLY A 156 -24.87 51.94 24.98
N VAL A 157 -25.37 51.22 23.98
CA VAL A 157 -25.44 49.77 24.06
C VAL A 157 -24.03 49.16 24.03
N TYR A 158 -23.12 49.76 23.27
CA TYR A 158 -21.77 49.25 23.09
C TYR A 158 -20.82 49.67 24.21
N SER A 159 -21.37 50.05 25.36
CA SER A 159 -20.58 50.51 26.48
C SER A 159 -19.90 49.34 27.18
N SER A 160 -18.98 49.69 28.09
CA SER A 160 -18.14 48.76 28.85
C SER A 160 -17.31 47.86 27.93
N ALA A 161 -16.38 48.50 27.22
CA ALA A 161 -15.44 47.80 26.37
C ALA A 161 -14.28 47.32 27.23
N ASN A 162 -14.08 46.01 27.29
CA ASN A 162 -13.01 45.42 28.08
C ASN A 162 -12.38 44.26 27.33
N ASN A 163 -11.07 44.10 27.55
CA ASN A 163 -10.28 42.92 27.15
C ASN A 163 -10.34 42.64 25.66
N CYS A 164 -10.28 43.70 24.85
CA CYS A 164 -10.55 43.58 23.44
C CYS A 164 -9.40 42.87 22.72
N THR A 165 -9.73 41.78 22.05
CA THR A 165 -8.75 40.97 21.33
C THR A 165 -8.65 41.30 19.86
N PHE A 166 -9.78 41.57 19.20
CA PHE A 166 -9.81 41.86 17.78
C PHE A 166 -10.67 43.09 17.53
N GLU A 167 -10.22 43.93 16.61
CA GLU A 167 -10.92 45.13 16.20
C GLU A 167 -10.83 45.28 14.69
N TYR A 168 -11.90 45.81 14.09
CA TYR A 168 -11.98 45.90 12.65
C TYR A 168 -12.95 47.01 12.28
N VAL A 169 -12.65 47.73 11.21
CA VAL A 169 -13.42 48.88 10.75
C VAL A 169 -13.54 48.80 9.24
N SER A 170 -14.77 48.95 8.72
CA SER A 170 -15.00 48.98 7.27
C SER A 170 -16.13 49.93 6.92
N GLN A 171 -16.39 50.06 5.62
CA GLN A 171 -17.41 50.97 5.09
C GLN A 171 -18.63 50.18 4.66
N PRO A 172 -19.84 50.59 5.03
CA PRO A 172 -21.05 49.83 4.68
C PRO A 172 -21.52 50.18 3.28
N PHE A 173 -22.66 49.60 2.91
CA PHE A 173 -23.32 49.88 1.64
C PHE A 173 -24.82 49.94 1.85
N LEU A 174 -25.42 51.01 1.35
CA LEU A 174 -26.83 51.30 1.57
C LEU A 174 -27.74 50.37 0.76
N LYS A 185 -38.45 50.25 0.14
CA LYS A 185 -38.78 49.22 -0.84
C LYS A 185 -37.55 48.39 -1.16
N ASN A 186 -36.54 48.48 -0.31
CA ASN A 186 -35.35 47.65 -0.41
C ASN A 186 -35.40 46.55 0.63
N LEU A 187 -34.60 45.51 0.41
CA LEU A 187 -34.59 44.34 1.27
C LEU A 187 -33.13 43.97 1.48
N ARG A 188 -32.81 43.61 2.71
CA ARG A 188 -31.43 43.43 3.14
C ARG A 188 -31.27 41.98 3.52
N GLU A 189 -30.55 41.22 2.72
CA GLU A 189 -30.32 39.80 3.01
C GLU A 189 -28.88 39.60 3.43
N PHE A 190 -28.70 38.88 4.52
CA PHE A 190 -27.40 38.61 5.09
C PHE A 190 -27.36 37.16 5.51
N VAL A 191 -26.19 36.56 5.46
CA VAL A 191 -25.96 35.21 5.95
C VAL A 191 -24.72 35.25 6.81
N PHE A 192 -24.87 34.84 8.06
CA PHE A 192 -23.77 34.76 9.00
C PHE A 192 -23.50 33.30 9.30
N LYS A 193 -22.28 32.86 9.04
CA LYS A 193 -21.94 31.48 9.38
C LYS A 193 -20.58 31.46 10.05
N ASN A 194 -20.34 30.40 10.81
CA ASN A 194 -19.12 30.28 11.60
C ASN A 194 -18.66 28.83 11.51
N ILE A 195 -17.62 28.58 10.72
CA ILE A 195 -17.07 27.24 10.59
C ILE A 195 -15.55 27.35 10.55
N ASP A 196 -14.87 26.36 11.13
CA ASP A 196 -13.42 26.25 11.16
C ASP A 196 -12.76 27.44 11.86
N GLY A 197 -13.45 28.06 12.81
CA GLY A 197 -12.92 29.24 13.44
C GLY A 197 -13.01 30.50 12.61
N TYR A 198 -13.79 30.49 11.55
CA TYR A 198 -13.93 31.66 10.69
C TYR A 198 -15.40 32.06 10.62
N PHE A 199 -15.64 33.36 10.63
CA PHE A 199 -16.97 33.94 10.62
C PHE A 199 -17.16 34.67 9.32
N LYS A 200 -18.19 34.28 8.56
CA LYS A 200 -18.43 34.77 7.22
C LYS A 200 -19.76 35.50 7.14
N ILE A 201 -19.74 36.64 6.47
CA ILE A 201 -20.91 37.48 6.26
C ILE A 201 -21.11 37.65 4.77
N TYR A 202 -22.29 37.28 4.29
CA TYR A 202 -22.72 37.35 2.91
C TYR A 202 -23.91 38.29 2.83
N SER A 203 -24.08 38.99 1.71
CA SER A 203 -25.13 40.00 1.70
C SER A 203 -25.57 40.31 0.28
N LYS A 204 -26.80 40.83 0.18
CA LYS A 204 -27.26 41.54 -1.00
C LYS A 204 -28.43 42.44 -0.63
N HIS A 205 -28.47 43.62 -1.24
CA HIS A 205 -29.59 44.55 -1.15
C HIS A 205 -30.43 44.45 -2.41
N THR A 206 -31.67 44.03 -2.26
CA THR A 206 -32.57 43.74 -3.35
C THR A 206 -33.80 44.62 -3.26
N PRO A 207 -34.08 45.43 -4.29
CA PRO A 207 -35.33 46.21 -4.28
C PRO A 207 -36.54 45.31 -4.42
N ILE A 208 -37.65 45.76 -3.85
CA ILE A 208 -38.87 44.96 -3.78
C ILE A 208 -40.08 45.89 -3.91
N ASN A 209 -41.26 45.29 -3.96
CA ASN A 209 -42.53 46.00 -4.02
C ASN A 209 -43.60 45.30 -3.20
N LEU A 210 -43.19 44.59 -2.15
CA LEU A 210 -44.12 43.89 -1.28
C LEU A 210 -43.49 43.77 0.10
N VAL A 211 -44.33 43.86 1.13
CA VAL A 211 -43.88 43.76 2.51
C VAL A 211 -44.57 42.66 3.27
N ARG A 212 -45.42 41.86 2.62
CA ARG A 212 -46.14 40.81 3.32
C ARG A 212 -45.24 39.60 3.60
N ASP A 213 -44.60 39.08 2.55
CA ASP A 213 -43.79 37.89 2.63
C ASP A 213 -42.53 38.09 1.82
N LEU A 214 -41.61 37.15 1.92
CA LEU A 214 -40.37 37.22 1.14
C LEU A 214 -40.65 36.93 -0.32
N PRO A 215 -40.13 37.75 -1.23
CA PRO A 215 -40.46 37.58 -2.66
C PRO A 215 -39.85 36.33 -3.25
N GLN A 216 -40.58 35.73 -4.19
CA GLN A 216 -40.26 34.43 -4.76
C GLN A 216 -39.32 34.51 -5.94
N GLY A 217 -38.51 35.55 -6.03
CA GLY A 217 -37.50 35.65 -7.06
C GLY A 217 -36.26 34.87 -6.66
N PHE A 218 -35.18 35.14 -7.38
CA PHE A 218 -33.93 34.48 -7.10
C PHE A 218 -32.79 35.48 -7.04
N SER A 219 -31.96 35.34 -6.01
CA SER A 219 -30.79 36.19 -5.83
C SER A 219 -29.79 35.42 -5.00
N ALA A 220 -28.51 35.59 -5.31
CA ALA A 220 -27.45 34.89 -4.60
C ALA A 220 -26.58 35.89 -3.87
N LEU A 221 -26.15 35.54 -2.67
CA LEU A 221 -25.47 36.47 -1.79
C LEU A 221 -23.97 36.39 -1.97
N GLU A 222 -23.37 37.49 -2.41
CA GLU A 222 -21.92 37.57 -2.49
C GLU A 222 -21.32 37.57 -1.09
N PRO A 223 -20.16 36.95 -0.91
CA PRO A 223 -19.46 37.10 0.36
C PRO A 223 -18.96 38.51 0.54
N LEU A 224 -18.96 38.97 1.78
CA LEU A 224 -18.58 40.34 2.07
C LEU A 224 -17.48 40.43 3.10
N VAL A 225 -17.59 39.71 4.22
CA VAL A 225 -16.61 39.85 5.31
C VAL A 225 -16.21 38.47 5.81
N ASP A 226 -14.90 38.24 5.98
CA ASP A 226 -14.39 37.09 6.72
C ASP A 226 -13.62 37.59 7.93
N LEU A 227 -13.81 36.92 9.06
CA LEU A 227 -13.10 37.25 10.29
C LEU A 227 -12.55 35.98 10.92
N PRO A 228 -11.28 35.96 11.31
CA PRO A 228 -10.68 34.76 11.94
C PRO A 228 -10.79 34.80 13.46
N ILE A 229 -11.99 34.57 13.97
CA ILE A 229 -12.24 34.73 15.39
C ILE A 229 -12.00 33.44 16.16
N GLY A 230 -12.69 32.38 15.81
CA GLY A 230 -12.58 31.15 16.58
C GLY A 230 -13.21 31.22 17.95
N ILE A 231 -14.43 31.75 18.05
CA ILE A 231 -15.14 31.89 19.31
C ILE A 231 -16.31 30.92 19.31
N ASN A 232 -16.67 30.41 20.49
CA ASN A 232 -17.88 29.60 20.64
C ASN A 232 -19.10 30.52 20.58
N ILE A 233 -20.03 30.22 19.69
CA ILE A 233 -21.29 30.95 19.55
C ILE A 233 -22.43 29.96 19.69
N THR A 234 -23.47 30.34 20.42
CA THR A 234 -24.76 29.68 20.30
C THR A 234 -25.95 30.63 20.39
N ARG A 235 -25.72 31.93 20.48
CA ARG A 235 -26.79 32.86 20.75
C ARG A 235 -26.48 34.16 20.01
N PHE A 236 -27.51 34.83 19.52
CA PHE A 236 -27.20 36.07 18.85
C PHE A 236 -28.31 37.08 19.11
N GLN A 237 -27.96 38.36 18.99
CA GLN A 237 -28.90 39.44 19.20
C GLN A 237 -28.82 40.39 18.02
N THR A 238 -29.95 41.02 17.72
CA THR A 238 -29.98 42.14 16.81
C THR A 238 -30.17 43.44 17.58
N LEU A 239 -29.51 44.49 17.11
CA LEU A 239 -29.62 45.80 17.72
C LEU A 239 -30.22 46.75 16.70
N LEU A 240 -31.17 47.55 17.15
CA LEU A 240 -31.86 48.52 16.33
C LEU A 240 -31.94 49.82 17.12
N ALA A 241 -31.75 50.94 16.43
CA ALA A 241 -31.58 52.23 17.10
C ALA A 241 -32.91 52.69 17.66
N LEU A 242 -32.91 53.12 18.92
CA LEU A 242 -34.12 53.43 19.66
C LEU A 242 -34.28 54.94 19.80
N HIS A 243 -35.46 55.44 19.41
CA HIS A 243 -35.85 56.83 19.62
C HIS A 243 -37.26 56.84 20.17
N ARG A 244 -37.53 57.76 21.11
CA ARG A 244 -38.72 57.64 21.96
C ARG A 244 -39.12 58.94 22.66
N GLY A 259 -41.38 54.53 14.61
CA GLY A 259 -41.72 53.62 13.53
C GLY A 259 -41.06 52.27 13.65
N ALA A 260 -41.86 51.25 13.95
CA ALA A 260 -41.33 49.91 14.17
C ALA A 260 -40.83 49.27 12.89
N ALA A 261 -39.97 48.27 13.04
CA ALA A 261 -39.44 47.53 11.91
C ALA A 261 -39.73 46.05 12.08
N ALA A 262 -39.45 45.28 11.03
CA ALA A 262 -39.64 43.84 11.03
C ALA A 262 -38.50 43.16 10.30
N TYR A 263 -38.23 41.91 10.67
CA TYR A 263 -37.17 41.14 10.06
C TYR A 263 -37.54 39.67 10.03
N TYR A 264 -36.75 38.88 9.31
CA TYR A 264 -37.00 37.47 9.16
C TYR A 264 -35.72 36.71 9.47
N VAL A 265 -35.84 35.57 10.15
CA VAL A 265 -34.71 34.76 10.55
C VAL A 265 -34.94 33.32 10.13
N GLY A 266 -33.96 32.72 9.44
CA GLY A 266 -33.94 31.30 9.20
C GLY A 266 -32.57 30.74 9.56
N TYR A 267 -32.53 29.41 9.68
CA TYR A 267 -31.30 28.73 10.05
C TYR A 267 -30.77 27.95 8.86
N LEU A 268 -29.45 27.77 8.83
CA LEU A 268 -28.82 27.03 7.77
C LEU A 268 -28.70 25.57 8.16
N GLN A 269 -28.63 24.71 7.15
CA GLN A 269 -28.55 23.27 7.35
C GLN A 269 -27.57 22.69 6.34
N PRO A 270 -26.88 21.61 6.69
CA PRO A 270 -25.93 21.03 5.73
C PRO A 270 -26.60 20.21 4.62
N ARG A 271 -27.08 20.89 3.60
CA ARG A 271 -27.80 20.25 2.53
C ARG A 271 -27.07 20.42 1.20
N THR A 272 -27.34 19.49 0.28
CA THR A 272 -26.70 19.49 -1.03
C THR A 272 -27.49 20.35 -1.99
N PHE A 273 -26.81 21.27 -2.67
CA PHE A 273 -27.46 22.17 -3.60
C PHE A 273 -26.84 22.02 -4.97
N LEU A 274 -27.64 22.22 -6.01
CA LEU A 274 -27.15 22.31 -7.37
C LEU A 274 -27.35 23.73 -7.85
N LEU A 275 -26.26 24.38 -8.25
CA LEU A 275 -26.22 25.80 -8.56
C LEU A 275 -25.98 25.98 -10.05
N LYS A 276 -26.60 26.99 -10.62
CA LYS A 276 -26.55 27.23 -12.06
C LYS A 276 -25.78 28.52 -12.32
N TYR A 277 -24.53 28.39 -12.73
CA TYR A 277 -23.71 29.54 -13.04
C TYR A 277 -23.92 29.98 -14.48
N ASN A 278 -24.24 31.26 -14.66
CA ASN A 278 -24.58 31.87 -15.94
C ASN A 278 -23.33 32.11 -16.79
N GLU A 279 -23.55 32.64 -17.99
CA GLU A 279 -22.45 33.01 -18.87
C GLU A 279 -21.62 34.15 -18.30
N ASN A 280 -22.24 35.08 -17.57
CA ASN A 280 -21.46 36.06 -16.83
C ASN A 280 -20.66 35.39 -15.74
N GLY A 281 -21.21 34.38 -15.12
CA GLY A 281 -20.68 33.80 -13.90
C GLY A 281 -21.54 33.97 -12.68
N THR A 282 -22.77 34.48 -12.84
CA THR A 282 -23.69 34.67 -11.73
C THR A 282 -24.53 33.42 -11.52
N ILE A 283 -24.86 33.15 -10.26
CA ILE A 283 -25.79 32.07 -9.95
C ILE A 283 -27.18 32.51 -10.35
N THR A 284 -27.75 31.84 -11.35
CA THR A 284 -29.07 32.18 -11.84
C THR A 284 -30.17 31.41 -11.14
N ASP A 285 -29.90 30.17 -10.75
CA ASP A 285 -30.92 29.33 -10.16
C ASP A 285 -30.24 28.23 -9.35
N ALA A 286 -31.03 27.57 -8.50
CA ALA A 286 -30.51 26.45 -7.74
C ALA A 286 -31.65 25.50 -7.41
N VAL A 287 -31.29 24.26 -7.11
CA VAL A 287 -32.25 23.30 -6.60
C VAL A 287 -31.66 22.63 -5.38
N ASP A 288 -32.55 22.19 -4.50
CA ASP A 288 -32.17 21.56 -3.24
C ASP A 288 -32.38 20.06 -3.40
N CYS A 289 -31.32 19.29 -3.23
CA CYS A 289 -31.36 17.89 -3.62
C CYS A 289 -32.14 17.01 -2.66
N ALA A 290 -32.62 17.54 -1.54
CA ALA A 290 -33.41 16.75 -0.61
C ALA A 290 -34.81 17.31 -0.42
N LEU A 291 -35.27 18.19 -1.31
CA LEU A 291 -36.56 18.81 -1.11
C LEU A 291 -37.69 17.86 -1.44
N ASP A 292 -37.75 17.40 -2.68
CA ASP A 292 -38.79 16.52 -3.15
C ASP A 292 -38.15 15.60 -4.18
N PRO A 293 -38.80 14.49 -4.55
CA PRO A 293 -38.17 13.56 -5.50
C PRO A 293 -37.83 14.12 -6.86
N LEU A 294 -38.58 15.12 -7.35
CA LEU A 294 -38.21 15.76 -8.61
C LEU A 294 -36.88 16.47 -8.50
N SER A 295 -36.64 17.17 -7.41
CA SER A 295 -35.38 17.89 -7.28
C SER A 295 -34.24 16.93 -7.03
N GLU A 296 -34.51 15.80 -6.39
CA GLU A 296 -33.48 14.78 -6.24
C GLU A 296 -33.14 14.15 -7.58
N THR A 297 -34.13 13.98 -8.44
CA THR A 297 -33.88 13.52 -9.81
C THR A 297 -33.03 14.52 -10.58
N LYS A 298 -33.34 15.81 -10.43
CA LYS A 298 -32.55 16.86 -11.08
C LYS A 298 -31.12 16.86 -10.57
N CYS A 299 -30.93 16.61 -9.29
CA CYS A 299 -29.58 16.62 -8.74
C CYS A 299 -28.79 15.40 -9.18
N THR A 300 -29.43 14.24 -9.29
CA THR A 300 -28.67 13.03 -9.53
C THR A 300 -28.16 12.91 -10.95
N LEU A 301 -28.63 13.76 -11.87
CA LEU A 301 -28.18 13.72 -13.25
C LEU A 301 -27.73 15.08 -13.73
N LYS A 302 -27.58 16.04 -12.82
CA LYS A 302 -26.93 17.33 -13.04
C LYS A 302 -27.61 18.14 -14.13
N SER A 303 -28.93 18.25 -14.04
CA SER A 303 -29.66 19.03 -15.01
C SER A 303 -30.83 19.71 -14.34
N PHE A 304 -31.35 20.73 -15.01
CA PHE A 304 -32.54 21.43 -14.55
C PHE A 304 -33.78 21.03 -15.31
N THR A 305 -33.61 20.53 -16.52
CA THR A 305 -34.68 19.89 -17.25
C THR A 305 -34.34 18.41 -17.31
N VAL A 306 -35.29 17.58 -16.91
CA VAL A 306 -35.09 16.14 -16.99
C VAL A 306 -36.14 15.56 -17.92
N GLU A 307 -35.72 14.67 -18.80
CA GLU A 307 -36.62 14.17 -19.83
C GLU A 307 -37.53 13.10 -19.26
N LYS A 308 -38.52 12.71 -20.07
CA LYS A 308 -39.52 11.75 -19.63
C LYS A 308 -38.92 10.37 -19.44
N GLY A 309 -39.19 9.76 -18.29
CA GLY A 309 -38.72 8.41 -18.07
C GLY A 309 -38.62 8.09 -16.59
N ILE A 310 -37.81 7.10 -16.29
CA ILE A 310 -37.60 6.57 -14.96
C ILE A 310 -36.12 6.72 -14.61
N TYR A 311 -35.85 7.19 -13.40
CA TYR A 311 -34.49 7.51 -13.01
C TYR A 311 -34.27 7.04 -11.59
N GLN A 312 -33.22 6.27 -11.36
CA GLN A 312 -32.93 5.80 -10.02
C GLN A 312 -32.10 6.82 -9.28
N THR A 313 -32.57 7.24 -8.11
CA THR A 313 -31.94 8.32 -7.37
C THR A 313 -31.21 7.86 -6.12
N SER A 314 -31.81 7.05 -5.28
CA SER A 314 -31.19 6.72 -4.01
C SER A 314 -31.59 5.31 -3.62
N ASN A 315 -31.41 4.97 -2.34
CA ASN A 315 -31.75 3.66 -1.83
C ASN A 315 -32.56 3.83 -0.56
N PHE A 316 -33.58 2.99 -0.39
CA PHE A 316 -34.41 3.05 0.80
C PHE A 316 -34.03 1.91 1.73
N ARG A 317 -33.24 2.20 2.75
CA ARG A 317 -32.90 1.19 3.75
C ARG A 317 -33.76 1.39 4.98
N VAL A 318 -34.44 0.34 5.42
CA VAL A 318 -35.13 0.39 6.70
C VAL A 318 -34.08 0.29 7.78
N GLN A 319 -33.96 1.35 8.58
CA GLN A 319 -32.92 1.39 9.58
C GLN A 319 -33.32 0.56 10.80
N PRO A 320 -32.35 0.00 11.53
CA PRO A 320 -32.67 -0.78 12.73
C PRO A 320 -33.22 0.11 13.82
N THR A 321 -34.38 -0.29 14.36
CA THR A 321 -35.04 0.52 15.37
C THR A 321 -34.27 0.48 16.69
N GLU A 322 -34.17 -0.71 17.28
CA GLU A 322 -33.47 -0.90 18.53
C GLU A 322 -32.35 -1.91 18.33
N SER A 323 -31.64 -2.19 19.41
CA SER A 323 -30.64 -3.25 19.41
C SER A 323 -30.99 -4.22 20.52
N ILE A 324 -30.94 -5.50 20.22
CA ILE A 324 -31.15 -6.52 21.24
C ILE A 324 -29.88 -7.32 21.39
N VAL A 325 -29.62 -7.76 22.61
CA VAL A 325 -28.54 -8.67 22.93
C VAL A 325 -29.15 -9.84 23.67
N ARG A 326 -28.88 -11.05 23.20
CA ARG A 326 -29.55 -12.22 23.72
C ARG A 326 -28.52 -13.31 23.99
N PHE A 327 -28.33 -13.63 25.27
CA PHE A 327 -27.28 -14.48 25.80
C PHE A 327 -27.93 -15.56 26.66
N PRO A 328 -27.23 -16.67 26.92
CA PRO A 328 -27.84 -17.75 27.70
C PRO A 328 -28.13 -17.38 29.14
N ASN A 329 -28.92 -18.24 29.78
CA ASN A 329 -29.34 -18.09 31.17
C ASN A 329 -28.12 -18.03 32.07
N ILE A 330 -28.19 -17.22 33.11
CA ILE A 330 -27.05 -16.98 34.00
C ILE A 330 -26.79 -18.28 34.76
N THR A 331 -25.75 -18.99 34.34
CA THR A 331 -25.68 -20.43 34.59
C THR A 331 -25.15 -20.71 35.99
N ASN A 332 -23.91 -20.36 36.25
CA ASN A 332 -23.15 -20.95 37.34
C ASN A 332 -22.40 -19.82 38.03
N LEU A 333 -23.00 -19.28 39.08
CA LEU A 333 -22.39 -18.19 39.81
C LEU A 333 -21.15 -18.68 40.56
N CYS A 334 -20.10 -17.87 40.53
CA CYS A 334 -18.88 -18.20 41.24
C CYS A 334 -19.13 -18.16 42.74
N PRO A 335 -18.58 -19.09 43.52
CA PRO A 335 -18.95 -19.22 44.94
C PRO A 335 -18.33 -18.13 45.80
N PHE A 336 -18.79 -16.90 45.63
CA PHE A 336 -18.35 -15.82 46.49
C PHE A 336 -19.12 -15.77 47.80
N GLY A 337 -20.19 -16.54 47.93
CA GLY A 337 -20.93 -16.56 49.17
C GLY A 337 -20.13 -17.17 50.31
N GLU A 338 -19.47 -18.30 50.06
CA GLU A 338 -18.74 -18.99 51.10
C GLU A 338 -17.30 -18.55 51.23
N VAL A 339 -16.86 -17.58 50.44
CA VAL A 339 -15.59 -16.93 50.74
C VAL A 339 -15.80 -15.66 51.53
N PHE A 340 -16.68 -14.78 51.11
CA PHE A 340 -16.88 -13.52 51.80
C PHE A 340 -17.72 -13.64 53.06
N ASN A 341 -18.38 -14.78 53.27
CA ASN A 341 -19.23 -14.94 54.43
C ASN A 341 -19.00 -16.28 55.10
N ALA A 342 -17.77 -16.80 55.00
CA ALA A 342 -17.42 -17.97 55.78
C ALA A 342 -17.35 -17.59 57.26
N THR A 343 -17.78 -18.52 58.11
CA THR A 343 -17.98 -18.16 59.51
C THR A 343 -16.67 -18.05 60.27
N ARG A 344 -15.62 -18.75 59.84
CA ARG A 344 -14.33 -18.75 60.51
C ARG A 344 -13.22 -18.61 59.46
N PHE A 345 -12.69 -17.40 59.30
CA PHE A 345 -11.52 -17.27 58.45
C PHE A 345 -10.26 -17.76 59.14
N ALA A 346 -9.19 -17.74 58.36
CA ALA A 346 -7.89 -18.20 58.79
C ALA A 346 -7.02 -17.01 59.16
N SER A 347 -5.84 -17.33 59.68
CA SER A 347 -4.87 -16.36 60.14
C SER A 347 -4.16 -15.70 58.97
N VAL A 348 -3.23 -14.82 59.26
CA VAL A 348 -2.56 -14.06 58.20
C VAL A 348 -1.36 -14.83 57.71
N TYR A 349 -0.66 -15.50 58.63
CA TYR A 349 0.48 -16.32 58.22
C TYR A 349 0.01 -17.55 57.44
N ALA A 350 -1.09 -18.17 57.86
CA ALA A 350 -1.71 -19.24 57.10
C ALA A 350 -2.93 -18.71 56.36
N TRP A 351 -2.67 -17.86 55.38
CA TRP A 351 -3.75 -17.20 54.65
C TRP A 351 -4.40 -18.19 53.70
N ASN A 352 -5.73 -18.32 53.80
CA ASN A 352 -6.45 -19.31 53.03
C ASN A 352 -6.48 -18.91 51.56
N ARG A 353 -6.33 -19.90 50.69
CA ARG A 353 -6.36 -19.67 49.25
C ARG A 353 -7.38 -20.61 48.63
N LYS A 354 -8.34 -20.05 47.89
CA LYS A 354 -9.31 -20.83 47.16
C LYS A 354 -9.24 -20.52 45.68
N ARG A 355 -9.28 -21.56 44.86
CA ARG A 355 -9.38 -21.43 43.42
C ARG A 355 -10.81 -21.09 43.04
N ILE A 356 -10.94 -20.20 42.05
CA ILE A 356 -12.21 -19.88 41.41
C ILE A 356 -12.03 -20.13 39.93
N SER A 357 -12.75 -21.11 39.40
CA SER A 357 -12.62 -21.47 38.00
C SER A 357 -13.94 -22.02 37.49
N ASN A 358 -14.17 -21.81 36.19
CA ASN A 358 -15.29 -22.38 35.42
C ASN A 358 -16.64 -21.98 36.02
N CYS A 359 -16.81 -20.68 36.22
CA CYS A 359 -18.08 -20.14 36.69
C CYS A 359 -18.20 -18.72 36.16
N VAL A 360 -19.31 -18.08 36.49
CA VAL A 360 -19.52 -16.69 36.14
C VAL A 360 -19.53 -15.88 37.44
N ALA A 361 -18.84 -14.74 37.43
CA ALA A 361 -18.53 -14.03 38.66
C ALA A 361 -19.16 -12.65 38.62
N ASP A 362 -20.06 -12.39 39.55
CA ASP A 362 -20.78 -11.12 39.60
C ASP A 362 -20.08 -10.20 40.58
N TYR A 363 -19.09 -9.46 40.09
CA TYR A 363 -18.30 -8.59 40.94
C TYR A 363 -19.01 -7.32 41.35
N SER A 364 -20.07 -6.93 40.65
CA SER A 364 -20.73 -5.69 41.00
C SER A 364 -21.62 -5.85 42.22
N VAL A 365 -22.02 -7.08 42.56
CA VAL A 365 -22.68 -7.31 43.83
C VAL A 365 -21.74 -6.98 44.98
N LEU A 366 -20.49 -7.40 44.84
CA LEU A 366 -19.43 -7.04 45.79
C LEU A 366 -19.20 -5.54 45.80
N TYR A 367 -19.16 -4.94 44.61
CA TYR A 367 -18.85 -3.52 44.46
C TYR A 367 -19.94 -2.65 45.07
N ASN A 368 -21.18 -3.10 45.03
CA ASN A 368 -22.30 -2.35 45.56
C ASN A 368 -22.77 -2.87 46.92
N SER A 369 -22.06 -3.84 47.51
CA SER A 369 -22.45 -4.39 48.80
C SER A 369 -22.29 -3.37 49.92
N ALA A 370 -21.24 -2.54 49.83
CA ALA A 370 -21.05 -1.32 50.63
C ALA A 370 -20.90 -1.58 52.14
N SER A 371 -20.76 -2.83 52.56
CA SER A 371 -20.35 -3.14 53.92
C SER A 371 -18.85 -3.26 54.05
N PHE A 372 -18.13 -2.93 52.98
CA PHE A 372 -16.70 -3.13 52.88
C PHE A 372 -16.03 -1.79 53.14
N SER A 373 -15.15 -1.75 54.13
CA SER A 373 -14.49 -0.48 54.44
C SER A 373 -13.39 -0.16 53.45
N THR A 374 -12.97 -1.14 52.65
CA THR A 374 -11.86 -0.97 51.73
C THR A 374 -12.13 -1.80 50.48
N PHE A 375 -12.30 -1.10 49.36
CA PHE A 375 -12.42 -1.75 48.06
C PHE A 375 -11.63 -0.88 47.09
N LYS A 376 -10.32 -1.08 47.04
CA LYS A 376 -9.45 -0.26 46.19
C LYS A 376 -8.73 -1.14 45.20
N CYS A 377 -8.80 -0.77 43.93
CA CYS A 377 -8.43 -1.73 42.91
C CYS A 377 -7.33 -1.26 42.00
N TYR A 378 -6.47 -2.21 41.65
CA TYR A 378 -5.17 -1.95 41.05
C TYR A 378 -5.07 -2.72 39.74
N GLY A 379 -4.73 -2.01 38.67
CA GLY A 379 -4.57 -2.61 37.37
C GLY A 379 -5.82 -2.62 36.52
N VAL A 380 -7.00 -2.66 37.14
CA VAL A 380 -8.26 -2.64 36.44
C VAL A 380 -9.35 -2.12 37.37
N SER A 381 -10.24 -1.29 36.82
CA SER A 381 -11.30 -0.66 37.60
C SER A 381 -12.36 -1.69 37.96
N PRO A 382 -12.97 -1.55 39.16
CA PRO A 382 -14.01 -2.49 39.58
C PRO A 382 -15.24 -2.52 38.68
N THR A 383 -15.61 -1.39 38.09
CA THR A 383 -16.82 -1.35 37.28
C THR A 383 -16.62 -1.96 35.89
N LYS A 384 -15.38 -2.14 35.45
CA LYS A 384 -15.11 -2.63 34.10
C LYS A 384 -14.38 -3.96 34.09
N LEU A 385 -14.14 -4.56 35.26
CA LEU A 385 -13.69 -5.95 35.31
C LEU A 385 -14.85 -6.93 35.35
N ASN A 386 -16.08 -6.43 35.30
CA ASN A 386 -17.23 -7.30 35.12
C ASN A 386 -17.45 -7.65 33.66
N ASP A 387 -16.66 -7.08 32.76
CA ASP A 387 -16.72 -7.40 31.34
C ASP A 387 -15.42 -8.01 30.86
N LEU A 388 -14.66 -8.64 31.74
CA LEU A 388 -13.38 -9.22 31.40
C LEU A 388 -13.31 -10.65 31.92
N CYS A 389 -12.57 -11.49 31.20
CA CYS A 389 -12.53 -12.91 31.47
C CYS A 389 -11.14 -13.35 31.90
N PHE A 390 -11.07 -14.25 32.88
CA PHE A 390 -9.81 -14.80 33.36
C PHE A 390 -9.93 -16.31 33.51
N THR A 391 -8.80 -16.99 33.35
CA THR A 391 -8.81 -18.46 33.39
C THR A 391 -9.04 -18.97 34.80
N ASN A 392 -8.44 -18.32 35.78
CA ASN A 392 -8.63 -18.69 37.18
C ASN A 392 -8.45 -17.44 38.03
N VAL A 393 -9.20 -17.38 39.11
CA VAL A 393 -9.18 -16.24 40.02
C VAL A 393 -8.97 -16.79 41.43
N TYR A 394 -7.91 -16.34 42.09
CA TYR A 394 -7.56 -16.83 43.40
C TYR A 394 -8.10 -15.90 44.46
N ALA A 395 -8.80 -16.46 45.45
CA ALA A 395 -9.35 -15.70 46.56
C ALA A 395 -8.57 -16.05 47.81
N ASP A 396 -7.88 -15.07 48.38
CA ASP A 396 -7.08 -15.28 49.57
C ASP A 396 -7.73 -14.56 50.73
N SER A 397 -8.06 -15.29 51.78
CA SER A 397 -8.73 -14.72 52.94
C SER A 397 -7.86 -14.79 54.18
N PHE A 398 -7.84 -13.69 54.93
CA PHE A 398 -7.22 -13.66 56.25
C PHE A 398 -7.87 -12.55 57.07
N VAL A 399 -7.49 -12.47 58.34
CA VAL A 399 -8.02 -11.45 59.26
C VAL A 399 -6.85 -10.75 59.91
N ILE A 400 -6.62 -9.50 59.53
CA ILE A 400 -5.55 -8.71 60.11
C ILE A 400 -6.15 -7.79 61.17
N ARG A 401 -5.29 -7.18 61.97
CA ARG A 401 -5.68 -6.00 62.69
C ARG A 401 -5.90 -4.88 61.67
N GLY A 402 -6.91 -4.05 61.91
CA GLY A 402 -7.38 -3.14 60.87
C GLY A 402 -6.41 -2.04 60.49
N ASP A 403 -5.35 -1.84 61.28
CA ASP A 403 -4.37 -0.81 60.98
C ASP A 403 -3.62 -1.10 59.69
N GLU A 404 -3.23 -2.36 59.49
CA GLU A 404 -2.32 -2.72 58.41
C GLU A 404 -3.03 -3.10 57.12
N VAL A 405 -4.26 -2.60 56.91
CA VAL A 405 -4.88 -2.72 55.59
C VAL A 405 -4.14 -1.89 54.56
N ARG A 406 -3.38 -0.88 54.99
CA ARG A 406 -2.49 -0.18 54.08
C ARG A 406 -1.30 -1.03 53.68
N GLN A 407 -0.99 -2.08 54.44
CA GLN A 407 0.15 -2.91 54.12
C GLN A 407 -0.13 -3.86 52.96
N ILE A 408 -1.39 -4.19 52.72
CA ILE A 408 -1.73 -5.11 51.63
C ILE A 408 -1.87 -4.24 50.37
N ALA A 409 -0.72 -3.99 49.75
CA ALA A 409 -0.65 -3.21 48.53
C ALA A 409 0.65 -3.58 47.82
N PRO A 410 0.71 -3.40 46.50
CA PRO A 410 1.98 -3.62 45.79
C PRO A 410 3.03 -2.60 46.22
N GLY A 411 4.22 -3.10 46.53
CA GLY A 411 5.30 -2.26 47.00
C GLY A 411 5.08 -1.64 48.36
N GLN A 412 4.61 -2.45 49.31
CA GLN A 412 4.43 -2.01 50.68
C GLN A 412 5.25 -2.90 51.61
N THR A 413 5.81 -2.27 52.65
CA THR A 413 6.65 -2.98 53.60
C THR A 413 6.06 -2.88 55.00
N GLY A 414 6.40 -3.87 55.82
CA GLY A 414 5.88 -3.94 57.17
C GLY A 414 6.20 -5.30 57.75
N LYS A 415 5.47 -5.66 58.79
CA LYS A 415 5.63 -6.99 59.36
C LYS A 415 4.71 -8.00 58.67
N ILE A 416 3.45 -7.62 58.50
CA ILE A 416 2.51 -8.44 57.77
C ILE A 416 2.86 -8.49 56.29
N ALA A 417 3.18 -7.32 55.71
CA ALA A 417 3.40 -7.22 54.28
C ALA A 417 4.67 -7.91 53.82
N ASP A 418 5.62 -8.16 54.71
CA ASP A 418 6.89 -8.76 54.30
C ASP A 418 7.14 -10.14 54.89
N TYR A 419 6.37 -10.55 55.90
CA TYR A 419 6.61 -11.84 56.53
C TYR A 419 5.35 -12.69 56.62
N ASN A 420 4.22 -12.20 56.17
CA ASN A 420 2.98 -12.97 56.21
C ASN A 420 2.26 -13.04 54.86
N TYR A 421 2.28 -11.95 54.09
CA TYR A 421 1.61 -11.91 52.80
C TYR A 421 2.19 -10.76 52.00
N LYS A 422 2.94 -11.07 50.95
CA LYS A 422 3.53 -10.05 50.09
C LYS A 422 2.80 -10.06 48.77
N LEU A 423 2.44 -8.87 48.30
CA LEU A 423 1.87 -8.73 46.98
C LEU A 423 2.96 -8.47 45.95
N PRO A 424 2.83 -8.95 44.72
CA PRO A 424 3.77 -8.55 43.69
C PRO A 424 3.56 -7.11 43.31
N ASP A 425 4.62 -6.50 42.78
CA ASP A 425 4.49 -5.13 42.33
C ASP A 425 3.70 -5.04 41.03
N ASP A 426 3.72 -6.09 40.22
CA ASP A 426 2.89 -6.18 39.01
C ASP A 426 1.58 -6.90 39.29
N PHE A 427 0.84 -6.42 40.28
CA PHE A 427 -0.34 -7.11 40.79
C PHE A 427 -1.57 -6.71 39.98
N THR A 428 -2.29 -7.70 39.48
CA THR A 428 -3.64 -7.50 38.96
C THR A 428 -4.62 -8.20 39.88
N GLY A 429 -5.86 -7.75 39.85
CA GLY A 429 -6.78 -8.06 40.92
C GLY A 429 -6.71 -6.98 41.98
N CYS A 430 -7.45 -7.22 43.06
CA CYS A 430 -7.54 -6.19 44.10
C CYS A 430 -8.00 -6.72 45.44
N VAL A 431 -7.90 -5.84 46.43
CA VAL A 431 -8.04 -6.17 47.84
C VAL A 431 -9.42 -5.73 48.32
N ILE A 432 -9.91 -6.42 49.35
CA ILE A 432 -11.21 -6.15 49.93
C ILE A 432 -11.06 -6.31 51.44
N ALA A 433 -11.42 -5.28 52.19
CA ALA A 433 -11.33 -5.37 53.64
C ALA A 433 -12.58 -4.82 54.28
N TRP A 434 -13.12 -5.55 55.24
CA TRP A 434 -14.23 -5.05 56.02
C TRP A 434 -14.06 -5.42 57.48
N ASN A 435 -14.59 -4.54 58.34
CA ASN A 435 -14.55 -4.72 59.78
C ASN A 435 -15.30 -5.97 60.21
N SER A 436 -14.79 -6.65 61.22
CA SER A 436 -15.43 -7.84 61.76
C SER A 436 -15.34 -7.84 63.28
N ASN A 437 -15.47 -6.65 63.88
CA ASN A 437 -15.27 -6.55 65.32
C ASN A 437 -16.40 -7.21 66.08
N ASN A 438 -17.60 -7.25 65.50
CA ASN A 438 -18.73 -7.88 66.17
C ASN A 438 -18.62 -9.40 66.20
N LEU A 439 -17.82 -9.99 65.32
CA LEU A 439 -17.68 -11.44 65.28
C LEU A 439 -16.32 -11.90 65.72
N ASP A 440 -15.26 -11.31 65.19
CA ASP A 440 -13.91 -11.80 65.39
C ASP A 440 -13.22 -11.19 66.61
N SER A 441 -13.94 -10.43 67.44
CA SER A 441 -13.44 -10.02 68.75
C SER A 441 -14.43 -10.47 69.81
N LYS A 442 -13.95 -11.26 70.76
CA LYS A 442 -14.74 -11.74 71.87
C LYS A 442 -14.34 -11.02 73.14
N VAL A 443 -15.17 -11.17 74.16
CA VAL A 443 -14.86 -10.63 75.49
C VAL A 443 -13.70 -11.44 76.07
N GLY A 444 -12.66 -10.75 76.49
CA GLY A 444 -11.44 -11.36 76.97
C GLY A 444 -10.32 -11.38 75.96
N GLY A 445 -10.61 -11.08 74.70
CA GLY A 445 -9.58 -11.09 73.67
C GLY A 445 -9.64 -12.34 72.81
N ASN A 446 -9.79 -12.16 71.50
CA ASN A 446 -9.81 -13.29 70.58
C ASN A 446 -8.37 -13.57 70.18
N TYR A 447 -7.78 -14.60 70.80
CA TYR A 447 -6.36 -14.89 70.65
C TYR A 447 -6.11 -16.02 69.66
N ASN A 448 -7.09 -16.34 68.81
CA ASN A 448 -6.89 -17.43 67.87
C ASN A 448 -6.03 -17.01 66.69
N TYR A 449 -6.19 -15.78 66.20
CA TYR A 449 -5.49 -15.33 65.00
C TYR A 449 -4.08 -14.89 65.34
N ARG A 450 -3.09 -15.41 64.62
CA ARG A 450 -1.68 -15.18 64.89
C ARG A 450 -1.02 -14.61 63.65
N TYR A 451 0.24 -14.19 63.79
CA TYR A 451 1.01 -13.68 62.66
C TYR A 451 2.49 -13.88 62.94
N ARG A 452 3.28 -13.95 61.86
CA ARG A 452 4.72 -14.16 61.95
C ARG A 452 5.36 -12.91 62.55
N LEU A 453 5.70 -12.97 63.84
CA LEU A 453 6.44 -11.88 64.45
C LEU A 453 7.87 -11.84 63.94
N PHE A 454 8.40 -13.00 63.57
CA PHE A 454 9.81 -13.17 63.29
C PHE A 454 10.01 -14.04 62.07
N ARG A 455 10.97 -13.65 61.22
CA ARG A 455 11.34 -14.48 60.09
C ARG A 455 12.72 -14.08 59.59
N LYS A 456 13.27 -14.94 58.73
CA LYS A 456 14.58 -14.68 58.15
C LYS A 456 14.54 -13.61 57.06
N SER A 457 13.62 -13.74 56.09
CA SER A 457 13.75 -12.95 54.88
C SER A 457 12.40 -12.35 54.46
N ASN A 458 12.50 -11.40 53.54
CA ASN A 458 11.33 -10.86 52.84
C ASN A 458 10.69 -11.95 51.99
N LEU A 459 9.37 -11.90 51.87
CA LEU A 459 8.64 -12.98 51.26
C LEU A 459 8.42 -12.72 49.78
N LYS A 460 8.58 -13.79 49.00
CA LYS A 460 8.22 -13.74 47.61
C LYS A 460 6.70 -13.59 47.49
N PRO A 461 6.21 -12.99 46.40
CA PRO A 461 4.76 -12.75 46.28
C PRO A 461 3.95 -14.03 46.24
N PHE A 462 2.84 -14.01 46.98
CA PHE A 462 1.93 -15.15 47.17
C PHE A 462 2.67 -16.38 47.70
N GLU A 463 3.28 -16.23 48.87
CA GLU A 463 4.02 -17.32 49.50
C GLU A 463 3.41 -17.61 50.85
N ARG A 464 3.35 -18.88 51.22
CA ARG A 464 2.78 -19.33 52.48
C ARG A 464 3.88 -19.91 53.35
N ASP A 465 3.97 -19.44 54.59
CA ASP A 465 4.94 -19.96 55.53
C ASP A 465 4.22 -20.43 56.79
N ILE A 466 4.38 -21.70 57.12
CA ILE A 466 3.61 -22.33 58.18
C ILE A 466 4.49 -22.77 59.35
N SER A 467 5.79 -22.97 59.13
CA SER A 467 6.66 -23.70 60.04
C SER A 467 6.85 -23.00 61.37
N THR A 468 6.58 -23.71 62.46
CA THR A 468 6.77 -23.21 63.81
C THR A 468 8.09 -23.66 64.41
N GLU A 469 9.13 -23.78 63.58
CA GLU A 469 10.47 -23.94 64.10
C GLU A 469 10.88 -22.66 64.83
N ILE A 470 11.55 -22.84 65.97
CA ILE A 470 11.77 -21.73 66.89
C ILE A 470 12.75 -20.74 66.29
N TYR A 471 12.38 -19.46 66.31
CA TYR A 471 13.22 -18.43 65.71
C TYR A 471 14.49 -18.24 66.52
N GLN A 472 15.60 -18.66 65.95
CA GLN A 472 16.91 -18.45 66.54
C GLN A 472 17.28 -16.99 66.35
N ALA A 473 17.57 -16.31 67.46
CA ALA A 473 17.97 -14.91 67.38
C ALA A 473 19.48 -14.73 67.44
N GLY A 474 20.12 -15.16 68.53
CA GLY A 474 21.55 -15.06 68.68
C GLY A 474 22.29 -16.15 67.92
N SER A 475 23.28 -16.73 68.59
CA SER A 475 24.07 -17.82 68.01
C SER A 475 24.25 -18.90 69.07
N LYS A 476 23.29 -19.83 69.13
CA LYS A 476 23.28 -20.92 70.11
C LYS A 476 22.30 -21.97 69.62
N PRO A 477 22.50 -23.26 69.90
CA PRO A 477 21.45 -24.25 69.60
C PRO A 477 20.26 -24.14 70.54
N CYS A 478 19.15 -23.60 70.04
CA CYS A 478 17.93 -23.53 70.85
C CYS A 478 17.37 -24.92 71.13
N ASN A 479 17.46 -25.81 70.14
CA ASN A 479 16.94 -27.19 70.19
C ASN A 479 15.45 -27.22 70.49
N GLY A 480 14.72 -26.25 69.94
CA GLY A 480 13.27 -26.27 69.92
C GLY A 480 12.59 -25.68 71.13
N VAL A 481 13.33 -25.29 72.17
CA VAL A 481 12.71 -24.71 73.35
C VAL A 481 12.86 -23.19 73.27
N GLU A 482 12.10 -22.51 74.12
CA GLU A 482 12.06 -21.05 74.15
C GLU A 482 13.14 -20.50 75.09
N GLY A 483 13.05 -19.21 75.36
CA GLY A 483 13.96 -18.55 76.26
C GLY A 483 14.55 -17.32 75.59
N PHE A 484 15.62 -16.83 76.18
CA PHE A 484 16.35 -15.71 75.61
C PHE A 484 17.05 -16.14 74.31
N ASN A 485 16.84 -15.34 73.26
CA ASN A 485 17.30 -15.61 71.89
C ASN A 485 16.78 -16.94 71.34
N CYS A 486 15.62 -17.36 71.83
CA CYS A 486 14.88 -18.52 71.31
C CYS A 486 13.42 -18.13 71.41
N TYR A 487 12.87 -17.54 70.36
CA TYR A 487 11.53 -16.99 70.41
C TYR A 487 10.59 -17.76 69.49
N PHE A 488 9.36 -17.91 69.96
CA PHE A 488 8.29 -18.44 69.14
C PHE A 488 8.02 -17.46 68.00
N PRO A 489 8.02 -17.91 66.75
CA PRO A 489 7.86 -16.99 65.62
C PRO A 489 6.45 -16.47 65.38
N LEU A 490 5.49 -16.83 66.23
CA LEU A 490 4.09 -16.50 66.01
C LEU A 490 3.60 -15.67 67.19
N GLN A 491 3.18 -14.44 66.92
CA GLN A 491 2.56 -13.60 67.93
C GLN A 491 1.06 -13.59 67.74
N SER A 492 0.32 -13.59 68.84
CA SER A 492 -1.13 -13.62 68.76
C SER A 492 -1.71 -12.21 68.77
N TYR A 493 -2.66 -12.01 67.88
CA TYR A 493 -3.61 -10.90 68.00
C TYR A 493 -4.40 -10.94 69.29
N GLY A 494 -4.36 -9.82 69.99
CA GLY A 494 -5.34 -9.52 71.01
C GLY A 494 -6.39 -8.62 70.42
N PHE A 495 -7.60 -9.14 70.27
CA PHE A 495 -8.72 -8.36 69.79
C PHE A 495 -9.71 -8.14 70.92
N GLN A 496 -9.72 -6.93 71.46
CA GLN A 496 -10.69 -6.63 72.48
C GLN A 496 -11.82 -5.81 71.87
N PRO A 497 -13.06 -6.05 72.28
CA PRO A 497 -14.19 -5.38 71.62
C PRO A 497 -14.33 -3.89 71.95
N THR A 498 -13.37 -3.29 72.66
CA THR A 498 -13.47 -1.92 73.12
C THR A 498 -12.29 -1.05 72.70
N ASN A 499 -11.37 -1.56 71.87
CA ASN A 499 -10.19 -0.79 71.48
C ASN A 499 -10.51 0.15 70.33
N GLY A 500 -9.47 0.70 69.69
CA GLY A 500 -9.63 1.66 68.63
C GLY A 500 -10.10 1.04 67.33
N VAL A 501 -10.42 1.91 66.37
CA VAL A 501 -11.17 1.51 65.18
C VAL A 501 -10.31 0.66 64.25
N GLY A 502 -9.09 1.10 63.97
CA GLY A 502 -8.18 0.29 63.16
C GLY A 502 -7.46 -0.78 63.93
N TYR A 503 -7.87 -1.06 65.16
CA TYR A 503 -7.21 -1.99 66.06
C TYR A 503 -8.06 -3.23 66.30
N GLN A 504 -9.13 -3.27 65.72
CA GLN A 504 -10.24 -4.20 65.56
C GLN A 504 -9.97 -5.14 64.40
N PRO A 505 -10.49 -6.37 64.46
CA PRO A 505 -10.23 -7.34 63.39
C PRO A 505 -10.89 -6.96 62.07
N TYR A 506 -10.07 -6.80 61.04
CA TYR A 506 -10.52 -6.55 59.68
C TYR A 506 -10.30 -7.81 58.86
N ARG A 507 -11.37 -8.31 58.26
CA ARG A 507 -11.26 -9.44 57.34
C ARG A 507 -10.89 -8.93 55.95
N VAL A 508 -9.88 -9.55 55.35
CA VAL A 508 -9.36 -9.15 54.06
C VAL A 508 -9.41 -10.32 53.11
N VAL A 509 -10.09 -10.15 51.99
CA VAL A 509 -10.08 -11.11 50.89
C VAL A 509 -9.46 -10.41 49.70
N VAL A 510 -8.42 -11.00 49.13
CA VAL A 510 -7.71 -10.45 48.00
C VAL A 510 -7.99 -11.33 46.80
N LEU A 511 -8.49 -10.74 45.73
CA LEU A 511 -8.83 -11.46 44.51
C LEU A 511 -7.74 -11.21 43.50
N SER A 512 -7.15 -12.27 42.99
CA SER A 512 -6.07 -12.16 42.01
C SER A 512 -6.51 -12.84 40.73
N PHE A 513 -6.29 -12.16 39.60
CA PHE A 513 -6.73 -12.62 38.31
C PHE A 513 -5.54 -13.17 37.53
N GLU A 514 -5.82 -14.07 36.60
CA GLU A 514 -4.77 -14.63 35.74
C GLU A 514 -4.25 -13.56 34.77
N ALA A 520 -9.65 -19.28 29.54
CA ALA A 520 -10.46 -18.15 29.99
C ALA A 520 -11.85 -18.62 30.41
N THR A 521 -11.98 -19.10 31.64
CA THR A 521 -13.19 -19.78 32.07
C THR A 521 -14.01 -19.04 33.11
N VAL A 522 -13.58 -17.88 33.58
CA VAL A 522 -14.36 -17.08 34.52
C VAL A 522 -14.46 -15.66 33.97
N CYS A 523 -15.70 -15.25 33.68
CA CYS A 523 -16.00 -13.92 33.19
C CYS A 523 -17.14 -13.36 34.02
N GLY A 524 -17.48 -12.09 33.76
CA GLY A 524 -18.65 -11.50 34.36
C GLY A 524 -19.88 -11.91 33.60
N PRO A 525 -21.06 -11.65 34.15
CA PRO A 525 -22.29 -12.05 33.47
C PRO A 525 -22.56 -11.17 32.27
N LYS A 526 -23.33 -11.73 31.34
CA LYS A 526 -23.78 -11.04 30.14
C LYS A 526 -25.26 -10.74 30.31
N LYS A 527 -25.62 -9.48 30.10
CA LYS A 527 -27.01 -9.05 30.26
C LYS A 527 -27.78 -9.25 28.96
N SER A 528 -28.88 -9.98 29.05
CA SER A 528 -29.71 -10.32 27.91
C SER A 528 -30.95 -9.44 27.92
N THR A 529 -31.22 -8.78 26.79
CA THR A 529 -32.26 -7.76 26.86
C THR A 529 -33.66 -8.32 26.72
N ASN A 530 -34.02 -8.71 25.50
CA ASN A 530 -35.37 -9.14 25.09
C ASN A 530 -35.31 -9.53 23.63
N LEU A 531 -36.15 -10.43 23.17
CA LEU A 531 -36.23 -10.68 21.74
C LEU A 531 -37.48 -9.99 21.22
N VAL A 532 -37.30 -9.09 20.26
CA VAL A 532 -38.43 -8.47 19.59
C VAL A 532 -38.47 -8.95 18.15
N LYS A 533 -39.55 -9.66 17.82
CA LYS A 533 -39.66 -10.23 16.49
C LYS A 533 -40.51 -9.33 15.62
N ASN A 534 -40.47 -9.60 14.32
CA ASN A 534 -41.15 -8.87 13.25
C ASN A 534 -40.77 -7.41 13.19
N LYS A 535 -39.54 -7.06 13.56
CA LYS A 535 -39.05 -5.70 13.43
C LYS A 535 -37.59 -5.74 13.02
N CYS A 536 -37.16 -4.74 12.26
CA CYS A 536 -35.77 -4.66 11.84
C CYS A 536 -34.94 -4.22 13.02
N VAL A 537 -34.21 -5.15 13.64
CA VAL A 537 -33.44 -4.88 14.84
C VAL A 537 -31.96 -5.12 14.58
N ASN A 538 -31.15 -4.92 15.60
CA ASN A 538 -29.70 -5.01 15.52
C ASN A 538 -29.26 -5.99 16.59
N PHE A 539 -29.17 -7.27 16.24
CA PHE A 539 -29.08 -8.31 17.25
C PHE A 539 -27.65 -8.74 17.52
N ASN A 540 -27.48 -9.33 18.70
CA ASN A 540 -26.25 -10.00 19.13
C ASN A 540 -26.68 -11.26 19.87
N PHE A 541 -26.75 -12.37 19.15
CA PHE A 541 -27.10 -13.68 19.72
C PHE A 541 -25.81 -14.42 20.04
N ASN A 542 -25.41 -14.40 21.31
CA ASN A 542 -24.31 -15.23 21.83
C ASN A 542 -23.00 -14.93 21.11
N GLY A 543 -22.77 -13.66 20.79
CA GLY A 543 -21.59 -13.26 20.08
C GLY A 543 -21.75 -13.21 18.58
N LEU A 544 -22.82 -13.80 18.06
CA LEU A 544 -23.14 -13.71 16.63
C LEU A 544 -23.91 -12.42 16.42
N THR A 545 -23.27 -11.44 15.80
CA THR A 545 -23.87 -10.14 15.59
C THR A 545 -24.50 -10.05 14.22
N GLY A 546 -25.45 -9.14 14.09
CA GLY A 546 -26.02 -8.89 12.78
C GLY A 546 -27.14 -7.89 12.88
N THR A 547 -27.73 -7.61 11.72
CA THR A 547 -28.84 -6.69 11.60
C THR A 547 -29.91 -7.39 10.78
N GLY A 548 -31.14 -7.40 11.28
CA GLY A 548 -32.18 -8.01 10.47
C GLY A 548 -33.49 -8.13 11.22
N VAL A 549 -34.44 -8.72 10.53
CA VAL A 549 -35.75 -8.97 11.09
C VAL A 549 -35.80 -10.41 11.55
N LEU A 550 -36.19 -10.63 12.79
CA LEU A 550 -36.31 -11.97 13.34
C LEU A 550 -37.77 -12.37 13.28
N THR A 551 -38.04 -13.56 12.75
CA THR A 551 -39.38 -14.10 12.74
C THR A 551 -39.36 -15.51 13.25
N GLU A 552 -40.51 -15.99 13.67
CA GLU A 552 -40.63 -17.37 14.11
C GLU A 552 -40.49 -18.31 12.92
N SER A 553 -39.75 -19.40 13.12
CA SER A 553 -39.45 -20.29 12.01
C SER A 553 -39.70 -21.74 12.40
N ASN A 554 -39.99 -22.53 11.37
CA ASN A 554 -40.27 -23.94 11.50
C ASN A 554 -39.11 -24.83 11.06
N LYS A 555 -37.92 -24.28 10.95
CA LYS A 555 -36.74 -25.07 10.64
C LYS A 555 -36.35 -25.87 11.88
N LYS A 556 -36.16 -27.18 11.71
CA LYS A 556 -35.87 -28.05 12.83
C LYS A 556 -34.36 -28.20 12.94
N PHE A 557 -33.79 -27.58 13.97
CA PHE A 557 -32.37 -27.71 14.20
C PHE A 557 -32.08 -29.02 14.91
N LEU A 558 -30.84 -29.43 14.88
CA LEU A 558 -30.46 -30.48 15.79
C LEU A 558 -30.14 -29.87 17.15
N PRO A 559 -30.25 -30.65 18.24
CA PRO A 559 -30.09 -30.07 19.58
C PRO A 559 -28.70 -29.55 19.93
N PHE A 560 -27.74 -29.52 19.01
CA PHE A 560 -26.48 -28.87 19.29
C PHE A 560 -26.21 -27.69 18.37
N GLN A 561 -26.96 -27.55 17.29
CA GLN A 561 -26.68 -26.52 16.32
C GLN A 561 -27.27 -25.21 16.76
N GLN A 562 -26.43 -24.18 16.80
CA GLN A 562 -26.82 -22.92 17.39
C GLN A 562 -27.36 -21.92 16.38
N PHE A 563 -26.95 -22.01 15.12
CA PHE A 563 -27.46 -21.09 14.13
C PHE A 563 -27.39 -21.72 12.76
N GLY A 564 -28.38 -21.39 11.94
CA GLY A 564 -28.42 -21.88 10.59
C GLY A 564 -27.55 -21.08 9.68
N ARG A 565 -27.41 -21.57 8.46
CA ARG A 565 -26.65 -20.86 7.45
C ARG A 565 -27.24 -21.25 6.10
N ASP A 566 -26.77 -20.58 5.05
CA ASP A 566 -27.38 -20.60 3.74
C ASP A 566 -26.33 -21.10 2.76
N ILE A 567 -26.72 -21.40 1.53
CA ILE A 567 -25.70 -21.71 0.54
C ILE A 567 -25.20 -20.41 -0.07
N ALA A 568 -24.57 -19.59 0.76
CA ALA A 568 -23.69 -18.52 0.39
C ALA A 568 -22.78 -18.33 1.57
N ASP A 569 -23.03 -19.17 2.59
CA ASP A 569 -22.48 -19.06 3.94
C ASP A 569 -22.81 -17.71 4.59
N THR A 570 -24.08 -17.34 4.54
CA THR A 570 -24.62 -16.24 5.31
C THR A 570 -25.65 -16.79 6.29
N THR A 571 -25.66 -16.27 7.50
CA THR A 571 -26.49 -16.84 8.56
C THR A 571 -27.91 -16.35 8.37
N ASP A 572 -28.82 -17.24 8.05
CA ASP A 572 -30.21 -16.88 7.87
C ASP A 572 -31.12 -17.49 8.90
N ALA A 573 -30.57 -18.08 9.95
CA ALA A 573 -31.36 -18.56 11.06
C ALA A 573 -30.48 -18.55 12.28
N VAL A 574 -31.09 -18.44 13.45
CA VAL A 574 -30.35 -18.52 14.70
C VAL A 574 -31.29 -19.07 15.76
N ARG A 575 -30.80 -20.03 16.53
CA ARG A 575 -31.50 -20.46 17.73
C ARG A 575 -31.17 -19.47 18.81
N ASP A 576 -32.16 -18.91 19.42
CA ASP A 576 -31.76 -18.06 20.52
C ASP A 576 -31.54 -18.92 21.75
N PRO A 577 -30.71 -18.50 22.67
CA PRO A 577 -30.66 -19.16 23.96
C PRO A 577 -31.86 -18.72 24.78
N GLN A 578 -32.00 -19.32 25.96
CA GLN A 578 -33.00 -19.08 27.00
C GLN A 578 -34.41 -19.55 26.65
N THR A 579 -34.69 -19.84 25.40
CA THR A 579 -35.93 -20.53 25.10
C THR A 579 -35.79 -21.56 24.01
N LEU A 580 -34.65 -21.57 23.30
CA LEU A 580 -34.29 -22.55 22.27
C LEU A 580 -35.26 -22.53 21.10
N GLU A 581 -35.96 -21.43 20.89
CA GLU A 581 -36.73 -21.27 19.67
C GLU A 581 -35.77 -21.08 18.50
N ILE A 582 -36.25 -21.38 17.31
CA ILE A 582 -35.50 -21.14 16.10
C ILE A 582 -36.02 -19.87 15.48
N LEU A 583 -35.13 -18.94 15.19
CA LEU A 583 -35.52 -17.64 14.68
C LEU A 583 -34.91 -17.43 13.31
N ASP A 584 -35.73 -17.11 12.33
CA ASP A 584 -35.21 -16.75 11.03
C ASP A 584 -34.60 -15.36 11.08
N ILE A 585 -33.80 -15.05 10.08
CA ILE A 585 -33.23 -13.73 9.91
C ILE A 585 -33.48 -13.30 8.48
N THR A 586 -34.17 -12.23 8.32
CA THR A 586 -34.36 -11.63 7.03
C THR A 586 -33.59 -10.32 7.00
N PRO A 587 -32.97 -9.95 5.90
CA PRO A 587 -32.35 -8.62 5.84
C PRO A 587 -33.39 -7.53 5.90
N CYS A 588 -33.02 -6.42 6.52
CA CYS A 588 -33.90 -5.26 6.59
C CYS A 588 -34.09 -4.73 5.19
N SER A 589 -35.35 -4.51 4.82
CA SER A 589 -35.73 -4.41 3.42
C SER A 589 -35.14 -3.16 2.78
N PHE A 590 -34.54 -3.35 1.61
CA PHE A 590 -33.88 -2.26 0.92
C PHE A 590 -34.27 -2.36 -0.55
N GLY A 591 -33.74 -1.44 -1.33
CA GLY A 591 -34.00 -1.40 -2.76
C GLY A 591 -33.80 0.02 -3.22
N GLY A 592 -33.69 0.19 -4.53
CA GLY A 592 -33.52 1.51 -5.07
C GLY A 592 -34.79 2.32 -5.02
N VAL A 593 -34.65 3.60 -5.28
CA VAL A 593 -35.77 4.51 -5.36
C VAL A 593 -35.74 5.11 -6.75
N SER A 594 -36.71 4.77 -7.57
CA SER A 594 -36.79 5.28 -8.92
C SER A 594 -37.86 6.34 -8.96
N VAL A 595 -37.68 7.36 -9.80
CA VAL A 595 -38.64 8.45 -9.86
C VAL A 595 -39.26 8.48 -11.25
N ILE A 596 -40.53 8.12 -11.34
CA ILE A 596 -41.28 8.21 -12.58
C ILE A 596 -41.54 9.68 -12.85
N THR A 597 -41.08 10.16 -14.00
CA THR A 597 -41.44 11.53 -14.32
C THR A 597 -41.91 11.65 -15.76
N PRO A 598 -42.86 12.52 -16.03
CA PRO A 598 -43.26 12.76 -17.41
C PRO A 598 -42.46 13.87 -18.06
N GLY A 599 -41.34 14.22 -17.48
CA GLY A 599 -40.52 15.29 -18.01
C GLY A 599 -40.96 16.62 -17.48
N THR A 600 -40.02 17.52 -17.18
CA THR A 600 -40.40 18.81 -16.62
C THR A 600 -41.08 19.72 -17.64
N ASN A 601 -40.92 19.40 -18.91
CA ASN A 601 -41.53 20.17 -19.97
C ASN A 601 -43.04 20.02 -19.98
N THR A 602 -43.54 18.92 -19.44
CA THR A 602 -44.97 18.66 -19.42
C THR A 602 -45.58 18.93 -18.04
N SER A 603 -45.05 18.30 -17.01
CA SER A 603 -45.58 18.47 -15.67
C SER A 603 -44.44 18.43 -14.68
N ASN A 604 -44.68 18.97 -13.50
CA ASN A 604 -43.76 18.82 -12.40
C ASN A 604 -44.14 17.70 -11.47
N GLN A 605 -45.20 16.98 -11.78
CA GLN A 605 -45.59 15.82 -10.97
C GLN A 605 -44.58 14.70 -11.16
N VAL A 606 -44.40 13.91 -10.11
CA VAL A 606 -43.60 12.70 -10.17
C VAL A 606 -44.34 11.60 -9.42
N ALA A 607 -43.99 10.36 -9.74
CA ALA A 607 -44.34 9.22 -8.94
C ALA A 607 -43.05 8.59 -8.47
N VAL A 608 -43.11 7.81 -7.39
CA VAL A 608 -41.91 7.22 -6.83
C VAL A 608 -42.10 5.73 -6.72
N LEU A 609 -41.17 4.96 -7.27
CA LEU A 609 -41.18 3.52 -7.17
C LEU A 609 -40.13 3.08 -6.18
N TYR A 610 -40.56 2.41 -5.13
CA TYR A 610 -39.66 1.72 -4.22
C TYR A 610 -39.55 0.29 -4.72
N GLN A 611 -38.31 -0.16 -4.91
CA GLN A 611 -37.98 -1.07 -5.99
C GLN A 611 -37.71 -2.47 -5.48
N GLY A 612 -38.61 -2.99 -4.68
CA GLY A 612 -38.48 -4.33 -4.17
C GLY A 612 -39.05 -4.36 -2.78
N VAL A 613 -39.43 -3.21 -2.36
CA VAL A 613 -39.92 -3.03 -1.06
C VAL A 613 -41.34 -3.37 -0.97
N ASN A 614 -41.72 -4.07 0.08
CA ASN A 614 -43.12 -4.40 0.31
C ASN A 614 -43.85 -3.11 0.61
N CYS A 615 -45.04 -2.93 0.13
CA CYS A 615 -45.78 -1.71 0.37
C CYS A 615 -45.84 -1.00 1.68
N THR A 616 -45.70 -1.72 2.77
CA THR A 616 -45.93 -1.23 4.11
C THR A 616 -44.73 -0.51 4.67
N GLU A 617 -43.88 0.04 3.82
CA GLU A 617 -42.72 0.79 4.30
C GLU A 617 -42.69 2.17 3.67
N VAL A 618 -42.56 3.19 4.52
CA VAL A 618 -42.61 4.57 4.12
C VAL A 618 -41.46 5.34 4.74
N SER A 638 -49.39 10.46 -2.75
CA SER A 638 -50.51 10.30 -1.84
C SER A 638 -51.32 9.05 -2.15
N ASN A 639 -51.18 8.54 -3.38
CA ASN A 639 -51.92 7.37 -3.83
C ASN A 639 -50.93 6.23 -4.03
N VAL A 640 -51.13 5.13 -3.30
CA VAL A 640 -50.10 4.14 -3.05
C VAL A 640 -50.57 2.81 -3.61
N PHE A 641 -49.67 2.07 -4.27
CA PHE A 641 -50.09 0.88 -5.00
C PHE A 641 -48.95 -0.11 -5.17
N GLN A 642 -49.17 -1.34 -4.73
CA GLN A 642 -48.21 -2.44 -4.86
C GLN A 642 -48.21 -3.01 -6.27
N THR A 643 -47.05 -2.95 -6.92
CA THR A 643 -46.81 -3.66 -8.16
C THR A 643 -46.17 -4.99 -7.85
N ARG A 644 -45.63 -5.63 -8.87
CA ARG A 644 -44.73 -6.73 -8.64
C ARG A 644 -43.29 -6.27 -8.59
N ALA A 645 -43.05 -4.97 -8.68
CA ALA A 645 -41.70 -4.41 -8.61
C ALA A 645 -41.48 -3.53 -7.40
N GLY A 646 -42.49 -3.30 -6.57
CA GLY A 646 -42.36 -2.48 -5.38
C GLY A 646 -43.53 -1.54 -5.24
N CYS A 647 -43.43 -0.65 -4.24
CA CYS A 647 -44.44 0.37 -4.08
C CYS A 647 -44.39 1.35 -5.23
N LEU A 648 -45.54 1.77 -5.69
CA LEU A 648 -45.63 2.89 -6.60
C LEU A 648 -46.49 3.92 -5.90
N ILE A 649 -45.89 5.03 -5.54
CA ILE A 649 -46.53 6.04 -4.73
C ILE A 649 -46.66 7.30 -5.58
N GLY A 650 -47.88 7.73 -5.81
CA GLY A 650 -48.11 8.90 -6.62
C GLY A 650 -48.72 8.62 -7.96
N ALA A 651 -49.08 7.38 -8.26
CA ALA A 651 -49.64 7.02 -9.55
C ALA A 651 -50.92 6.23 -9.36
N GLU A 652 -51.97 6.64 -10.04
CA GLU A 652 -53.26 5.95 -9.95
C GLU A 652 -53.21 4.66 -10.76
N HIS A 653 -53.91 3.65 -10.27
CA HIS A 653 -53.93 2.35 -10.93
C HIS A 653 -55.19 2.25 -11.76
N VAL A 654 -55.09 2.58 -13.04
CA VAL A 654 -56.21 2.39 -13.95
C VAL A 654 -56.32 0.92 -14.28
N ASN A 655 -57.48 0.50 -14.78
CA ASN A 655 -57.66 -0.89 -15.16
C ASN A 655 -57.24 -1.26 -16.56
N ASN A 656 -57.46 -0.43 -17.56
CA ASN A 656 -57.71 -1.03 -18.85
C ASN A 656 -56.49 -1.55 -19.63
N SER A 657 -55.74 -0.72 -20.37
CA SER A 657 -54.45 -1.02 -21.01
C SER A 657 -54.00 0.14 -21.86
N TYR A 658 -52.70 0.31 -22.04
CA TYR A 658 -52.16 1.30 -22.96
C TYR A 658 -50.86 0.75 -23.52
N GLU A 659 -50.26 1.48 -24.44
CA GLU A 659 -48.91 1.14 -24.85
C GLU A 659 -47.93 1.60 -23.78
N CYS A 660 -46.78 0.95 -23.73
CA CYS A 660 -45.85 1.19 -22.65
C CYS A 660 -45.14 2.52 -22.85
N ASP A 661 -45.39 3.45 -21.95
CA ASP A 661 -44.77 4.76 -21.99
C ASP A 661 -43.51 4.83 -21.13
N ILE A 662 -43.68 4.69 -19.82
CA ILE A 662 -42.53 4.66 -18.91
C ILE A 662 -42.52 3.30 -18.25
N PRO A 663 -41.57 2.43 -18.58
CA PRO A 663 -41.60 1.05 -18.07
C PRO A 663 -41.20 0.98 -16.61
N ILE A 664 -42.15 0.64 -15.74
CA ILE A 664 -41.80 0.29 -14.37
C ILE A 664 -41.24 -1.12 -14.27
N GLY A 665 -41.92 -2.11 -14.79
CA GLY A 665 -41.38 -3.46 -14.71
C GLY A 665 -42.48 -4.41 -14.34
N ALA A 666 -42.28 -5.68 -14.66
CA ALA A 666 -43.23 -6.76 -14.47
C ALA A 666 -44.56 -6.48 -15.13
N GLY A 667 -44.54 -5.84 -16.28
CA GLY A 667 -45.74 -5.62 -17.05
C GLY A 667 -46.41 -4.27 -16.83
N ILE A 668 -45.94 -3.48 -15.88
CA ILE A 668 -46.58 -2.22 -15.53
C ILE A 668 -45.81 -1.06 -16.13
N CYS A 669 -46.52 -0.16 -16.82
CA CYS A 669 -45.96 1.06 -17.34
C CYS A 669 -46.70 2.25 -16.76
N ALA A 670 -46.26 3.45 -17.13
CA ALA A 670 -46.91 4.67 -16.66
C ALA A 670 -47.21 5.66 -17.79
N VAL A 685 -48.00 10.65 -18.15
CA VAL A 685 -49.09 11.43 -17.58
C VAL A 685 -50.22 11.41 -18.59
N ALA A 686 -51.45 11.26 -18.13
CA ALA A 686 -52.58 11.12 -19.03
C ALA A 686 -53.83 11.61 -18.31
N SER A 687 -54.44 12.66 -18.84
CA SER A 687 -55.57 13.38 -18.24
C SER A 687 -55.22 13.84 -16.83
N GLN A 688 -54.24 14.75 -16.77
CA GLN A 688 -53.84 15.56 -15.61
C GLN A 688 -53.37 14.74 -14.40
N SER A 689 -53.02 13.46 -14.58
CA SER A 689 -52.47 12.68 -13.50
C SER A 689 -51.58 11.60 -14.07
N ILE A 690 -50.71 11.07 -13.23
CA ILE A 690 -49.83 9.95 -13.61
C ILE A 690 -50.57 8.66 -13.29
N ILE A 691 -50.71 7.79 -14.29
CA ILE A 691 -51.42 6.54 -14.10
C ILE A 691 -50.44 5.39 -14.19
N ALA A 692 -50.91 4.20 -13.86
CA ALA A 692 -50.07 3.01 -13.91
C ALA A 692 -50.96 1.85 -14.30
N TYR A 693 -50.71 1.28 -15.46
CA TYR A 693 -51.56 0.25 -16.04
C TYR A 693 -50.74 -1.00 -16.26
N THR A 694 -51.31 -1.95 -16.98
CA THR A 694 -50.58 -3.09 -17.52
C THR A 694 -50.55 -2.90 -19.02
N MET A 695 -49.40 -3.15 -19.65
CA MET A 695 -49.22 -2.70 -21.03
C MET A 695 -50.13 -3.50 -21.96
N SER A 696 -50.61 -2.83 -22.98
CA SER A 696 -51.23 -3.50 -24.10
C SER A 696 -50.14 -3.90 -25.06
N LEU A 697 -50.19 -5.12 -25.55
CA LEU A 697 -49.16 -5.59 -26.46
C LEU A 697 -49.51 -5.25 -27.90
N GLY A 698 -50.64 -4.61 -28.10
CA GLY A 698 -51.05 -4.18 -29.42
C GLY A 698 -52.53 -4.48 -29.58
N ALA A 699 -53.09 -4.01 -30.67
CA ALA A 699 -54.49 -4.26 -30.99
C ALA A 699 -54.70 -5.73 -31.30
N GLU A 700 -55.93 -6.18 -31.14
CA GLU A 700 -56.27 -7.56 -31.42
C GLU A 700 -56.88 -7.65 -32.82
N ASN A 701 -56.35 -8.53 -33.64
CA ASN A 701 -56.67 -8.58 -35.05
C ASN A 701 -56.84 -10.03 -35.51
N SER A 702 -57.72 -10.77 -34.85
CA SER A 702 -58.08 -12.11 -35.31
C SER A 702 -58.58 -12.09 -36.75
N VAL A 703 -57.83 -12.72 -37.64
CA VAL A 703 -57.96 -12.53 -39.08
C VAL A 703 -58.84 -13.66 -39.60
N ALA A 704 -59.56 -13.40 -40.69
CA ALA A 704 -60.68 -14.24 -41.11
C ALA A 704 -60.18 -15.43 -41.91
N TYR A 705 -59.55 -16.37 -41.23
CA TYR A 705 -59.08 -17.57 -41.89
C TYR A 705 -60.26 -18.48 -42.18
N SER A 706 -60.47 -18.75 -43.45
CA SER A 706 -61.33 -19.82 -43.89
C SER A 706 -60.46 -20.80 -44.65
N ASN A 707 -61.06 -21.89 -45.11
CA ASN A 707 -60.25 -22.85 -45.84
C ASN A 707 -60.19 -22.59 -47.31
N ASN A 708 -60.99 -21.65 -47.85
CA ASN A 708 -60.95 -21.36 -49.27
C ASN A 708 -61.03 -19.87 -49.54
N SER A 709 -60.61 -19.04 -48.61
CA SER A 709 -60.68 -17.62 -48.89
C SER A 709 -59.30 -17.01 -48.74
N ILE A 710 -58.96 -16.12 -49.67
CA ILE A 710 -57.66 -15.48 -49.70
C ILE A 710 -57.90 -13.98 -49.71
N ALA A 711 -56.91 -13.23 -49.27
CA ALA A 711 -56.97 -11.78 -49.36
C ALA A 711 -55.86 -11.33 -50.28
N ILE A 712 -56.19 -10.47 -51.23
CA ILE A 712 -55.20 -10.03 -52.20
C ILE A 712 -55.18 -8.52 -52.25
N PRO A 713 -54.02 -7.89 -52.23
CA PRO A 713 -53.94 -6.43 -52.27
C PRO A 713 -54.42 -5.81 -53.57
N THR A 714 -55.01 -4.63 -53.50
CA THR A 714 -55.48 -3.93 -54.68
C THR A 714 -54.58 -2.76 -55.01
N ASN A 715 -54.21 -2.01 -53.99
CA ASN A 715 -53.30 -0.87 -54.10
C ASN A 715 -52.07 -1.13 -53.24
N PHE A 716 -51.08 -0.25 -53.36
CA PHE A 716 -49.87 -0.40 -52.57
C PHE A 716 -49.49 0.96 -52.04
N THR A 717 -48.59 0.98 -51.07
CA THR A 717 -47.94 2.22 -50.66
C THR A 717 -46.44 2.01 -50.71
N ILE A 718 -45.75 2.95 -51.33
CA ILE A 718 -44.30 3.01 -51.28
C ILE A 718 -43.96 3.73 -49.99
N SER A 719 -43.22 3.08 -49.10
CA SER A 719 -42.93 3.71 -47.84
C SER A 719 -41.43 3.76 -47.60
N VAL A 720 -40.95 4.92 -47.16
CA VAL A 720 -39.55 5.11 -46.88
C VAL A 720 -39.39 5.19 -45.38
N THR A 721 -38.75 4.19 -44.79
CA THR A 721 -38.46 4.23 -43.37
C THR A 721 -36.99 4.57 -43.20
N THR A 722 -36.59 4.88 -41.99
CA THR A 722 -35.21 5.27 -41.75
C THR A 722 -34.60 4.34 -40.73
N GLU A 723 -33.27 4.29 -40.73
CA GLU A 723 -32.58 3.43 -39.78
C GLU A 723 -31.21 4.00 -39.49
N ILE A 724 -30.90 4.17 -38.22
CA ILE A 724 -29.71 4.88 -37.79
C ILE A 724 -28.78 3.89 -37.11
N LEU A 725 -27.54 3.84 -37.57
CA LEU A 725 -26.58 2.92 -37.02
C LEU A 725 -25.31 3.68 -36.68
N PRO A 726 -24.83 3.63 -35.46
CA PRO A 726 -23.52 4.20 -35.18
C PRO A 726 -22.42 3.34 -35.76
N VAL A 727 -21.46 3.98 -36.42
CA VAL A 727 -20.34 3.23 -36.98
C VAL A 727 -19.02 3.55 -36.31
N SER A 728 -18.87 4.65 -35.59
CA SER A 728 -17.56 4.97 -35.06
C SER A 728 -17.67 5.79 -33.80
N MET A 729 -16.57 5.85 -33.08
CA MET A 729 -16.39 6.54 -31.81
C MET A 729 -15.49 7.74 -32.05
N THR A 730 -15.25 8.52 -31.01
CA THR A 730 -14.15 9.45 -31.07
C THR A 730 -12.86 8.73 -30.71
N LYS A 731 -11.77 9.13 -31.34
CA LYS A 731 -10.50 8.46 -31.15
C LYS A 731 -9.75 9.16 -30.03
N THR A 732 -10.19 8.93 -28.81
CA THR A 732 -9.43 9.47 -27.69
C THR A 732 -8.18 8.65 -27.47
N SER A 733 -7.23 9.24 -26.77
CA SER A 733 -6.03 8.54 -26.38
C SER A 733 -5.47 9.20 -25.14
N VAL A 734 -5.33 8.44 -24.07
CA VAL A 734 -4.87 8.94 -22.79
C VAL A 734 -3.51 8.33 -22.50
N ASP A 735 -2.51 9.18 -22.37
CA ASP A 735 -1.21 8.80 -21.87
C ASP A 735 -1.32 8.48 -20.38
N CYS A 736 -0.66 7.41 -19.92
CA CYS A 736 -0.66 7.17 -18.48
C CYS A 736 0.14 8.21 -17.74
N THR A 737 1.34 8.51 -18.21
CA THR A 737 2.32 9.17 -17.38
C THR A 737 1.89 10.59 -17.07
N MET A 738 1.21 11.23 -18.00
CA MET A 738 0.78 12.58 -17.72
C MET A 738 -0.50 12.54 -16.90
N TYR A 739 -1.27 11.47 -17.05
CA TYR A 739 -2.50 11.35 -16.27
C TYR A 739 -2.18 11.09 -14.82
N ILE A 740 -1.45 10.01 -14.55
CA ILE A 740 -1.19 9.56 -13.19
C ILE A 740 -0.22 10.50 -12.49
N CYS A 741 0.82 10.94 -13.19
CA CYS A 741 1.85 11.78 -12.60
C CYS A 741 1.80 13.21 -13.11
N GLY A 742 1.90 13.41 -14.40
CA GLY A 742 1.98 14.75 -14.93
C GLY A 742 3.40 15.18 -15.16
N ASP A 743 3.83 16.16 -14.39
CA ASP A 743 5.17 16.71 -14.53
C ASP A 743 6.18 16.15 -13.54
N SER A 744 5.72 15.54 -12.46
CA SER A 744 6.62 15.13 -11.38
C SER A 744 7.43 13.93 -11.81
N THR A 745 8.75 14.11 -11.93
CA THR A 745 9.60 12.97 -12.31
C THR A 745 9.73 11.97 -11.19
N GLU A 746 9.60 12.43 -9.95
CA GLU A 746 9.67 11.56 -8.80
C GLU A 746 8.35 10.86 -8.52
N CYS A 747 7.28 11.28 -9.17
CA CYS A 747 6.15 10.39 -9.39
C CYS A 747 6.47 9.34 -10.43
N SER A 748 7.15 9.73 -11.51
CA SER A 748 7.35 8.84 -12.64
C SER A 748 8.25 7.67 -12.28
N ASN A 749 9.24 7.91 -11.41
CA ASN A 749 10.13 6.83 -11.01
C ASN A 749 9.39 5.81 -10.16
N LEU A 750 8.42 6.25 -9.36
CA LEU A 750 7.59 5.30 -8.65
C LEU A 750 6.67 4.56 -9.60
N LEU A 751 6.16 5.25 -10.62
CA LEU A 751 5.29 4.60 -11.58
C LEU A 751 6.03 3.57 -12.41
N LEU A 752 7.31 3.80 -12.66
CA LEU A 752 8.09 2.94 -13.53
C LEU A 752 8.33 1.55 -12.95
N GLN A 753 8.08 1.35 -11.67
CA GLN A 753 8.22 0.05 -11.06
C GLN A 753 6.94 -0.74 -11.08
N TYR A 754 5.94 -0.29 -11.82
CA TYR A 754 4.74 -1.08 -12.06
C TYR A 754 4.82 -1.84 -13.36
N GLY A 755 5.97 -1.83 -13.99
CA GLY A 755 6.15 -2.64 -15.17
C GLY A 755 5.54 -1.97 -16.35
N SER A 756 4.79 -2.74 -17.12
CA SER A 756 4.31 -2.30 -18.42
C SER A 756 2.82 -2.08 -18.45
N PHE A 757 2.24 -1.54 -17.38
CA PHE A 757 0.86 -1.10 -17.40
C PHE A 757 0.63 0.07 -18.34
N CYS A 758 1.67 0.83 -18.67
CA CYS A 758 1.40 2.03 -19.45
C CYS A 758 1.62 1.84 -20.93
N THR A 759 2.49 0.94 -21.35
CA THR A 759 2.44 0.62 -22.75
C THR A 759 1.26 -0.26 -23.09
N GLN A 760 0.71 -0.98 -22.10
CA GLN A 760 -0.48 -1.79 -22.33
C GLN A 760 -1.71 -0.94 -22.57
N LEU A 761 -1.94 0.07 -21.71
CA LEU A 761 -3.13 0.89 -21.86
C LEU A 761 -3.04 1.76 -23.11
N ASN A 762 -1.86 2.27 -23.43
CA ASN A 762 -1.72 3.04 -24.65
C ASN A 762 -1.85 2.17 -25.88
N ARG A 763 -1.39 0.91 -25.81
CA ARG A 763 -1.60 0.00 -26.92
C ARG A 763 -3.07 -0.32 -27.11
N ALA A 764 -3.79 -0.49 -26.01
CA ALA A 764 -5.22 -0.79 -26.10
C ALA A 764 -5.99 0.37 -26.71
N LEU A 765 -5.69 1.58 -26.27
CA LEU A 765 -6.40 2.73 -26.81
C LEU A 765 -6.00 3.03 -28.24
N THR A 766 -4.77 2.73 -28.62
CA THR A 766 -4.40 2.91 -30.02
C THR A 766 -5.07 1.88 -30.90
N GLY A 767 -5.25 0.66 -30.40
CA GLY A 767 -6.00 -0.33 -31.16
C GLY A 767 -7.46 0.06 -31.36
N ILE A 768 -8.06 0.64 -30.32
CA ILE A 768 -9.42 1.16 -30.44
C ILE A 768 -9.48 2.27 -31.48
N ALA A 769 -8.53 3.20 -31.42
CA ALA A 769 -8.57 4.33 -32.33
C ALA A 769 -8.26 3.93 -33.77
N VAL A 770 -7.51 2.86 -33.98
CA VAL A 770 -7.28 2.40 -35.34
C VAL A 770 -8.51 1.72 -35.91
N GLU A 771 -9.18 0.89 -35.10
CA GLU A 771 -10.36 0.26 -35.67
C GLU A 771 -11.53 1.22 -35.79
N GLN A 772 -11.50 2.38 -35.14
CA GLN A 772 -12.53 3.38 -35.40
C GLN A 772 -12.43 3.93 -36.81
N ASP A 773 -11.27 3.85 -37.45
CA ASP A 773 -11.17 4.26 -38.84
C ASP A 773 -11.38 3.10 -39.78
N LYS A 774 -11.02 1.90 -39.35
CA LYS A 774 -11.38 0.71 -40.12
C LYS A 774 -12.89 0.54 -40.24
N ASN A 775 -13.64 0.93 -39.20
CA ASN A 775 -15.10 0.87 -39.23
C ASN A 775 -15.67 1.76 -40.31
N THR A 776 -15.28 3.02 -40.32
CA THR A 776 -15.79 3.99 -41.28
C THR A 776 -15.36 3.62 -42.69
N GLN A 777 -14.14 3.11 -42.84
CA GLN A 777 -13.66 2.68 -44.14
C GLN A 777 -14.48 1.52 -44.68
N GLU A 778 -14.80 0.56 -43.84
CA GLU A 778 -15.49 -0.59 -44.38
C GLU A 778 -16.99 -0.38 -44.48
N VAL A 779 -17.52 0.66 -43.87
CA VAL A 779 -18.92 1.00 -44.14
C VAL A 779 -19.03 1.78 -45.43
N PHE A 780 -18.25 2.84 -45.56
CA PHE A 780 -18.52 3.78 -46.64
C PHE A 780 -17.74 3.47 -47.90
N ALA A 781 -16.46 3.16 -47.79
CA ALA A 781 -15.64 2.92 -48.97
C ALA A 781 -15.95 1.55 -49.52
N GLN A 782 -17.03 1.48 -50.27
CA GLN A 782 -17.40 0.26 -50.97
C GLN A 782 -17.64 0.51 -52.44
N VAL A 783 -17.29 1.69 -52.92
CA VAL A 783 -17.18 1.97 -54.33
C VAL A 783 -15.72 2.12 -54.66
N LYS A 784 -15.31 1.49 -55.74
CA LYS A 784 -13.97 1.69 -56.23
C LYS A 784 -13.80 3.06 -56.86
N GLN A 785 -14.88 3.68 -57.31
CA GLN A 785 -14.77 4.95 -58.00
C GLN A 785 -15.98 5.81 -57.72
N ILE A 786 -15.80 7.11 -57.85
CA ILE A 786 -16.78 8.09 -57.42
C ILE A 786 -17.73 8.37 -58.56
N TYR A 787 -18.94 7.85 -58.47
CA TYR A 787 -19.94 8.05 -59.50
C TYR A 787 -20.58 9.41 -59.32
N LYS A 788 -20.93 10.03 -60.44
CA LYS A 788 -21.55 11.34 -60.43
C LYS A 788 -22.92 11.25 -61.05
N THR A 789 -23.87 11.89 -60.41
CA THR A 789 -25.20 11.96 -60.97
C THR A 789 -25.20 12.90 -62.18
N PRO A 790 -26.05 12.64 -63.17
CA PRO A 790 -26.07 13.50 -64.35
C PRO A 790 -26.60 14.88 -64.00
N PRO A 791 -26.23 15.91 -64.76
CA PRO A 791 -26.61 17.27 -64.36
C PRO A 791 -28.05 17.59 -64.61
N ILE A 792 -28.76 16.82 -65.43
CA ILE A 792 -30.20 16.97 -65.58
C ILE A 792 -30.90 15.80 -64.88
N LYS A 793 -31.75 16.14 -63.93
CA LYS A 793 -32.32 15.17 -63.02
C LYS A 793 -33.70 14.74 -63.51
N ASP A 794 -33.75 14.12 -64.68
CA ASP A 794 -35.00 13.57 -65.18
C ASP A 794 -34.97 12.06 -64.98
N PHE A 795 -35.50 11.63 -63.84
CA PHE A 795 -35.55 10.23 -63.48
C PHE A 795 -36.95 9.66 -63.58
N GLY A 796 -37.75 10.15 -64.50
CA GLY A 796 -39.08 9.59 -64.67
C GLY A 796 -40.09 10.04 -63.66
N GLY A 797 -39.78 11.01 -62.82
CA GLY A 797 -40.75 11.52 -61.90
C GLY A 797 -40.26 11.50 -60.48
N PHE A 798 -39.27 10.66 -60.22
CA PHE A 798 -38.74 10.52 -58.89
C PHE A 798 -37.84 11.70 -58.58
N ASN A 799 -38.11 12.34 -57.44
CA ASN A 799 -37.39 13.50 -56.95
C ASN A 799 -36.38 13.08 -55.95
N PHE A 800 -35.13 13.03 -56.35
CA PHE A 800 -34.09 12.69 -55.40
C PHE A 800 -33.44 13.96 -54.92
N SER A 801 -34.22 14.99 -54.62
CA SER A 801 -33.63 16.30 -54.46
C SER A 801 -32.99 16.48 -53.11
N GLN A 802 -33.43 15.75 -52.09
CA GLN A 802 -32.89 15.94 -50.76
C GLN A 802 -32.20 14.69 -50.23
N ILE A 803 -31.75 13.83 -51.11
CA ILE A 803 -30.73 12.87 -50.71
C ILE A 803 -29.47 13.17 -51.51
N LEU A 804 -29.64 13.76 -52.69
CA LEU A 804 -28.52 14.12 -53.51
C LEU A 804 -27.82 15.33 -52.89
N PRO A 805 -26.53 15.55 -53.18
CA PRO A 805 -25.83 16.71 -52.59
C PRO A 805 -26.41 18.03 -53.03
N ASP A 806 -26.40 18.97 -52.11
CA ASP A 806 -26.81 20.33 -52.42
C ASP A 806 -25.62 21.07 -53.00
N PRO A 807 -25.70 21.55 -54.25
CA PRO A 807 -24.55 22.25 -54.81
C PRO A 807 -24.41 23.67 -54.31
N SER A 808 -25.49 24.27 -53.82
CA SER A 808 -25.46 25.64 -53.33
C SER A 808 -24.70 25.76 -52.02
N LYS A 809 -25.05 24.93 -51.05
CA LYS A 809 -24.44 25.01 -49.74
C LYS A 809 -23.01 24.49 -49.80
N PRO A 810 -22.06 25.16 -49.13
CA PRO A 810 -20.64 24.89 -49.39
C PRO A 810 -20.09 23.67 -48.68
N SER A 811 -20.88 23.01 -47.85
CA SER A 811 -20.43 21.78 -47.21
C SER A 811 -20.68 20.55 -48.07
N LYS A 812 -21.38 20.72 -49.20
CA LYS A 812 -21.68 19.69 -50.19
C LYS A 812 -22.46 18.52 -49.62
N ARG A 813 -23.25 18.74 -48.58
CA ARG A 813 -24.08 17.67 -48.07
C ARG A 813 -25.45 17.75 -48.70
N SER A 814 -26.35 16.90 -48.27
CA SER A 814 -27.68 16.85 -48.80
C SER A 814 -28.58 17.57 -47.83
N PRO A 815 -29.81 17.91 -48.19
CA PRO A 815 -30.72 18.51 -47.20
C PRO A 815 -31.08 17.60 -46.05
N ILE A 816 -30.92 16.29 -46.15
CA ILE A 816 -31.15 15.43 -45.01
C ILE A 816 -29.87 15.31 -44.22
N GLU A 817 -28.73 15.32 -44.89
CA GLU A 817 -27.45 15.25 -44.18
C GLU A 817 -27.18 16.53 -43.41
N ASP A 818 -27.57 17.68 -43.97
CA ASP A 818 -27.51 18.94 -43.23
C ASP A 818 -28.41 18.93 -42.04
N LEU A 819 -29.57 18.32 -42.19
CA LEU A 819 -30.49 18.22 -41.08
C LEU A 819 -29.97 17.24 -40.04
N LEU A 820 -29.14 16.30 -40.44
CA LEU A 820 -28.60 15.34 -39.50
C LEU A 820 -27.43 15.89 -38.72
N PHE A 821 -26.56 16.69 -39.35
CA PHE A 821 -25.43 17.17 -38.58
C PHE A 821 -25.83 18.26 -37.61
N ASN A 822 -26.86 19.01 -37.92
CA ASN A 822 -27.40 19.98 -36.99
C ASN A 822 -28.19 19.36 -35.86
N LYS A 823 -28.62 18.11 -36.02
CA LYS A 823 -29.48 17.48 -35.04
C LYS A 823 -28.71 16.83 -33.90
N VAL A 824 -27.45 16.57 -34.06
CA VAL A 824 -26.65 16.04 -32.96
C VAL A 824 -25.92 17.19 -32.28
N THR A 825 -25.72 17.07 -30.98
CA THR A 825 -25.03 18.07 -30.19
C THR A 825 -24.04 17.37 -29.27
N LEU A 826 -22.82 17.87 -29.24
CA LEU A 826 -21.72 17.20 -28.57
C LEU A 826 -21.58 17.67 -27.13
N GLN A 851 -11.38 18.65 -21.16
CA GLN A 851 -11.71 17.66 -22.17
C GLN A 851 -10.53 17.47 -23.13
N LYS A 852 -9.56 18.38 -23.05
CA LYS A 852 -8.32 18.26 -23.81
C LYS A 852 -7.14 18.77 -22.97
N PHE A 853 -7.19 18.52 -21.67
CA PHE A 853 -6.32 19.19 -20.73
C PHE A 853 -5.18 18.32 -20.23
N ASN A 854 -5.49 17.18 -19.63
CA ASN A 854 -4.62 16.57 -18.62
C ASN A 854 -4.06 15.21 -19.01
N GLY A 855 -3.63 15.04 -20.25
CA GLY A 855 -3.01 13.79 -20.60
C GLY A 855 -3.80 13.04 -21.64
N LEU A 856 -4.86 13.67 -22.10
CA LEU A 856 -5.82 12.98 -22.93
C LEU A 856 -6.11 13.82 -24.16
N THR A 857 -6.00 13.20 -25.33
CA THR A 857 -6.10 13.88 -26.60
C THR A 857 -7.20 13.22 -27.41
N VAL A 858 -7.70 13.96 -28.40
CA VAL A 858 -8.71 13.43 -29.31
C VAL A 858 -8.12 13.51 -30.70
N LEU A 859 -7.81 12.40 -31.25
CA LEU A 859 -7.26 12.30 -32.59
C LEU A 859 -8.37 12.58 -33.60
N PRO A 860 -8.07 13.29 -34.68
CA PRO A 860 -9.07 13.50 -35.71
C PRO A 860 -9.29 12.22 -36.49
N PRO A 861 -10.47 12.03 -37.05
CA PRO A 861 -10.70 10.84 -37.88
C PRO A 861 -10.01 10.99 -39.21
N LEU A 862 -9.71 9.84 -39.81
CA LEU A 862 -8.96 9.84 -41.06
C LEU A 862 -9.79 10.38 -42.21
N LEU A 863 -11.04 9.97 -42.33
CA LEU A 863 -11.93 10.51 -43.33
C LEU A 863 -12.66 11.69 -42.74
N THR A 864 -12.53 12.85 -43.38
CA THR A 864 -13.30 14.01 -42.95
C THR A 864 -14.76 13.81 -43.30
N ASP A 865 -15.60 14.71 -42.81
CA ASP A 865 -17.02 14.62 -43.11
C ASP A 865 -17.30 14.87 -44.58
N GLU A 866 -16.47 15.65 -45.25
CA GLU A 866 -16.64 15.85 -46.67
C GLU A 866 -16.29 14.61 -47.46
N MET A 867 -15.32 13.84 -47.00
CA MET A 867 -14.97 12.61 -47.69
C MET A 867 -16.05 11.55 -47.51
N ILE A 868 -16.63 11.48 -46.32
CA ILE A 868 -17.72 10.54 -46.08
C ILE A 868 -18.94 10.94 -46.88
N ALA A 869 -19.21 12.24 -46.95
CA ALA A 869 -20.32 12.71 -47.77
C ALA A 869 -20.07 12.44 -49.24
N GLN A 870 -18.82 12.47 -49.68
CA GLN A 870 -18.55 12.16 -51.08
C GLN A 870 -18.69 10.67 -51.37
N TYR A 871 -18.30 9.80 -50.43
CA TYR A 871 -18.68 8.39 -50.50
C TYR A 871 -20.17 8.17 -50.60
N THR A 872 -20.97 8.82 -49.76
CA THR A 872 -22.39 8.55 -49.82
C THR A 872 -23.01 9.12 -51.09
N SER A 873 -22.47 10.21 -51.61
CA SER A 873 -22.98 10.66 -52.90
C SER A 873 -22.54 9.75 -54.02
N ALA A 874 -21.39 9.10 -53.89
CA ALA A 874 -20.96 8.14 -54.89
C ALA A 874 -21.86 6.92 -54.90
N LEU A 875 -22.17 6.40 -53.72
CA LEU A 875 -23.11 5.29 -53.59
C LEU A 875 -24.48 5.66 -54.09
N LEU A 876 -24.91 6.87 -53.81
CA LEU A 876 -26.22 7.32 -54.20
C LEU A 876 -26.32 7.52 -55.69
N ALA A 877 -25.32 8.15 -56.29
CA ALA A 877 -25.31 8.36 -57.72
C ALA A 877 -25.19 7.06 -58.47
N GLY A 878 -24.42 6.12 -57.93
CA GLY A 878 -24.32 4.82 -58.53
C GLY A 878 -25.61 4.05 -58.47
N THR A 879 -26.34 4.14 -57.36
CA THR A 879 -27.58 3.37 -57.32
C THR A 879 -28.74 4.06 -57.99
N ILE A 880 -28.72 5.38 -58.18
CA ILE A 880 -29.78 6.07 -58.87
C ILE A 880 -29.58 5.85 -60.34
N THR A 881 -28.36 6.10 -60.79
CA THR A 881 -28.05 5.91 -62.19
C THR A 881 -28.05 4.45 -62.54
N SER A 882 -27.13 3.70 -61.95
CA SER A 882 -26.63 2.44 -62.47
C SER A 882 -27.34 1.22 -61.93
N GLY A 883 -28.34 1.36 -61.10
CA GLY A 883 -29.02 0.18 -60.61
C GLY A 883 -28.23 -0.48 -59.52
N TRP A 884 -28.38 -1.77 -59.36
CA TRP A 884 -27.47 -2.50 -58.49
C TRP A 884 -26.21 -2.96 -59.17
N THR A 885 -25.99 -2.63 -60.42
CA THR A 885 -24.95 -3.27 -61.20
C THR A 885 -23.58 -2.74 -60.88
N PHE A 886 -23.48 -1.65 -60.13
CA PHE A 886 -22.16 -1.14 -59.82
C PHE A 886 -21.55 -1.79 -58.61
N GLY A 887 -22.28 -2.67 -57.93
CA GLY A 887 -21.73 -3.35 -56.80
C GLY A 887 -21.27 -4.74 -57.16
N ALA A 888 -21.34 -5.05 -58.44
CA ALA A 888 -20.85 -6.32 -58.96
C ALA A 888 -19.70 -6.12 -59.93
N GLY A 889 -19.89 -5.34 -60.96
CA GLY A 889 -18.86 -5.13 -61.93
C GLY A 889 -18.74 -3.68 -62.33
N PRO A 890 -18.81 -3.41 -63.60
CA PRO A 890 -18.85 -2.03 -64.06
C PRO A 890 -20.21 -1.43 -63.79
N ALA A 891 -20.36 -0.13 -63.89
CA ALA A 891 -21.68 0.45 -63.70
C ALA A 891 -22.36 0.42 -65.06
N LEU A 892 -23.59 -0.07 -65.07
CA LEU A 892 -24.35 -0.23 -66.28
C LEU A 892 -25.57 0.69 -66.21
N GLN A 893 -25.88 1.35 -67.33
CA GLN A 893 -26.63 2.58 -67.34
C GLN A 893 -28.05 2.52 -66.80
N ILE A 894 -28.97 1.81 -67.45
CA ILE A 894 -30.35 1.51 -67.04
C ILE A 894 -31.22 2.67 -66.51
N PRO A 895 -32.05 3.27 -67.36
CA PRO A 895 -32.94 4.37 -66.93
C PRO A 895 -33.80 4.02 -65.72
N PHE A 896 -34.01 5.00 -64.85
CA PHE A 896 -34.51 4.72 -63.50
C PHE A 896 -35.88 4.07 -63.39
N PRO A 897 -36.92 4.43 -64.16
CA PRO A 897 -38.16 3.64 -64.08
C PRO A 897 -37.93 2.20 -64.47
N MET A 898 -37.10 1.95 -65.46
CA MET A 898 -36.82 0.59 -65.86
C MET A 898 -36.04 -0.15 -64.80
N GLN A 899 -35.25 0.55 -64.00
CA GLN A 899 -34.65 -0.05 -62.81
C GLN A 899 -35.71 -0.41 -61.80
N MET A 900 -36.65 0.49 -61.56
CA MET A 900 -37.60 0.30 -60.48
C MET A 900 -38.58 -0.79 -60.82
N ALA A 901 -38.78 -1.08 -62.10
CA ALA A 901 -39.59 -2.21 -62.48
C ALA A 901 -38.91 -3.52 -62.17
N TYR A 902 -37.58 -3.54 -62.11
CA TYR A 902 -36.94 -4.81 -61.77
C TYR A 902 -36.96 -5.02 -60.29
N ARG A 903 -36.95 -3.94 -59.54
CA ARG A 903 -37.11 -4.08 -58.12
C ARG A 903 -38.53 -4.42 -57.76
N PHE A 904 -39.51 -4.10 -58.60
CA PHE A 904 -40.80 -4.76 -58.41
C PHE A 904 -40.74 -6.20 -58.80
N ASN A 905 -40.04 -6.52 -59.88
CA ASN A 905 -39.99 -7.87 -60.38
C ASN A 905 -39.29 -8.81 -59.43
N GLY A 906 -38.44 -8.29 -58.56
CA GLY A 906 -37.77 -9.06 -57.55
C GLY A 906 -38.52 -9.21 -56.26
N ILE A 907 -39.64 -8.51 -56.07
CA ILE A 907 -40.50 -8.77 -54.92
C ILE A 907 -41.74 -9.54 -55.30
N GLY A 908 -41.87 -9.95 -56.55
CA GLY A 908 -42.98 -10.75 -56.97
C GLY A 908 -44.09 -10.01 -57.66
N VAL A 909 -43.88 -8.77 -58.03
CA VAL A 909 -44.87 -7.94 -58.68
C VAL A 909 -44.39 -7.68 -60.08
N THR A 910 -45.24 -7.90 -61.07
CA THR A 910 -44.77 -7.88 -62.44
C THR A 910 -44.46 -6.46 -62.90
N GLN A 911 -43.87 -6.36 -64.09
CA GLN A 911 -43.38 -5.10 -64.61
C GLN A 911 -44.50 -4.12 -64.91
N ASN A 912 -45.63 -4.57 -65.36
CA ASN A 912 -46.81 -3.77 -65.65
C ASN A 912 -47.52 -3.35 -64.46
N VAL A 913 -46.91 -3.23 -63.29
CA VAL A 913 -47.59 -2.65 -62.16
C VAL A 913 -46.85 -1.35 -61.92
N LEU A 914 -45.58 -1.33 -62.30
CA LEU A 914 -44.85 -0.08 -62.23
C LEU A 914 -45.32 0.88 -63.29
N TYR A 915 -45.35 0.44 -64.55
CA TYR A 915 -45.51 1.39 -65.65
C TYR A 915 -46.91 1.99 -65.74
N GLU A 916 -47.96 1.24 -65.44
CA GLU A 916 -49.27 1.87 -65.30
C GLU A 916 -49.41 2.71 -64.05
N ASN A 917 -48.55 2.52 -63.06
CA ASN A 917 -48.65 3.38 -61.88
C ASN A 917 -47.40 4.21 -61.66
N GLN A 918 -46.71 4.61 -62.73
CA GLN A 918 -45.40 5.23 -62.54
C GLN A 918 -45.51 6.61 -61.93
N LYS A 919 -46.50 7.39 -62.34
CA LYS A 919 -46.67 8.70 -61.74
C LYS A 919 -47.17 8.59 -60.30
N LEU A 920 -48.01 7.61 -60.03
CA LEU A 920 -48.46 7.35 -58.67
C LEU A 920 -47.31 6.93 -57.77
N ILE A 921 -46.42 6.07 -58.27
CA ILE A 921 -45.31 5.60 -57.47
C ILE A 921 -44.30 6.70 -57.26
N ALA A 922 -44.08 7.53 -58.29
CA ALA A 922 -43.20 8.67 -58.13
C ALA A 922 -43.75 9.65 -57.09
N ASN A 923 -45.05 9.89 -57.09
CA ASN A 923 -45.64 10.77 -56.10
C ASN A 923 -45.57 10.21 -54.70
N GLN A 924 -45.83 8.90 -54.53
CA GLN A 924 -45.72 8.29 -53.21
C GLN A 924 -44.30 8.31 -52.70
N PHE A 925 -43.35 8.11 -53.60
CA PHE A 925 -41.95 8.11 -53.20
C PHE A 925 -41.48 9.50 -52.79
N ASN A 926 -41.84 10.52 -53.57
CA ASN A 926 -41.45 11.90 -53.27
C ASN A 926 -42.07 12.37 -51.97
N SER A 927 -43.35 12.07 -51.76
CA SER A 927 -43.99 12.48 -50.52
C SER A 927 -43.44 11.72 -49.33
N ALA A 928 -43.02 10.47 -49.52
CA ALA A 928 -42.43 9.73 -48.41
C ALA A 928 -41.09 10.28 -48.01
N ILE A 929 -40.27 10.71 -48.98
CA ILE A 929 -39.01 11.37 -48.63
C ILE A 929 -39.21 12.74 -47.97
N GLY A 930 -40.18 13.53 -48.43
CA GLY A 930 -40.49 14.76 -47.71
C GLY A 930 -40.96 14.51 -46.29
N LYS A 931 -41.72 13.44 -46.08
CA LYS A 931 -42.10 13.07 -44.73
C LYS A 931 -40.92 12.65 -43.89
N ILE A 932 -39.90 12.02 -44.50
CA ILE A 932 -38.69 11.66 -43.76
C ILE A 932 -37.99 12.92 -43.25
N GLN A 933 -37.87 13.90 -44.13
CA GLN A 933 -37.18 15.14 -43.76
C GLN A 933 -37.94 15.91 -42.68
N ASP A 934 -39.28 15.84 -42.69
CA ASP A 934 -40.02 16.41 -41.57
C ASP A 934 -39.84 15.60 -40.29
N SER A 935 -40.01 14.30 -40.38
CA SER A 935 -40.06 13.42 -39.22
C SER A 935 -38.73 13.27 -38.50
N LEU A 936 -37.62 13.60 -39.15
CA LEU A 936 -36.40 13.65 -38.36
C LEU A 936 -36.35 14.93 -37.54
N SER A 937 -36.58 16.08 -38.16
CA SER A 937 -36.54 17.35 -37.43
C SER A 937 -37.87 17.74 -36.85
N SER A 938 -38.57 16.79 -36.25
CA SER A 938 -39.70 17.10 -35.39
C SER A 938 -39.61 16.20 -34.17
N THR A 939 -39.22 14.97 -34.40
CA THR A 939 -39.28 13.96 -33.36
C THR A 939 -38.08 14.08 -32.44
N PRO A 940 -38.30 14.23 -31.13
CA PRO A 940 -37.17 14.19 -30.20
C PRO A 940 -36.64 12.78 -30.08
N SER A 941 -35.33 12.69 -29.85
CA SER A 941 -34.60 11.42 -29.76
C SER A 941 -34.76 10.58 -31.02
N ALA A 942 -34.77 11.25 -32.17
CA ALA A 942 -34.71 10.53 -33.43
C ALA A 942 -33.36 9.85 -33.59
N LEU A 943 -32.29 10.58 -33.26
CA LEU A 943 -30.93 10.06 -33.36
C LEU A 943 -30.38 9.61 -32.03
N GLY A 944 -31.22 9.04 -31.17
CA GLY A 944 -30.76 8.63 -29.86
C GLY A 944 -29.84 7.44 -29.89
N LYS A 945 -29.89 6.63 -30.95
CA LYS A 945 -28.89 5.59 -31.15
C LYS A 945 -27.53 6.19 -31.27
N LEU A 946 -27.46 7.30 -31.94
CA LEU A 946 -26.23 7.89 -32.41
C LEU A 946 -25.74 8.97 -31.47
N GLN A 947 -26.60 9.39 -30.55
CA GLN A 947 -26.26 10.35 -29.53
C GLN A 947 -25.71 9.69 -28.29
N ASN A 948 -26.19 8.49 -27.97
CA ASN A 948 -25.71 7.74 -26.81
C ASN A 948 -24.27 7.32 -26.94
N VAL A 949 -23.74 7.22 -28.15
CA VAL A 949 -22.33 6.97 -28.31
C VAL A 949 -21.52 8.18 -27.90
N VAL A 950 -22.01 9.38 -28.25
CA VAL A 950 -21.33 10.60 -27.87
C VAL A 950 -21.42 10.83 -26.37
N ASN A 951 -22.61 10.63 -25.81
CA ASN A 951 -22.83 10.88 -24.39
C ASN A 951 -22.07 9.92 -23.52
N GLN A 952 -22.01 8.65 -23.89
CA GLN A 952 -21.33 7.68 -23.05
C GLN A 952 -19.83 7.88 -23.09
N ASN A 953 -19.29 8.27 -24.23
CA ASN A 953 -17.87 8.57 -24.29
C ASN A 953 -17.53 9.81 -23.50
N ALA A 954 -18.38 10.84 -23.59
CA ALA A 954 -18.14 12.06 -22.84
C ALA A 954 -18.24 11.83 -21.33
N GLN A 955 -19.25 11.09 -20.90
CA GLN A 955 -19.38 10.87 -19.47
C GLN A 955 -18.54 9.71 -18.98
N ALA A 956 -17.83 9.03 -19.86
CA ALA A 956 -16.73 8.22 -19.38
C ALA A 956 -15.46 9.03 -19.23
N LEU A 957 -15.25 10.02 -20.10
CA LEU A 957 -14.07 10.85 -19.94
C LEU A 957 -14.18 11.79 -18.74
N ASN A 958 -15.37 12.34 -18.47
CA ASN A 958 -15.51 13.16 -17.28
C ASN A 958 -15.35 12.35 -16.02
N THR A 959 -15.86 11.14 -16.00
CA THR A 959 -15.60 10.36 -14.80
C THR A 959 -14.20 9.77 -14.77
N LEU A 960 -13.44 9.86 -15.85
CA LEU A 960 -12.00 9.61 -15.75
C LEU A 960 -11.29 10.80 -15.14
N VAL A 961 -11.64 12.00 -15.57
CA VAL A 961 -10.97 13.21 -15.11
C VAL A 961 -11.32 13.50 -13.65
N LYS A 962 -12.55 13.25 -13.25
CA LYS A 962 -12.97 13.44 -11.87
C LYS A 962 -12.30 12.48 -10.91
N GLN A 963 -11.74 11.37 -11.39
CA GLN A 963 -10.98 10.51 -10.51
C GLN A 963 -9.65 11.12 -10.12
N LEU A 964 -9.18 12.16 -10.81
CA LEU A 964 -7.92 12.78 -10.43
C LEU A 964 -8.06 13.53 -9.12
N SER A 965 -9.19 14.18 -8.90
CA SER A 965 -9.43 14.92 -7.67
C SER A 965 -10.04 13.97 -6.64
N SER A 966 -9.26 12.97 -6.27
CA SER A 966 -9.66 11.97 -5.30
C SER A 966 -8.43 11.55 -4.52
N ASN A 967 -8.63 11.17 -3.27
CA ASN A 967 -7.50 10.87 -2.41
C ASN A 967 -6.98 9.46 -2.58
N PHE A 968 -7.89 8.49 -2.67
CA PHE A 968 -7.61 7.07 -2.58
C PHE A 968 -6.86 6.72 -1.31
N GLY A 969 -7.16 7.41 -0.22
CA GLY A 969 -6.51 7.15 1.04
C GLY A 969 -5.24 7.93 1.28
N ALA A 970 -4.88 8.82 0.37
CA ALA A 970 -3.74 9.68 0.62
C ALA A 970 -4.20 10.89 1.41
N ILE A 971 -3.28 11.82 1.64
CA ILE A 971 -3.64 13.04 2.36
C ILE A 971 -4.18 14.11 1.45
N SER A 972 -3.92 14.03 0.15
CA SER A 972 -4.46 15.01 -0.77
C SER A 972 -4.56 14.38 -2.15
N SER A 973 -5.35 15.03 -3.00
CA SER A 973 -5.41 14.63 -4.38
C SER A 973 -4.39 15.34 -5.24
N VAL A 974 -3.96 16.53 -4.82
CA VAL A 974 -3.00 17.29 -5.60
C VAL A 974 -1.62 16.71 -5.36
N LEU A 975 -0.89 16.45 -6.44
CA LEU A 975 0.41 15.81 -6.31
C LEU A 975 1.46 16.81 -5.84
N ASN A 976 1.32 18.08 -6.24
CA ASN A 976 2.26 19.08 -5.75
C ASN A 976 2.02 19.42 -4.29
N ASP A 977 0.78 19.34 -3.83
CA ASP A 977 0.50 19.52 -2.42
C ASP A 977 1.08 18.36 -1.62
N ILE A 978 1.01 17.15 -2.17
CA ILE A 978 1.45 16.00 -1.41
C ILE A 978 2.95 15.86 -1.50
N LEU A 979 3.58 16.59 -2.43
CA LEU A 979 5.03 16.58 -2.53
C LEU A 979 5.67 17.71 -1.75
N SER A 980 5.09 18.91 -1.85
CA SER A 980 5.75 20.10 -1.36
C SER A 980 5.83 20.13 0.15
N ARG A 981 4.81 19.64 0.84
CA ARG A 981 4.84 19.74 2.29
C ARG A 981 5.25 18.43 2.96
N LEU A 982 5.74 17.46 2.20
CA LEU A 982 6.35 16.29 2.84
C LEU A 982 7.76 16.03 2.35
N ASP A 983 8.29 14.87 2.72
CA ASP A 983 9.67 14.46 2.52
C ASP A 983 9.76 13.13 1.79
N PRO A 984 10.80 12.94 0.96
CA PRO A 984 10.89 11.77 0.07
C PRO A 984 10.89 10.41 0.75
N PRO A 985 11.36 10.23 2.00
CA PRO A 985 11.12 8.93 2.64
C PRO A 985 9.66 8.60 2.87
N GLU A 986 8.80 9.57 3.15
CA GLU A 986 7.43 9.24 3.47
C GLU A 986 6.46 9.60 2.35
N ALA A 987 6.78 10.60 1.53
CA ALA A 987 5.92 10.96 0.41
C ALA A 987 6.05 10.02 -0.77
N GLU A 988 6.69 8.87 -0.61
CA GLU A 988 6.56 7.76 -1.55
C GLU A 988 5.66 6.68 -0.98
N VAL A 989 4.96 6.96 0.11
CA VAL A 989 3.90 6.10 0.59
C VAL A 989 2.54 6.64 0.18
N GLN A 990 2.36 7.95 0.36
CA GLN A 990 1.12 8.59 -0.04
C GLN A 990 1.00 8.67 -1.56
N ILE A 991 2.10 8.97 -2.24
CA ILE A 991 2.11 9.01 -3.69
C ILE A 991 1.84 7.63 -4.26
N ASP A 992 2.31 6.58 -3.58
CA ASP A 992 2.10 5.24 -4.10
C ASP A 992 0.64 4.83 -4.06
N ARG A 993 -0.10 5.21 -3.03
CA ARG A 993 -1.53 4.89 -3.07
C ARG A 993 -2.27 5.82 -4.02
N LEU A 994 -1.73 7.01 -4.27
CA LEU A 994 -2.27 7.83 -5.35
C LEU A 994 -2.05 7.18 -6.72
N ILE A 995 -0.88 6.57 -6.91
CA ILE A 995 -0.56 5.81 -8.13
C ILE A 995 -1.54 4.67 -8.29
N THR A 996 -1.77 3.93 -7.22
CA THR A 996 -2.63 2.77 -7.27
C THR A 996 -4.07 3.14 -7.63
N GLY A 997 -4.58 4.20 -7.02
CA GLY A 997 -5.93 4.63 -7.33
C GLY A 997 -6.08 5.17 -8.74
N ARG A 998 -5.12 5.99 -9.18
CA ARG A 998 -5.25 6.59 -10.50
C ARG A 998 -5.03 5.57 -11.60
N LEU A 999 -4.10 4.64 -11.41
CA LEU A 999 -3.88 3.60 -12.39
C LEU A 999 -5.05 2.65 -12.47
N GLN A 1000 -5.66 2.32 -11.33
CA GLN A 1000 -6.79 1.43 -11.37
C GLN A 1000 -8.01 2.11 -11.97
N SER A 1001 -8.12 3.42 -11.79
CA SER A 1001 -9.13 4.19 -12.49
C SER A 1001 -8.92 4.18 -14.01
N LEU A 1002 -7.68 4.36 -14.44
CA LEU A 1002 -7.37 4.33 -15.87
C LEU A 1002 -7.64 2.96 -16.48
N GLN A 1003 -7.32 1.89 -15.75
CA GLN A 1003 -7.60 0.54 -16.22
C GLN A 1003 -9.09 0.31 -16.35
N THR A 1004 -9.87 0.82 -15.40
CA THR A 1004 -11.33 0.73 -15.48
C THR A 1004 -11.84 1.39 -16.75
N TYR A 1005 -11.34 2.60 -17.02
CA TYR A 1005 -11.76 3.32 -18.22
C TYR A 1005 -11.39 2.58 -19.49
N VAL A 1006 -10.19 2.03 -19.56
CA VAL A 1006 -9.75 1.37 -20.78
C VAL A 1006 -10.51 0.08 -21.02
N THR A 1007 -10.82 -0.66 -19.96
CA THR A 1007 -11.61 -1.87 -20.12
C THR A 1007 -13.02 -1.56 -20.59
N GLN A 1008 -13.64 -0.52 -20.04
CA GLN A 1008 -14.97 -0.14 -20.52
C GLN A 1008 -14.92 0.38 -21.94
N GLN A 1009 -13.84 1.06 -22.33
CA GLN A 1009 -13.72 1.50 -23.70
C GLN A 1009 -13.50 0.34 -24.65
N LEU A 1010 -12.80 -0.69 -24.23
CA LEU A 1010 -12.62 -1.87 -25.07
C LEU A 1010 -13.93 -2.58 -25.30
N ILE A 1011 -14.75 -2.71 -24.25
CA ILE A 1011 -16.06 -3.34 -24.39
C ILE A 1011 -16.99 -2.49 -25.25
N ARG A 1012 -16.97 -1.18 -25.06
CA ARG A 1012 -17.81 -0.29 -25.86
C ARG A 1012 -17.36 -0.24 -27.31
N ALA A 1013 -16.06 -0.32 -27.56
CA ALA A 1013 -15.58 -0.34 -28.92
C ALA A 1013 -15.93 -1.63 -29.62
N ALA A 1014 -15.95 -2.74 -28.89
CA ALA A 1014 -16.44 -3.99 -29.46
C ALA A 1014 -17.90 -3.88 -29.83
N GLU A 1015 -18.68 -3.21 -28.99
CA GLU A 1015 -20.09 -2.99 -29.28
C GLU A 1015 -20.29 -2.12 -30.51
N ILE A 1016 -19.50 -1.07 -30.67
CA ILE A 1016 -19.60 -0.20 -31.84
C ILE A 1016 -19.16 -0.93 -33.09
N ARG A 1017 -18.10 -1.74 -33.00
CA ARG A 1017 -17.65 -2.49 -34.15
C ARG A 1017 -18.65 -3.55 -34.56
N ALA A 1018 -19.43 -4.06 -33.61
CA ALA A 1018 -20.51 -4.96 -33.98
C ALA A 1018 -21.62 -4.27 -34.76
N SER A 1019 -21.80 -2.97 -34.59
CA SER A 1019 -22.79 -2.24 -35.36
C SER A 1019 -22.18 -1.47 -36.51
N ALA A 1020 -20.88 -1.54 -36.69
CA ALA A 1020 -20.31 -1.09 -37.93
C ALA A 1020 -20.16 -2.22 -38.91
N ASN A 1021 -20.04 -3.45 -38.44
CA ASN A 1021 -20.18 -4.60 -39.31
C ASN A 1021 -21.61 -4.78 -39.75
N LEU A 1022 -22.57 -4.35 -38.95
CA LEU A 1022 -23.95 -4.40 -39.38
C LEU A 1022 -24.23 -3.34 -40.42
N ALA A 1023 -23.66 -2.15 -40.26
CA ALA A 1023 -23.89 -1.10 -41.23
C ALA A 1023 -23.18 -1.39 -42.52
N ALA A 1024 -22.04 -2.06 -42.47
CA ALA A 1024 -21.38 -2.46 -43.71
C ALA A 1024 -22.17 -3.51 -44.44
N THR A 1025 -22.81 -4.41 -43.70
CA THR A 1025 -23.68 -5.41 -44.29
C THR A 1025 -24.94 -4.77 -44.86
N LYS A 1026 -25.49 -3.78 -44.19
CA LYS A 1026 -26.67 -3.12 -44.73
C LYS A 1026 -26.34 -2.28 -45.93
N MET A 1027 -25.16 -1.69 -45.99
CA MET A 1027 -24.76 -0.98 -47.19
C MET A 1027 -24.52 -1.94 -48.32
N SER A 1028 -23.89 -3.05 -48.05
CA SER A 1028 -23.58 -3.99 -49.11
C SER A 1028 -24.82 -4.70 -49.61
N GLU A 1029 -25.79 -4.95 -48.76
CA GLU A 1029 -26.93 -5.76 -49.15
C GLU A 1029 -28.18 -4.98 -49.45
N CYS A 1030 -28.44 -3.90 -48.72
CA CYS A 1030 -29.62 -3.09 -48.98
C CYS A 1030 -29.36 -1.99 -49.99
N VAL A 1031 -28.21 -1.34 -49.95
CA VAL A 1031 -27.95 -0.26 -50.89
C VAL A 1031 -27.45 -0.79 -52.21
N LEU A 1032 -26.47 -1.67 -52.17
CA LEU A 1032 -25.82 -2.17 -53.36
C LEU A 1032 -26.57 -3.32 -54.00
N GLY A 1033 -27.67 -3.74 -53.43
CA GLY A 1033 -28.49 -4.76 -54.04
C GLY A 1033 -29.90 -4.66 -53.53
N GLN A 1034 -30.72 -5.63 -53.89
CA GLN A 1034 -32.07 -5.71 -53.37
C GLN A 1034 -32.16 -6.97 -52.52
N SER A 1035 -32.64 -6.83 -51.30
CA SER A 1035 -32.50 -7.88 -50.32
C SER A 1035 -33.81 -8.61 -50.11
N LYS A 1036 -33.73 -9.93 -50.09
CA LYS A 1036 -34.89 -10.76 -49.81
C LYS A 1036 -35.01 -11.09 -48.34
N ARG A 1037 -34.03 -10.74 -47.53
CA ARG A 1037 -34.08 -11.01 -46.12
C ARG A 1037 -35.12 -10.13 -45.46
N VAL A 1038 -36.05 -10.76 -44.75
CA VAL A 1038 -37.21 -10.05 -44.23
C VAL A 1038 -36.78 -9.15 -43.10
N ASP A 1039 -37.24 -7.90 -43.13
CA ASP A 1039 -37.05 -6.87 -42.13
C ASP A 1039 -35.59 -6.51 -41.92
N PHE A 1040 -34.71 -6.94 -42.81
CA PHE A 1040 -33.32 -6.52 -42.73
C PHE A 1040 -33.15 -5.12 -43.23
N CYS A 1041 -33.88 -4.76 -44.27
CA CYS A 1041 -33.83 -3.43 -44.81
C CYS A 1041 -35.19 -2.78 -44.72
N GLY A 1042 -35.81 -2.82 -43.55
CA GLY A 1042 -37.03 -2.08 -43.30
C GLY A 1042 -38.27 -2.94 -43.44
N LYS A 1043 -39.37 -2.39 -42.98
CA LYS A 1043 -40.65 -3.10 -43.00
C LYS A 1043 -41.27 -3.08 -44.37
N GLY A 1044 -41.70 -4.23 -44.84
CA GLY A 1044 -42.26 -4.37 -46.16
C GLY A 1044 -41.28 -5.04 -47.10
N TYR A 1045 -41.74 -5.26 -48.32
CA TYR A 1045 -40.89 -5.85 -49.32
C TYR A 1045 -39.91 -4.80 -49.81
N HIS A 1046 -38.63 -5.10 -49.72
CA HIS A 1046 -37.59 -4.11 -49.95
C HIS A 1046 -37.45 -3.83 -51.43
N LEU A 1047 -37.51 -2.55 -51.80
CA LEU A 1047 -37.20 -2.12 -53.15
C LEU A 1047 -35.77 -1.63 -53.27
N MET A 1048 -35.40 -0.60 -52.53
CA MET A 1048 -34.06 -0.06 -52.64
C MET A 1048 -33.80 0.75 -51.39
N SER A 1049 -32.56 1.17 -51.19
CA SER A 1049 -32.31 1.98 -50.01
C SER A 1049 -31.14 2.89 -50.30
N PHE A 1050 -31.08 3.97 -49.52
CA PHE A 1050 -30.18 5.06 -49.78
C PHE A 1050 -29.37 5.36 -48.52
N PRO A 1051 -28.06 5.47 -48.60
CA PRO A 1051 -27.30 5.91 -47.44
C PRO A 1051 -27.30 7.43 -47.32
N GLN A 1052 -27.20 7.87 -46.09
CA GLN A 1052 -26.94 9.26 -45.76
C GLN A 1052 -25.93 9.23 -44.63
N SER A 1053 -24.99 10.14 -44.66
CA SER A 1053 -23.95 10.18 -43.64
C SER A 1053 -24.45 11.01 -42.48
N ALA A 1054 -24.36 10.50 -41.34
CA ALA A 1054 -24.65 11.18 -40.09
C ALA A 1054 -23.37 11.21 -39.28
N PRO A 1055 -23.25 12.09 -38.29
CA PRO A 1055 -21.98 12.18 -37.56
C PRO A 1055 -21.73 10.97 -36.68
N HIS A 1056 -20.61 10.30 -36.95
CA HIS A 1056 -20.22 9.03 -36.35
C HIS A 1056 -21.28 7.95 -36.55
N GLY A 1057 -21.86 7.92 -37.74
CA GLY A 1057 -22.88 6.94 -37.99
C GLY A 1057 -23.33 7.00 -39.42
N VAL A 1058 -24.44 6.32 -39.70
CA VAL A 1058 -24.99 6.28 -41.02
C VAL A 1058 -26.49 6.10 -40.87
N VAL A 1059 -27.24 6.62 -41.84
CA VAL A 1059 -28.69 6.58 -41.83
C VAL A 1059 -29.12 5.98 -43.15
N PHE A 1060 -29.84 4.88 -43.10
CA PHE A 1060 -30.34 4.25 -44.31
C PHE A 1060 -31.78 4.67 -44.47
N LEU A 1061 -32.15 5.03 -45.68
CA LEU A 1061 -33.52 5.31 -46.03
C LEU A 1061 -33.96 4.10 -46.83
N HIS A 1062 -34.77 3.26 -46.23
CA HIS A 1062 -35.22 2.02 -46.84
C HIS A 1062 -36.53 2.28 -47.56
N VAL A 1063 -36.51 2.23 -48.87
CA VAL A 1063 -37.70 2.33 -49.69
C VAL A 1063 -38.25 0.93 -49.88
N THR A 1064 -39.42 0.68 -49.32
CA THR A 1064 -40.06 -0.62 -49.34
C THR A 1064 -41.44 -0.50 -49.94
N TYR A 1065 -41.98 -1.63 -50.35
CA TYR A 1065 -43.29 -1.75 -50.95
C TYR A 1065 -44.21 -2.36 -49.92
N VAL A 1066 -45.25 -1.63 -49.53
CA VAL A 1066 -46.23 -2.13 -48.58
C VAL A 1066 -47.54 -2.35 -49.33
N PRO A 1067 -48.11 -3.54 -49.31
CA PRO A 1067 -49.42 -3.73 -49.91
C PRO A 1067 -50.48 -3.01 -49.10
N ALA A 1068 -51.49 -2.48 -49.77
CA ALA A 1068 -52.28 -1.47 -49.07
C ALA A 1068 -53.71 -1.86 -48.78
N GLN A 1069 -54.54 -2.11 -49.76
CA GLN A 1069 -55.95 -2.28 -49.48
C GLN A 1069 -56.38 -3.57 -50.15
N GLU A 1070 -56.90 -4.49 -49.36
CA GLU A 1070 -56.99 -5.86 -49.79
C GLU A 1070 -58.43 -6.28 -49.90
N LYS A 1071 -58.68 -7.19 -50.82
CA LYS A 1071 -60.00 -7.71 -51.04
C LYS A 1071 -60.05 -9.17 -50.68
N ASN A 1072 -61.13 -9.54 -50.03
CA ASN A 1072 -61.47 -10.91 -49.68
C ASN A 1072 -61.89 -11.63 -50.94
N PHE A 1073 -61.37 -12.84 -51.17
CA PHE A 1073 -61.66 -13.59 -52.37
C PHE A 1073 -61.95 -15.04 -52.04
N THR A 1074 -62.02 -15.87 -53.06
CA THR A 1074 -62.30 -17.28 -52.89
C THR A 1074 -61.39 -18.08 -53.79
N THR A 1075 -60.65 -19.02 -53.23
CA THR A 1075 -59.63 -19.73 -53.98
C THR A 1075 -60.02 -21.17 -54.24
N ALA A 1076 -59.14 -21.83 -54.97
CA ALA A 1076 -59.17 -23.20 -55.25
C ALA A 1076 -57.71 -23.54 -55.45
N PRO A 1077 -57.26 -24.69 -54.96
CA PRO A 1077 -55.89 -25.10 -55.23
C PRO A 1077 -55.63 -25.32 -56.71
N ALA A 1078 -56.53 -25.99 -57.38
CA ALA A 1078 -56.42 -26.21 -58.80
C ALA A 1078 -57.81 -26.17 -59.39
N ILE A 1079 -57.86 -26.03 -60.70
CA ILE A 1079 -59.10 -25.97 -61.43
C ILE A 1079 -59.06 -27.07 -62.46
N CYS A 1080 -59.99 -28.01 -62.41
CA CYS A 1080 -59.83 -29.12 -63.33
C CYS A 1080 -60.83 -28.99 -64.46
N HIS A 1081 -60.30 -29.11 -65.66
CA HIS A 1081 -61.04 -28.98 -66.89
C HIS A 1081 -60.60 -30.14 -67.77
N ASP A 1082 -61.56 -30.74 -68.45
CA ASP A 1082 -61.38 -31.97 -69.24
C ASP A 1082 -60.84 -33.11 -68.40
N GLY A 1083 -61.20 -33.15 -67.12
CA GLY A 1083 -60.75 -34.22 -66.26
C GLY A 1083 -59.27 -34.20 -65.94
N LYS A 1084 -58.63 -33.05 -66.09
CA LYS A 1084 -57.21 -32.88 -65.82
C LYS A 1084 -57.07 -31.66 -64.92
N ALA A 1085 -56.27 -31.76 -63.87
CA ALA A 1085 -56.16 -30.65 -62.93
C ALA A 1085 -55.15 -29.64 -63.41
N HIS A 1086 -55.54 -28.36 -63.39
CA HIS A 1086 -54.69 -27.27 -63.83
C HIS A 1086 -54.29 -26.43 -62.64
N PHE A 1087 -53.02 -26.23 -62.48
CA PHE A 1087 -52.44 -25.41 -61.44
C PHE A 1087 -51.91 -24.13 -62.05
N PRO A 1088 -51.91 -23.02 -61.33
CA PRO A 1088 -51.42 -21.78 -61.93
C PRO A 1088 -49.92 -21.79 -62.06
N ARG A 1089 -49.43 -21.11 -63.09
CA ARG A 1089 -47.99 -21.07 -63.31
C ARG A 1089 -47.30 -20.27 -62.23
N GLU A 1090 -47.64 -18.99 -62.12
CA GLU A 1090 -47.33 -18.20 -60.94
C GLU A 1090 -48.59 -17.44 -60.59
N GLY A 1091 -49.01 -17.54 -59.36
CA GLY A 1091 -50.17 -16.81 -58.95
C GLY A 1091 -51.18 -17.75 -58.32
N VAL A 1092 -52.39 -17.24 -58.18
CA VAL A 1092 -53.47 -17.93 -57.51
C VAL A 1092 -54.72 -17.88 -58.37
N PHE A 1093 -55.63 -18.78 -58.09
CA PHE A 1093 -56.94 -18.81 -58.69
C PHE A 1093 -57.85 -18.10 -57.73
N VAL A 1094 -58.51 -17.04 -58.17
CA VAL A 1094 -59.49 -16.37 -57.32
C VAL A 1094 -60.79 -16.27 -58.08
N SER A 1095 -61.87 -16.07 -57.35
CA SER A 1095 -63.16 -15.82 -57.95
C SER A 1095 -63.77 -14.59 -57.33
N ASN A 1096 -64.40 -13.78 -58.15
CA ASN A 1096 -65.05 -12.61 -57.61
C ASN A 1096 -66.46 -12.94 -57.13
N GLY A 1097 -66.85 -14.21 -57.26
CA GLY A 1097 -68.12 -14.67 -56.78
C GLY A 1097 -68.73 -15.59 -57.80
N THR A 1098 -68.48 -15.32 -59.06
CA THR A 1098 -69.05 -16.16 -60.12
C THR A 1098 -68.02 -16.64 -61.12
N HIS A 1099 -67.05 -15.82 -61.47
CA HIS A 1099 -66.08 -16.16 -62.49
C HIS A 1099 -64.73 -16.38 -61.85
N TRP A 1100 -63.96 -17.32 -62.36
CA TRP A 1100 -62.64 -17.60 -61.83
C TRP A 1100 -61.55 -16.95 -62.66
N PHE A 1101 -60.50 -16.51 -61.99
CA PHE A 1101 -59.43 -15.75 -62.61
C PHE A 1101 -58.10 -16.24 -62.09
N VAL A 1102 -57.02 -15.75 -62.70
CA VAL A 1102 -55.67 -15.90 -62.18
C VAL A 1102 -55.12 -14.53 -61.91
N THR A 1103 -54.67 -14.29 -60.69
CA THR A 1103 -53.93 -13.07 -60.41
C THR A 1103 -52.52 -13.41 -60.00
N GLN A 1104 -51.64 -12.44 -60.13
CA GLN A 1104 -50.39 -12.53 -59.41
C GLN A 1104 -50.65 -12.33 -57.93
N ARG A 1105 -49.74 -12.84 -57.12
CA ARG A 1105 -50.06 -13.06 -55.71
C ARG A 1105 -50.08 -11.78 -54.90
N ASN A 1106 -49.28 -10.79 -55.26
CA ASN A 1106 -49.12 -9.60 -54.44
C ASN A 1106 -49.88 -8.40 -54.93
N PHE A 1107 -50.70 -8.54 -55.97
CA PHE A 1107 -51.40 -7.41 -56.54
C PHE A 1107 -52.57 -7.97 -57.32
N TYR A 1108 -53.74 -7.40 -57.14
CA TYR A 1108 -54.93 -7.94 -57.78
C TYR A 1108 -54.93 -7.54 -59.24
N GLU A 1109 -54.66 -8.50 -60.12
CA GLU A 1109 -54.67 -8.29 -61.56
C GLU A 1109 -55.26 -9.53 -62.20
N PRO A 1110 -56.57 -9.62 -62.32
CA PRO A 1110 -57.22 -10.88 -62.65
C PRO A 1110 -57.20 -11.14 -64.15
N GLN A 1111 -56.48 -12.17 -64.56
CA GLN A 1111 -56.43 -12.63 -65.93
C GLN A 1111 -57.44 -13.75 -66.09
N ILE A 1112 -57.82 -14.06 -67.32
CA ILE A 1112 -58.66 -15.23 -67.52
C ILE A 1112 -57.79 -16.46 -67.61
N ILE A 1113 -58.36 -17.61 -67.29
CA ILE A 1113 -57.58 -18.81 -67.06
C ILE A 1113 -57.36 -19.49 -68.41
N THR A 1114 -56.18 -19.34 -68.96
CA THR A 1114 -55.88 -19.99 -70.23
C THR A 1114 -54.87 -21.10 -69.99
N THR A 1115 -54.37 -21.66 -71.08
CA THR A 1115 -53.36 -22.70 -70.97
C THR A 1115 -51.97 -22.13 -70.79
N ASP A 1116 -51.74 -20.89 -71.19
CA ASP A 1116 -50.41 -20.35 -71.03
C ASP A 1116 -50.22 -19.58 -69.74
N ASN A 1117 -51.19 -19.58 -68.85
CA ASN A 1117 -50.94 -19.18 -67.47
C ASN A 1117 -51.30 -20.28 -66.48
N THR A 1118 -51.45 -21.51 -66.94
CA THR A 1118 -51.63 -22.66 -66.08
C THR A 1118 -50.72 -23.77 -66.56
N PHE A 1119 -50.52 -24.77 -65.72
CA PHE A 1119 -49.90 -26.00 -66.16
C PHE A 1119 -50.74 -27.14 -65.62
N VAL A 1120 -50.60 -28.30 -66.23
CA VAL A 1120 -51.48 -29.43 -65.96
C VAL A 1120 -50.66 -30.57 -65.40
N SER A 1121 -51.23 -31.26 -64.40
CA SER A 1121 -50.62 -32.46 -63.87
C SER A 1121 -51.66 -33.31 -63.17
N GLY A 1122 -51.90 -34.49 -63.68
CA GLY A 1122 -52.81 -35.39 -63.01
C GLY A 1122 -54.24 -35.21 -63.48
N ASN A 1123 -55.15 -35.71 -62.66
CA ASN A 1123 -56.58 -35.62 -62.93
C ASN A 1123 -57.29 -35.06 -61.70
N CYS A 1124 -58.62 -35.04 -61.75
CA CYS A 1124 -59.41 -34.33 -60.77
C CYS A 1124 -59.53 -35.03 -59.42
N ASP A 1125 -58.73 -36.06 -59.11
CA ASP A 1125 -59.07 -36.89 -57.97
C ASP A 1125 -58.13 -36.75 -56.80
N VAL A 1126 -56.86 -36.45 -57.02
CA VAL A 1126 -55.91 -36.45 -55.91
C VAL A 1126 -55.93 -35.14 -55.13
N VAL A 1127 -56.21 -34.02 -55.77
CA VAL A 1127 -56.17 -32.73 -55.11
C VAL A 1127 -57.50 -32.50 -54.43
N ILE A 1128 -57.45 -32.18 -53.14
CA ILE A 1128 -58.67 -31.93 -52.38
C ILE A 1128 -58.92 -30.44 -52.36
N GLY A 1129 -60.09 -30.05 -52.87
CA GLY A 1129 -60.45 -28.66 -52.89
C GLY A 1129 -60.58 -28.05 -54.27
N ILE A 1130 -60.41 -28.84 -55.32
CA ILE A 1130 -60.46 -28.27 -56.66
C ILE A 1130 -61.89 -27.89 -57.01
N VAL A 1131 -62.02 -26.98 -57.96
CA VAL A 1131 -63.30 -26.63 -58.53
C VAL A 1131 -63.25 -26.93 -60.01
N ASN A 1132 -64.42 -26.96 -60.64
CA ASN A 1132 -64.58 -27.24 -62.06
C ASN A 1132 -64.81 -25.97 -62.83
N ASN A 1133 -63.87 -25.52 -63.70
CA ASN A 1133 -64.08 -24.33 -64.49
C ASN A 1133 -63.52 -24.60 -65.88
N THR A 1134 -63.39 -23.55 -66.66
CA THR A 1134 -63.01 -23.67 -68.06
C THR A 1134 -61.65 -23.05 -68.24
N VAL A 1135 -60.74 -23.80 -68.86
CA VAL A 1135 -59.45 -23.27 -69.24
C VAL A 1135 -59.51 -22.91 -70.71
N TYR A 1136 -59.06 -21.70 -71.06
CA TYR A 1136 -59.50 -21.08 -72.29
C TYR A 1136 -58.87 -21.68 -73.54
N ASP A 1137 -57.56 -21.98 -73.52
CA ASP A 1137 -56.79 -22.51 -74.65
C ASP A 1137 -56.87 -21.65 -75.91
N PRO A 1138 -56.07 -20.62 -76.01
CA PRO A 1138 -56.29 -19.58 -77.02
C PRO A 1138 -55.92 -19.95 -78.45
N LEU A 1139 -55.60 -21.22 -78.72
CA LEU A 1139 -55.35 -21.64 -80.08
C LEU A 1139 -56.62 -22.12 -80.77
N GLN A 1140 -57.63 -22.55 -80.02
CA GLN A 1140 -58.87 -23.02 -80.63
C GLN A 1140 -59.62 -21.99 -81.47
N PRO A 1141 -59.75 -20.70 -81.10
CA PRO A 1141 -60.32 -19.76 -82.07
C PRO A 1141 -59.41 -19.44 -83.24
N GLU A 1142 -58.12 -19.76 -83.16
CA GLU A 1142 -57.24 -19.41 -84.27
C GLU A 1142 -57.45 -20.32 -85.46
N LEU A 1143 -57.76 -21.59 -85.21
CA LEU A 1143 -58.08 -22.49 -86.31
C LEU A 1143 -59.47 -22.20 -86.88
N ASP A 1144 -60.42 -21.91 -86.01
CA ASP A 1144 -61.81 -21.79 -86.41
C ASP A 1144 -62.20 -20.32 -86.55
N ALA B 27 -2.76 -55.84 15.04
CA ALA B 27 -3.90 -56.07 14.15
C ALA B 27 -4.24 -54.80 13.39
N TYR B 28 -4.92 -54.92 12.26
CA TYR B 28 -5.43 -53.78 11.54
C TYR B 28 -6.81 -54.10 11.00
N THR B 29 -7.60 -53.06 10.75
CA THR B 29 -8.92 -53.21 10.18
C THR B 29 -9.15 -52.02 9.26
N ASN B 30 -9.96 -52.23 8.23
CA ASN B 30 -10.33 -51.13 7.36
C ASN B 30 -11.43 -50.31 8.00
N SER B 31 -11.37 -49.01 7.79
CA SER B 31 -12.14 -48.02 8.54
C SER B 31 -13.12 -47.30 7.63
N PHE B 32 -13.93 -48.10 6.94
CA PHE B 32 -14.49 -47.86 5.62
C PHE B 32 -14.89 -46.45 5.25
N THR B 33 -15.91 -45.93 5.89
CA THR B 33 -16.36 -44.58 5.61
C THR B 33 -16.78 -43.93 6.91
N ARG B 34 -16.13 -44.35 7.98
CA ARG B 34 -16.65 -44.23 9.33
C ARG B 34 -15.82 -43.24 10.10
N GLY B 35 -16.50 -42.44 10.93
CA GLY B 35 -15.83 -41.46 11.75
C GLY B 35 -15.98 -40.04 11.30
N VAL B 36 -17.10 -39.68 10.72
CA VAL B 36 -17.36 -38.33 10.25
C VAL B 36 -18.17 -37.62 11.31
N TYR B 37 -17.76 -36.42 11.68
CA TYR B 37 -18.43 -35.71 12.76
C TYR B 37 -18.88 -34.35 12.26
N TYR B 38 -19.89 -33.81 12.93
CA TYR B 38 -20.34 -32.47 12.61
C TYR B 38 -19.28 -31.48 13.05
N PRO B 39 -18.70 -30.70 12.15
CA PRO B 39 -17.51 -29.94 12.53
C PRO B 39 -17.78 -28.61 13.20
N ASP B 40 -18.96 -28.01 13.08
CA ASP B 40 -19.05 -26.61 13.45
C ASP B 40 -20.30 -26.13 14.17
N LYS B 41 -21.25 -27.01 14.54
CA LYS B 41 -22.49 -26.65 15.23
C LYS B 41 -23.32 -25.62 14.45
N VAL B 42 -23.39 -25.80 13.13
CA VAL B 42 -24.13 -24.91 12.25
C VAL B 42 -25.18 -25.74 11.53
N PHE B 43 -26.43 -25.31 11.61
CA PHE B 43 -27.46 -25.95 10.82
C PHE B 43 -27.27 -25.60 9.35
N ARG B 44 -27.43 -26.59 8.50
CA ARG B 44 -27.32 -26.41 7.07
C ARG B 44 -28.28 -27.41 6.45
N SER B 45 -29.13 -26.95 5.54
CA SER B 45 -30.22 -27.78 5.07
C SER B 45 -30.11 -28.01 3.58
N SER B 46 -30.09 -29.28 3.18
CA SER B 46 -30.09 -29.72 1.79
C SER B 46 -28.94 -29.09 1.00
N VAL B 47 -27.73 -29.24 1.51
CA VAL B 47 -26.61 -28.51 0.94
C VAL B 47 -25.44 -29.47 0.91
N LEU B 48 -24.41 -29.13 0.16
CA LEU B 48 -23.17 -29.89 0.14
C LEU B 48 -22.07 -28.93 0.55
N HIS B 49 -21.60 -29.05 1.79
CA HIS B 49 -20.63 -28.11 2.33
C HIS B 49 -19.27 -28.76 2.35
N SER B 50 -18.27 -28.05 1.83
CA SER B 50 -16.92 -28.59 1.74
C SER B 50 -16.07 -27.94 2.81
N THR B 51 -15.54 -28.75 3.73
CA THR B 51 -14.85 -28.22 4.89
C THR B 51 -13.51 -28.89 5.10
N GLN B 52 -12.57 -28.14 5.66
CA GLN B 52 -11.24 -28.65 5.99
C GLN B 52 -11.10 -28.67 7.50
N ASP B 53 -10.93 -29.86 8.05
CA ASP B 53 -10.78 -30.02 9.49
C ASP B 53 -10.04 -31.33 9.69
N LEU B 54 -9.69 -31.64 10.92
CA LEU B 54 -9.02 -32.90 11.21
C LEU B 54 -10.05 -34.00 11.16
N PHE B 55 -9.95 -34.88 10.16
CA PHE B 55 -10.86 -35.98 9.98
C PHE B 55 -10.08 -37.28 9.92
N LEU B 56 -10.77 -38.37 10.20
CA LEU B 56 -10.23 -39.67 9.92
C LEU B 56 -10.39 -39.94 8.43
N PRO B 57 -9.32 -40.21 7.69
CA PRO B 57 -9.45 -40.45 6.25
C PRO B 57 -10.23 -41.71 5.95
N PHE B 58 -10.86 -41.71 4.79
CA PHE B 58 -11.68 -42.86 4.41
C PHE B 58 -10.79 -44.04 4.08
N PHE B 59 -11.26 -45.24 4.44
CA PHE B 59 -10.61 -46.52 4.16
C PHE B 59 -9.19 -46.58 4.71
N SER B 60 -8.96 -45.97 5.86
CA SER B 60 -7.65 -46.02 6.48
C SER B 60 -7.46 -47.34 7.20
N ASN B 61 -6.29 -47.50 7.80
CA ASN B 61 -5.99 -48.68 8.59
C ASN B 61 -6.16 -48.32 10.06
N VAL B 62 -7.32 -48.61 10.62
CA VAL B 62 -7.60 -48.40 12.02
C VAL B 62 -6.95 -49.57 12.76
N THR B 63 -6.39 -49.31 13.93
CA THR B 63 -5.74 -50.36 14.69
C THR B 63 -6.75 -51.08 15.55
N TRP B 64 -6.72 -52.40 15.53
CA TRP B 64 -7.65 -53.23 16.28
C TRP B 64 -6.92 -53.76 17.51
N PHE B 65 -7.51 -53.55 18.67
CA PHE B 65 -6.91 -53.94 19.93
C PHE B 65 -7.81 -54.89 20.69
N HIS B 66 -7.19 -55.71 21.53
CA HIS B 66 -7.90 -56.65 22.38
C HIS B 66 -7.48 -56.44 23.84
N ASN B 81 -3.73 -53.04 27.85
CA ASN B 81 -4.11 -51.83 27.14
C ASN B 81 -2.94 -50.86 27.11
N PRO B 82 -2.32 -50.72 25.94
CA PRO B 82 -1.09 -49.93 25.85
C PRO B 82 -1.37 -48.45 25.87
N VAL B 83 -0.30 -47.69 26.09
CA VAL B 83 -0.34 -46.27 25.79
C VAL B 83 -0.25 -46.12 24.28
N LEU B 84 -0.86 -45.07 23.75
CA LEU B 84 -0.90 -44.77 22.34
C LEU B 84 -0.68 -43.27 22.16
N PRO B 85 -0.13 -42.84 21.04
CA PRO B 85 -0.03 -41.39 20.80
C PRO B 85 -1.38 -40.76 20.53
N PHE B 86 -1.40 -39.44 20.54
CA PHE B 86 -2.62 -38.66 20.34
C PHE B 86 -2.54 -37.79 19.10
N ASN B 87 -1.54 -38.00 18.24
CA ASN B 87 -0.78 -36.98 17.52
C ASN B 87 -1.49 -35.66 17.21
N ASP B 88 -2.67 -35.73 16.62
CA ASP B 88 -3.48 -34.55 16.45
C ASP B 88 -4.97 -34.81 16.61
N GLY B 89 -5.36 -35.96 17.09
CA GLY B 89 -6.75 -36.30 17.28
C GLY B 89 -6.84 -37.79 17.20
N VAL B 90 -7.88 -38.36 17.80
CA VAL B 90 -8.03 -39.80 17.87
C VAL B 90 -9.49 -40.16 17.61
N TYR B 91 -9.70 -41.07 16.69
CA TYR B 91 -10.98 -41.76 16.59
C TYR B 91 -10.91 -43.02 17.44
N PHE B 92 -12.02 -43.36 18.05
CA PHE B 92 -12.12 -44.51 18.93
C PHE B 92 -13.44 -45.20 18.65
N ALA B 93 -13.44 -46.52 18.68
CA ALA B 93 -14.70 -47.22 18.50
C ALA B 93 -14.67 -48.46 19.35
N SER B 94 -15.83 -48.86 19.86
CA SER B 94 -15.87 -50.10 20.63
C SER B 94 -17.25 -50.72 20.48
N THR B 95 -17.28 -51.99 20.13
CA THR B 95 -18.51 -52.76 20.17
C THR B 95 -18.46 -53.70 21.37
N GLU B 96 -19.55 -53.74 22.11
CA GLU B 96 -19.59 -54.48 23.36
C GLU B 96 -21.04 -54.91 23.61
N LYS B 97 -21.26 -55.51 24.79
CA LYS B 97 -22.58 -55.71 25.35
C LYS B 97 -22.72 -55.28 26.79
N SER B 98 -21.63 -55.17 27.56
CA SER B 98 -21.78 -55.05 29.01
C SER B 98 -20.85 -53.98 29.58
N ASN B 99 -20.71 -52.86 28.86
CA ASN B 99 -19.98 -51.63 29.25
C ASN B 99 -18.61 -51.92 29.89
N ILE B 100 -17.88 -52.82 29.23
CA ILE B 100 -16.62 -53.34 29.77
C ILE B 100 -15.55 -52.26 29.74
N ILE B 101 -15.51 -51.46 28.68
CA ILE B 101 -14.71 -50.24 28.64
C ILE B 101 -15.44 -49.17 29.44
N ARG B 102 -14.72 -48.50 30.34
CA ARG B 102 -15.35 -47.52 31.20
C ARG B 102 -14.72 -46.13 31.17
N GLY B 103 -13.73 -45.88 30.32
CA GLY B 103 -13.22 -44.53 30.23
C GLY B 103 -11.81 -44.49 29.68
N TRP B 104 -11.20 -43.32 29.80
CA TRP B 104 -9.93 -43.02 29.18
C TRP B 104 -9.10 -42.16 30.10
N ILE B 105 -7.80 -42.11 29.82
CA ILE B 105 -6.92 -41.11 30.40
C ILE B 105 -6.13 -40.49 29.26
N PHE B 106 -5.78 -39.22 29.44
CA PHE B 106 -5.07 -38.46 28.43
C PHE B 106 -3.99 -37.68 29.13
N GLY B 107 -2.92 -37.35 28.42
CA GLY B 107 -1.94 -36.48 29.04
C GLY B 107 -0.66 -36.40 28.24
N THR B 108 0.42 -36.05 28.93
CA THR B 108 1.73 -35.94 28.33
C THR B 108 2.71 -36.97 28.87
N THR B 109 2.86 -37.06 30.19
CA THR B 109 3.74 -38.04 30.79
C THR B 109 3.05 -38.91 31.82
N LEU B 110 1.91 -38.47 32.36
CA LEU B 110 1.10 -39.21 33.33
C LEU B 110 1.87 -39.54 34.61
N ASP B 111 2.72 -38.61 35.07
CA ASP B 111 3.66 -38.94 36.15
C ASP B 111 3.64 -37.91 37.28
N SER B 112 2.52 -37.21 37.47
CA SER B 112 2.33 -36.14 38.44
C SER B 112 3.26 -34.96 38.26
N LYS B 113 3.90 -34.83 37.10
CA LYS B 113 4.63 -33.61 36.80
C LYS B 113 3.73 -32.61 36.09
N THR B 114 2.89 -33.09 35.19
CA THR B 114 1.97 -32.28 34.42
C THR B 114 0.55 -32.81 34.62
N GLN B 115 -0.43 -31.96 34.33
CA GLN B 115 -1.81 -32.34 34.56
C GLN B 115 -2.30 -33.27 33.46
N SER B 116 -3.27 -34.11 33.79
CA SER B 116 -3.75 -35.16 32.92
C SER B 116 -5.24 -35.31 33.11
N LEU B 117 -5.89 -35.85 32.08
CA LEU B 117 -7.34 -35.98 32.03
C LEU B 117 -7.75 -37.38 32.38
N LEU B 118 -8.85 -37.49 33.08
CA LEU B 118 -9.36 -38.76 33.52
C LEU B 118 -10.86 -38.75 33.30
N ILE B 119 -11.32 -39.53 32.34
CA ILE B 119 -12.73 -39.64 32.01
C ILE B 119 -13.15 -41.03 32.45
N VAL B 120 -14.02 -41.09 33.45
CA VAL B 120 -14.47 -42.36 34.00
C VAL B 120 -15.99 -42.38 34.00
N ASN B 121 -16.57 -43.47 33.56
CA ASN B 121 -18.00 -43.66 33.64
C ASN B 121 -18.30 -44.53 34.85
N ASN B 122 -19.16 -44.04 35.73
CA ASN B 122 -19.80 -44.90 36.71
C ASN B 122 -21.01 -45.55 36.03
N ALA B 123 -21.92 -46.13 36.81
CA ALA B 123 -23.13 -46.65 36.20
C ALA B 123 -24.13 -45.55 35.88
N THR B 124 -23.98 -44.38 36.51
CA THR B 124 -24.97 -43.32 36.39
C THR B 124 -24.38 -41.95 36.08
N ASN B 125 -23.18 -41.63 36.52
CA ASN B 125 -22.57 -40.34 36.21
C ASN B 125 -21.23 -40.54 35.51
N VAL B 126 -20.94 -39.70 34.54
CA VAL B 126 -19.62 -39.68 33.92
C VAL B 126 -18.83 -38.52 34.52
N VAL B 127 -17.58 -38.79 34.88
CA VAL B 127 -16.76 -37.89 35.67
C VAL B 127 -15.53 -37.56 34.86
N ILE B 128 -15.24 -36.27 34.69
CA ILE B 128 -14.13 -35.80 33.92
C ILE B 128 -13.29 -34.90 34.81
N LYS B 129 -12.07 -35.32 35.11
CA LYS B 129 -11.19 -34.54 35.95
C LYS B 129 -9.94 -34.17 35.18
N VAL B 130 -9.40 -33.00 35.47
CA VAL B 130 -8.07 -32.62 35.01
C VAL B 130 -7.27 -32.31 36.26
N CYS B 131 -6.37 -33.22 36.62
CA CYS B 131 -5.58 -33.10 37.83
C CYS B 131 -4.19 -33.66 37.56
N GLU B 132 -3.27 -33.39 38.48
CA GLU B 132 -1.94 -34.01 38.39
C GLU B 132 -1.95 -35.37 39.06
N PHE B 133 -2.57 -36.33 38.37
CA PHE B 133 -2.65 -37.68 38.90
C PHE B 133 -1.29 -38.38 38.83
N GLN B 134 -1.16 -39.42 39.64
CA GLN B 134 -0.14 -40.43 39.41
C GLN B 134 -0.84 -41.68 38.90
N PHE B 135 -0.31 -42.24 37.82
CA PHE B 135 -0.94 -43.36 37.16
C PHE B 135 -0.26 -44.66 37.56
N CYS B 136 -1.04 -45.72 37.60
CA CYS B 136 -0.48 -47.04 37.82
C CYS B 136 0.16 -47.56 36.54
N ASN B 137 0.89 -48.67 36.68
CA ASN B 137 1.53 -49.29 35.52
C ASN B 137 0.51 -49.84 34.54
N ASP B 138 -0.55 -50.47 35.06
CA ASP B 138 -1.66 -50.95 34.24
C ASP B 138 -2.93 -50.41 34.89
N PRO B 139 -3.35 -49.19 34.54
CA PRO B 139 -4.53 -48.61 35.17
C PRO B 139 -5.80 -49.30 34.69
N PHE B 140 -6.63 -49.70 35.65
CA PHE B 140 -7.89 -50.35 35.36
C PHE B 140 -8.84 -50.09 36.52
N LEU B 141 -10.10 -49.88 36.19
CA LEU B 141 -11.13 -49.71 37.19
C LEU B 141 -12.02 -50.94 37.21
N GLY B 156 -8.67 -47.93 41.21
CA GLY B 156 -7.47 -47.69 41.98
C GLY B 156 -6.42 -46.92 41.21
N VAL B 157 -6.76 -46.57 39.97
CA VAL B 157 -5.87 -45.73 39.17
C VAL B 157 -5.85 -44.31 39.72
N TYR B 158 -6.95 -43.85 40.30
CA TYR B 158 -7.17 -42.45 40.67
C TYR B 158 -6.45 -42.06 41.96
N SER B 159 -5.54 -42.90 42.44
CA SER B 159 -4.86 -42.70 43.71
C SER B 159 -3.96 -41.47 43.67
N SER B 160 -3.94 -40.73 44.78
CA SER B 160 -3.20 -39.47 44.94
C SER B 160 -3.61 -38.42 43.91
N ALA B 161 -4.89 -38.06 43.92
CA ALA B 161 -5.42 -37.02 43.03
C ALA B 161 -5.09 -35.66 43.63
N ASN B 162 -4.10 -34.98 43.05
CA ASN B 162 -3.62 -33.71 43.57
C ASN B 162 -3.74 -32.63 42.51
N ASN B 163 -3.84 -31.38 42.99
CA ASN B 163 -3.76 -30.16 42.17
C ASN B 163 -4.86 -30.09 41.12
N CYS B 164 -6.08 -30.43 41.51
CA CYS B 164 -7.17 -30.61 40.55
C CYS B 164 -7.62 -29.28 39.98
N THR B 165 -7.23 -29.01 38.73
CA THR B 165 -7.53 -27.74 38.10
C THR B 165 -8.78 -27.76 37.24
N PHE B 166 -9.43 -28.91 37.06
CA PHE B 166 -10.74 -28.92 36.41
C PHE B 166 -11.52 -30.14 36.89
N GLU B 167 -12.84 -29.99 36.97
CA GLU B 167 -13.69 -31.12 37.28
C GLU B 167 -15.05 -30.89 36.63
N TYR B 168 -15.72 -31.99 36.28
CA TYR B 168 -16.99 -31.94 35.58
C TYR B 168 -17.67 -33.28 35.75
N VAL B 169 -18.99 -33.28 35.92
CA VAL B 169 -19.77 -34.50 36.05
C VAL B 169 -21.03 -34.31 35.22
N SER B 170 -21.39 -35.32 34.43
CA SER B 170 -22.66 -35.22 33.70
C SER B 170 -23.30 -36.58 33.54
N GLN B 171 -24.39 -36.59 32.78
CA GLN B 171 -25.12 -37.80 32.45
C GLN B 171 -24.24 -38.71 31.61
N PRO B 172 -24.31 -40.04 31.80
CA PRO B 172 -23.21 -40.91 31.40
C PRO B 172 -23.20 -41.17 29.91
N PHE B 173 -22.16 -41.88 29.48
CA PHE B 173 -22.05 -42.33 28.10
C PHE B 173 -22.45 -43.80 28.06
N LEU B 174 -22.21 -44.40 26.89
CA LEU B 174 -22.35 -45.84 26.64
C LEU B 174 -23.73 -46.42 26.96
N LYS B 185 -23.17 -55.82 19.91
CA LYS B 185 -24.06 -55.47 18.81
C LYS B 185 -24.49 -54.01 18.88
N ASN B 186 -23.84 -53.23 19.75
CA ASN B 186 -24.12 -51.80 19.89
C ASN B 186 -22.79 -51.07 19.88
N LEU B 187 -22.40 -50.59 18.72
CA LEU B 187 -21.12 -49.93 18.50
C LEU B 187 -21.18 -48.47 18.94
N ARG B 188 -20.20 -48.06 19.74
CA ARG B 188 -20.13 -46.71 20.27
C ARG B 188 -18.84 -46.09 19.76
N GLU B 189 -18.94 -44.94 19.11
CA GLU B 189 -17.81 -44.30 18.44
C GLU B 189 -17.59 -42.92 19.03
N PHE B 190 -16.32 -42.55 19.13
CA PHE B 190 -15.91 -41.33 19.79
C PHE B 190 -14.82 -40.68 18.97
N VAL B 191 -14.75 -39.37 18.98
CA VAL B 191 -13.65 -38.64 18.38
C VAL B 191 -13.19 -37.60 19.38
N PHE B 192 -11.91 -37.61 19.70
CA PHE B 192 -11.33 -36.66 20.63
C PHE B 192 -10.38 -35.77 19.86
N LYS B 193 -10.57 -34.47 19.98
CA LYS B 193 -9.66 -33.53 19.37
C LYS B 193 -9.28 -32.50 20.42
N ASN B 194 -8.11 -31.88 20.25
CA ASN B 194 -7.55 -31.00 21.27
C ASN B 194 -7.00 -29.76 20.57
N ILE B 195 -7.85 -28.74 20.43
CA ILE B 195 -7.55 -27.58 19.61
C ILE B 195 -7.61 -26.34 20.49
N ASP B 196 -6.50 -25.60 20.56
CA ASP B 196 -6.39 -24.29 21.23
C ASP B 196 -6.79 -24.36 22.70
N GLY B 197 -6.41 -25.43 23.37
CA GLY B 197 -6.76 -25.60 24.75
C GLY B 197 -8.15 -26.10 25.00
N TYR B 198 -8.93 -26.36 23.95
CA TYR B 198 -10.26 -26.91 24.08
C TYR B 198 -10.21 -28.39 23.72
N PHE B 199 -10.81 -29.21 24.56
CA PHE B 199 -10.90 -30.63 24.31
C PHE B 199 -12.31 -30.93 23.84
N LYS B 200 -12.44 -31.43 22.63
CA LYS B 200 -13.75 -31.68 22.04
C LYS B 200 -13.96 -33.17 21.93
N ILE B 201 -15.10 -33.63 22.42
CA ILE B 201 -15.50 -35.03 22.36
C ILE B 201 -16.78 -35.12 21.57
N TYR B 202 -16.76 -35.91 20.50
CA TYR B 202 -17.89 -36.18 19.65
C TYR B 202 -18.19 -37.66 19.75
N SER B 203 -19.46 -38.04 19.65
CA SER B 203 -19.74 -39.46 19.79
C SER B 203 -21.02 -39.83 19.06
N LYS B 204 -21.18 -41.12 18.81
CA LYS B 204 -22.46 -41.65 18.38
C LYS B 204 -22.55 -43.12 18.76
N HIS B 205 -23.72 -43.52 19.26
CA HIS B 205 -23.99 -44.88 19.68
C HIS B 205 -25.02 -45.45 18.72
N THR B 206 -24.69 -46.55 18.06
CA THR B 206 -25.61 -47.13 17.11
C THR B 206 -25.58 -48.66 17.18
N PRO B 207 -26.71 -49.32 16.92
CA PRO B 207 -26.70 -50.77 16.73
C PRO B 207 -26.10 -51.20 15.40
N PRO B 215 -17.50 -52.61 10.22
CA PRO B 215 -18.49 -51.56 10.44
C PRO B 215 -18.83 -50.84 9.14
N GLN B 216 -19.68 -51.44 8.31
CA GLN B 216 -20.11 -50.80 7.08
C GLN B 216 -21.04 -49.64 7.36
N GLY B 217 -21.33 -48.86 6.33
CA GLY B 217 -22.39 -47.87 6.37
C GLY B 217 -21.90 -46.54 6.90
N PHE B 218 -22.82 -45.57 6.89
CA PHE B 218 -22.50 -44.19 7.24
C PHE B 218 -23.30 -43.73 8.42
N SER B 219 -22.63 -43.03 9.35
CA SER B 219 -23.29 -42.41 10.49
C SER B 219 -22.42 -41.27 11.00
N ALA B 220 -23.03 -40.13 11.28
CA ALA B 220 -22.31 -38.94 11.64
C ALA B 220 -22.29 -38.75 13.14
N LEU B 221 -21.15 -38.34 13.66
CA LEU B 221 -20.91 -38.24 15.08
C LEU B 221 -21.31 -36.86 15.60
N GLU B 222 -22.39 -36.80 16.40
CA GLU B 222 -22.76 -35.59 17.11
C GLU B 222 -21.72 -35.22 18.15
N PRO B 223 -21.55 -33.94 18.44
CA PRO B 223 -20.67 -33.55 19.53
C PRO B 223 -21.28 -33.85 20.88
N LEU B 224 -20.41 -34.09 21.85
CA LEU B 224 -20.83 -34.25 23.22
C LEU B 224 -20.38 -33.09 24.10
N VAL B 225 -19.09 -32.88 24.23
CA VAL B 225 -18.61 -31.86 25.15
C VAL B 225 -17.47 -31.08 24.53
N ASP B 226 -17.26 -29.88 25.04
CA ASP B 226 -16.20 -28.98 24.61
C ASP B 226 -15.61 -28.35 25.86
N LEU B 227 -14.62 -29.02 26.44
CA LEU B 227 -14.09 -28.67 27.74
C LEU B 227 -12.95 -27.67 27.59
N PRO B 228 -12.94 -26.57 28.34
CA PRO B 228 -11.87 -25.58 28.22
C PRO B 228 -10.68 -25.86 29.13
N ILE B 229 -10.02 -26.99 28.91
CA ILE B 229 -9.05 -27.49 29.87
C ILE B 229 -7.67 -26.87 29.68
N GLY B 230 -7.26 -26.54 28.46
CA GLY B 230 -6.00 -25.85 28.28
C GLY B 230 -4.76 -26.68 28.49
N ILE B 231 -4.86 -27.98 28.62
CA ILE B 231 -3.70 -28.81 28.91
C ILE B 231 -3.20 -29.41 27.60
N ASN B 232 -1.91 -29.73 27.58
CA ASN B 232 -1.28 -30.35 26.43
C ASN B 232 -1.43 -31.86 26.55
N ILE B 233 -1.86 -32.51 25.47
CA ILE B 233 -2.05 -33.96 25.44
C ILE B 233 -1.16 -34.53 24.36
N THR B 234 -0.43 -35.60 24.69
CA THR B 234 0.46 -36.22 23.74
C THR B 234 0.16 -37.70 23.64
N ARG B 235 -0.21 -38.32 24.74
CA ARG B 235 -0.49 -39.74 24.77
C ARG B 235 -1.81 -39.98 25.47
N PHE B 236 -2.36 -41.18 25.27
CA PHE B 236 -3.60 -41.52 25.94
C PHE B 236 -3.67 -43.02 26.14
N GLN B 237 -4.67 -43.45 26.91
CA GLN B 237 -4.79 -44.86 27.26
C GLN B 237 -6.22 -45.16 27.66
N THR B 238 -6.73 -46.30 27.23
CA THR B 238 -8.05 -46.73 27.64
C THR B 238 -7.99 -47.40 28.99
N LEU B 239 -8.93 -47.04 29.87
CA LEU B 239 -9.12 -47.73 31.13
C LEU B 239 -10.12 -48.85 30.95
N LEU B 240 -9.96 -49.92 31.71
CA LEU B 240 -10.76 -51.10 31.47
C LEU B 240 -11.06 -51.82 32.79
N ALA B 261 -14.12 -56.76 24.76
CA ALA B 261 -12.83 -56.38 25.30
C ALA B 261 -11.95 -55.81 24.20
N ALA B 262 -12.55 -55.62 23.02
CA ALA B 262 -11.83 -55.22 21.83
C ALA B 262 -12.29 -53.84 21.38
N TYR B 263 -11.38 -53.07 20.82
CA TYR B 263 -11.74 -51.74 20.37
C TYR B 263 -10.88 -51.38 19.16
N TYR B 264 -11.11 -50.17 18.64
CA TYR B 264 -10.44 -49.70 17.44
C TYR B 264 -9.98 -48.29 17.65
N VAL B 265 -8.76 -47.97 17.23
CA VAL B 265 -8.16 -46.66 17.43
C VAL B 265 -7.64 -46.17 16.09
N GLY B 266 -8.10 -45.00 15.65
CA GLY B 266 -7.65 -44.41 14.42
C GLY B 266 -7.16 -43.00 14.67
N TYR B 267 -6.46 -42.44 13.70
CA TYR B 267 -5.83 -41.15 13.90
C TYR B 267 -6.36 -40.14 12.91
N LEU B 268 -6.73 -38.97 13.42
CA LEU B 268 -7.25 -37.91 12.57
C LEU B 268 -6.12 -37.29 11.77
N GLN B 269 -6.48 -36.73 10.63
CA GLN B 269 -5.53 -36.10 9.73
C GLN B 269 -6.16 -34.85 9.14
N PRO B 270 -5.38 -33.85 8.82
CA PRO B 270 -5.96 -32.63 8.22
C PRO B 270 -6.37 -32.80 6.76
N ARG B 271 -7.56 -33.34 6.58
CA ARG B 271 -8.09 -33.63 5.26
C ARG B 271 -9.37 -32.83 5.03
N THR B 272 -9.62 -32.49 3.78
CA THR B 272 -10.83 -31.79 3.40
C THR B 272 -11.89 -32.75 2.91
N PHE B 273 -13.12 -32.58 3.39
CA PHE B 273 -14.24 -33.40 2.97
C PHE B 273 -15.30 -32.56 2.32
N LEU B 274 -16.26 -33.25 1.72
CA LEU B 274 -17.50 -32.68 1.24
C LEU B 274 -18.64 -33.40 1.95
N LEU B 275 -19.36 -32.70 2.80
CA LEU B 275 -20.40 -33.28 3.63
C LEU B 275 -21.76 -32.95 3.04
N LYS B 276 -22.64 -33.92 3.02
CA LYS B 276 -23.98 -33.75 2.45
C LYS B 276 -24.95 -33.56 3.59
N TYR B 277 -25.51 -32.37 3.71
CA TYR B 277 -26.46 -32.07 4.75
C TYR B 277 -27.87 -32.25 4.23
N ASN B 278 -28.68 -32.98 4.99
CA ASN B 278 -30.03 -33.39 4.66
C ASN B 278 -30.97 -32.19 4.68
N GLU B 279 -32.26 -32.47 4.50
CA GLU B 279 -33.28 -31.45 4.75
C GLU B 279 -33.42 -31.16 6.23
N ASN B 280 -33.26 -32.15 7.08
CA ASN B 280 -33.33 -31.96 8.51
C ASN B 280 -32.00 -31.51 9.12
N GLY B 281 -31.01 -31.21 8.30
CA GLY B 281 -29.78 -30.68 8.79
C GLY B 281 -28.75 -31.70 9.18
N THR B 282 -29.04 -32.97 9.09
CA THR B 282 -28.10 -34.00 9.48
C THR B 282 -27.21 -34.39 8.30
N ILE B 283 -26.05 -34.94 8.62
CA ILE B 283 -25.10 -35.37 7.60
C ILE B 283 -25.49 -36.78 7.18
N THR B 284 -25.75 -36.96 5.89
CA THR B 284 -26.11 -38.27 5.39
C THR B 284 -25.04 -38.91 4.53
N ASP B 285 -24.06 -38.14 4.06
CA ASP B 285 -23.00 -38.72 3.24
C ASP B 285 -21.80 -37.79 3.27
N ALA B 286 -20.66 -38.33 2.86
CA ALA B 286 -19.44 -37.53 2.83
C ALA B 286 -18.53 -38.07 1.74
N VAL B 287 -17.64 -37.20 1.29
CA VAL B 287 -16.68 -37.51 0.24
C VAL B 287 -15.32 -37.03 0.69
N ASP B 288 -14.34 -37.93 0.72
CA ASP B 288 -12.96 -37.60 1.08
C ASP B 288 -12.26 -37.09 -0.16
N CYS B 289 -11.90 -35.82 -0.16
CA CYS B 289 -11.37 -35.18 -1.36
C CYS B 289 -9.98 -35.58 -1.71
N ALA B 290 -9.32 -36.58 -1.15
CA ALA B 290 -8.02 -37.02 -1.66
C ALA B 290 -7.95 -38.53 -1.74
N LEU B 291 -9.09 -39.19 -1.69
CA LEU B 291 -9.12 -40.64 -1.64
C LEU B 291 -8.75 -41.24 -2.98
N ASP B 292 -9.32 -40.70 -4.06
CA ASP B 292 -9.12 -41.17 -5.42
C ASP B 292 -9.49 -40.02 -6.33
N PRO B 293 -9.14 -40.09 -7.62
CA PRO B 293 -9.47 -38.97 -8.52
C PRO B 293 -10.95 -38.67 -8.67
N LEU B 294 -11.81 -39.69 -8.58
CA LEU B 294 -13.24 -39.46 -8.68
C LEU B 294 -13.74 -38.60 -7.54
N SER B 295 -13.20 -38.79 -6.35
CA SER B 295 -13.61 -37.94 -5.24
C SER B 295 -13.01 -36.56 -5.35
N GLU B 296 -11.87 -36.41 -6.01
CA GLU B 296 -11.38 -35.08 -6.31
C GLU B 296 -12.32 -34.35 -7.26
N THR B 297 -12.86 -35.05 -8.26
CA THR B 297 -13.85 -34.41 -9.12
C THR B 297 -15.10 -34.06 -8.36
N LYS B 298 -15.53 -34.94 -7.46
CA LYS B 298 -16.72 -34.65 -6.69
C LYS B 298 -16.54 -33.45 -5.78
N CYS B 299 -15.35 -33.27 -5.22
CA CYS B 299 -15.11 -32.09 -4.43
C CYS B 299 -14.89 -30.85 -5.28
N THR B 300 -14.40 -31.01 -6.51
CA THR B 300 -14.23 -29.86 -7.39
C THR B 300 -15.57 -29.35 -7.87
N LEU B 301 -16.44 -30.24 -8.31
CA LEU B 301 -17.73 -29.84 -8.82
C LEU B 301 -18.74 -29.54 -7.72
N LYS B 302 -18.39 -29.81 -6.47
CA LYS B 302 -19.29 -29.72 -5.31
C LYS B 302 -20.56 -30.51 -5.53
N SER B 303 -20.41 -31.69 -6.08
CA SER B 303 -21.54 -32.53 -6.40
C SER B 303 -21.20 -33.96 -6.01
N PHE B 304 -22.23 -34.75 -5.75
CA PHE B 304 -22.03 -36.15 -5.49
C PHE B 304 -22.19 -37.01 -6.72
N THR B 305 -22.89 -36.52 -7.72
CA THR B 305 -23.00 -37.19 -9.00
C THR B 305 -22.27 -36.31 -10.01
N VAL B 306 -21.34 -36.88 -10.73
CA VAL B 306 -20.71 -36.14 -11.81
C VAL B 306 -21.25 -36.64 -13.13
N GLU B 307 -21.33 -35.74 -14.09
CA GLU B 307 -21.77 -36.11 -15.42
C GLU B 307 -20.56 -36.52 -16.26
N LYS B 308 -20.83 -37.16 -17.38
CA LYS B 308 -19.78 -37.61 -18.29
C LYS B 308 -19.01 -36.42 -18.84
N GLY B 309 -17.69 -36.49 -18.76
CA GLY B 309 -16.87 -35.42 -19.29
C GLY B 309 -15.48 -35.48 -18.70
N ILE B 310 -14.71 -34.45 -19.00
CA ILE B 310 -13.34 -34.31 -18.53
C ILE B 310 -13.27 -33.06 -17.66
N TYR B 311 -12.80 -33.22 -16.43
CA TYR B 311 -12.83 -32.14 -15.45
C TYR B 311 -11.45 -31.93 -14.88
N GLN B 312 -10.98 -30.70 -14.90
CA GLN B 312 -9.68 -30.40 -14.31
C GLN B 312 -9.82 -30.25 -12.80
N THR B 313 -8.98 -30.97 -12.07
CA THR B 313 -9.09 -31.00 -10.62
C THR B 313 -7.92 -30.36 -9.90
N SER B 314 -6.69 -30.55 -10.36
CA SER B 314 -5.54 -30.13 -9.57
C SER B 314 -4.38 -29.84 -10.50
N ASN B 315 -3.19 -29.70 -9.92
CA ASN B 315 -2.00 -29.42 -10.69
C ASN B 315 -0.91 -30.39 -10.28
N PHE B 316 -0.51 -31.25 -11.18
CA PHE B 316 0.69 -32.03 -11.02
C PHE B 316 1.90 -31.11 -11.09
N ARG B 317 2.87 -31.34 -10.22
CA ARG B 317 4.05 -30.48 -10.17
C ARG B 317 5.20 -31.27 -9.57
N VAL B 318 6.25 -31.48 -10.36
CA VAL B 318 7.38 -32.29 -9.91
C VAL B 318 8.17 -31.51 -8.88
N GLN B 319 8.45 -32.12 -7.80
CA GLN B 319 9.16 -31.45 -6.73
C GLN B 319 10.66 -31.71 -6.85
N PRO B 320 11.50 -30.73 -6.49
CA PRO B 320 12.94 -30.92 -6.62
C PRO B 320 13.50 -31.73 -5.47
N THR B 321 14.39 -32.66 -5.78
CA THR B 321 14.87 -33.60 -4.80
C THR B 321 16.17 -33.17 -4.13
N GLU B 322 17.11 -32.63 -4.90
CA GLU B 322 18.42 -32.29 -4.38
C GLU B 322 18.63 -30.78 -4.37
N SER B 323 19.85 -30.36 -4.04
CA SER B 323 20.35 -29.01 -4.27
C SER B 323 21.81 -29.18 -4.59
N ILE B 324 22.37 -28.37 -5.50
CA ILE B 324 23.67 -28.71 -6.04
C ILE B 324 24.78 -27.74 -5.72
N VAL B 325 24.51 -26.48 -5.39
CA VAL B 325 25.61 -25.67 -4.86
C VAL B 325 25.18 -24.96 -3.60
N PRO B 328 33.83 -22.37 -7.69
CA PRO B 328 34.48 -22.06 -8.96
C PRO B 328 35.93 -22.54 -9.06
N ASN B 329 36.22 -23.81 -8.77
CA ASN B 329 37.59 -24.39 -8.83
C ASN B 329 38.56 -23.55 -8.05
N ILE B 330 38.49 -23.70 -6.74
CA ILE B 330 39.22 -22.84 -5.79
C ILE B 330 40.72 -22.73 -6.05
N THR B 331 41.18 -21.49 -6.20
CA THR B 331 42.41 -21.22 -6.92
C THR B 331 43.41 -20.35 -6.17
N ASN B 332 42.96 -19.31 -5.48
CA ASN B 332 43.85 -18.25 -5.01
C ASN B 332 43.85 -18.23 -3.49
N LEU B 333 44.65 -19.10 -2.90
CA LEU B 333 44.75 -19.15 -1.45
C LEU B 333 45.53 -17.95 -0.96
N CYS B 334 45.07 -17.38 0.15
CA CYS B 334 45.77 -16.25 0.74
C CYS B 334 47.11 -16.71 1.31
N PRO B 335 48.17 -15.94 1.10
CA PRO B 335 49.52 -16.39 1.48
C PRO B 335 49.79 -16.30 2.98
N PHE B 336 49.12 -17.18 3.73
CA PHE B 336 49.33 -17.31 5.16
C PHE B 336 50.56 -18.13 5.50
N GLY B 337 51.21 -18.74 4.50
CA GLY B 337 52.37 -19.56 4.78
C GLY B 337 53.58 -18.75 5.19
N GLU B 338 53.94 -17.74 4.39
CA GLU B 338 55.09 -16.91 4.68
C GLU B 338 54.82 -15.88 5.77
N VAL B 339 53.57 -15.73 6.18
CA VAL B 339 53.28 -15.00 7.41
C VAL B 339 53.57 -15.88 8.62
N PHE B 340 53.27 -17.17 8.54
CA PHE B 340 53.35 -18.04 9.72
C PHE B 340 54.58 -18.94 9.71
N ASN B 341 55.13 -19.26 8.54
CA ASN B 341 56.31 -20.12 8.45
C ASN B 341 57.49 -19.34 7.91
N ALA B 342 57.57 -18.05 8.24
CA ALA B 342 58.74 -17.27 7.89
C ALA B 342 59.90 -17.64 8.81
N THR B 343 61.09 -17.79 8.22
CA THR B 343 62.25 -18.27 8.97
C THR B 343 62.80 -17.22 9.93
N ARG B 344 62.40 -15.95 9.79
CA ARG B 344 62.90 -14.90 10.67
C ARG B 344 61.75 -13.93 10.93
N PHE B 345 61.40 -13.73 12.19
CA PHE B 345 60.35 -12.78 12.54
C PHE B 345 60.91 -11.40 12.89
N ALA B 346 60.06 -10.56 13.48
CA ALA B 346 60.36 -9.16 13.73
C ALA B 346 60.35 -8.84 15.23
N SER B 347 60.90 -7.68 15.55
CA SER B 347 60.78 -7.16 16.91
C SER B 347 59.37 -6.63 17.15
N VAL B 348 59.01 -6.49 18.42
CA VAL B 348 57.65 -6.06 18.73
C VAL B 348 57.46 -4.57 18.48
N TYR B 349 58.49 -3.75 18.70
CA TYR B 349 58.36 -2.33 18.37
C TYR B 349 58.39 -2.12 16.87
N ALA B 350 59.26 -2.85 16.18
CA ALA B 350 59.33 -2.82 14.72
C ALA B 350 58.51 -3.98 14.16
N TRP B 351 57.24 -3.96 14.53
CA TRP B 351 56.36 -5.06 14.21
C TRP B 351 55.99 -5.05 12.73
N ASN B 352 56.05 -6.22 12.13
CA ASN B 352 55.90 -6.35 10.69
C ASN B 352 54.43 -6.42 10.35
N ARG B 353 54.07 -5.90 9.19
CA ARG B 353 52.68 -5.93 8.74
C ARG B 353 52.63 -6.46 7.31
N LYS B 354 51.74 -7.41 7.07
CA LYS B 354 51.39 -7.82 5.72
C LYS B 354 49.94 -7.44 5.44
N ARG B 355 49.70 -6.91 4.26
CA ARG B 355 48.34 -6.73 3.79
C ARG B 355 47.86 -8.02 3.12
N ILE B 356 46.61 -8.36 3.37
CA ILE B 356 45.97 -9.52 2.77
C ILE B 356 44.77 -9.00 2.00
N SER B 357 44.84 -9.13 0.67
CA SER B 357 43.86 -8.53 -0.22
C SER B 357 43.68 -9.42 -1.44
N ASN B 358 42.41 -9.61 -1.84
CA ASN B 358 42.02 -10.23 -3.10
C ASN B 358 42.54 -11.66 -3.22
N CYS B 359 42.22 -12.46 -2.22
CA CYS B 359 42.53 -13.88 -2.27
C CYS B 359 41.48 -14.64 -1.50
N VAL B 360 41.32 -15.91 -1.85
CA VAL B 360 40.42 -16.81 -1.14
C VAL B 360 41.11 -17.20 0.16
N ALA B 361 40.49 -16.88 1.28
CA ALA B 361 41.13 -16.99 2.57
C ALA B 361 40.69 -18.27 3.25
N ASP B 362 41.45 -19.34 3.04
CA ASP B 362 41.18 -20.58 3.77
C ASP B 362 41.60 -20.39 5.20
N TYR B 363 40.73 -20.81 6.11
CA TYR B 363 40.87 -20.54 7.53
C TYR B 363 40.95 -21.81 8.36
N SER B 364 40.23 -22.87 7.98
CA SER B 364 40.13 -24.10 8.78
C SER B 364 41.46 -24.80 8.95
N VAL B 365 42.36 -24.61 7.98
CA VAL B 365 43.72 -25.13 8.08
C VAL B 365 44.48 -24.47 9.23
N LEU B 366 44.14 -23.22 9.56
CA LEU B 366 44.76 -22.57 10.70
C LEU B 366 44.22 -23.13 12.01
N TYR B 367 42.92 -23.47 12.05
CA TYR B 367 42.31 -23.91 13.30
C TYR B 367 42.81 -25.29 13.67
N ASN B 368 42.81 -26.19 12.69
CA ASN B 368 43.02 -27.60 12.96
C ASN B 368 44.50 -27.98 12.94
N SER B 369 45.40 -27.02 12.76
CA SER B 369 46.82 -27.28 12.91
C SER B 369 47.16 -27.65 14.34
N ALA B 370 46.57 -26.93 15.31
CA ALA B 370 46.65 -27.19 16.75
C ALA B 370 48.06 -27.13 17.30
N SER B 371 48.96 -26.41 16.65
CA SER B 371 50.30 -26.17 17.17
C SER B 371 50.39 -24.84 17.88
N PHE B 372 49.28 -24.12 18.03
CA PHE B 372 49.27 -22.75 18.51
C PHE B 372 48.86 -22.72 19.97
N SER B 373 49.64 -22.02 20.78
CA SER B 373 49.39 -21.97 22.21
C SER B 373 48.18 -21.13 22.55
N THR B 374 48.17 -19.87 22.15
CA THR B 374 47.07 -18.96 22.45
C THR B 374 46.31 -18.71 21.17
N PHE B 375 45.10 -19.27 21.09
CA PHE B 375 44.19 -18.90 20.02
C PHE B 375 42.79 -18.80 20.63
N LYS B 376 42.42 -17.59 21.00
CA LYS B 376 41.05 -17.25 21.32
C LYS B 376 40.65 -16.14 20.37
N CYS B 377 39.35 -15.97 20.14
CA CYS B 377 38.99 -14.97 19.17
C CYS B 377 37.96 -13.99 19.70
N TYR B 378 38.16 -12.73 19.32
CA TYR B 378 37.35 -11.60 19.74
C TYR B 378 36.66 -11.01 18.53
N GLY B 379 35.43 -10.57 18.72
CA GLY B 379 34.70 -9.88 17.67
C GLY B 379 33.71 -10.77 16.95
N VAL B 380 34.07 -12.04 16.80
CA VAL B 380 33.30 -12.99 16.00
C VAL B 380 33.77 -14.39 16.36
N SER B 381 32.86 -15.37 16.30
CA SER B 381 33.16 -16.76 16.64
C SER B 381 34.20 -17.32 15.68
N PRO B 382 35.07 -18.24 16.14
CA PRO B 382 36.16 -18.72 15.28
C PRO B 382 35.70 -19.55 14.08
N THR B 383 34.82 -20.53 14.28
CA THR B 383 34.40 -21.40 13.19
C THR B 383 33.46 -20.70 12.20
N LYS B 384 32.94 -19.52 12.54
CA LYS B 384 31.98 -18.84 11.67
C LYS B 384 32.59 -17.67 10.91
N LEU B 385 33.83 -17.30 11.20
CA LEU B 385 34.50 -16.25 10.44
C LEU B 385 35.18 -16.79 9.20
N ASN B 386 34.97 -18.07 8.89
CA ASN B 386 35.26 -18.64 7.58
C ASN B 386 34.24 -18.23 6.52
N ASP B 387 33.16 -17.56 6.91
CA ASP B 387 32.02 -17.33 6.02
C ASP B 387 31.71 -15.86 5.80
N LEU B 388 32.65 -14.97 6.08
CA LEU B 388 32.42 -13.54 5.92
C LEU B 388 33.50 -12.96 5.02
N CYS B 389 33.18 -11.82 4.40
CA CYS B 389 34.08 -11.23 3.42
C CYS B 389 34.50 -9.83 3.85
N PHE B 390 35.76 -9.50 3.57
CA PHE B 390 36.38 -8.28 4.06
C PHE B 390 37.14 -7.58 2.95
N THR B 391 37.43 -6.30 3.16
CA THR B 391 38.15 -5.52 2.15
C THR B 391 39.65 -5.78 2.23
N ASN B 392 40.20 -5.79 3.44
CA ASN B 392 41.59 -6.19 3.65
C ASN B 392 41.73 -6.79 5.04
N VAL B 393 42.79 -7.58 5.21
CA VAL B 393 43.13 -8.17 6.50
C VAL B 393 44.58 -7.82 6.79
N TYR B 394 44.84 -7.28 7.97
CA TYR B 394 46.19 -6.91 8.37
C TYR B 394 46.79 -8.02 9.22
N ALA B 395 47.90 -8.59 8.75
CA ALA B 395 48.65 -9.58 9.51
C ALA B 395 49.79 -8.85 10.24
N ASP B 396 49.61 -8.63 11.54
CA ASP B 396 50.56 -7.91 12.37
C ASP B 396 51.39 -8.94 13.12
N SER B 397 52.65 -9.06 12.74
CA SER B 397 53.46 -10.18 13.17
C SER B 397 54.67 -9.67 13.93
N PHE B 398 54.91 -10.27 15.10
CA PHE B 398 56.09 -9.97 15.91
C PHE B 398 56.37 -11.18 16.80
N VAL B 399 57.32 -11.02 17.72
CA VAL B 399 57.67 -12.04 18.69
C VAL B 399 57.80 -11.37 20.05
N ILE B 400 57.10 -11.91 21.05
CA ILE B 400 57.23 -11.40 22.41
C ILE B 400 57.68 -12.52 23.33
N ARG B 401 57.74 -12.21 24.63
CA ARG B 401 57.93 -13.23 25.63
C ARG B 401 56.58 -13.84 26.00
N GLY B 402 56.61 -15.11 26.39
CA GLY B 402 55.37 -15.85 26.60
C GLY B 402 54.57 -15.44 27.81
N ASP B 403 55.14 -14.63 28.70
CA ASP B 403 54.39 -14.10 29.85
C ASP B 403 53.28 -13.17 29.40
N GLU B 404 53.55 -12.32 28.40
CA GLU B 404 52.67 -11.21 28.09
C GLU B 404 51.82 -11.45 26.84
N VAL B 405 51.55 -12.72 26.51
CA VAL B 405 50.61 -13.02 25.43
C VAL B 405 49.20 -12.58 25.80
N ARG B 406 48.89 -12.49 27.09
CA ARG B 406 47.65 -11.90 27.56
C ARG B 406 47.61 -10.40 27.32
N GLN B 407 48.75 -9.77 27.11
CA GLN B 407 48.80 -8.34 26.87
C GLN B 407 48.33 -7.94 25.49
N ILE B 408 48.32 -8.88 24.54
CA ILE B 408 47.83 -8.60 23.19
C ILE B 408 46.34 -8.89 23.23
N ALA B 409 45.58 -7.89 23.70
CA ALA B 409 44.14 -7.97 23.85
C ALA B 409 43.61 -6.56 23.98
N PRO B 410 42.33 -6.32 23.64
CA PRO B 410 41.76 -4.99 23.84
C PRO B 410 41.67 -4.63 25.33
N GLY B 411 41.93 -3.36 25.62
CA GLY B 411 41.87 -2.85 26.98
C GLY B 411 42.90 -3.45 27.90
N GLN B 412 44.12 -3.62 27.42
CA GLN B 412 45.19 -4.25 28.18
C GLN B 412 46.35 -3.30 28.36
N THR B 413 46.98 -3.38 29.53
CA THR B 413 48.11 -2.55 29.89
C THR B 413 49.40 -3.35 29.87
N GLY B 414 50.47 -2.70 30.24
CA GLY B 414 51.78 -3.33 30.26
C GLY B 414 52.71 -2.57 29.34
N LYS B 415 53.97 -3.02 29.33
CA LYS B 415 54.98 -2.39 28.49
C LYS B 415 54.67 -2.62 27.02
N ILE B 416 54.44 -3.88 26.67
CA ILE B 416 54.24 -4.31 25.29
C ILE B 416 52.91 -3.81 24.78
N ALA B 417 51.88 -3.85 25.64
CA ALA B 417 50.55 -3.40 25.25
C ALA B 417 50.46 -1.88 25.10
N ASP B 418 51.26 -1.10 25.83
CA ASP B 418 51.14 0.34 25.79
C ASP B 418 52.31 1.07 25.15
N TYR B 419 53.47 0.44 24.99
CA TYR B 419 54.60 1.09 24.36
C TYR B 419 55.17 0.34 23.18
N ASN B 420 54.67 -0.85 22.87
CA ASN B 420 55.16 -1.58 21.70
C ASN B 420 54.06 -1.92 20.72
N TYR B 421 52.88 -2.31 21.18
CA TYR B 421 51.77 -2.59 20.28
C TYR B 421 50.47 -2.40 21.03
N LYS B 422 49.68 -1.40 20.65
CA LYS B 422 48.39 -1.15 21.27
C LYS B 422 47.27 -1.57 20.32
N LEU B 423 46.29 -2.27 20.88
CA LEU B 423 45.05 -2.68 20.24
C LEU B 423 43.96 -1.69 20.55
N PRO B 424 43.07 -1.39 19.61
CA PRO B 424 41.89 -0.60 19.94
C PRO B 424 40.91 -1.45 20.73
N ASP B 425 40.03 -0.77 21.47
CA ASP B 425 39.07 -1.51 22.27
C ASP B 425 37.96 -2.10 21.40
N ASP B 426 37.67 -1.46 20.26
CA ASP B 426 36.69 -1.97 19.30
C ASP B 426 37.36 -2.83 18.23
N PHE B 427 38.15 -3.79 18.68
CA PHE B 427 39.00 -4.55 17.78
C PHE B 427 38.23 -5.69 17.12
N THR B 428 38.41 -5.84 15.81
CA THR B 428 37.88 -6.97 15.07
C THR B 428 39.04 -7.79 14.51
N GLY B 429 38.85 -9.09 14.42
CA GLY B 429 39.97 -10.00 14.24
C GLY B 429 40.50 -10.44 15.59
N CYS B 430 41.56 -11.25 15.53
CA CYS B 430 42.07 -11.88 16.75
C CYS B 430 43.48 -12.42 16.55
N VAL B 431 43.97 -13.10 17.58
CA VAL B 431 45.40 -13.28 17.85
C VAL B 431 45.76 -14.76 17.83
N ILE B 432 46.90 -15.06 17.23
CA ILE B 432 47.46 -16.41 17.17
C ILE B 432 48.86 -16.33 17.77
N ALA B 433 49.11 -17.12 18.80
CA ALA B 433 50.41 -17.11 19.45
C ALA B 433 50.87 -18.53 19.67
N TRP B 434 52.17 -18.76 19.48
CA TRP B 434 52.70 -20.11 19.68
C TRP B 434 54.14 -20.09 20.14
N ASN B 435 54.55 -21.23 20.71
CA ASN B 435 55.87 -21.38 21.28
C ASN B 435 56.92 -21.50 20.18
N SER B 436 58.08 -20.90 20.42
CA SER B 436 59.16 -20.89 19.47
C SER B 436 60.48 -21.17 20.16
N ASN B 437 60.44 -22.03 21.18
CA ASN B 437 61.63 -22.28 21.97
C ASN B 437 62.66 -23.07 21.18
N ASN B 438 62.21 -23.88 20.23
CA ASN B 438 63.11 -24.65 19.38
C ASN B 438 63.92 -23.81 18.41
N LEU B 439 63.44 -22.63 18.05
CA LEU B 439 64.06 -21.87 16.97
C LEU B 439 64.44 -20.46 17.38
N ASP B 440 63.64 -19.77 18.18
CA ASP B 440 63.97 -18.41 18.55
C ASP B 440 64.62 -18.30 19.93
N SER B 441 64.99 -19.41 20.56
CA SER B 441 65.75 -19.36 21.80
C SER B 441 67.10 -20.03 21.57
N LYS B 442 68.18 -19.27 21.75
CA LYS B 442 69.55 -19.71 21.55
C LYS B 442 70.27 -19.82 22.89
N VAL B 443 71.17 -20.79 22.97
CA VAL B 443 71.87 -21.05 24.22
C VAL B 443 72.88 -19.92 24.46
N GLY B 444 72.76 -19.25 25.60
CA GLY B 444 73.52 -18.07 25.90
C GLY B 444 72.77 -16.78 25.69
N GLY B 445 71.66 -16.82 24.97
CA GLY B 445 70.84 -15.65 24.78
C GLY B 445 70.63 -15.21 23.34
N ASN B 446 69.39 -15.30 22.88
CA ASN B 446 68.99 -14.73 21.60
C ASN B 446 68.48 -13.33 21.89
N TYR B 447 69.36 -12.33 21.72
CA TYR B 447 69.11 -10.98 22.17
C TYR B 447 68.71 -10.06 21.04
N ASN B 448 68.35 -10.60 19.88
CA ASN B 448 68.07 -9.76 18.72
C ASN B 448 66.76 -9.00 18.87
N TYR B 449 65.72 -9.66 19.37
CA TYR B 449 64.45 -9.00 19.59
C TYR B 449 64.57 -8.02 20.75
N ARG B 450 63.99 -6.84 20.56
CA ARG B 450 64.03 -5.75 21.53
C ARG B 450 62.61 -5.24 21.73
N TYR B 451 62.40 -4.43 22.76
CA TYR B 451 61.10 -3.82 22.96
C TYR B 451 61.27 -2.40 23.48
N ARG B 452 60.27 -1.57 23.23
CA ARG B 452 60.28 -0.21 23.77
C ARG B 452 59.91 -0.27 25.25
N LEU B 453 60.89 -0.04 26.11
CA LEU B 453 60.67 0.06 27.55
C LEU B 453 60.36 1.49 27.99
N PHE B 454 60.93 2.48 27.31
CA PHE B 454 60.74 3.88 27.65
C PHE B 454 60.08 4.61 26.49
N ARG B 455 58.98 5.30 26.77
CA ARG B 455 58.31 6.12 25.78
C ARG B 455 57.65 7.29 26.48
N LYS B 456 57.37 8.34 25.71
CA LYS B 456 56.78 9.54 26.30
C LYS B 456 55.32 9.32 26.71
N SER B 457 54.58 8.49 25.97
CA SER B 457 53.16 8.29 26.28
C SER B 457 52.71 6.96 25.72
N ASN B 458 51.50 6.56 26.12
CA ASN B 458 50.88 5.33 25.66
C ASN B 458 50.52 5.42 24.19
N LEU B 459 50.48 4.27 23.52
CA LEU B 459 50.37 4.25 22.07
C LEU B 459 48.94 4.37 21.58
N LYS B 460 48.79 5.01 20.43
CA LYS B 460 47.60 4.87 19.62
C LYS B 460 47.50 3.44 19.11
N PRO B 461 46.29 2.96 18.80
CA PRO B 461 46.15 1.63 18.20
C PRO B 461 46.86 1.50 16.87
N PHE B 462 47.48 0.34 16.65
CA PHE B 462 48.22 -0.02 15.44
C PHE B 462 49.36 0.95 15.14
N GLU B 463 50.01 1.46 16.18
CA GLU B 463 51.11 2.39 16.01
C GLU B 463 52.41 1.63 15.85
N ARG B 464 53.34 2.22 15.11
CA ARG B 464 54.68 1.68 14.91
C ARG B 464 55.70 2.77 15.21
N ASP B 465 56.48 2.58 16.28
CA ASP B 465 57.49 3.55 16.68
C ASP B 465 58.86 2.90 16.59
N ILE B 466 59.78 3.59 15.92
CA ILE B 466 61.09 3.04 15.59
C ILE B 466 62.23 3.82 16.23
N SER B 467 62.05 5.10 16.53
CA SER B 467 63.14 6.04 16.81
C SER B 467 63.90 5.69 18.07
N THR B 468 65.22 5.53 17.94
CA THR B 468 66.11 5.15 19.03
C THR B 468 66.76 6.35 19.67
N GLU B 469 66.06 7.49 19.69
CA GLU B 469 66.57 8.67 20.36
C GLU B 469 66.56 8.44 21.86
N ILE B 470 67.61 8.95 22.53
CA ILE B 470 67.85 8.66 23.94
C ILE B 470 66.74 9.30 24.78
N TYR B 471 66.13 8.50 25.65
CA TYR B 471 64.95 8.94 26.37
C TYR B 471 65.29 10.00 27.42
N GLN B 472 64.47 11.04 27.46
CA GLN B 472 64.68 12.18 28.35
C GLN B 472 64.14 11.82 29.73
N ALA B 473 64.93 11.05 30.48
CA ALA B 473 64.55 10.71 31.84
C ALA B 473 64.68 11.90 32.77
N GLY B 474 65.90 12.41 32.93
CA GLY B 474 66.17 13.53 33.79
C GLY B 474 65.99 14.86 33.07
N SER B 475 66.32 15.94 33.77
CA SER B 475 66.21 17.29 33.26
C SER B 475 67.59 17.72 32.79
N LYS B 476 67.91 17.37 31.55
CA LYS B 476 69.24 17.59 30.99
C LYS B 476 69.14 17.41 29.48
N PRO B 477 69.85 18.22 28.68
CA PRO B 477 70.00 17.90 27.26
C PRO B 477 70.84 16.64 27.03
N CYS B 478 70.22 15.57 26.53
CA CYS B 478 70.90 14.27 26.47
C CYS B 478 71.90 14.20 25.33
N ASN B 479 71.63 14.91 24.22
CA ASN B 479 72.60 15.24 23.17
C ASN B 479 73.15 14.02 22.43
N GLY B 480 72.42 12.91 22.43
CA GLY B 480 72.88 11.72 21.75
C GLY B 480 73.90 10.90 22.50
N VAL B 481 74.26 11.29 23.71
CA VAL B 481 75.10 10.45 24.57
C VAL B 481 74.23 9.94 25.72
N GLU B 482 74.54 8.74 26.15
CA GLU B 482 73.80 8.10 27.23
C GLU B 482 74.43 8.49 28.57
N GLY B 483 74.07 7.76 29.61
CA GLY B 483 74.67 7.98 30.91
C GLY B 483 73.59 7.97 31.96
N PHE B 484 73.86 8.66 33.07
CA PHE B 484 72.85 8.80 34.10
C PHE B 484 71.76 9.75 33.63
N ASN B 485 70.51 9.33 33.81
CA ASN B 485 69.28 10.08 33.46
C ASN B 485 69.19 10.38 31.96
N CYS B 486 69.90 9.61 31.15
CA CYS B 486 69.75 9.60 29.68
C CYS B 486 69.89 8.16 29.26
N TYR B 487 68.78 7.55 28.84
CA TYR B 487 68.67 6.10 28.70
C TYR B 487 68.18 5.69 27.32
N PHE B 488 68.76 4.61 26.79
CA PHE B 488 68.33 4.03 25.51
C PHE B 488 66.91 3.47 25.65
N PRO B 489 66.00 3.76 24.70
CA PRO B 489 64.59 3.40 24.90
C PRO B 489 64.24 1.95 24.65
N LEU B 490 65.21 1.11 24.26
CA LEU B 490 64.95 -0.25 23.83
C LEU B 490 65.65 -1.22 24.78
N GLN B 491 64.91 -2.21 25.27
CA GLN B 491 65.42 -3.26 26.15
C GLN B 491 65.37 -4.60 25.44
N SER B 492 66.41 -5.40 25.62
CA SER B 492 66.50 -6.67 24.92
C SER B 492 65.81 -7.78 25.70
N TYR B 493 64.96 -8.52 24.99
CA TYR B 493 64.57 -9.87 25.38
C TYR B 493 65.77 -10.78 25.61
N GLY B 494 65.87 -11.30 26.83
CA GLY B 494 66.87 -12.30 27.13
C GLY B 494 66.29 -13.70 27.00
N PHE B 495 66.52 -14.33 25.85
CA PHE B 495 65.90 -15.61 25.55
C PHE B 495 66.90 -16.73 25.68
N GLN B 496 66.67 -17.62 26.63
CA GLN B 496 67.41 -18.83 26.83
C GLN B 496 66.51 -20.03 26.58
N PRO B 497 67.06 -21.17 26.16
CA PRO B 497 66.25 -22.38 26.04
C PRO B 497 66.03 -23.10 27.35
N THR B 498 66.41 -22.51 28.48
CA THR B 498 66.37 -23.18 29.77
C THR B 498 65.41 -22.55 30.76
N ASN B 499 64.91 -21.34 30.51
CA ASN B 499 64.15 -20.61 31.52
C ASN B 499 62.68 -21.04 31.47
N GLY B 500 61.81 -20.27 32.10
CA GLY B 500 60.44 -20.68 32.34
C GLY B 500 59.60 -20.72 31.07
N VAL B 501 58.39 -21.26 31.23
CA VAL B 501 57.50 -21.52 30.10
C VAL B 501 57.03 -20.20 29.47
N GLY B 502 56.68 -19.22 30.29
CA GLY B 502 56.37 -17.90 29.79
C GLY B 502 57.57 -17.00 29.57
N TYR B 503 58.78 -17.51 29.79
CA TYR B 503 60.00 -16.74 29.56
C TYR B 503 60.74 -17.23 28.33
N GLN B 504 60.11 -17.87 27.48
CA GLN B 504 60.48 -18.42 26.20
C GLN B 504 59.91 -17.55 25.08
N PRO B 505 60.60 -17.47 23.94
CA PRO B 505 60.10 -16.65 22.83
C PRO B 505 58.83 -17.21 22.22
N TYR B 506 57.86 -16.33 22.01
CA TYR B 506 56.58 -16.69 21.43
C TYR B 506 56.38 -15.87 20.18
N ARG B 507 55.96 -16.53 19.10
CA ARG B 507 55.61 -15.83 17.88
C ARG B 507 54.14 -15.46 17.95
N VAL B 508 53.83 -14.18 17.71
CA VAL B 508 52.49 -13.65 17.84
C VAL B 508 52.12 -12.95 16.54
N VAL B 509 51.05 -13.41 15.90
CA VAL B 509 50.49 -12.80 14.71
C VAL B 509 49.04 -12.47 14.98
N VAL B 510 48.65 -11.23 14.75
CA VAL B 510 47.29 -10.77 15.00
C VAL B 510 46.68 -10.42 13.65
N LEU B 511 45.52 -11.00 13.36
CA LEU B 511 44.79 -10.68 12.14
C LEU B 511 43.71 -9.65 12.46
N SER B 512 43.75 -8.53 11.74
CA SER B 512 42.88 -7.39 11.97
C SER B 512 42.01 -7.18 10.75
N PHE B 513 40.70 -7.12 10.96
CA PHE B 513 39.76 -6.97 9.85
C PHE B 513 39.38 -5.50 9.69
N GLU B 514 38.75 -5.20 8.55
CA GLU B 514 38.28 -3.84 8.28
C GLU B 514 36.94 -3.57 8.96
N ALA B 520 35.01 -5.44 -0.90
CA ALA B 520 34.91 -6.79 -0.36
C ALA B 520 35.69 -7.78 -1.22
N THR B 521 36.94 -8.05 -0.85
CA THR B 521 37.84 -8.86 -1.66
C THR B 521 38.28 -10.16 -1.01
N VAL B 522 38.45 -10.18 0.31
CA VAL B 522 38.96 -11.34 1.03
C VAL B 522 37.75 -12.07 1.58
N CYS B 523 37.27 -13.07 0.84
CA CYS B 523 36.11 -13.85 1.24
C CYS B 523 36.58 -15.24 1.68
N GLY B 524 35.64 -16.00 2.23
CA GLY B 524 35.94 -17.36 2.65
C GLY B 524 35.51 -18.37 1.61
N PRO B 525 36.19 -19.52 1.56
CA PRO B 525 35.95 -20.47 0.46
C PRO B 525 34.65 -21.23 0.64
N LYS B 526 33.81 -21.20 -0.38
CA LYS B 526 32.53 -21.88 -0.37
C LYS B 526 32.62 -23.17 -1.15
N LYS B 527 31.94 -24.19 -0.64
CA LYS B 527 32.07 -25.53 -1.20
C LYS B 527 31.11 -25.72 -2.36
N SER B 528 31.63 -26.38 -3.40
CA SER B 528 30.84 -26.75 -4.55
C SER B 528 30.63 -28.26 -4.54
N THR B 529 29.37 -28.67 -4.59
CA THR B 529 29.05 -30.09 -4.55
C THR B 529 28.91 -30.60 -5.97
N ASN B 530 28.87 -31.92 -6.09
CA ASN B 530 28.74 -32.56 -7.38
C ASN B 530 27.39 -32.22 -7.99
N LEU B 531 27.37 -32.00 -9.30
CA LEU B 531 26.13 -31.66 -9.99
C LEU B 531 25.49 -32.92 -10.54
N VAL B 532 24.15 -32.97 -10.48
CA VAL B 532 23.37 -34.01 -11.10
C VAL B 532 22.51 -33.36 -12.19
N LYS B 533 22.53 -33.93 -13.39
CA LYS B 533 22.06 -33.20 -14.55
C LYS B 533 21.09 -34.02 -15.38
N ASN B 534 20.14 -34.67 -14.72
CA ASN B 534 18.95 -35.19 -15.37
C ASN B 534 17.68 -34.97 -14.57
N LYS B 535 17.73 -34.33 -13.41
CA LYS B 535 16.60 -34.35 -12.49
C LYS B 535 16.24 -32.92 -12.10
N CYS B 536 15.01 -32.76 -11.62
CA CYS B 536 14.61 -31.46 -11.09
C CYS B 536 15.34 -31.24 -9.77
N VAL B 537 16.21 -30.24 -9.74
CA VAL B 537 17.03 -29.93 -8.59
C VAL B 537 16.93 -28.44 -8.31
N ASN B 538 17.48 -28.03 -7.18
CA ASN B 538 17.73 -26.63 -6.92
C ASN B 538 19.19 -26.34 -7.23
N PHE B 539 19.45 -25.20 -7.85
CA PHE B 539 20.81 -24.83 -8.16
C PHE B 539 21.09 -23.44 -7.64
N ASN B 540 22.36 -23.23 -7.30
CA ASN B 540 22.89 -21.98 -6.78
C ASN B 540 24.19 -21.67 -7.50
N PHE B 541 24.16 -21.62 -8.81
CA PHE B 541 25.34 -21.36 -9.63
C PHE B 541 25.83 -19.94 -9.39
N ASN B 542 26.83 -19.79 -8.54
CA ASN B 542 27.41 -18.49 -8.13
C ASN B 542 26.35 -17.53 -7.62
N GLY B 543 25.42 -18.04 -6.82
CA GLY B 543 24.35 -17.20 -6.35
C GLY B 543 23.22 -17.01 -7.34
N LEU B 544 23.33 -17.58 -8.53
CA LEU B 544 22.22 -17.64 -9.47
C LEU B 544 21.36 -18.82 -9.06
N THR B 545 20.18 -18.53 -8.54
CA THR B 545 19.40 -19.47 -7.76
C THR B 545 18.12 -19.83 -8.51
N GLY B 546 17.80 -21.12 -8.56
CA GLY B 546 16.52 -21.50 -9.12
C GLY B 546 16.32 -22.99 -9.02
N THR B 547 15.21 -23.45 -9.58
CA THR B 547 14.89 -24.87 -9.66
C THR B 547 14.75 -25.27 -11.12
N GLY B 548 15.15 -26.49 -11.45
CA GLY B 548 14.94 -26.96 -12.80
C GLY B 548 15.75 -28.19 -13.06
N VAL B 549 15.64 -28.66 -14.29
CA VAL B 549 16.34 -29.83 -14.79
C VAL B 549 17.54 -29.35 -15.59
N LEU B 550 18.73 -29.81 -15.24
CA LEU B 550 19.93 -29.46 -15.96
C LEU B 550 20.11 -30.45 -17.10
N THR B 551 20.59 -29.97 -18.23
CA THR B 551 20.77 -30.79 -19.41
C THR B 551 22.06 -30.39 -20.10
N GLU B 552 22.76 -31.35 -20.68
CA GLU B 552 23.95 -31.04 -21.47
C GLU B 552 23.54 -30.31 -22.74
N SER B 553 23.91 -29.04 -22.84
CA SER B 553 23.46 -28.21 -23.94
C SER B 553 24.50 -28.15 -25.05
N ASN B 554 24.04 -27.84 -26.25
CA ASN B 554 24.89 -27.51 -27.37
C ASN B 554 24.87 -26.03 -27.69
N LYS B 555 24.42 -25.21 -26.76
CA LYS B 555 24.49 -23.76 -26.88
C LYS B 555 25.93 -23.35 -26.68
N LYS B 556 26.58 -22.93 -27.75
CA LYS B 556 27.95 -22.43 -27.64
C LYS B 556 27.90 -21.04 -27.06
N PHE B 557 28.31 -20.91 -25.80
CA PHE B 557 28.41 -19.60 -25.18
C PHE B 557 29.62 -18.87 -25.74
N LEU B 558 29.86 -17.69 -25.22
CA LEU B 558 31.04 -16.99 -25.64
C LEU B 558 31.96 -16.91 -24.43
N PRO B 559 33.31 -17.01 -24.62
CA PRO B 559 34.22 -17.36 -23.51
C PRO B 559 34.23 -16.50 -22.26
N PHE B 560 33.46 -15.42 -22.23
CA PHE B 560 33.28 -14.64 -21.03
C PHE B 560 31.88 -14.69 -20.48
N GLN B 561 30.92 -15.24 -21.22
CA GLN B 561 29.52 -15.18 -20.82
C GLN B 561 29.23 -16.25 -19.81
N GLN B 562 28.37 -15.92 -18.85
CA GLN B 562 28.25 -16.75 -17.67
C GLN B 562 26.94 -17.52 -17.60
N PHE B 563 25.83 -16.93 -18.01
CA PHE B 563 24.57 -17.66 -18.03
C PHE B 563 23.68 -17.03 -19.08
N GLY B 564 22.93 -17.85 -19.78
CA GLY B 564 22.12 -17.35 -20.86
C GLY B 564 20.66 -17.32 -20.51
N ARG B 565 19.99 -16.26 -20.97
CA ARG B 565 18.57 -16.11 -20.71
C ARG B 565 17.82 -16.01 -22.03
N ASP B 566 16.50 -16.04 -21.91
CA ASP B 566 15.61 -16.38 -23.00
C ASP B 566 15.21 -15.12 -23.76
N ILE B 567 14.17 -15.23 -24.58
CA ILE B 567 13.55 -14.06 -25.21
C ILE B 567 12.88 -13.18 -24.17
N ALA B 568 12.21 -13.77 -23.19
CA ALA B 568 11.83 -13.03 -22.00
C ALA B 568 13.02 -13.01 -21.05
N ASP B 569 12.79 -12.53 -19.83
CA ASP B 569 13.91 -12.35 -18.92
C ASP B 569 14.34 -13.65 -18.26
N THR B 570 13.63 -14.74 -18.50
CA THR B 570 13.86 -15.99 -17.79
C THR B 570 15.17 -16.62 -18.19
N THR B 571 15.91 -17.11 -17.20
CA THR B 571 17.18 -17.76 -17.49
C THR B 571 16.96 -19.11 -18.15
N ASP B 572 17.92 -19.51 -18.93
CA ASP B 572 17.76 -20.70 -19.74
C ASP B 572 18.95 -21.64 -19.66
N ALA B 573 20.15 -21.11 -19.49
CA ALA B 573 21.34 -21.93 -19.54
C ALA B 573 22.33 -21.36 -18.55
N VAL B 574 23.20 -22.19 -18.02
CA VAL B 574 24.26 -21.76 -17.11
C VAL B 574 25.56 -22.38 -17.58
N ARG B 575 26.62 -21.56 -17.67
CA ARG B 575 27.95 -22.10 -17.77
C ARG B 575 28.39 -22.56 -16.39
N ASP B 576 28.71 -23.82 -16.27
CA ASP B 576 28.99 -24.43 -14.99
C ASP B 576 30.41 -24.10 -14.53
N PRO B 577 30.59 -23.71 -13.27
CA PRO B 577 31.94 -23.68 -12.71
C PRO B 577 32.51 -25.08 -12.57
N GLN B 578 33.83 -25.14 -12.43
CA GLN B 578 34.70 -26.30 -12.31
C GLN B 578 34.86 -27.08 -13.62
N THR B 579 34.03 -26.85 -14.63
CA THR B 579 34.27 -27.56 -15.88
C THR B 579 33.96 -26.74 -17.12
N LEU B 580 33.43 -25.53 -16.91
CA LEU B 580 33.11 -24.57 -17.98
C LEU B 580 32.16 -25.17 -19.01
N GLU B 581 31.24 -26.02 -18.54
CA GLU B 581 30.29 -26.70 -19.40
C GLU B 581 29.00 -25.91 -19.45
N ILE B 582 28.34 -25.93 -20.59
CA ILE B 582 27.10 -25.19 -20.77
C ILE B 582 25.95 -26.12 -20.44
N LEU B 583 25.31 -25.89 -19.32
CA LEU B 583 24.11 -26.63 -18.98
C LEU B 583 22.92 -25.93 -19.59
N ASP B 584 21.74 -26.52 -19.41
CA ASP B 584 20.53 -26.06 -20.03
C ASP B 584 19.43 -26.29 -19.02
N ILE B 585 18.75 -25.23 -18.63
CA ILE B 585 17.76 -25.31 -17.57
C ILE B 585 16.37 -25.46 -18.18
N THR B 586 15.76 -26.59 -17.95
CA THR B 586 14.37 -26.77 -18.25
C THR B 586 13.57 -26.60 -16.97
N PRO B 587 12.44 -25.92 -16.93
CA PRO B 587 11.64 -25.94 -15.71
C PRO B 587 11.00 -27.30 -15.54
N CYS B 588 11.17 -27.87 -14.35
CA CYS B 588 10.71 -29.24 -14.15
C CYS B 588 9.20 -29.27 -14.09
N SER B 589 8.65 -30.42 -14.48
CA SER B 589 7.35 -30.50 -15.13
C SER B 589 6.21 -30.07 -14.23
N PHE B 590 5.21 -29.49 -14.86
CA PHE B 590 4.00 -29.07 -14.18
C PHE B 590 2.88 -29.14 -15.20
N GLY B 591 1.66 -29.23 -14.70
CA GLY B 591 0.54 -29.26 -15.61
C GLY B 591 -0.73 -29.65 -14.91
N GLY B 592 -1.87 -29.29 -15.46
CA GLY B 592 -3.12 -29.61 -14.83
C GLY B 592 -3.43 -31.09 -14.93
N VAL B 593 -4.18 -31.56 -13.95
CA VAL B 593 -4.60 -32.94 -13.88
C VAL B 593 -6.09 -32.96 -14.15
N SER B 594 -6.49 -33.55 -15.25
CA SER B 594 -7.89 -33.66 -15.60
C SER B 594 -8.32 -35.10 -15.37
N VAL B 595 -9.60 -35.31 -15.15
CA VAL B 595 -10.11 -36.64 -14.84
C VAL B 595 -11.20 -36.98 -15.84
N ILE B 596 -10.96 -38.01 -16.63
CA ILE B 596 -11.96 -38.54 -17.54
C ILE B 596 -12.94 -39.35 -16.72
N THR B 597 -14.22 -39.01 -16.79
CA THR B 597 -15.19 -39.88 -16.18
C THR B 597 -16.36 -40.12 -17.12
N PRO B 598 -16.95 -41.29 -17.08
CA PRO B 598 -18.15 -41.54 -17.88
C PRO B 598 -19.43 -41.23 -17.13
N GLY B 599 -19.30 -40.49 -16.04
CA GLY B 599 -20.47 -40.17 -15.24
C GLY B 599 -20.67 -41.22 -14.16
N THR B 600 -21.01 -40.80 -12.96
CA THR B 600 -21.17 -41.77 -11.89
C THR B 600 -22.44 -42.57 -11.99
N ASN B 601 -23.33 -42.23 -12.91
CA ASN B 601 -24.49 -43.07 -13.16
C ASN B 601 -24.21 -44.16 -14.18
N THR B 602 -22.98 -44.32 -14.57
CA THR B 602 -22.60 -45.45 -15.39
C THR B 602 -21.53 -46.32 -14.75
N SER B 603 -20.48 -45.70 -14.22
CA SER B 603 -19.41 -46.44 -13.58
C SER B 603 -18.72 -45.50 -12.61
N ASN B 604 -17.82 -46.06 -11.81
CA ASN B 604 -16.93 -45.26 -10.99
C ASN B 604 -15.49 -45.39 -11.46
N GLN B 605 -15.27 -45.97 -12.62
CA GLN B 605 -13.94 -45.93 -13.22
C GLN B 605 -13.64 -44.53 -13.71
N VAL B 606 -12.40 -44.11 -13.56
CA VAL B 606 -11.95 -42.86 -14.13
C VAL B 606 -10.63 -43.10 -14.83
N ALA B 607 -10.32 -42.26 -15.80
CA ALA B 607 -8.98 -42.14 -16.30
C ALA B 607 -8.45 -40.79 -15.86
N VAL B 608 -7.14 -40.64 -15.86
CA VAL B 608 -6.54 -39.38 -15.45
C VAL B 608 -5.62 -38.91 -16.56
N LEU B 609 -5.81 -37.68 -16.99
CA LEU B 609 -4.96 -37.06 -17.98
C LEU B 609 -4.05 -36.08 -17.27
N TYR B 610 -2.77 -36.25 -17.40
CA TYR B 610 -1.80 -35.30 -16.91
C TYR B 610 -1.41 -34.42 -18.08
N GLN B 611 -1.82 -33.17 -18.05
CA GLN B 611 -1.77 -32.32 -19.25
C GLN B 611 -0.35 -31.86 -19.51
N GLY B 612 0.25 -32.40 -20.54
CA GLY B 612 1.49 -31.86 -21.05
C GLY B 612 2.75 -32.40 -20.41
N VAL B 613 2.69 -33.52 -19.72
CA VAL B 613 3.88 -34.10 -19.15
C VAL B 613 4.19 -35.38 -19.92
N ASN B 614 5.44 -35.82 -19.83
CA ASN B 614 5.82 -37.08 -20.43
C ASN B 614 5.28 -38.23 -19.60
N CYS B 615 5.21 -39.41 -20.20
CA CYS B 615 4.75 -40.57 -19.42
C CYS B 615 5.94 -41.29 -18.81
N THR B 616 6.87 -40.53 -18.25
CA THR B 616 8.00 -41.07 -17.54
C THR B 616 8.09 -40.39 -16.20
N GLU B 617 7.15 -39.52 -15.90
CA GLU B 617 7.24 -38.60 -14.78
C GLU B 617 6.03 -38.76 -13.88
N VAL B 618 5.44 -39.95 -13.88
CA VAL B 618 4.29 -40.35 -13.06
C VAL B 618 3.11 -39.44 -13.30
N THR B 636 -2.99 -43.88 -10.41
CA THR B 636 -2.39 -45.18 -10.12
C THR B 636 -2.17 -45.98 -11.40
N GLY B 637 -0.90 -46.36 -11.63
CA GLY B 637 -0.46 -46.95 -12.88
C GLY B 637 -1.06 -48.28 -13.26
N SER B 638 -1.86 -48.29 -14.32
CA SER B 638 -2.39 -49.51 -14.91
C SER B 638 -1.91 -49.70 -16.34
N ASN B 639 -2.21 -48.75 -17.20
CA ASN B 639 -1.78 -48.76 -18.60
C ASN B 639 -1.67 -47.32 -19.11
N VAL B 640 -0.45 -46.78 -19.00
CA VAL B 640 -0.21 -45.41 -19.40
C VAL B 640 -0.23 -45.31 -20.91
N PHE B 641 -0.45 -44.11 -21.42
CA PHE B 641 -0.62 -43.90 -22.84
C PHE B 641 -0.21 -42.47 -23.14
N GLN B 642 0.84 -42.28 -23.91
CA GLN B 642 1.24 -40.94 -24.30
C GLN B 642 0.32 -40.46 -25.40
N THR B 643 -0.07 -39.18 -25.36
CA THR B 643 -1.18 -38.73 -26.18
C THR B 643 -0.90 -37.56 -27.09
N ARG B 644 0.16 -36.78 -26.82
CA ARG B 644 0.51 -35.45 -27.36
C ARG B 644 -0.39 -34.37 -26.75
N ALA B 645 -1.43 -34.74 -26.03
CA ALA B 645 -2.13 -33.84 -25.15
C ALA B 645 -1.67 -33.98 -23.71
N GLY B 646 -1.01 -35.07 -23.37
CA GLY B 646 -0.53 -35.31 -22.03
C GLY B 646 -0.21 -36.77 -21.81
N CYS B 647 -0.50 -37.28 -20.62
CA CYS B 647 -0.27 -38.67 -20.31
C CYS B 647 -1.58 -39.22 -19.77
N LEU B 648 -2.17 -40.16 -20.47
CA LEU B 648 -3.45 -40.73 -20.09
C LEU B 648 -3.19 -42.01 -19.33
N ILE B 649 -3.62 -42.05 -18.08
CA ILE B 649 -3.42 -43.19 -17.20
C ILE B 649 -4.77 -43.74 -16.84
N GLY B 650 -4.99 -45.00 -17.12
CA GLY B 650 -6.24 -45.62 -16.77
C GLY B 650 -7.22 -45.78 -17.91
N ALA B 651 -6.84 -45.39 -19.11
CA ALA B 651 -7.65 -45.61 -20.30
C ALA B 651 -6.87 -46.47 -21.26
N GLU B 652 -7.55 -47.42 -21.88
CA GLU B 652 -6.92 -48.42 -22.72
C GLU B 652 -6.95 -47.97 -24.16
N HIS B 653 -5.78 -47.84 -24.78
CA HIS B 653 -5.69 -47.27 -26.11
C HIS B 653 -6.10 -48.32 -27.15
N VAL B 654 -7.09 -47.99 -27.94
CA VAL B 654 -7.57 -48.88 -28.98
C VAL B 654 -7.24 -48.25 -30.33
N ASN B 655 -7.29 -49.04 -31.40
CA ASN B 655 -7.04 -48.56 -32.75
C ASN B 655 -8.32 -48.27 -33.48
N ASN B 656 -9.42 -48.82 -32.98
CA ASN B 656 -10.69 -48.64 -33.65
C ASN B 656 -11.24 -47.25 -33.40
N SER B 657 -11.23 -46.41 -34.43
CA SER B 657 -11.68 -45.03 -34.32
C SER B 657 -13.20 -44.96 -34.22
N TYR B 658 -13.68 -44.12 -33.32
CA TYR B 658 -15.12 -43.89 -33.19
C TYR B 658 -15.42 -42.40 -33.22
N GLU B 659 -16.66 -42.04 -32.92
CA GLU B 659 -17.07 -40.66 -32.85
C GLU B 659 -16.84 -40.13 -31.45
N CYS B 660 -16.43 -38.87 -31.34
CA CYS B 660 -15.95 -38.35 -30.06
C CYS B 660 -17.07 -38.17 -29.05
N ASP B 661 -16.80 -38.52 -27.82
CA ASP B 661 -17.75 -38.12 -26.78
C ASP B 661 -17.11 -37.39 -25.63
N ILE B 662 -15.93 -37.81 -25.18
CA ILE B 662 -15.18 -37.08 -24.18
C ILE B 662 -13.90 -36.58 -24.81
N PRO B 663 -13.86 -35.31 -25.22
CA PRO B 663 -12.70 -34.82 -25.95
C PRO B 663 -11.51 -34.61 -25.04
N ILE B 664 -10.38 -35.19 -25.41
CA ILE B 664 -9.14 -35.05 -24.66
C ILE B 664 -8.24 -34.01 -25.29
N GLY B 665 -7.94 -34.16 -26.55
CA GLY B 665 -7.12 -33.18 -27.23
C GLY B 665 -6.20 -33.85 -28.21
N ALA B 666 -5.82 -33.10 -29.23
CA ALA B 666 -4.95 -33.54 -30.32
C ALA B 666 -5.50 -34.77 -31.03
N GLY B 667 -6.81 -34.86 -31.12
CA GLY B 667 -7.41 -35.93 -31.85
C GLY B 667 -7.88 -37.11 -31.03
N ILE B 668 -7.54 -37.16 -29.75
CA ILE B 668 -7.86 -38.29 -28.90
C ILE B 668 -9.18 -38.01 -28.21
N CYS B 669 -10.03 -39.03 -28.10
CA CYS B 669 -11.26 -38.95 -27.34
C CYS B 669 -11.37 -40.15 -26.42
N ALA B 670 -12.47 -40.25 -25.70
CA ALA B 670 -12.65 -41.37 -24.79
C ALA B 670 -14.10 -41.80 -24.64
N VAL B 685 -16.70 -44.70 -21.96
CA VAL B 685 -16.75 -46.08 -21.52
C VAL B 685 -17.43 -46.83 -22.65
N ALA B 686 -16.95 -48.04 -22.94
CA ALA B 686 -17.50 -48.81 -24.05
C ALA B 686 -17.18 -50.26 -23.77
N SER B 687 -18.24 -51.04 -23.50
CA SER B 687 -18.16 -52.45 -23.07
C SER B 687 -17.25 -52.58 -21.84
N GLN B 688 -17.75 -51.98 -20.75
CA GLN B 688 -17.22 -52.05 -19.37
C GLN B 688 -15.73 -51.75 -19.25
N SER B 689 -15.24 -50.79 -20.04
CA SER B 689 -13.88 -50.26 -19.87
C SER B 689 -13.81 -48.89 -20.52
N ILE B 690 -12.85 -48.08 -20.07
CA ILE B 690 -12.65 -46.76 -20.64
C ILE B 690 -11.57 -46.84 -21.70
N ILE B 691 -11.92 -46.50 -22.94
CA ILE B 691 -11.01 -46.60 -24.06
C ILE B 691 -10.57 -45.22 -24.47
N ALA B 692 -9.50 -45.16 -25.24
CA ALA B 692 -9.01 -43.91 -25.80
C ALA B 692 -8.65 -44.16 -27.25
N TYR B 693 -9.26 -43.40 -28.15
CA TYR B 693 -9.10 -43.62 -29.58
C TYR B 693 -8.84 -42.30 -30.26
N THR B 694 -8.28 -42.35 -31.45
CA THR B 694 -8.23 -41.20 -32.34
C THR B 694 -9.61 -41.07 -32.97
N MET B 695 -10.21 -39.88 -32.90
CA MET B 695 -11.62 -39.79 -33.24
C MET B 695 -11.84 -39.84 -34.73
N SER B 696 -13.04 -40.26 -35.10
CA SER B 696 -13.44 -40.33 -36.49
C SER B 696 -14.26 -39.11 -36.85
N LEU B 697 -14.08 -38.64 -38.05
CA LEU B 697 -14.81 -37.47 -38.49
C LEU B 697 -16.14 -37.80 -39.14
N GLY B 698 -16.37 -39.05 -39.48
CA GLY B 698 -17.63 -39.44 -40.06
C GLY B 698 -17.44 -40.58 -41.03
N ALA B 699 -18.56 -41.07 -41.53
CA ALA B 699 -18.54 -42.21 -42.43
C ALA B 699 -18.11 -41.76 -43.82
N GLU B 700 -17.11 -42.42 -44.38
CA GLU B 700 -16.65 -42.04 -45.70
C GLU B 700 -17.58 -42.58 -46.76
N ASN B 701 -18.03 -41.72 -47.65
CA ASN B 701 -18.67 -42.22 -48.88
C ASN B 701 -18.12 -41.47 -50.06
N SER B 702 -17.90 -42.18 -51.14
CA SER B 702 -17.65 -41.56 -52.43
C SER B 702 -18.95 -41.55 -53.19
N VAL B 703 -19.43 -40.39 -53.47
CA VAL B 703 -20.65 -40.27 -54.24
C VAL B 703 -20.33 -40.57 -55.69
N ALA B 704 -21.22 -41.29 -56.35
CA ALA B 704 -20.90 -41.89 -57.65
C ALA B 704 -20.86 -40.86 -58.75
N TYR B 705 -19.82 -40.04 -58.76
CA TYR B 705 -19.71 -39.01 -59.76
C TYR B 705 -19.33 -39.59 -61.10
N SER B 706 -19.98 -39.10 -62.14
CA SER B 706 -19.53 -39.25 -63.50
C SER B 706 -20.12 -38.11 -64.29
N ASN B 707 -19.47 -37.75 -65.38
CA ASN B 707 -20.08 -36.89 -66.37
C ASN B 707 -21.23 -37.73 -66.91
N ASN B 708 -22.39 -37.11 -67.01
CA ASN B 708 -23.72 -37.56 -67.44
C ASN B 708 -24.46 -38.46 -66.45
N SER B 709 -24.29 -38.26 -65.16
CA SER B 709 -25.20 -38.94 -64.24
C SER B 709 -25.63 -37.98 -63.16
N ILE B 710 -26.94 -37.83 -62.92
CA ILE B 710 -27.39 -37.15 -61.72
C ILE B 710 -28.24 -38.11 -60.93
N ALA B 711 -28.44 -37.78 -59.67
CA ALA B 711 -29.41 -38.42 -58.82
C ALA B 711 -30.51 -37.42 -58.52
N ILE B 712 -31.75 -37.82 -58.72
CA ILE B 712 -32.88 -36.96 -58.39
C ILE B 712 -33.69 -37.64 -57.30
N PRO B 713 -34.09 -36.90 -56.28
CA PRO B 713 -34.96 -37.45 -55.25
C PRO B 713 -36.31 -37.85 -55.78
N THR B 714 -36.85 -38.93 -55.27
CA THR B 714 -38.18 -39.33 -55.63
C THR B 714 -39.18 -39.16 -54.51
N ASN B 715 -38.73 -38.74 -53.34
CA ASN B 715 -39.61 -38.58 -52.20
C ASN B 715 -38.98 -37.54 -51.30
N PHE B 716 -39.61 -37.29 -50.16
CA PHE B 716 -39.06 -36.33 -49.23
C PHE B 716 -39.46 -36.72 -47.82
N THR B 717 -38.76 -36.15 -46.86
CA THR B 717 -39.22 -36.13 -45.49
C THR B 717 -39.38 -34.68 -45.12
N ILE B 718 -40.24 -34.41 -44.15
CA ILE B 718 -40.37 -33.09 -43.59
C ILE B 718 -39.86 -33.14 -42.17
N SER B 719 -38.83 -32.36 -41.89
CA SER B 719 -38.12 -32.48 -40.65
C SER B 719 -38.30 -31.21 -39.86
N VAL B 720 -38.72 -31.33 -38.62
CA VAL B 720 -38.83 -30.21 -37.71
C VAL B 720 -37.68 -30.31 -36.75
N THR B 721 -36.73 -29.40 -36.86
CA THR B 721 -35.61 -29.36 -35.93
C THR B 721 -35.85 -28.22 -34.96
N THR B 722 -35.08 -28.16 -33.89
CA THR B 722 -35.22 -27.08 -32.94
C THR B 722 -33.91 -26.33 -32.84
N GLU B 723 -34.00 -25.06 -32.52
CA GLU B 723 -32.84 -24.24 -32.23
C GLU B 723 -33.14 -23.40 -31.01
N ILE B 724 -32.33 -23.52 -29.99
CA ILE B 724 -32.55 -22.85 -28.72
C ILE B 724 -31.56 -21.71 -28.63
N LEU B 725 -32.05 -20.50 -28.42
CA LEU B 725 -31.19 -19.34 -28.36
C LEU B 725 -31.48 -18.55 -27.09
N PRO B 726 -30.48 -18.25 -26.27
CA PRO B 726 -30.70 -17.37 -25.14
C PRO B 726 -30.94 -15.96 -25.60
N VAL B 727 -31.71 -15.20 -24.82
CA VAL B 727 -32.16 -13.88 -25.22
C VAL B 727 -31.82 -12.85 -24.13
N SER B 728 -32.08 -13.18 -22.88
CA SER B 728 -31.85 -12.21 -21.82
C SER B 728 -31.28 -12.91 -20.59
N MET B 729 -30.71 -12.13 -19.69
CA MET B 729 -30.21 -12.61 -18.41
C MET B 729 -31.11 -12.09 -17.31
N THR B 730 -30.76 -12.39 -16.07
CA THR B 730 -31.45 -11.77 -14.96
C THR B 730 -30.87 -10.40 -14.73
N LYS B 731 -31.72 -9.45 -14.41
CA LYS B 731 -31.30 -8.06 -14.27
C LYS B 731 -30.91 -7.85 -12.83
N THR B 732 -29.71 -8.23 -12.46
CA THR B 732 -29.27 -7.95 -11.11
C THR B 732 -28.74 -6.53 -11.03
N SER B 733 -28.80 -5.99 -9.82
CA SER B 733 -28.18 -4.72 -9.50
C SER B 733 -27.64 -4.83 -8.10
N VAL B 734 -26.38 -4.43 -7.91
CA VAL B 734 -25.72 -4.55 -6.63
C VAL B 734 -25.31 -3.16 -6.17
N ASP B 735 -25.91 -2.71 -5.09
CA ASP B 735 -25.49 -1.50 -4.42
C ASP B 735 -24.11 -1.70 -3.83
N CYS B 736 -23.20 -0.76 -4.07
CA CYS B 736 -21.86 -0.86 -3.49
C CYS B 736 -21.89 -0.77 -1.98
N THR B 737 -22.38 0.36 -1.47
CA THR B 737 -22.19 0.73 -0.07
C THR B 737 -22.82 -0.29 0.87
N MET B 738 -23.90 -0.94 0.46
CA MET B 738 -24.36 -2.04 1.27
C MET B 738 -23.52 -3.29 1.05
N TYR B 739 -23.01 -3.52 -0.16
CA TYR B 739 -22.15 -4.68 -0.38
C TYR B 739 -20.80 -4.48 0.26
N ILE B 740 -20.13 -3.39 -0.09
CA ILE B 740 -18.74 -3.22 0.29
C ILE B 740 -18.59 -2.79 1.73
N CYS B 741 -19.63 -2.26 2.36
CA CYS B 741 -19.47 -1.68 3.68
C CYS B 741 -20.59 -2.01 4.65
N GLY B 742 -21.64 -2.70 4.22
CA GLY B 742 -22.72 -3.03 5.13
C GLY B 742 -23.45 -1.79 5.61
N ASP B 743 -23.47 -1.63 6.92
CA ASP B 743 -23.98 -0.44 7.56
C ASP B 743 -22.92 0.34 8.35
N SER B 744 -21.66 -0.03 8.24
CA SER B 744 -20.61 0.63 9.00
C SER B 744 -20.30 1.99 8.39
N THR B 745 -20.64 3.05 9.11
CA THR B 745 -20.40 4.40 8.62
C THR B 745 -18.93 4.75 8.59
N GLU B 746 -18.11 4.06 9.39
CA GLU B 746 -16.66 4.19 9.26
C GLU B 746 -16.22 3.70 7.90
N CYS B 747 -16.73 2.55 7.48
CA CYS B 747 -16.43 2.02 6.15
C CYS B 747 -16.96 2.94 5.06
N SER B 748 -18.17 3.47 5.24
CA SER B 748 -18.75 4.32 4.21
C SER B 748 -17.96 5.61 4.05
N ASN B 749 -17.65 6.27 5.16
CA ASN B 749 -16.89 7.50 5.13
C ASN B 749 -15.47 7.28 4.66
N LEU B 750 -14.94 6.09 4.85
CA LEU B 750 -13.63 5.80 4.31
C LEU B 750 -13.72 5.35 2.85
N LEU B 751 -14.92 5.05 2.38
CA LEU B 751 -15.14 4.72 0.98
C LEU B 751 -15.36 5.94 0.11
N LEU B 752 -15.91 7.04 0.66
CA LEU B 752 -16.12 8.26 -0.12
C LEU B 752 -14.85 8.81 -0.77
N GLN B 753 -13.70 8.54 -0.19
CA GLN B 753 -12.47 9.04 -0.78
C GLN B 753 -11.97 8.19 -1.93
N TYR B 754 -12.67 7.14 -2.29
CA TYR B 754 -12.33 6.36 -3.48
C TYR B 754 -12.99 6.91 -4.72
N GLY B 755 -13.84 7.92 -4.60
CA GLY B 755 -14.35 8.58 -5.77
C GLY B 755 -15.59 7.94 -6.35
N SER B 756 -15.70 8.01 -7.67
CA SER B 756 -16.92 7.70 -8.39
C SER B 756 -16.95 6.26 -8.90
N PHE B 757 -16.22 5.36 -8.25
CA PHE B 757 -16.22 3.95 -8.63
C PHE B 757 -17.60 3.34 -8.49
N CYS B 758 -18.32 3.71 -7.46
CA CYS B 758 -19.60 3.05 -7.28
C CYS B 758 -20.71 3.62 -8.13
N THR B 759 -20.67 4.89 -8.48
CA THR B 759 -21.63 5.32 -9.47
C THR B 759 -21.27 4.79 -10.85
N GLN B 760 -19.98 4.54 -11.12
CA GLN B 760 -19.59 3.84 -12.34
C GLN B 760 -20.16 2.44 -12.38
N LEU B 761 -20.05 1.71 -11.27
CA LEU B 761 -20.48 0.33 -11.24
C LEU B 761 -21.99 0.20 -11.33
N ASN B 762 -22.72 1.08 -10.64
CA ASN B 762 -24.16 1.03 -10.75
C ASN B 762 -24.64 1.48 -12.12
N ARG B 763 -23.92 2.41 -12.75
CA ARG B 763 -24.27 2.79 -14.11
C ARG B 763 -24.04 1.64 -15.09
N ALA B 764 -22.97 0.87 -14.89
CA ALA B 764 -22.71 -0.28 -15.76
C ALA B 764 -23.77 -1.35 -15.61
N LEU B 765 -24.12 -1.69 -14.37
CA LEU B 765 -25.13 -2.71 -14.17
C LEU B 765 -26.51 -2.24 -14.59
N THR B 766 -26.80 -0.95 -14.47
CA THR B 766 -28.07 -0.44 -14.97
C THR B 766 -28.11 -0.48 -16.49
N GLY B 767 -26.97 -0.26 -17.15
CA GLY B 767 -26.93 -0.40 -18.59
C GLY B 767 -27.19 -1.82 -19.05
N ILE B 768 -26.63 -2.79 -18.34
CA ILE B 768 -26.91 -4.20 -18.62
C ILE B 768 -28.39 -4.50 -18.44
N ALA B 769 -28.95 -4.01 -17.33
CA ALA B 769 -30.33 -4.33 -16.99
C ALA B 769 -31.31 -3.70 -17.98
N VAL B 770 -31.06 -2.48 -18.43
CA VAL B 770 -31.98 -1.90 -19.41
C VAL B 770 -31.76 -2.55 -20.77
N GLU B 771 -30.58 -3.13 -21.01
CA GLU B 771 -30.37 -3.81 -22.28
C GLU B 771 -31.10 -5.13 -22.34
N GLN B 772 -31.33 -5.80 -21.21
CA GLN B 772 -32.02 -7.09 -21.24
C GLN B 772 -33.47 -6.97 -21.72
N ASP B 773 -34.14 -5.91 -21.30
CA ASP B 773 -35.51 -5.69 -21.77
C ASP B 773 -35.55 -5.32 -23.24
N LYS B 774 -34.52 -4.63 -23.72
CA LYS B 774 -34.42 -4.33 -25.13
C LYS B 774 -34.18 -5.57 -25.94
N ASN B 775 -33.40 -6.51 -25.40
CA ASN B 775 -33.19 -7.81 -26.04
C ASN B 775 -34.49 -8.55 -26.23
N THR B 776 -35.27 -8.66 -25.15
CA THR B 776 -36.54 -9.36 -25.24
C THR B 776 -37.52 -8.68 -26.19
N GLN B 777 -37.58 -7.36 -26.17
CA GLN B 777 -38.64 -6.77 -26.98
C GLN B 777 -38.20 -6.64 -28.43
N GLU B 778 -36.92 -6.75 -28.72
CA GLU B 778 -36.60 -6.79 -30.12
C GLU B 778 -36.58 -8.19 -30.67
N VAL B 779 -36.55 -9.21 -29.83
CA VAL B 779 -36.79 -10.55 -30.36
C VAL B 779 -38.27 -10.79 -30.58
N PHE B 780 -39.09 -10.60 -29.55
CA PHE B 780 -40.46 -11.07 -29.63
C PHE B 780 -41.43 -10.05 -30.17
N ALA B 781 -41.26 -8.77 -29.87
CA ALA B 781 -42.27 -7.78 -30.21
C ALA B 781 -42.10 -7.28 -31.65
N GLN B 782 -42.25 -8.21 -32.58
CA GLN B 782 -42.16 -7.87 -33.98
C GLN B 782 -43.51 -7.92 -34.68
N VAL B 783 -44.58 -8.05 -33.92
CA VAL B 783 -45.91 -7.90 -34.46
C VAL B 783 -46.50 -6.62 -33.92
N LYS B 784 -47.10 -5.84 -34.80
CA LYS B 784 -47.80 -4.66 -34.34
C LYS B 784 -49.11 -5.03 -33.67
N GLN B 785 -49.71 -6.15 -34.08
CA GLN B 785 -51.04 -6.53 -33.69
C GLN B 785 -51.02 -7.94 -33.13
N ILE B 786 -51.95 -8.24 -32.26
CA ILE B 786 -52.05 -9.54 -31.64
C ILE B 786 -53.06 -10.36 -32.43
N TYR B 787 -52.59 -11.27 -33.26
CA TYR B 787 -53.45 -12.10 -34.06
C TYR B 787 -53.93 -13.27 -33.24
N LYS B 788 -55.09 -13.79 -33.59
CA LYS B 788 -55.63 -14.96 -32.93
C LYS B 788 -56.00 -15.99 -33.98
N THR B 789 -55.69 -17.23 -33.70
CA THR B 789 -56.06 -18.30 -34.60
C THR B 789 -57.56 -18.54 -34.51
N PRO B 790 -58.22 -18.93 -35.60
CA PRO B 790 -59.66 -19.09 -35.58
C PRO B 790 -60.06 -20.26 -34.69
N PRO B 791 -61.24 -20.21 -34.06
CA PRO B 791 -61.58 -21.22 -33.06
C PRO B 791 -61.80 -22.60 -33.61
N ILE B 792 -62.04 -22.74 -34.91
CA ILE B 792 -62.05 -24.06 -35.54
C ILE B 792 -60.72 -24.25 -36.26
N LYS B 793 -60.05 -25.33 -35.94
CA LYS B 793 -58.71 -25.58 -36.45
C LYS B 793 -58.79 -26.56 -37.62
N ASP B 794 -59.17 -26.02 -38.77
CA ASP B 794 -59.16 -26.77 -40.01
C ASP B 794 -58.06 -26.20 -40.88
N PHE B 795 -56.86 -26.71 -40.71
CA PHE B 795 -55.72 -26.28 -41.50
C PHE B 795 -55.31 -27.36 -42.49
N GLY B 796 -56.28 -28.03 -43.07
CA GLY B 796 -56.00 -28.95 -44.14
C GLY B 796 -55.34 -30.23 -43.74
N GLY B 797 -55.35 -30.58 -42.47
CA GLY B 797 -54.71 -31.79 -42.00
C GLY B 797 -53.52 -31.55 -41.11
N PHE B 798 -53.04 -30.32 -41.02
CA PHE B 798 -51.89 -30.02 -40.20
C PHE B 798 -52.35 -29.78 -38.78
N ASN B 799 -51.64 -30.37 -37.84
CA ASN B 799 -51.99 -30.31 -36.43
C ASN B 799 -51.08 -29.47 -35.58
N PHE B 800 -51.31 -28.17 -35.57
CA PHE B 800 -50.52 -27.30 -34.70
C PHE B 800 -51.21 -27.28 -33.35
N SER B 801 -51.21 -28.38 -32.65
CA SER B 801 -51.85 -28.34 -31.36
C SER B 801 -50.75 -28.31 -30.31
N GLN B 802 -49.59 -28.81 -30.69
CA GLN B 802 -48.45 -28.79 -29.81
C GLN B 802 -47.77 -27.44 -29.73
N ILE B 803 -48.08 -26.51 -30.61
CA ILE B 803 -47.46 -25.20 -30.58
C ILE B 803 -48.46 -24.09 -30.32
N LEU B 804 -49.69 -24.27 -30.64
CA LEU B 804 -50.70 -23.28 -30.29
C LEU B 804 -50.98 -23.32 -28.80
N PRO B 805 -51.38 -22.19 -28.20
CA PRO B 805 -51.58 -22.16 -26.75
C PRO B 805 -52.75 -23.01 -26.31
N ASP B 806 -52.62 -23.59 -25.13
CA ASP B 806 -53.64 -24.45 -24.57
C ASP B 806 -54.55 -23.63 -23.68
N PRO B 807 -55.82 -23.46 -24.02
CA PRO B 807 -56.71 -22.68 -23.15
C PRO B 807 -57.17 -23.44 -21.94
N SER B 808 -57.12 -24.77 -21.99
CA SER B 808 -57.59 -25.61 -20.90
C SER B 808 -56.47 -25.96 -19.93
N LYS B 809 -55.80 -24.91 -19.43
CA LYS B 809 -54.74 -24.91 -18.43
C LYS B 809 -54.47 -23.46 -18.10
N PRO B 810 -53.87 -23.10 -16.98
CA PRO B 810 -53.48 -21.70 -16.78
C PRO B 810 -52.17 -21.35 -17.48
N SER B 811 -51.88 -20.04 -17.48
CA SER B 811 -50.75 -19.36 -18.11
C SER B 811 -50.80 -19.34 -19.64
N LYS B 812 -51.76 -20.08 -20.22
CA LYS B 812 -52.11 -20.04 -21.64
C LYS B 812 -50.92 -20.31 -22.54
N ARG B 813 -50.25 -21.42 -22.30
CA ARG B 813 -49.07 -21.79 -23.06
C ARG B 813 -49.31 -23.09 -23.80
N SER B 814 -48.51 -23.30 -24.81
CA SER B 814 -48.56 -24.51 -25.59
C SER B 814 -47.99 -25.65 -24.79
N PRO B 815 -48.24 -26.89 -25.19
CA PRO B 815 -47.56 -28.02 -24.57
C PRO B 815 -46.05 -27.92 -24.61
N ILE B 816 -45.48 -27.48 -25.73
CA ILE B 816 -44.03 -27.42 -25.82
C ILE B 816 -43.48 -26.31 -24.94
N GLU B 817 -44.16 -25.18 -24.87
CA GLU B 817 -43.72 -24.12 -23.95
C GLU B 817 -43.85 -24.54 -22.50
N ASP B 818 -44.83 -25.39 -22.19
CA ASP B 818 -44.92 -25.98 -20.85
C ASP B 818 -43.71 -26.82 -20.54
N LEU B 819 -43.31 -27.68 -21.45
CA LEU B 819 -42.16 -28.49 -21.11
C LEU B 819 -40.87 -27.71 -21.14
N LEU B 820 -40.81 -26.62 -21.90
CA LEU B 820 -39.65 -25.76 -21.84
C LEU B 820 -39.58 -25.03 -20.50
N PHE B 821 -40.72 -24.64 -19.93
CA PHE B 821 -40.61 -24.01 -18.61
C PHE B 821 -40.37 -25.03 -17.51
N ASN B 822 -40.93 -26.22 -17.62
CA ASN B 822 -40.70 -27.19 -16.56
C ASN B 822 -39.32 -27.82 -16.62
N LYS B 823 -38.64 -27.78 -17.77
CA LYS B 823 -37.31 -28.37 -17.86
C LYS B 823 -36.19 -27.40 -17.58
N VAL B 824 -36.47 -26.12 -17.38
CA VAL B 824 -35.44 -25.17 -16.98
C VAL B 824 -35.72 -24.75 -15.55
N THR B 825 -34.80 -25.07 -14.65
CA THR B 825 -34.98 -24.82 -13.22
C THR B 825 -34.08 -23.66 -12.81
N LEU B 826 -34.71 -22.60 -12.31
CA LEU B 826 -34.01 -21.40 -11.88
C LEU B 826 -33.19 -21.67 -10.61
N GLN B 851 -33.66 -15.07 -2.92
CA GLN B 851 -32.27 -14.68 -2.88
C GLN B 851 -32.14 -13.16 -2.94
N LYS B 852 -32.26 -12.52 -1.77
CA LYS B 852 -32.14 -11.06 -1.68
C LYS B 852 -31.35 -10.78 -0.40
N PHE B 853 -30.10 -10.37 -0.57
CA PHE B 853 -29.15 -10.28 0.52
C PHE B 853 -28.29 -9.04 0.39
N ASN B 854 -27.09 -9.09 0.95
CA ASN B 854 -26.28 -7.92 1.23
C ASN B 854 -25.76 -7.17 0.00
N GLY B 855 -26.66 -6.39 -0.59
CA GLY B 855 -26.38 -5.60 -1.75
C GLY B 855 -27.12 -6.04 -2.98
N LEU B 856 -27.41 -7.32 -3.11
CA LEU B 856 -27.97 -7.86 -4.33
C LEU B 856 -29.46 -7.59 -4.40
N THR B 857 -29.92 -7.17 -5.58
CA THR B 857 -31.35 -7.20 -5.85
C THR B 857 -31.55 -7.63 -7.29
N VAL B 858 -32.63 -8.32 -7.53
CA VAL B 858 -32.93 -8.89 -8.83
C VAL B 858 -34.17 -8.21 -9.36
N LEU B 859 -33.99 -7.31 -10.31
CA LEU B 859 -35.10 -6.59 -10.88
C LEU B 859 -35.90 -7.53 -11.77
N PRO B 860 -37.23 -7.49 -11.70
CA PRO B 860 -38.02 -8.37 -12.54
C PRO B 860 -37.97 -7.89 -13.98
N PRO B 861 -38.12 -8.78 -14.94
CA PRO B 861 -38.12 -8.36 -16.34
C PRO B 861 -39.38 -7.59 -16.68
N LEU B 862 -39.26 -6.73 -17.67
CA LEU B 862 -40.37 -5.86 -18.03
C LEU B 862 -41.52 -6.63 -18.66
N LEU B 863 -41.23 -7.53 -19.57
CA LEU B 863 -42.26 -8.38 -20.14
C LEU B 863 -42.39 -9.63 -19.31
N THR B 864 -43.56 -9.84 -18.71
CA THR B 864 -43.82 -11.07 -18.00
C THR B 864 -43.94 -12.23 -18.98
N ASP B 865 -43.79 -13.44 -18.45
CA ASP B 865 -43.89 -14.63 -19.28
C ASP B 865 -45.28 -14.81 -19.87
N GLU B 866 -46.30 -14.33 -19.20
CA GLU B 866 -47.64 -14.32 -19.76
C GLU B 866 -47.75 -13.38 -20.95
N MET B 867 -46.86 -12.41 -21.05
CA MET B 867 -46.88 -11.46 -22.15
C MET B 867 -45.96 -11.89 -23.28
N ILE B 868 -44.83 -12.52 -22.96
CA ILE B 868 -43.99 -13.11 -23.98
C ILE B 868 -44.71 -14.26 -24.67
N ALA B 869 -45.45 -15.06 -23.92
CA ALA B 869 -46.23 -16.11 -24.56
C ALA B 869 -47.36 -15.54 -25.41
N GLN B 870 -47.84 -14.35 -25.09
CA GLN B 870 -48.87 -13.75 -25.93
C GLN B 870 -48.30 -13.23 -27.24
N TYR B 871 -47.14 -12.58 -27.19
CA TYR B 871 -46.35 -12.32 -28.39
C TYR B 871 -46.13 -13.54 -29.24
N THR B 872 -45.67 -14.62 -28.63
CA THR B 872 -45.31 -15.74 -29.47
C THR B 872 -46.53 -16.49 -30.00
N SER B 873 -47.67 -16.41 -29.32
CA SER B 873 -48.88 -16.93 -29.90
C SER B 873 -49.40 -16.04 -31.02
N ALA B 874 -49.15 -14.73 -30.92
CA ALA B 874 -49.51 -13.84 -32.01
C ALA B 874 -48.68 -14.14 -33.25
N LEU B 875 -47.40 -14.41 -33.07
CA LEU B 875 -46.55 -14.75 -34.20
C LEU B 875 -46.97 -16.08 -34.82
N LEU B 876 -47.32 -17.06 -34.00
CA LEU B 876 -47.83 -18.33 -34.51
C LEU B 876 -49.13 -18.18 -35.26
N ALA B 877 -50.08 -17.40 -34.72
CA ALA B 877 -51.36 -17.25 -35.38
C ALA B 877 -51.23 -16.48 -36.68
N GLY B 878 -50.31 -15.51 -36.72
CA GLY B 878 -50.06 -14.81 -37.95
C GLY B 878 -49.44 -15.69 -39.01
N THR B 879 -48.48 -16.54 -38.63
CA THR B 879 -47.86 -17.44 -39.60
C THR B 879 -48.85 -18.46 -40.12
N ILE B 880 -49.69 -18.98 -39.24
CA ILE B 880 -50.61 -20.03 -39.64
C ILE B 880 -51.70 -19.49 -40.54
N THR B 881 -52.26 -18.34 -40.18
CA THR B 881 -53.42 -17.86 -40.92
C THR B 881 -53.05 -16.98 -42.09
N SER B 882 -51.89 -16.34 -42.07
CA SER B 882 -51.59 -15.37 -43.10
C SER B 882 -50.27 -15.58 -43.80
N GLY B 883 -49.42 -16.48 -43.34
CA GLY B 883 -48.20 -16.73 -44.06
C GLY B 883 -47.13 -15.72 -43.78
N TRP B 884 -46.40 -15.29 -44.79
CA TRP B 884 -45.42 -14.25 -44.58
C TRP B 884 -46.01 -12.87 -44.77
N THR B 885 -47.29 -12.77 -45.08
CA THR B 885 -47.85 -11.51 -45.51
C THR B 885 -48.03 -10.54 -44.37
N PHE B 886 -47.93 -10.99 -43.13
CA PHE B 886 -48.10 -10.09 -42.02
C PHE B 886 -46.79 -9.53 -41.51
N GLY B 887 -45.67 -9.95 -42.05
CA GLY B 887 -44.41 -9.37 -41.64
C GLY B 887 -44.12 -8.17 -42.51
N ALA B 888 -44.84 -8.07 -43.62
CA ALA B 888 -44.66 -6.97 -44.56
C ALA B 888 -45.73 -5.91 -44.40
N GLY B 889 -46.98 -6.28 -44.62
CA GLY B 889 -48.04 -5.32 -44.57
C GLY B 889 -49.17 -5.81 -43.71
N PRO B 890 -50.36 -5.72 -44.22
CA PRO B 890 -51.52 -6.25 -43.47
C PRO B 890 -51.54 -7.75 -43.55
N ALA B 891 -52.13 -8.43 -42.59
CA ALA B 891 -52.19 -9.88 -42.62
C ALA B 891 -53.23 -10.28 -43.65
N LEU B 892 -52.77 -10.90 -44.71
CA LEU B 892 -53.67 -11.37 -45.75
C LEU B 892 -53.88 -12.85 -45.51
N GLN B 893 -55.10 -13.25 -45.23
CA GLN B 893 -55.36 -14.65 -44.95
C GLN B 893 -55.22 -15.47 -46.22
N ILE B 894 -54.84 -16.73 -46.04
CA ILE B 894 -54.67 -17.67 -47.13
C ILE B 894 -54.81 -19.06 -46.53
N PRO B 895 -55.48 -20.00 -47.18
CA PRO B 895 -55.58 -21.35 -46.63
C PRO B 895 -54.23 -22.01 -46.49
N PHE B 896 -54.06 -22.76 -45.42
CA PHE B 896 -52.75 -23.27 -45.08
C PHE B 896 -52.16 -24.26 -46.07
N PRO B 897 -52.91 -25.15 -46.72
CA PRO B 897 -52.31 -25.84 -47.86
C PRO B 897 -51.89 -24.92 -48.98
N MET B 898 -52.59 -23.83 -49.24
CA MET B 898 -52.13 -22.95 -50.30
C MET B 898 -50.89 -22.19 -49.89
N GLN B 899 -50.78 -21.86 -48.61
CA GLN B 899 -49.56 -21.24 -48.10
C GLN B 899 -48.41 -22.21 -48.18
N MET B 900 -48.64 -23.47 -47.84
CA MET B 900 -47.57 -24.44 -47.93
C MET B 900 -47.21 -24.75 -49.37
N ALA B 901 -48.13 -24.54 -50.31
CA ALA B 901 -47.79 -24.69 -51.70
C ALA B 901 -46.99 -23.51 -52.20
N TYR B 902 -47.22 -22.34 -51.64
CA TYR B 902 -46.30 -21.22 -51.87
C TYR B 902 -44.91 -21.57 -51.39
N ARG B 903 -44.83 -22.21 -50.22
CA ARG B 903 -43.53 -22.46 -49.64
C ARG B 903 -42.80 -23.62 -50.27
N PHE B 904 -43.49 -24.58 -50.91
CA PHE B 904 -42.75 -25.48 -51.77
C PHE B 904 -42.28 -24.77 -53.01
N ASN B 905 -43.06 -23.84 -53.50
CA ASN B 905 -42.74 -23.15 -54.72
C ASN B 905 -41.54 -22.24 -54.57
N GLY B 906 -41.15 -21.94 -53.35
CA GLY B 906 -40.00 -21.11 -53.09
C GLY B 906 -38.76 -21.90 -52.79
N ILE B 907 -38.84 -23.22 -52.72
CA ILE B 907 -37.65 -24.04 -52.65
C ILE B 907 -37.40 -24.79 -53.94
N GLY B 908 -38.19 -24.55 -54.97
CA GLY B 908 -37.93 -25.08 -56.29
C GLY B 908 -38.77 -26.28 -56.63
N VAL B 909 -39.62 -26.70 -55.74
CA VAL B 909 -40.52 -27.81 -56.01
C VAL B 909 -41.83 -27.23 -56.47
N THR B 910 -42.40 -27.76 -57.55
CA THR B 910 -43.64 -27.22 -58.05
C THR B 910 -44.78 -27.51 -57.09
N GLN B 911 -45.82 -26.71 -57.17
CA GLN B 911 -46.82 -26.75 -56.12
C GLN B 911 -47.81 -27.87 -56.26
N ASN B 912 -47.80 -28.61 -57.37
CA ASN B 912 -48.62 -29.81 -57.40
C ASN B 912 -48.04 -30.92 -56.57
N VAL B 913 -46.76 -30.85 -56.24
CA VAL B 913 -46.15 -31.84 -55.37
C VAL B 913 -46.74 -31.74 -53.98
N LEU B 914 -47.09 -30.54 -53.53
CA LEU B 914 -47.76 -30.41 -52.25
C LEU B 914 -49.14 -31.05 -52.29
N TYR B 915 -49.98 -30.60 -53.23
CA TYR B 915 -51.40 -30.95 -53.23
C TYR B 915 -51.60 -32.44 -53.43
N GLU B 916 -50.91 -33.03 -54.38
CA GLU B 916 -51.01 -34.44 -54.65
C GLU B 916 -50.44 -35.31 -53.54
N ASN B 917 -49.72 -34.73 -52.58
CA ASN B 917 -49.26 -35.45 -51.41
C ASN B 917 -49.73 -34.80 -50.12
N GLN B 918 -50.83 -34.03 -50.16
CA GLN B 918 -51.20 -33.16 -49.05
C GLN B 918 -51.48 -33.93 -47.78
N LYS B 919 -52.08 -35.12 -47.91
CA LYS B 919 -52.28 -35.96 -46.74
C LYS B 919 -50.96 -36.42 -46.16
N LEU B 920 -50.08 -36.96 -47.01
CA LEU B 920 -48.82 -37.54 -46.56
C LEU B 920 -47.95 -36.52 -45.87
N ILE B 921 -47.76 -35.37 -46.51
CA ILE B 921 -47.05 -34.23 -45.94
C ILE B 921 -47.62 -33.81 -44.61
N ALA B 922 -48.95 -33.77 -44.50
CA ALA B 922 -49.58 -33.39 -43.25
C ALA B 922 -49.21 -34.37 -42.15
N ASN B 923 -49.23 -35.66 -42.47
CA ASN B 923 -48.89 -36.68 -41.50
C ASN B 923 -47.44 -36.57 -41.10
N GLN B 924 -46.54 -36.28 -42.05
CA GLN B 924 -45.13 -36.16 -41.71
C GLN B 924 -44.92 -35.00 -40.78
N PHE B 925 -45.61 -33.89 -41.05
CA PHE B 925 -45.59 -32.73 -40.16
C PHE B 925 -46.07 -33.12 -38.78
N ASN B 926 -47.19 -33.81 -38.71
CA ASN B 926 -47.75 -34.11 -37.41
C ASN B 926 -46.92 -35.14 -36.70
N SER B 927 -46.20 -35.98 -37.42
CA SER B 927 -45.38 -36.91 -36.68
C SER B 927 -44.06 -36.27 -36.31
N ALA B 928 -43.63 -35.27 -37.06
CA ALA B 928 -42.35 -34.66 -36.74
C ALA B 928 -42.50 -33.59 -35.69
N ILE B 929 -43.70 -33.04 -35.55
CA ILE B 929 -43.93 -32.03 -34.53
C ILE B 929 -44.18 -32.69 -33.20
N GLY B 930 -44.52 -33.99 -33.20
CA GLY B 930 -44.73 -34.71 -31.97
C GLY B 930 -43.47 -35.30 -31.39
N LYS B 931 -42.43 -35.45 -32.20
CA LYS B 931 -41.15 -35.92 -31.69
C LYS B 931 -40.34 -34.83 -31.04
N ILE B 932 -40.72 -33.57 -31.21
CA ILE B 932 -40.06 -32.49 -30.49
C ILE B 932 -40.38 -32.60 -29.02
N GLN B 933 -41.61 -32.99 -28.73
CA GLN B 933 -42.10 -33.18 -27.38
C GLN B 933 -41.23 -34.20 -26.65
N ASP B 934 -40.98 -35.34 -27.30
CA ASP B 934 -40.14 -36.39 -26.74
C ASP B 934 -38.68 -36.02 -26.72
N SER B 935 -38.17 -35.44 -27.81
CA SER B 935 -36.76 -35.13 -27.92
C SER B 935 -36.31 -34.03 -26.97
N LEU B 936 -37.24 -33.24 -26.43
CA LEU B 936 -36.92 -32.40 -25.29
C LEU B 936 -37.21 -33.09 -23.97
N SER B 937 -38.37 -33.74 -23.85
CA SER B 937 -38.77 -34.34 -22.58
C SER B 937 -37.87 -35.50 -22.20
N SER B 938 -37.68 -36.44 -23.12
CA SER B 938 -36.94 -37.67 -22.86
C SER B 938 -35.47 -37.50 -23.17
N THR B 939 -34.97 -36.29 -23.17
CA THR B 939 -33.55 -36.02 -23.33
C THR B 939 -33.20 -34.82 -22.49
N PRO B 940 -32.56 -35.01 -21.35
CA PRO B 940 -32.05 -33.88 -20.59
C PRO B 940 -30.88 -33.22 -21.30
N SER B 941 -30.61 -31.98 -20.89
CA SER B 941 -29.56 -31.12 -21.44
C SER B 941 -29.74 -30.88 -22.94
N ALA B 942 -30.99 -30.77 -23.36
CA ALA B 942 -31.28 -30.15 -24.63
C ALA B 942 -31.33 -28.65 -24.52
N LEU B 943 -31.77 -28.13 -23.37
CA LEU B 943 -31.84 -26.70 -23.11
C LEU B 943 -30.60 -26.19 -22.42
N GLY B 944 -29.46 -26.83 -22.66
CA GLY B 944 -28.24 -26.47 -21.97
C GLY B 944 -27.77 -25.07 -22.28
N LYS B 945 -28.03 -24.59 -23.51
CA LYS B 945 -27.69 -23.22 -23.86
C LYS B 945 -28.46 -22.23 -23.03
N LEU B 946 -29.71 -22.53 -22.68
CA LEU B 946 -30.40 -21.69 -21.73
C LEU B 946 -29.93 -21.91 -20.32
N GLN B 947 -29.50 -23.14 -20.02
CA GLN B 947 -29.21 -23.49 -18.64
C GLN B 947 -27.93 -22.83 -18.18
N ASN B 948 -26.86 -22.89 -18.99
CA ASN B 948 -25.55 -22.39 -18.58
C ASN B 948 -25.58 -20.92 -18.26
N VAL B 949 -26.36 -20.17 -19.03
CA VAL B 949 -26.55 -18.73 -18.79
C VAL B 949 -27.03 -18.52 -17.37
N VAL B 950 -28.07 -19.26 -16.98
CA VAL B 950 -28.62 -19.18 -15.64
C VAL B 950 -27.57 -19.56 -14.63
N ASN B 951 -26.88 -20.68 -14.89
CA ASN B 951 -25.89 -21.20 -13.97
C ASN B 951 -24.74 -20.22 -13.83
N GLN B 952 -24.32 -19.62 -14.95
CA GLN B 952 -23.17 -18.74 -14.90
C GLN B 952 -23.48 -17.52 -14.09
N ASN B 953 -24.69 -16.97 -14.26
CA ASN B 953 -25.07 -15.80 -13.51
C ASN B 953 -25.15 -16.12 -12.04
N ALA B 954 -25.70 -17.30 -11.73
CA ALA B 954 -25.82 -17.72 -10.35
C ALA B 954 -24.47 -17.88 -9.72
N GLN B 955 -23.52 -18.51 -10.44
CA GLN B 955 -22.27 -18.76 -9.75
C GLN B 955 -21.45 -17.50 -9.68
N ALA B 956 -21.70 -16.56 -10.59
CA ALA B 956 -21.04 -15.27 -10.49
C ALA B 956 -21.48 -14.56 -9.23
N LEU B 957 -22.79 -14.58 -8.96
CA LEU B 957 -23.29 -14.01 -7.72
C LEU B 957 -22.80 -14.81 -6.55
N ASN B 958 -22.70 -16.13 -6.72
CA ASN B 958 -22.28 -16.95 -5.61
C ASN B 958 -20.80 -16.80 -5.37
N THR B 959 -20.05 -16.33 -6.37
CA THR B 959 -18.67 -16.02 -6.10
C THR B 959 -18.55 -14.62 -5.52
N LEU B 960 -19.50 -13.75 -5.81
CA LEU B 960 -19.44 -12.41 -5.26
C LEU B 960 -19.74 -12.43 -3.77
N VAL B 961 -20.83 -13.09 -3.38
CA VAL B 961 -21.23 -13.15 -1.98
C VAL B 961 -20.23 -13.92 -1.16
N LYS B 962 -19.72 -15.03 -1.70
CA LYS B 962 -18.68 -15.74 -0.97
C LYS B 962 -17.35 -15.02 -0.98
N GLN B 963 -17.17 -13.97 -1.77
CA GLN B 963 -15.97 -13.18 -1.65
C GLN B 963 -16.07 -12.18 -0.51
N LEU B 964 -17.21 -12.09 0.15
CA LEU B 964 -17.29 -11.19 1.30
C LEU B 964 -16.55 -11.77 2.48
N SER B 965 -16.54 -13.10 2.59
CA SER B 965 -15.87 -13.74 3.71
C SER B 965 -14.41 -13.98 3.41
N SER B 966 -13.69 -12.96 2.98
CA SER B 966 -12.27 -13.09 2.73
C SER B 966 -11.55 -11.94 3.41
N ASN B 967 -10.39 -12.26 3.99
CA ASN B 967 -9.70 -11.30 4.81
C ASN B 967 -8.99 -10.26 3.97
N PHE B 968 -8.53 -10.66 2.79
CA PHE B 968 -7.78 -9.82 1.85
C PHE B 968 -6.53 -9.23 2.49
N GLY B 969 -5.88 -10.00 3.34
CA GLY B 969 -4.92 -9.33 4.21
C GLY B 969 -5.46 -9.16 5.61
N ALA B 970 -6.16 -8.04 5.84
CA ALA B 970 -6.60 -7.54 7.13
C ALA B 970 -7.27 -8.60 7.99
N ILE B 971 -7.17 -8.41 9.31
CA ILE B 971 -7.25 -9.50 10.27
C ILE B 971 -8.58 -10.23 10.32
N SER B 972 -9.66 -9.63 9.81
CA SER B 972 -10.95 -10.30 9.86
C SER B 972 -11.79 -9.83 8.70
N SER B 973 -12.61 -10.75 8.20
CA SER B 973 -13.54 -10.45 7.13
C SER B 973 -14.84 -9.88 7.65
N VAL B 974 -15.01 -9.78 8.96
CA VAL B 974 -16.24 -9.26 9.54
C VAL B 974 -16.00 -7.81 9.92
N LEU B 975 -16.93 -6.95 9.52
CA LEU B 975 -16.75 -5.52 9.68
C LEU B 975 -17.02 -5.06 11.10
N ASN B 976 -17.74 -5.86 11.90
CA ASN B 976 -17.98 -5.50 13.29
C ASN B 976 -16.88 -5.99 14.22
N ASP B 977 -16.26 -7.12 13.90
CA ASP B 977 -15.18 -7.68 14.70
C ASP B 977 -13.85 -7.01 14.42
N ILE B 978 -13.85 -5.85 13.78
CA ILE B 978 -12.66 -5.07 13.54
C ILE B 978 -12.86 -3.63 14.01
N LEU B 979 -14.10 -3.17 14.09
CA LEU B 979 -14.36 -1.93 14.81
C LEU B 979 -14.25 -2.14 16.31
N SER B 980 -14.80 -3.24 16.82
CA SER B 980 -14.65 -3.57 18.22
C SER B 980 -13.45 -4.48 18.45
N ARG B 981 -12.32 -4.13 17.85
CA ARG B 981 -11.08 -4.77 18.22
C ARG B 981 -9.98 -3.74 18.34
N LEU B 982 -9.97 -2.74 17.47
CA LEU B 982 -8.75 -2.01 17.21
C LEU B 982 -9.00 -0.51 17.29
N ASP B 983 -7.91 0.22 17.50
CA ASP B 983 -7.96 1.67 17.60
C ASP B 983 -8.08 2.29 16.21
N PRO B 984 -8.87 3.35 16.08
CA PRO B 984 -9.07 3.96 14.76
C PRO B 984 -8.12 5.11 14.45
N PRO B 985 -6.80 4.99 14.65
CA PRO B 985 -5.90 5.36 13.56
C PRO B 985 -5.30 4.17 12.85
N GLU B 986 -5.56 2.97 13.38
CA GLU B 986 -5.01 1.74 12.84
C GLU B 986 -6.09 0.80 12.35
N ALA B 987 -7.31 0.94 12.86
CA ALA B 987 -8.45 0.22 12.30
C ALA B 987 -8.68 0.63 10.86
N GLU B 988 -8.54 1.92 10.56
CA GLU B 988 -8.75 2.35 9.19
C GLU B 988 -7.48 2.24 8.35
N VAL B 989 -6.78 1.12 8.46
CA VAL B 989 -5.86 0.67 7.42
C VAL B 989 -6.29 -0.74 7.10
N GLN B 990 -6.81 -1.42 8.12
CA GLN B 990 -7.40 -2.73 7.91
C GLN B 990 -8.76 -2.62 7.23
N ILE B 991 -9.53 -1.59 7.59
CA ILE B 991 -10.79 -1.33 6.89
C ILE B 991 -10.51 -0.99 5.44
N ASP B 992 -9.49 -0.18 5.20
CA ASP B 992 -9.14 0.22 3.85
C ASP B 992 -8.65 -0.96 3.02
N ARG B 993 -7.92 -1.86 3.64
CA ARG B 993 -7.49 -3.09 2.99
C ARG B 993 -8.68 -3.96 2.62
N LEU B 994 -9.67 -4.04 3.51
CA LEU B 994 -10.89 -4.77 3.20
C LEU B 994 -11.70 -4.09 2.10
N ILE B 995 -11.73 -2.75 2.08
CA ILE B 995 -12.42 -2.01 1.02
C ILE B 995 -11.79 -2.26 -0.33
N THR B 996 -10.45 -2.22 -0.41
CA THR B 996 -9.87 -2.41 -1.74
C THR B 996 -10.01 -3.85 -2.22
N GLY B 997 -10.00 -4.81 -1.29
CA GLY B 997 -10.30 -6.18 -1.69
C GLY B 997 -11.72 -6.36 -2.19
N ARG B 998 -12.69 -5.83 -1.46
CA ARG B 998 -14.08 -6.03 -1.85
C ARG B 998 -14.44 -5.20 -3.07
N LEU B 999 -13.79 -4.06 -3.24
CA LEU B 999 -14.04 -3.24 -4.41
C LEU B 999 -13.50 -3.90 -5.67
N GLN B 1000 -12.32 -4.51 -5.57
CA GLN B 1000 -11.82 -5.20 -6.74
C GLN B 1000 -12.63 -6.46 -7.03
N SER B 1001 -13.20 -7.08 -6.01
CA SER B 1001 -14.12 -8.19 -6.25
C SER B 1001 -15.40 -7.74 -6.95
N LEU B 1002 -15.97 -6.62 -6.51
CA LEU B 1002 -17.17 -6.11 -7.16
C LEU B 1002 -16.89 -5.66 -8.57
N GLN B 1003 -15.73 -5.06 -8.79
CA GLN B 1003 -15.39 -4.56 -10.10
C GLN B 1003 -15.10 -5.70 -11.07
N THR B 1004 -14.49 -6.77 -10.59
CA THR B 1004 -14.26 -7.89 -11.49
C THR B 1004 -15.55 -8.65 -11.75
N TYR B 1005 -16.51 -8.61 -10.83
CA TYR B 1005 -17.82 -9.17 -11.14
C TYR B 1005 -18.52 -8.36 -12.21
N VAL B 1006 -18.44 -7.03 -12.12
CA VAL B 1006 -19.12 -6.18 -13.09
C VAL B 1006 -18.49 -6.31 -14.45
N THR B 1007 -17.16 -6.44 -14.51
CA THR B 1007 -16.51 -6.65 -15.80
C THR B 1007 -16.85 -8.01 -16.39
N GLN B 1008 -17.01 -9.03 -15.55
CA GLN B 1008 -17.49 -10.30 -16.11
C GLN B 1008 -18.93 -10.20 -16.56
N GLN B 1009 -19.74 -9.37 -15.91
CA GLN B 1009 -21.13 -9.22 -16.35
C GLN B 1009 -21.23 -8.47 -17.65
N LEU B 1010 -20.42 -7.44 -17.80
CA LEU B 1010 -20.44 -6.60 -19.00
C LEU B 1010 -20.02 -7.36 -20.22
N ILE B 1011 -19.15 -8.34 -20.03
CA ILE B 1011 -18.55 -9.05 -21.14
C ILE B 1011 -19.32 -10.32 -21.44
N ARG B 1012 -20.23 -10.70 -20.57
CA ARG B 1012 -21.16 -11.79 -20.78
C ARG B 1012 -22.46 -11.29 -21.35
N ALA B 1013 -22.86 -10.07 -20.99
CA ALA B 1013 -24.04 -9.46 -21.58
C ALA B 1013 -23.84 -9.14 -23.04
N ALA B 1014 -22.59 -8.97 -23.49
CA ALA B 1014 -22.33 -8.82 -24.91
C ALA B 1014 -22.59 -10.10 -25.67
N GLU B 1015 -22.30 -11.25 -25.05
CA GLU B 1015 -22.63 -12.54 -25.67
C GLU B 1015 -24.12 -12.70 -25.82
N ILE B 1016 -24.87 -12.35 -24.78
CA ILE B 1016 -26.31 -12.47 -24.82
C ILE B 1016 -26.90 -11.47 -25.78
N ARG B 1017 -26.28 -10.32 -25.95
CA ARG B 1017 -26.79 -9.38 -26.92
C ARG B 1017 -26.52 -9.83 -28.34
N ALA B 1018 -25.37 -10.46 -28.56
CA ALA B 1018 -25.12 -11.06 -29.87
C ALA B 1018 -26.09 -12.18 -30.17
N SER B 1019 -26.38 -13.01 -29.18
CA SER B 1019 -27.35 -14.07 -29.35
C SER B 1019 -28.77 -13.56 -29.49
N ALA B 1020 -29.11 -12.46 -28.84
CA ALA B 1020 -30.44 -11.90 -28.98
C ALA B 1020 -30.60 -11.20 -30.32
N ASN B 1021 -29.53 -10.63 -30.84
CA ASN B 1021 -29.57 -10.11 -32.21
C ASN B 1021 -29.72 -11.24 -33.21
N LEU B 1022 -29.06 -12.37 -32.97
CA LEU B 1022 -29.25 -13.53 -33.82
C LEU B 1022 -30.66 -14.07 -33.74
N ALA B 1023 -31.24 -14.07 -32.54
CA ALA B 1023 -32.61 -14.55 -32.39
C ALA B 1023 -33.61 -13.60 -33.01
N ALA B 1024 -33.34 -12.30 -32.98
CA ALA B 1024 -34.23 -11.37 -33.65
C ALA B 1024 -34.13 -11.50 -35.15
N THR B 1025 -32.93 -11.77 -35.66
CA THR B 1025 -32.76 -12.04 -37.07
C THR B 1025 -33.44 -13.32 -37.49
N LYS B 1026 -33.40 -14.35 -36.65
CA LYS B 1026 -34.08 -15.59 -36.97
C LYS B 1026 -35.57 -15.44 -36.91
N MET B 1027 -36.08 -14.61 -36.00
CA MET B 1027 -37.52 -14.38 -35.98
C MET B 1027 -37.96 -13.59 -37.20
N SER B 1028 -37.14 -12.66 -37.66
CA SER B 1028 -37.55 -11.88 -38.80
C SER B 1028 -37.45 -12.68 -40.08
N GLU B 1029 -36.39 -13.46 -40.25
CA GLU B 1029 -36.19 -14.12 -41.51
C GLU B 1029 -36.75 -15.52 -41.57
N CYS B 1030 -36.60 -16.32 -40.53
CA CYS B 1030 -37.15 -17.66 -40.53
C CYS B 1030 -38.64 -17.68 -40.25
N VAL B 1031 -39.11 -16.98 -39.22
CA VAL B 1031 -40.52 -17.07 -38.85
C VAL B 1031 -41.37 -16.22 -39.77
N LEU B 1032 -41.05 -14.95 -39.91
CA LEU B 1032 -41.88 -14.04 -40.67
C LEU B 1032 -41.68 -14.15 -42.16
N GLY B 1033 -40.71 -14.94 -42.62
CA GLY B 1033 -40.51 -15.11 -44.04
C GLY B 1033 -40.10 -16.53 -44.35
N GLN B 1034 -39.37 -16.73 -45.43
CA GLN B 1034 -38.84 -18.05 -45.75
C GLN B 1034 -37.44 -17.87 -46.28
N SER B 1035 -36.44 -18.35 -45.55
CA SER B 1035 -35.07 -18.03 -45.90
C SER B 1035 -34.58 -18.86 -47.05
N LYS B 1036 -33.84 -18.23 -47.94
CA LYS B 1036 -33.06 -18.95 -48.91
C LYS B 1036 -31.64 -19.15 -48.46
N ARG B 1037 -31.23 -18.55 -47.35
CA ARG B 1037 -29.86 -18.67 -46.90
C ARG B 1037 -29.70 -19.94 -46.09
N VAL B 1038 -28.79 -20.77 -46.51
CA VAL B 1038 -28.82 -22.18 -46.16
C VAL B 1038 -28.21 -22.40 -44.78
N ASP B 1039 -28.80 -23.33 -44.03
CA ASP B 1039 -28.53 -23.67 -42.64
C ASP B 1039 -28.75 -22.51 -41.70
N PHE B 1040 -29.36 -21.43 -42.13
CA PHE B 1040 -29.73 -20.39 -41.19
C PHE B 1040 -30.95 -20.79 -40.40
N CYS B 1041 -31.87 -21.48 -41.04
CA CYS B 1041 -33.09 -21.90 -40.38
C CYS B 1041 -33.19 -23.41 -40.43
N GLY B 1042 -32.15 -24.10 -40.01
CA GLY B 1042 -32.18 -25.54 -39.86
C GLY B 1042 -31.73 -26.26 -41.11
N LYS B 1043 -31.38 -27.51 -40.93
CA LYS B 1043 -30.87 -28.33 -42.02
C LYS B 1043 -31.96 -28.69 -43.01
N GLY B 1044 -31.70 -28.48 -44.28
CA GLY B 1044 -32.66 -28.75 -45.32
C GLY B 1044 -33.15 -27.47 -45.94
N TYR B 1045 -33.96 -27.61 -46.97
CA TYR B 1045 -34.57 -26.45 -47.58
C TYR B 1045 -35.68 -25.96 -46.68
N HIS B 1046 -35.60 -24.70 -46.29
CA HIS B 1046 -36.47 -24.17 -45.25
C HIS B 1046 -37.87 -24.00 -45.78
N LEU B 1047 -38.84 -24.57 -45.09
CA LEU B 1047 -40.21 -24.22 -45.39
C LEU B 1047 -40.69 -23.11 -44.50
N MET B 1048 -40.78 -23.34 -43.21
CA MET B 1048 -41.43 -22.37 -42.34
C MET B 1048 -41.09 -22.74 -40.92
N SER B 1049 -41.16 -21.77 -40.01
CA SER B 1049 -40.66 -22.05 -38.68
C SER B 1049 -41.49 -21.32 -37.64
N PHE B 1050 -41.42 -21.81 -36.42
CA PHE B 1050 -42.30 -21.37 -35.35
C PHE B 1050 -41.51 -20.93 -34.13
N PRO B 1051 -41.94 -19.90 -33.43
CA PRO B 1051 -41.32 -19.56 -32.16
C PRO B 1051 -42.03 -20.20 -30.99
N GLN B 1052 -41.27 -20.48 -29.95
CA GLN B 1052 -41.79 -20.92 -28.68
C GLN B 1052 -41.00 -20.21 -27.61
N SER B 1053 -41.67 -19.61 -26.65
CA SER B 1053 -40.96 -18.90 -25.59
C SER B 1053 -40.42 -19.93 -24.61
N ALA B 1054 -39.23 -19.70 -24.14
CA ALA B 1054 -38.56 -20.56 -23.18
C ALA B 1054 -38.06 -19.59 -22.12
N PRO B 1055 -37.63 -20.01 -20.93
CA PRO B 1055 -37.21 -19.00 -19.95
C PRO B 1055 -35.89 -18.38 -20.36
N HIS B 1056 -35.88 -17.07 -20.51
CA HIS B 1056 -34.73 -16.29 -20.92
C HIS B 1056 -34.20 -16.72 -22.28
N GLY B 1057 -35.11 -17.02 -23.20
CA GLY B 1057 -34.67 -17.43 -24.51
C GLY B 1057 -35.84 -17.81 -25.36
N VAL B 1058 -35.54 -18.37 -26.52
CA VAL B 1058 -36.54 -18.67 -27.52
C VAL B 1058 -36.14 -19.96 -28.19
N VAL B 1059 -37.12 -20.72 -28.64
CA VAL B 1059 -36.92 -21.98 -29.31
C VAL B 1059 -37.59 -21.87 -30.66
N PHE B 1060 -36.85 -22.11 -31.72
CA PHE B 1060 -37.41 -22.10 -33.04
C PHE B 1060 -37.58 -23.52 -33.50
N LEU B 1061 -38.76 -23.83 -33.99
CA LEU B 1061 -39.03 -25.11 -34.60
C LEU B 1061 -38.97 -24.89 -36.08
N HIS B 1062 -37.87 -25.28 -36.70
CA HIS B 1062 -37.61 -25.07 -38.10
C HIS B 1062 -38.16 -26.24 -38.89
N VAL B 1063 -39.24 -26.04 -39.61
CA VAL B 1063 -39.78 -27.03 -40.51
C VAL B 1063 -39.09 -26.90 -41.84
N THR B 1064 -38.35 -27.92 -42.23
CA THR B 1064 -37.60 -27.94 -43.47
C THR B 1064 -38.00 -29.14 -44.30
N TYR B 1065 -37.72 -29.05 -45.57
CA TYR B 1065 -37.97 -30.09 -46.55
C TYR B 1065 -36.65 -30.78 -46.83
N VAL B 1066 -36.58 -32.09 -46.61
CA VAL B 1066 -35.37 -32.85 -46.86
C VAL B 1066 -35.67 -33.82 -47.99
N PRO B 1067 -34.89 -33.83 -49.06
CA PRO B 1067 -35.11 -34.80 -50.12
C PRO B 1067 -34.78 -36.21 -49.65
N ALA B 1068 -35.37 -37.20 -50.29
CA ALA B 1068 -35.17 -38.54 -49.80
C ALA B 1068 -35.38 -39.55 -50.90
N GLN B 1069 -34.74 -40.70 -50.72
CA GLN B 1069 -34.72 -41.90 -51.57
C GLN B 1069 -34.60 -41.55 -53.04
N GLU B 1070 -33.44 -41.01 -53.37
CA GLU B 1070 -33.09 -40.66 -54.72
C GLU B 1070 -32.78 -41.89 -55.54
N LYS B 1071 -32.70 -41.70 -56.85
CA LYS B 1071 -32.17 -42.70 -57.74
C LYS B 1071 -31.45 -42.01 -58.88
N ASN B 1072 -30.48 -42.68 -59.46
CA ASN B 1072 -29.61 -42.05 -60.43
C ASN B 1072 -30.11 -42.25 -61.85
N PHE B 1073 -29.80 -41.29 -62.70
CA PHE B 1073 -30.25 -41.24 -64.08
C PHE B 1073 -29.09 -40.85 -64.97
N THR B 1074 -29.37 -40.71 -66.24
CA THR B 1074 -28.40 -40.24 -67.21
C THR B 1074 -28.84 -38.89 -67.70
N THR B 1075 -27.91 -37.97 -67.93
CA THR B 1075 -28.28 -36.62 -68.31
C THR B 1075 -27.60 -36.14 -69.55
N ALA B 1076 -28.24 -35.27 -70.20
CA ALA B 1076 -27.64 -34.46 -71.23
C ALA B 1076 -27.74 -33.00 -70.85
N PRO B 1077 -26.72 -32.21 -71.16
CA PRO B 1077 -26.89 -30.77 -71.11
C PRO B 1077 -27.98 -30.24 -72.00
N ALA B 1078 -28.14 -30.81 -73.18
CA ALA B 1078 -29.12 -30.34 -74.12
C ALA B 1078 -29.55 -31.49 -75.00
N ILE B 1079 -30.62 -31.27 -75.75
CA ILE B 1079 -31.10 -32.23 -76.73
C ILE B 1079 -31.24 -31.57 -78.09
N CYS B 1080 -30.62 -32.19 -79.08
CA CYS B 1080 -30.66 -31.75 -80.47
C CYS B 1080 -31.76 -32.50 -81.18
N HIS B 1081 -32.89 -31.84 -81.44
CA HIS B 1081 -33.90 -32.35 -82.37
C HIS B 1081 -34.18 -31.21 -83.33
N ASP B 1082 -33.21 -31.00 -84.21
CA ASP B 1082 -33.26 -30.43 -85.56
C ASP B 1082 -31.78 -30.30 -85.82
N GLY B 1083 -31.40 -29.31 -86.61
CA GLY B 1083 -30.10 -28.76 -86.31
C GLY B 1083 -30.10 -27.73 -85.20
N LYS B 1084 -30.92 -27.88 -84.15
CA LYS B 1084 -31.02 -26.91 -83.06
C LYS B 1084 -30.92 -27.62 -81.72
N ALA B 1085 -30.35 -26.93 -80.73
CA ALA B 1085 -30.11 -27.49 -79.41
C ALA B 1085 -31.14 -26.96 -78.44
N HIS B 1086 -31.74 -27.84 -77.66
CA HIS B 1086 -32.83 -27.48 -76.76
C HIS B 1086 -32.36 -27.64 -75.33
N PHE B 1087 -32.60 -26.64 -74.52
CA PHE B 1087 -32.25 -26.67 -73.12
C PHE B 1087 -33.53 -26.62 -72.30
N PRO B 1088 -33.58 -27.20 -71.12
CA PRO B 1088 -34.83 -27.18 -70.37
C PRO B 1088 -35.08 -25.81 -69.76
N ARG B 1089 -36.35 -25.44 -69.71
CA ARG B 1089 -36.73 -24.13 -69.18
C ARG B 1089 -36.45 -24.06 -67.69
N GLU B 1090 -37.15 -24.89 -66.94
CA GLU B 1090 -36.84 -25.14 -65.55
C GLU B 1090 -36.72 -26.65 -65.40
N GLY B 1091 -35.56 -27.12 -64.99
CA GLY B 1091 -35.46 -28.53 -64.84
C GLY B 1091 -34.25 -29.14 -65.48
N VAL B 1092 -34.31 -30.43 -65.76
CA VAL B 1092 -33.12 -31.13 -66.20
C VAL B 1092 -33.56 -32.34 -67.03
N PHE B 1093 -32.76 -32.70 -68.04
CA PHE B 1093 -33.04 -33.80 -68.96
C PHE B 1093 -32.53 -35.12 -68.39
N VAL B 1094 -33.44 -35.94 -67.90
CA VAL B 1094 -33.06 -37.25 -67.42
C VAL B 1094 -33.37 -38.32 -68.45
N SER B 1095 -32.80 -39.49 -68.24
CA SER B 1095 -33.10 -40.66 -69.05
C SER B 1095 -33.33 -41.84 -68.12
N ASN B 1096 -34.39 -42.60 -68.34
CA ASN B 1096 -34.59 -43.78 -67.52
C ASN B 1096 -33.84 -44.98 -68.08
N GLY B 1097 -33.06 -44.75 -69.12
CA GLY B 1097 -32.25 -45.77 -69.73
C GLY B 1097 -32.51 -45.80 -71.21
N THR B 1098 -33.77 -45.63 -71.58
CA THR B 1098 -34.18 -45.67 -72.99
C THR B 1098 -34.66 -44.31 -73.47
N HIS B 1099 -35.65 -43.73 -72.82
CA HIS B 1099 -36.27 -42.49 -73.27
C HIS B 1099 -35.83 -41.34 -72.41
N TRP B 1100 -36.02 -40.14 -72.92
CA TRP B 1100 -35.57 -38.93 -72.25
C TRP B 1100 -36.76 -38.13 -71.75
N PHE B 1101 -36.57 -37.45 -70.64
CA PHE B 1101 -37.64 -36.73 -69.98
C PHE B 1101 -37.13 -35.40 -69.47
N VAL B 1102 -38.03 -34.58 -68.96
CA VAL B 1102 -37.69 -33.37 -68.22
C VAL B 1102 -38.33 -33.50 -66.86
N THR B 1103 -37.54 -33.38 -65.80
CA THR B 1103 -38.09 -33.31 -64.46
C THR B 1103 -37.74 -31.98 -63.86
N GLN B 1104 -38.47 -31.59 -62.82
CA GLN B 1104 -37.94 -30.57 -61.96
C GLN B 1104 -36.75 -31.11 -61.19
N ARG B 1105 -35.90 -30.22 -60.71
CA ARG B 1105 -34.59 -30.65 -60.25
C ARG B 1105 -34.61 -31.31 -58.90
N ASN B 1106 -35.64 -31.06 -58.09
CA ASN B 1106 -35.67 -31.50 -56.71
C ASN B 1106 -36.66 -32.60 -56.44
N PHE B 1107 -37.39 -33.05 -57.43
CA PHE B 1107 -38.39 -34.08 -57.22
C PHE B 1107 -38.60 -34.77 -58.54
N TYR B 1108 -38.53 -36.08 -58.55
CA TYR B 1108 -38.62 -36.78 -59.82
C TYR B 1108 -40.06 -36.85 -60.25
N GLU B 1109 -40.46 -35.98 -61.16
CA GLU B 1109 -41.66 -36.21 -61.97
C GLU B 1109 -41.30 -35.98 -63.43
N PRO B 1110 -41.28 -37.01 -64.27
CA PRO B 1110 -40.78 -36.85 -65.63
C PRO B 1110 -41.90 -36.44 -66.57
N GLN B 1111 -41.63 -35.44 -67.39
CA GLN B 1111 -42.54 -35.03 -68.44
C GLN B 1111 -41.95 -35.36 -69.80
N ILE B 1112 -42.79 -35.32 -70.79
CA ILE B 1112 -42.35 -35.48 -72.16
C ILE B 1112 -41.72 -34.17 -72.60
N ILE B 1113 -40.59 -34.26 -73.27
CA ILE B 1113 -39.86 -33.07 -73.71
C ILE B 1113 -40.58 -32.43 -74.86
N THR B 1114 -41.34 -31.39 -74.59
CA THR B 1114 -42.06 -30.70 -75.63
C THR B 1114 -41.38 -29.38 -75.91
N THR B 1115 -41.99 -28.58 -76.76
CA THR B 1115 -41.40 -27.29 -77.04
C THR B 1115 -41.90 -26.21 -76.10
N ASP B 1116 -42.71 -26.54 -75.12
CA ASP B 1116 -43.09 -25.55 -74.13
C ASP B 1116 -42.48 -25.79 -72.77
N ASN B 1117 -41.54 -26.73 -72.65
CA ASN B 1117 -40.68 -26.74 -71.47
C ASN B 1117 -39.22 -26.79 -71.86
N THR B 1118 -38.88 -26.38 -73.08
CA THR B 1118 -37.51 -26.21 -73.51
C THR B 1118 -37.39 -24.88 -74.22
N PHE B 1119 -36.15 -24.46 -74.48
CA PHE B 1119 -35.90 -23.33 -75.36
C PHE B 1119 -34.72 -23.65 -76.23
N VAL B 1120 -34.68 -23.08 -77.42
CA VAL B 1120 -33.62 -23.38 -78.37
C VAL B 1120 -32.57 -22.29 -78.27
N SER B 1121 -31.34 -22.65 -78.59
CA SER B 1121 -30.24 -21.69 -78.65
C SER B 1121 -29.14 -22.27 -79.51
N GLY B 1122 -29.01 -21.78 -80.73
CA GLY B 1122 -27.92 -22.18 -81.58
C GLY B 1122 -28.06 -23.60 -82.08
N ASN B 1123 -27.08 -24.02 -82.84
CA ASN B 1123 -27.09 -25.37 -83.39
C ASN B 1123 -26.54 -26.38 -82.39
N CYS B 1124 -26.75 -27.66 -82.70
CA CYS B 1124 -26.31 -28.70 -81.77
C CYS B 1124 -24.90 -29.15 -82.10
N ASP B 1125 -23.99 -28.19 -82.03
CA ASP B 1125 -22.60 -28.37 -82.42
C ASP B 1125 -21.65 -27.99 -81.30
N VAL B 1126 -21.97 -26.94 -80.56
CA VAL B 1126 -21.01 -26.36 -79.63
C VAL B 1126 -21.18 -26.89 -78.21
N VAL B 1127 -22.33 -27.46 -77.87
CA VAL B 1127 -22.52 -27.98 -76.52
C VAL B 1127 -21.79 -29.30 -76.37
N ILE B 1128 -20.89 -29.37 -75.39
CA ILE B 1128 -20.06 -30.55 -75.19
C ILE B 1128 -20.93 -31.61 -74.53
N GLY B 1129 -21.45 -32.52 -75.33
CA GLY B 1129 -22.23 -33.61 -74.79
C GLY B 1129 -23.69 -33.34 -74.96
N ILE B 1130 -24.28 -33.88 -75.99
CA ILE B 1130 -25.62 -33.50 -76.39
C ILE B 1130 -26.25 -34.73 -77.03
N VAL B 1131 -27.44 -35.04 -76.65
CA VAL B 1131 -28.02 -36.25 -77.18
C VAL B 1131 -29.08 -35.89 -78.21
N ASN B 1132 -29.38 -36.83 -79.09
CA ASN B 1132 -30.40 -36.65 -80.12
C ASN B 1132 -31.64 -37.39 -79.68
N ASN B 1133 -32.73 -36.68 -79.37
CA ASN B 1133 -34.00 -37.25 -78.94
C ASN B 1133 -35.07 -36.32 -79.47
N THR B 1134 -36.26 -36.83 -79.75
CA THR B 1134 -37.26 -35.97 -80.35
C THR B 1134 -37.83 -34.99 -79.33
N VAL B 1135 -38.12 -33.78 -79.79
CA VAL B 1135 -38.78 -32.76 -78.98
C VAL B 1135 -40.14 -32.55 -79.59
N TYR B 1136 -41.18 -33.01 -78.91
CA TYR B 1136 -42.48 -33.14 -79.52
C TYR B 1136 -43.17 -31.80 -79.57
N ASP B 1137 -43.40 -31.29 -80.75
CA ASP B 1137 -44.17 -30.05 -80.92
C ASP B 1137 -45.64 -30.33 -80.66
N PRO B 1138 -46.29 -29.64 -79.71
CA PRO B 1138 -47.71 -29.91 -79.47
C PRO B 1138 -48.62 -29.32 -80.53
N LEU B 1139 -48.14 -28.43 -81.38
CA LEU B 1139 -48.99 -27.89 -82.44
C LEU B 1139 -49.19 -28.90 -83.56
N GLN B 1140 -48.15 -29.65 -83.89
CA GLN B 1140 -48.15 -30.49 -85.09
C GLN B 1140 -49.23 -31.58 -85.11
N PRO B 1141 -49.58 -32.31 -84.00
CA PRO B 1141 -50.82 -33.08 -83.98
C PRO B 1141 -52.03 -32.27 -83.51
N GLU B 1142 -52.17 -31.06 -84.02
CA GLU B 1142 -53.42 -30.33 -83.93
C GLU B 1142 -53.89 -29.84 -85.27
N LEU B 1143 -53.08 -30.00 -86.32
CA LEU B 1143 -53.55 -29.77 -87.67
C LEU B 1143 -54.61 -30.79 -88.07
N ASP B 1144 -54.39 -32.04 -87.66
CA ASP B 1144 -55.32 -33.13 -87.94
C ASP B 1144 -56.37 -33.25 -86.84
N ALA C 27 41.70 18.93 -31.84
CA ALA C 27 40.87 18.57 -32.98
C ALA C 27 39.76 17.64 -32.55
N TYR C 28 38.71 17.54 -33.35
CA TYR C 28 37.61 16.62 -33.13
C TYR C 28 37.50 15.69 -34.33
N THR C 29 36.77 14.59 -34.13
CA THR C 29 36.33 13.74 -35.23
C THR C 29 35.06 13.00 -34.82
N ASN C 30 34.60 12.11 -35.69
CA ASN C 30 33.28 11.50 -35.59
C ASN C 30 33.42 10.02 -35.25
N SER C 31 33.00 9.64 -34.06
CA SER C 31 32.89 8.23 -33.73
C SER C 31 31.64 7.65 -34.36
N PHE C 32 31.82 6.75 -35.31
CA PHE C 32 30.70 6.43 -36.18
C PHE C 32 29.72 5.50 -35.48
N THR C 33 30.13 4.28 -35.20
CA THR C 33 29.29 3.35 -34.45
C THR C 33 30.03 2.72 -33.29
N ARG C 34 31.15 3.28 -32.87
CA ARG C 34 32.03 2.60 -31.93
C ARG C 34 31.54 2.79 -30.51
N GLY C 35 32.31 2.25 -29.57
CA GLY C 35 31.99 2.42 -28.17
C GLY C 35 30.82 1.62 -27.68
N VAL C 36 30.72 0.37 -28.09
CA VAL C 36 29.64 -0.51 -27.67
C VAL C 36 30.25 -1.75 -27.03
N TYR C 37 29.70 -2.15 -25.91
CA TYR C 37 30.29 -3.18 -25.10
C TYR C 37 29.20 -4.12 -24.62
N TYR C 38 29.59 -5.31 -24.25
CA TYR C 38 28.62 -6.26 -23.72
C TYR C 38 28.27 -5.84 -22.31
N PRO C 39 27.03 -5.43 -22.04
CA PRO C 39 26.76 -4.73 -20.79
C PRO C 39 26.62 -5.64 -19.59
N ASP C 40 26.28 -6.93 -19.75
CA ASP C 40 25.93 -7.70 -18.56
C ASP C 40 26.44 -9.13 -18.51
N LYS C 41 27.28 -9.56 -19.46
CA LYS C 41 27.98 -10.85 -19.42
C LYS C 41 27.00 -12.04 -19.55
N VAL C 42 25.76 -11.81 -19.97
CA VAL C 42 24.80 -12.90 -20.14
C VAL C 42 24.69 -13.21 -21.62
N PHE C 43 24.44 -14.48 -21.91
CA PHE C 43 24.34 -14.95 -23.29
C PHE C 43 22.94 -14.72 -23.78
N ARG C 44 22.83 -14.31 -25.03
CA ARG C 44 21.54 -14.14 -25.66
C ARG C 44 21.69 -14.57 -27.11
N SER C 45 20.67 -15.28 -27.63
CA SER C 45 20.79 -15.92 -28.93
C SER C 45 19.69 -15.43 -29.84
N SER C 46 20.07 -14.72 -30.90
CA SER C 46 19.18 -14.25 -31.97
C SER C 46 18.03 -13.43 -31.43
N VAL C 47 18.36 -12.31 -30.81
CA VAL C 47 17.37 -11.51 -30.10
C VAL C 47 17.80 -10.05 -30.18
N LEU C 48 16.83 -9.17 -30.06
CA LEU C 48 17.07 -7.74 -30.04
C LEU C 48 16.81 -7.25 -28.63
N HIS C 49 17.87 -7.04 -27.88
CA HIS C 49 17.76 -6.70 -26.47
C HIS C 49 17.90 -5.20 -26.31
N SER C 50 17.02 -4.60 -25.54
CA SER C 50 17.04 -3.17 -25.32
C SER C 50 17.54 -2.90 -23.90
N THR C 51 18.61 -2.14 -23.78
CA THR C 51 19.16 -1.87 -22.46
C THR C 51 19.51 -0.41 -22.30
N GLN C 52 19.58 0.02 -21.03
CA GLN C 52 19.89 1.39 -20.69
C GLN C 52 21.14 1.39 -19.83
N ASP C 53 22.21 1.99 -20.35
CA ASP C 53 23.51 1.95 -19.71
C ASP C 53 24.34 3.10 -20.25
N LEU C 54 25.47 3.35 -19.61
CA LEU C 54 26.37 4.41 -20.07
C LEU C 54 27.04 3.97 -21.36
N PHE C 55 26.68 4.62 -22.44
CA PHE C 55 27.17 4.24 -23.76
C PHE C 55 27.77 5.46 -24.44
N LEU C 56 28.67 5.20 -25.37
CA LEU C 56 29.13 6.26 -26.24
C LEU C 56 28.06 6.52 -27.28
N PRO C 57 27.52 7.74 -27.38
CA PRO C 57 26.46 8.00 -28.35
C PRO C 57 26.95 7.88 -29.77
N PHE C 58 26.06 7.39 -30.62
CA PHE C 58 26.37 7.20 -32.03
C PHE C 58 26.58 8.54 -32.70
N PHE C 59 27.56 8.61 -33.60
CA PHE C 59 27.90 9.80 -34.38
C PHE C 59 28.20 11.00 -33.48
N SER C 60 28.98 10.79 -32.44
CA SER C 60 29.33 11.88 -31.54
C SER C 60 30.73 12.38 -31.82
N ASN C 61 31.01 13.57 -31.31
CA ASN C 61 32.31 14.19 -31.52
C ASN C 61 33.28 13.71 -30.45
N VAL C 62 34.25 12.92 -30.85
CA VAL C 62 35.32 12.49 -29.95
C VAL C 62 36.51 13.37 -30.22
N THR C 63 37.40 13.45 -29.24
CA THR C 63 38.55 14.33 -29.30
C THR C 63 39.74 13.56 -29.81
N TRP C 64 40.43 14.12 -30.80
CA TRP C 64 41.59 13.49 -31.41
C TRP C 64 42.85 14.06 -30.79
N PHE C 65 43.74 13.18 -30.35
CA PHE C 65 45.03 13.60 -29.82
C PHE C 65 46.14 12.92 -30.58
N HIS C 66 47.22 13.64 -30.79
CA HIS C 66 48.31 13.17 -31.61
C HIS C 66 49.61 13.34 -30.85
N ASP C 80 52.59 15.01 -27.82
CA ASP C 80 52.27 15.63 -26.55
C ASP C 80 50.81 15.33 -26.20
N ASN C 81 50.55 14.80 -25.01
CA ASN C 81 49.23 14.29 -24.65
C ASN C 81 48.85 14.61 -23.21
N PRO C 82 47.86 15.46 -22.99
CA PRO C 82 47.63 16.06 -21.67
C PRO C 82 46.66 15.24 -20.83
N VAL C 83 46.36 15.75 -19.65
CA VAL C 83 45.34 15.16 -18.81
C VAL C 83 43.96 15.57 -19.31
N LEU C 84 42.99 14.71 -19.08
CA LEU C 84 41.61 14.78 -19.52
C LEU C 84 40.70 14.45 -18.35
N PRO C 85 39.45 14.88 -18.37
CA PRO C 85 38.50 14.40 -17.35
C PRO C 85 37.96 13.03 -17.72
N PHE C 86 37.53 12.31 -16.70
CA PHE C 86 37.04 10.94 -16.84
C PHE C 86 35.52 10.87 -16.83
N ASN C 87 34.85 12.03 -16.83
CA ASN C 87 33.67 12.40 -16.04
C ASN C 87 32.79 11.20 -15.71
N ASP C 88 32.43 10.38 -16.70
CA ASP C 88 31.51 9.30 -16.45
C ASP C 88 32.02 7.94 -16.93
N GLY C 89 32.99 7.92 -17.83
CA GLY C 89 33.44 6.68 -18.41
C GLY C 89 33.97 7.06 -19.77
N VAL C 90 35.01 6.39 -20.25
CA VAL C 90 35.77 6.90 -21.38
C VAL C 90 35.94 5.80 -22.41
N TYR C 91 35.60 6.10 -23.65
CA TYR C 91 36.03 5.31 -24.78
C TYR C 91 37.40 5.81 -25.22
N PHE C 92 38.38 4.93 -25.24
CA PHE C 92 39.72 5.22 -25.69
C PHE C 92 39.99 4.38 -26.94
N ALA C 93 40.62 4.96 -27.94
CA ALA C 93 40.96 4.15 -29.11
C ALA C 93 42.25 4.65 -29.71
N SER C 94 43.17 3.74 -30.02
CA SER C 94 44.48 4.19 -30.46
C SER C 94 44.95 3.35 -31.64
N THR C 95 45.70 4.00 -32.51
CA THR C 95 46.43 3.31 -33.57
C THR C 95 47.64 4.14 -34.01
N ASN C 99 54.71 -1.19 -31.02
CA ASN C 99 54.60 -1.21 -29.56
C ASN C 99 54.62 0.20 -29.02
N ILE C 100 54.15 1.14 -29.83
CA ILE C 100 54.33 2.55 -29.52
C ILE C 100 53.43 2.97 -28.36
N ILE C 101 52.21 2.47 -28.32
CA ILE C 101 51.27 2.86 -27.26
C ILE C 101 51.60 2.07 -26.00
N ARG C 102 51.53 2.73 -24.85
CA ARG C 102 51.80 2.11 -23.57
C ARG C 102 50.55 2.31 -22.72
N GLY C 103 50.67 2.02 -21.42
CA GLY C 103 49.55 2.00 -20.52
C GLY C 103 48.87 3.31 -20.18
N TRP C 104 48.20 3.35 -19.04
CA TRP C 104 47.24 4.40 -18.75
C TRP C 104 47.41 4.83 -17.30
N ILE C 105 47.17 6.10 -17.04
CA ILE C 105 47.22 6.68 -15.71
C ILE C 105 45.82 7.10 -15.36
N PHE C 106 45.33 6.74 -14.19
CA PHE C 106 44.02 7.20 -13.78
C PHE C 106 44.08 7.69 -12.35
N GLY C 107 43.11 8.50 -11.97
CA GLY C 107 42.99 8.88 -10.57
C GLY C 107 42.13 10.10 -10.40
N THR C 108 42.36 10.81 -9.30
CA THR C 108 41.69 12.07 -9.01
C THR C 108 42.66 13.23 -8.89
N THR C 109 43.69 13.11 -8.06
CA THR C 109 44.61 14.19 -7.76
C THR C 109 46.05 13.89 -8.09
N LEU C 110 46.44 12.61 -8.11
CA LEU C 110 47.64 12.11 -8.78
C LEU C 110 48.94 12.55 -8.10
N ASP C 111 48.86 13.00 -6.85
CA ASP C 111 49.99 13.63 -6.17
C ASP C 111 50.30 12.97 -4.83
N SER C 112 50.11 11.65 -4.75
CA SER C 112 50.28 10.85 -3.53
C SER C 112 49.38 11.31 -2.39
N LYS C 113 48.21 11.86 -2.73
CA LYS C 113 47.20 12.21 -1.75
C LYS C 113 46.02 11.26 -1.75
N THR C 114 45.62 10.78 -2.92
CA THR C 114 44.54 9.82 -3.08
C THR C 114 45.05 8.73 -4.02
N GLN C 115 44.52 7.52 -3.86
CA GLN C 115 44.97 6.36 -4.64
C GLN C 115 44.67 6.56 -6.12
N SER C 116 45.61 6.13 -6.95
CA SER C 116 45.57 6.41 -8.38
C SER C 116 45.92 5.14 -9.14
N LEU C 117 45.09 4.80 -10.13
CA LEU C 117 45.26 3.55 -10.84
C LEU C 117 46.33 3.68 -11.91
N LEU C 118 47.10 2.62 -12.09
CA LEU C 118 48.22 2.57 -13.03
C LEU C 118 48.15 1.30 -13.84
N ILE C 119 48.25 1.43 -15.16
CA ILE C 119 48.34 0.29 -16.07
C ILE C 119 49.61 0.45 -16.90
N VAL C 120 50.47 -0.56 -16.88
CA VAL C 120 51.73 -0.53 -17.60
C VAL C 120 51.87 -1.86 -18.34
N ASN C 121 52.25 -1.81 -19.61
CA ASN C 121 52.46 -3.03 -20.39
C ASN C 121 53.96 -3.24 -20.61
N ASN C 122 54.61 -3.91 -19.66
CA ASN C 122 56.04 -4.20 -19.76
C ASN C 122 56.28 -5.69 -19.61
N ALA C 123 57.36 -6.16 -20.24
CA ALA C 123 57.85 -7.55 -20.15
C ALA C 123 56.81 -8.56 -20.63
N THR C 124 55.93 -8.13 -21.54
CA THR C 124 54.79 -8.88 -22.08
C THR C 124 53.86 -9.36 -20.95
N ASN C 125 53.80 -8.60 -19.85
CA ASN C 125 52.96 -8.95 -18.70
C ASN C 125 52.41 -7.64 -18.14
N VAL C 126 51.12 -7.37 -18.37
CA VAL C 126 50.53 -6.09 -17.96
C VAL C 126 50.41 -6.03 -16.45
N VAL C 127 50.49 -4.81 -15.91
CA VAL C 127 50.58 -4.56 -14.48
C VAL C 127 49.62 -3.44 -14.14
N ILE C 128 48.83 -3.64 -13.09
CA ILE C 128 47.86 -2.67 -12.59
C ILE C 128 48.08 -2.48 -11.10
N LYS C 129 48.23 -1.24 -10.66
CA LYS C 129 48.41 -0.97 -9.24
C LYS C 129 47.62 0.26 -8.85
N VAL C 130 47.43 0.47 -7.55
CA VAL C 130 46.66 1.63 -7.07
C VAL C 130 47.37 2.43 -5.99
N CYS C 131 48.70 2.45 -6.00
CA CYS C 131 49.45 3.05 -4.90
C CYS C 131 49.37 4.58 -4.99
N GLU C 132 49.78 5.25 -3.92
CA GLU C 132 49.82 6.71 -3.88
C GLU C 132 51.09 7.23 -4.54
N PHE C 133 51.14 7.14 -5.87
CA PHE C 133 52.33 7.60 -6.56
C PHE C 133 52.38 9.12 -6.66
N GLN C 134 53.56 9.63 -6.97
CA GLN C 134 53.72 10.98 -7.45
C GLN C 134 53.84 10.95 -8.97
N PHE C 135 53.20 11.90 -9.62
CA PHE C 135 53.13 11.93 -11.07
C PHE C 135 54.14 12.93 -11.62
N CYS C 136 54.72 12.57 -12.76
CA CYS C 136 55.60 13.50 -13.45
C CYS C 136 54.77 14.64 -14.05
N ASN C 137 55.44 15.76 -14.29
CA ASN C 137 54.78 16.86 -14.97
C ASN C 137 54.50 16.50 -16.42
N ASP C 138 55.43 15.78 -17.05
CA ASP C 138 55.24 15.20 -18.39
C ASP C 138 55.62 13.73 -18.31
N PRO C 139 54.70 12.85 -17.86
CA PRO C 139 55.03 11.43 -17.75
C PRO C 139 55.21 10.76 -19.10
N PHE C 140 56.16 9.83 -19.15
CA PHE C 140 56.52 9.18 -20.40
C PHE C 140 56.91 7.73 -20.16
N GLY C 156 60.03 7.47 -14.23
CA GLY C 156 59.76 8.27 -13.06
C GLY C 156 58.28 8.36 -12.73
N VAL C 157 57.46 7.73 -13.57
CA VAL C 157 56.04 7.67 -13.29
C VAL C 157 55.76 6.72 -12.12
N TYR C 158 56.46 5.59 -12.05
CA TYR C 158 56.21 4.54 -11.07
C TYR C 158 56.94 4.79 -9.75
N SER C 159 57.43 6.01 -9.53
CA SER C 159 58.17 6.35 -8.32
C SER C 159 57.21 6.69 -7.18
N SER C 160 57.75 6.61 -5.96
CA SER C 160 57.04 6.82 -4.69
C SER C 160 55.79 5.94 -4.59
N ALA C 161 55.99 4.64 -4.70
CA ALA C 161 54.91 3.67 -4.51
C ALA C 161 54.58 3.62 -3.02
N ASN C 162 53.54 4.32 -2.61
CA ASN C 162 53.15 4.39 -1.21
C ASN C 162 51.71 3.94 -1.06
N ASN C 163 51.43 3.23 0.05
CA ASN C 163 50.08 2.83 0.48
C ASN C 163 49.32 2.07 -0.60
N CYS C 164 49.92 0.98 -1.08
CA CYS C 164 49.27 0.16 -2.09
C CYS C 164 48.14 -0.64 -1.47
N THR C 165 46.99 -0.66 -2.13
CA THR C 165 45.85 -1.42 -1.62
C THR C 165 45.43 -2.53 -2.57
N PHE C 166 46.08 -2.67 -3.72
CA PHE C 166 45.74 -3.68 -4.71
C PHE C 166 46.94 -3.79 -5.63
N GLU C 167 47.13 -4.96 -6.22
CA GLU C 167 48.22 -5.22 -7.15
C GLU C 167 47.75 -6.30 -8.10
N TYR C 168 48.11 -6.23 -9.38
CA TYR C 168 47.63 -7.24 -10.32
C TYR C 168 48.58 -7.31 -11.50
N VAL C 169 48.84 -8.52 -11.97
CA VAL C 169 49.67 -8.75 -13.15
C VAL C 169 48.94 -9.78 -14.00
N SER C 170 48.87 -9.55 -15.31
CA SER C 170 48.18 -10.48 -16.20
C SER C 170 48.90 -10.62 -17.53
N GLN C 171 48.38 -11.56 -18.31
CA GLN C 171 48.80 -11.78 -19.68
C GLN C 171 48.49 -10.54 -20.52
N PRO C 172 49.28 -10.26 -21.56
CA PRO C 172 49.19 -8.95 -22.21
C PRO C 172 48.00 -8.86 -23.15
N PHE C 173 47.96 -7.75 -23.88
CA PHE C 173 47.09 -7.63 -25.03
C PHE C 173 47.77 -6.84 -26.14
N LEU C 174 47.57 -7.32 -27.37
CA LEU C 174 48.20 -6.82 -28.59
C LEU C 174 49.71 -6.78 -28.49
N LYS C 185 47.94 0.55 -38.41
CA LYS C 185 47.39 -0.58 -39.17
C LYS C 185 46.58 -1.50 -38.26
N ASN C 186 46.71 -1.31 -36.95
CA ASN C 186 45.95 -2.07 -35.97
C ASN C 186 45.39 -1.11 -34.93
N LEU C 187 44.09 -1.24 -34.66
CA LEU C 187 43.35 -0.35 -33.78
C LEU C 187 43.01 -1.08 -32.50
N ARG C 188 43.28 -0.45 -31.37
CA ARG C 188 42.92 -0.99 -30.07
C ARG C 188 41.89 -0.07 -29.45
N GLU C 189 40.70 -0.60 -29.18
CA GLU C 189 39.59 0.14 -28.60
C GLU C 189 39.37 -0.37 -27.19
N PHE C 190 39.10 0.54 -26.26
CA PHE C 190 39.01 0.24 -24.85
C PHE C 190 37.92 1.09 -24.25
N VAL C 191 37.21 0.56 -23.27
CA VAL C 191 36.20 1.32 -22.54
C VAL C 191 36.49 1.16 -21.07
N PHE C 192 36.66 2.28 -20.38
CA PHE C 192 36.90 2.29 -18.95
C PHE C 192 35.69 2.91 -18.27
N LYS C 193 35.09 2.16 -17.36
CA LYS C 193 33.97 2.69 -16.60
C LYS C 193 34.21 2.40 -15.13
N ASN C 194 33.61 3.19 -14.26
CA ASN C 194 33.80 3.04 -12.82
C ASN C 194 32.45 3.22 -12.13
N ILE C 195 31.76 2.11 -11.92
CA ILE C 195 30.41 2.13 -11.36
C ILE C 195 30.38 1.24 -10.14
N ASP C 196 29.79 1.75 -9.05
CA ASP C 196 29.50 0.99 -7.82
C ASP C 196 30.76 0.42 -7.19
N GLY C 197 31.84 1.19 -7.20
CA GLY C 197 33.09 0.73 -6.66
C GLY C 197 33.79 -0.30 -7.52
N TYR C 198 33.33 -0.49 -8.74
CA TYR C 198 33.91 -1.47 -9.65
C TYR C 198 34.45 -0.75 -10.88
N PHE C 199 35.70 -1.01 -11.19
CA PHE C 199 36.34 -0.44 -12.36
C PHE C 199 36.39 -1.51 -13.45
N LYS C 200 35.77 -1.23 -14.58
CA LYS C 200 35.57 -2.21 -15.63
C LYS C 200 36.28 -1.76 -16.90
N ILE C 201 36.96 -2.71 -17.55
CA ILE C 201 37.67 -2.47 -18.79
C ILE C 201 37.09 -3.41 -19.84
N TYR C 202 36.71 -2.87 -20.97
CA TYR C 202 36.28 -3.65 -22.12
C TYR C 202 37.21 -3.33 -23.26
N SER C 203 37.38 -4.23 -24.21
CA SER C 203 38.38 -3.98 -25.22
C SER C 203 38.09 -4.72 -26.50
N LYS C 204 38.77 -4.31 -27.56
CA LYS C 204 39.01 -5.16 -28.72
C LYS C 204 40.23 -4.69 -29.48
N HIS C 205 40.78 -5.61 -30.25
CA HIS C 205 41.85 -5.35 -31.20
C HIS C 205 41.34 -5.72 -32.58
N THR C 206 41.41 -4.78 -33.51
CA THR C 206 40.96 -5.04 -34.87
C THR C 206 41.92 -4.34 -35.83
N PRO C 207 42.32 -4.98 -36.91
CA PRO C 207 43.10 -4.27 -37.93
C PRO C 207 42.30 -3.16 -38.60
N ILE C 208 43.00 -2.08 -38.94
CA ILE C 208 42.40 -0.89 -39.54
C ILE C 208 43.28 -0.44 -40.69
N ASN C 209 42.71 0.37 -41.59
CA ASN C 209 43.46 0.89 -42.72
C ASN C 209 43.08 2.34 -43.01
N LEU C 210 42.86 3.14 -41.97
CA LEU C 210 42.50 4.54 -42.16
C LEU C 210 43.03 5.34 -40.98
N VAL C 211 44.02 6.20 -41.23
CA VAL C 211 44.55 7.09 -40.21
C VAL C 211 43.85 8.43 -40.20
N ARG C 212 43.09 8.76 -41.25
CA ARG C 212 42.41 10.04 -41.30
C ARG C 212 41.10 10.02 -40.52
N ASP C 213 40.58 8.85 -40.21
CA ASP C 213 39.31 8.74 -39.51
C ASP C 213 39.28 7.42 -38.75
N LEU C 214 38.24 7.25 -37.92
CA LEU C 214 37.88 6.09 -37.12
C LEU C 214 36.90 5.22 -37.92
N PRO C 215 37.22 3.95 -38.14
CA PRO C 215 36.62 3.22 -39.27
C PRO C 215 35.15 2.89 -39.06
N GLN C 216 34.40 2.99 -40.15
CA GLN C 216 33.00 2.63 -40.13
C GLN C 216 32.85 1.13 -40.01
N GLY C 217 31.84 0.71 -39.30
CA GLY C 217 31.61 -0.69 -39.06
C GLY C 217 31.29 -0.91 -37.59
N PHE C 218 31.08 -2.17 -37.24
CA PHE C 218 30.61 -2.50 -35.91
C PHE C 218 31.53 -3.51 -35.24
N SER C 219 31.86 -3.24 -33.99
CA SER C 219 32.69 -4.15 -33.19
C SER C 219 32.36 -3.89 -31.74
N ALA C 220 31.82 -4.90 -31.06
CA ALA C 220 31.45 -4.79 -29.67
C ALA C 220 32.60 -5.29 -28.81
N LEU C 221 32.83 -4.61 -27.68
CA LEU C 221 34.03 -4.84 -26.88
C LEU C 221 33.69 -5.66 -25.66
N GLU C 222 34.16 -6.91 -25.63
CA GLU C 222 33.93 -7.82 -24.52
C GLU C 222 34.83 -7.45 -23.35
N PRO C 223 34.41 -7.74 -22.12
CA PRO C 223 35.21 -7.35 -20.96
C PRO C 223 36.51 -8.13 -20.86
N LEU C 224 37.49 -7.49 -20.25
CA LEU C 224 38.71 -8.15 -19.82
C LEU C 224 38.79 -8.24 -18.32
N VAL C 225 38.64 -7.11 -17.64
CA VAL C 225 39.07 -6.93 -16.27
C VAL C 225 37.99 -6.15 -15.52
N ASP C 226 37.55 -6.66 -14.37
CA ASP C 226 36.69 -5.91 -13.47
C ASP C 226 37.32 -5.94 -12.08
N LEU C 227 37.41 -4.77 -11.45
CA LEU C 227 38.19 -4.61 -10.24
C LEU C 227 37.35 -4.00 -9.14
N PRO C 228 37.44 -4.50 -7.90
CA PRO C 228 36.68 -3.95 -6.77
C PRO C 228 37.43 -2.85 -6.01
N ILE C 229 37.87 -1.82 -6.75
CA ILE C 229 38.78 -0.85 -6.16
C ILE C 229 38.05 0.14 -5.26
N GLY C 230 37.13 0.91 -5.80
CA GLY C 230 36.30 1.77 -4.99
C GLY C 230 36.82 3.17 -4.76
N ILE C 231 37.83 3.60 -5.50
CA ILE C 231 38.33 4.96 -5.38
C ILE C 231 37.49 5.90 -6.24
N ASN C 232 37.36 7.14 -5.80
CA ASN C 232 36.85 8.17 -6.69
C ASN C 232 37.84 8.41 -7.81
N ILE C 233 37.33 8.65 -9.01
CA ILE C 233 38.18 8.79 -10.19
C ILE C 233 37.65 9.97 -11.00
N THR C 234 38.56 10.83 -11.45
CA THR C 234 38.13 12.06 -12.11
C THR C 234 38.96 12.36 -13.36
N ARG C 235 40.21 11.97 -13.37
CA ARG C 235 41.10 12.32 -14.46
C ARG C 235 41.92 11.12 -14.90
N PHE C 236 42.49 11.22 -16.09
CA PHE C 236 43.31 10.14 -16.61
C PHE C 236 44.26 10.69 -17.65
N GLN C 237 45.20 9.87 -18.08
CA GLN C 237 46.22 10.26 -19.05
C GLN C 237 46.77 9.01 -19.71
N THR C 238 47.48 9.21 -20.82
CA THR C 238 48.08 8.10 -21.52
C THR C 238 49.60 8.09 -21.37
N LEU C 239 50.22 7.02 -21.86
CA LEU C 239 51.65 6.77 -21.72
C LEU C 239 52.28 6.37 -23.04
N LEU C 240 53.48 6.89 -23.29
CA LEU C 240 54.26 6.57 -24.47
C LEU C 240 55.69 6.24 -24.05
N ALA C 241 56.33 5.35 -24.80
CA ALA C 241 57.73 5.03 -24.56
C ALA C 241 58.60 6.17 -25.10
N LEU C 242 59.40 6.76 -24.21
CA LEU C 242 60.08 8.01 -24.53
C LEU C 242 61.33 7.76 -25.37
N HIS C 243 61.55 8.64 -26.34
CA HIS C 243 62.71 8.56 -27.22
C HIS C 243 63.28 9.94 -27.51
N GLY C 259 54.62 13.39 -35.09
CA GLY C 259 55.79 12.55 -34.84
C GLY C 259 55.54 11.41 -33.87
N ALA C 260 54.28 11.02 -33.73
CA ALA C 260 53.88 9.99 -32.79
C ALA C 260 52.61 9.32 -33.32
N ALA C 261 52.07 8.38 -32.55
CA ALA C 261 50.85 7.70 -32.93
C ALA C 261 49.65 8.56 -32.55
N ALA C 262 48.44 8.06 -32.80
CA ALA C 262 47.24 8.85 -32.62
C ALA C 262 46.24 8.09 -31.79
N TYR C 263 45.45 8.84 -31.02
CA TYR C 263 44.40 8.23 -30.26
C TYR C 263 43.21 9.17 -30.17
N TYR C 264 42.10 8.62 -29.69
CA TYR C 264 40.82 9.29 -29.66
C TYR C 264 40.17 9.03 -28.32
N VAL C 265 39.58 10.07 -27.74
CA VAL C 265 38.93 9.98 -26.44
C VAL C 265 37.49 10.45 -26.57
N GLY C 266 36.54 9.60 -26.20
CA GLY C 266 35.15 9.98 -26.18
C GLY C 266 34.53 9.63 -24.84
N TYR C 267 33.34 10.15 -24.60
CA TYR C 267 32.74 10.06 -23.29
C TYR C 267 31.51 9.17 -23.35
N LEU C 268 31.02 8.77 -22.18
CA LEU C 268 29.86 7.92 -22.09
C LEU C 268 28.70 8.70 -21.47
N GLN C 269 27.51 8.43 -21.96
CA GLN C 269 26.30 9.08 -21.49
C GLN C 269 25.26 8.03 -21.16
N PRO C 270 24.41 8.27 -20.20
CA PRO C 270 23.36 7.31 -19.88
C PRO C 270 22.23 7.28 -20.89
N ARG C 271 22.36 6.47 -21.93
CA ARG C 271 21.33 6.37 -22.94
C ARG C 271 20.91 4.92 -23.18
N THR C 272 19.91 4.77 -24.04
CA THR C 272 19.28 3.48 -24.30
C THR C 272 19.67 2.97 -25.67
N PHE C 273 20.12 1.74 -25.73
CA PHE C 273 20.50 1.10 -26.97
C PHE C 273 19.62 -0.10 -27.22
N LEU C 274 19.53 -0.50 -28.48
CA LEU C 274 18.96 -1.77 -28.85
C LEU C 274 20.05 -2.55 -29.57
N LEU C 275 20.34 -3.75 -29.09
CA LEU C 275 21.49 -4.50 -29.56
C LEU C 275 21.04 -5.82 -30.14
N LYS C 276 21.77 -6.30 -31.13
CA LYS C 276 21.38 -7.48 -31.88
C LYS C 276 22.34 -8.59 -31.55
N TYR C 277 21.88 -9.57 -30.81
CA TYR C 277 22.67 -10.76 -30.50
C TYR C 277 22.31 -11.81 -31.53
N ASN C 278 23.31 -12.33 -32.23
CA ASN C 278 23.03 -13.31 -33.28
C ASN C 278 22.84 -14.69 -32.68
N GLU C 279 22.92 -15.71 -33.53
CA GLU C 279 22.78 -17.09 -33.08
C GLU C 279 23.89 -17.51 -32.13
N ASN C 280 25.12 -17.10 -32.38
CA ASN C 280 26.22 -17.53 -31.54
C ASN C 280 26.40 -16.67 -30.31
N GLY C 281 25.65 -15.60 -30.17
CA GLY C 281 25.70 -14.79 -28.98
C GLY C 281 26.51 -13.52 -29.08
N THR C 282 27.03 -13.18 -30.24
CA THR C 282 27.81 -11.97 -30.41
C THR C 282 26.92 -10.80 -30.81
N ILE C 283 27.17 -9.65 -30.22
CA ILE C 283 26.50 -8.42 -30.62
C ILE C 283 26.97 -8.06 -32.02
N THR C 284 26.02 -7.88 -32.93
CA THR C 284 26.32 -7.64 -34.32
C THR C 284 25.90 -6.27 -34.80
N ASP C 285 24.84 -5.70 -34.24
CA ASP C 285 24.43 -4.35 -34.60
C ASP C 285 23.82 -3.69 -33.37
N ALA C 286 23.68 -2.38 -33.44
CA ALA C 286 22.95 -1.66 -32.40
C ALA C 286 22.37 -0.40 -32.99
N VAL C 287 21.32 0.10 -32.35
CA VAL C 287 20.74 1.39 -32.69
C VAL C 287 20.59 2.20 -31.42
N ASP C 288 20.94 3.47 -31.51
CA ASP C 288 20.84 4.38 -30.38
C ASP C 288 19.46 5.00 -30.38
N CYS C 289 18.67 4.72 -29.38
CA CYS C 289 17.27 5.10 -29.39
C CYS C 289 17.05 6.55 -29.14
N ALA C 290 18.02 7.45 -29.19
CA ALA C 290 17.72 8.87 -29.18
C ALA C 290 18.49 9.60 -30.26
N LEU C 291 19.02 8.90 -31.26
CA LEU C 291 19.81 9.56 -32.29
C LEU C 291 18.94 10.35 -33.24
N ASP C 292 18.06 9.67 -33.96
CA ASP C 292 17.16 10.27 -34.93
C ASP C 292 15.83 9.55 -34.75
N PRO C 293 14.73 10.13 -35.27
CA PRO C 293 13.42 9.49 -35.08
C PRO C 293 13.28 8.11 -35.65
N LEU C 294 14.00 7.78 -36.72
CA LEU C 294 13.95 6.44 -37.27
C LEU C 294 14.49 5.42 -36.28
N SER C 295 15.57 5.76 -35.58
CA SER C 295 16.08 4.89 -34.55
C SER C 295 15.14 4.80 -33.37
N GLU C 296 14.37 5.85 -33.10
CA GLU C 296 13.35 5.75 -32.06
C GLU C 296 12.26 4.75 -32.44
N THR C 297 11.87 4.72 -33.72
CA THR C 297 10.88 3.72 -34.13
C THR C 297 11.46 2.33 -34.07
N LYS C 298 12.72 2.17 -34.50
CA LYS C 298 13.37 0.87 -34.44
C LYS C 298 13.48 0.38 -33.02
N CYS C 299 13.69 1.28 -32.08
CA CYS C 299 13.77 0.91 -30.68
C CYS C 299 12.41 0.62 -30.10
N THR C 300 11.37 1.33 -30.56
CA THR C 300 10.02 1.11 -30.05
C THR C 300 9.46 -0.21 -30.56
N LEU C 301 9.62 -0.49 -31.85
CA LEU C 301 9.13 -1.72 -32.42
C LEU C 301 10.00 -2.94 -32.10
N LYS C 302 11.17 -2.72 -31.51
CA LYS C 302 12.16 -3.76 -31.23
C LYS C 302 12.53 -4.54 -32.49
N SER C 303 12.82 -3.80 -33.56
CA SER C 303 13.29 -4.45 -34.76
C SER C 303 14.23 -3.51 -35.48
N PHE C 304 15.02 -4.05 -36.38
CA PHE C 304 15.96 -3.26 -37.14
C PHE C 304 15.43 -2.90 -38.51
N THR C 305 14.29 -3.45 -38.91
CA THR C 305 13.63 -3.10 -40.17
C THR C 305 12.21 -2.73 -39.78
N VAL C 306 11.82 -1.50 -40.04
CA VAL C 306 10.44 -1.11 -39.80
C VAL C 306 9.67 -1.13 -41.11
N GLU C 307 8.43 -1.58 -41.05
CA GLU C 307 7.57 -1.56 -42.21
C GLU C 307 7.01 -0.16 -42.37
N LYS C 308 6.48 0.13 -43.55
CA LYS C 308 5.97 1.47 -43.81
C LYS C 308 4.72 1.74 -42.99
N GLY C 309 4.58 2.96 -42.54
CA GLY C 309 3.43 3.31 -41.77
C GLY C 309 3.75 4.45 -40.81
N ILE C 310 2.89 4.59 -39.83
CA ILE C 310 3.01 5.61 -38.80
C ILE C 310 3.10 4.92 -37.44
N TYR C 311 4.00 5.41 -36.59
CA TYR C 311 4.30 4.74 -35.33
C TYR C 311 4.48 5.79 -34.24
N GLN C 312 3.68 5.72 -33.19
CA GLN C 312 3.87 6.64 -32.08
C GLN C 312 5.08 6.26 -31.26
N THR C 313 5.95 7.24 -31.00
CA THR C 313 7.20 6.98 -30.31
C THR C 313 7.25 7.59 -28.92
N SER C 314 6.99 8.88 -28.78
CA SER C 314 7.14 9.52 -27.49
C SER C 314 6.12 10.64 -27.38
N ASN C 315 6.37 11.58 -26.48
CA ASN C 315 5.48 12.72 -26.33
C ASN C 315 6.29 13.99 -26.39
N PHE C 316 5.73 15.01 -27.01
CA PHE C 316 6.35 16.32 -26.99
C PHE C 316 5.77 17.11 -25.83
N ARG C 317 6.65 17.63 -24.98
CA ARG C 317 6.27 18.62 -23.98
C ARG C 317 7.21 19.80 -24.09
N VAL C 318 6.66 20.96 -24.43
CA VAL C 318 7.47 22.16 -24.31
C VAL C 318 7.58 22.51 -22.83
N GLN C 319 8.80 22.77 -22.40
CA GLN C 319 9.07 22.82 -20.98
C GLN C 319 8.74 24.20 -20.42
N PRO C 320 8.47 24.30 -19.13
CA PRO C 320 8.40 25.62 -18.48
C PRO C 320 9.73 26.36 -18.59
N THR C 321 9.65 27.66 -18.86
CA THR C 321 10.87 28.45 -19.00
C THR C 321 11.28 29.06 -17.66
N GLU C 322 10.34 29.72 -16.96
CA GLU C 322 10.66 30.22 -15.63
C GLU C 322 9.44 30.07 -14.73
N SER C 323 9.65 30.36 -13.45
CA SER C 323 8.64 30.21 -12.41
C SER C 323 8.23 31.56 -11.87
N ILE C 324 6.93 31.82 -11.87
CA ILE C 324 6.34 32.99 -11.24
C ILE C 324 5.79 32.54 -9.89
N VAL C 325 6.16 33.24 -8.81
CA VAL C 325 5.68 32.89 -7.48
C VAL C 325 4.93 34.07 -6.87
N ARG C 326 4.23 34.82 -7.71
CA ARG C 326 3.79 36.15 -7.33
C ARG C 326 2.41 36.18 -6.70
N PHE C 327 2.18 37.15 -5.78
CA PHE C 327 0.88 37.46 -5.15
C PHE C 327 0.50 38.96 -5.03
N PRO C 328 1.16 39.82 -5.82
CA PRO C 328 1.15 41.27 -5.98
C PRO C 328 0.36 42.25 -5.14
N ASN C 329 1.12 43.30 -4.79
CA ASN C 329 0.83 44.47 -3.97
C ASN C 329 0.74 44.22 -2.48
N ILE C 330 1.88 44.36 -1.83
CA ILE C 330 1.98 44.17 -0.39
C ILE C 330 1.54 45.49 0.26
N THR C 331 0.37 45.51 0.89
CA THR C 331 -0.20 46.77 1.42
C THR C 331 -0.58 46.94 2.94
N ASN C 332 -0.78 45.85 3.69
CA ASN C 332 -1.06 46.05 5.12
C ASN C 332 0.26 46.23 5.73
N LEU C 333 0.85 47.39 5.50
CA LEU C 333 2.16 47.40 6.14
C LEU C 333 2.02 47.58 7.65
N CYS C 334 2.87 46.87 8.39
CA CYS C 334 2.87 46.96 9.85
C CYS C 334 3.46 48.30 10.30
N PRO C 335 2.94 48.88 11.39
CA PRO C 335 3.39 50.22 11.82
C PRO C 335 4.73 50.23 12.56
N PHE C 336 5.81 50.26 11.78
CA PHE C 336 7.15 50.32 12.34
C PHE C 336 7.71 51.73 12.39
N GLY C 337 7.10 52.67 11.66
CA GLY C 337 7.67 54.01 11.57
C GLY C 337 7.61 54.79 12.87
N GLU C 338 6.50 54.66 13.59
CA GLU C 338 6.34 55.29 14.90
C GLU C 338 6.83 54.40 16.04
N VAL C 339 7.48 53.28 15.71
CA VAL C 339 8.15 52.46 16.71
C VAL C 339 9.64 52.78 16.78
N PHE C 340 10.33 52.72 15.64
CA PHE C 340 11.76 52.95 15.61
C PHE C 340 12.14 54.42 15.50
N ASN C 341 11.18 55.30 15.23
CA ASN C 341 11.51 56.69 14.97
C ASN C 341 10.59 57.65 15.72
N ALA C 342 10.00 57.20 16.82
CA ALA C 342 9.20 58.08 17.65
C ALA C 342 10.10 59.06 18.42
N THR C 343 9.57 60.26 18.68
CA THR C 343 10.41 61.35 19.17
C THR C 343 10.78 61.22 20.65
N ARG C 344 10.09 60.38 21.42
CA ARG C 344 10.43 60.18 22.83
C ARG C 344 10.22 58.73 23.20
N PHE C 345 11.29 57.97 23.35
CA PHE C 345 11.21 56.66 23.96
C PHE C 345 10.99 56.80 25.45
N ALA C 346 10.44 55.76 26.07
CA ALA C 346 10.29 55.75 27.52
C ALA C 346 11.52 55.12 28.15
N SER C 347 11.52 55.08 29.48
CA SER C 347 12.67 54.55 30.20
C SER C 347 12.69 53.03 30.13
N VAL C 348 13.79 52.44 30.59
CA VAL C 348 13.97 51.00 30.51
C VAL C 348 13.05 50.27 31.51
N TYR C 349 12.77 50.85 32.67
CA TYR C 349 11.87 50.22 33.62
C TYR C 349 10.42 50.31 33.16
N ALA C 350 10.06 51.41 32.51
CA ALA C 350 8.74 51.53 31.87
C ALA C 350 8.88 51.26 30.38
N TRP C 351 9.33 50.04 30.08
CA TRP C 351 9.66 49.67 28.71
C TRP C 351 8.39 49.54 27.89
N ASN C 352 8.39 50.16 26.70
CA ASN C 352 7.16 50.30 25.95
C ASN C 352 6.94 49.10 25.05
N ARG C 353 5.77 48.49 25.17
CA ARG C 353 5.46 47.28 24.42
C ARG C 353 4.33 47.58 23.44
N LYS C 354 4.57 47.31 22.17
CA LYS C 354 3.57 47.51 21.14
C LYS C 354 3.20 46.17 20.51
N ARG C 355 1.90 45.89 20.49
CA ARG C 355 1.37 44.74 19.78
C ARG C 355 1.28 45.08 18.31
N ILE C 356 1.80 44.20 17.46
CA ILE C 356 1.80 44.35 16.02
C ILE C 356 1.07 43.12 15.49
N SER C 357 -0.14 43.32 14.97
CA SER C 357 -0.99 42.22 14.55
C SER C 357 -1.84 42.66 13.38
N ASN C 358 -2.20 41.66 12.55
CA ASN C 358 -3.04 41.83 11.35
C ASN C 358 -2.47 42.85 10.39
N CYS C 359 -1.24 42.63 9.95
CA CYS C 359 -0.60 43.47 8.94
C CYS C 359 0.48 42.67 8.24
N VAL C 360 1.28 43.37 7.43
CA VAL C 360 2.40 42.80 6.71
C VAL C 360 3.67 43.50 7.18
N ALA C 361 4.66 42.72 7.61
CA ALA C 361 5.87 43.26 8.22
C ALA C 361 7.05 43.14 7.27
N ASP C 362 7.85 44.20 7.19
CA ASP C 362 9.04 44.23 6.35
C ASP C 362 10.28 44.30 7.24
N TYR C 363 11.17 43.32 7.11
CA TYR C 363 12.30 43.20 8.01
C TYR C 363 13.64 43.46 7.35
N SER C 364 13.72 43.34 6.02
CA SER C 364 14.98 43.59 5.33
C SER C 364 15.32 45.07 5.28
N VAL C 365 14.31 45.95 5.33
CA VAL C 365 14.54 47.39 5.41
C VAL C 365 15.23 47.75 6.74
N LEU C 366 14.94 47.00 7.80
CA LEU C 366 15.60 47.21 9.08
C LEU C 366 17.01 46.64 9.08
N TYR C 367 17.21 45.55 8.33
CA TYR C 367 18.51 44.86 8.28
C TYR C 367 19.52 45.61 7.42
N ASN C 368 19.07 46.23 6.33
CA ASN C 368 19.98 46.86 5.39
C ASN C 368 20.18 48.35 5.65
N SER C 369 19.56 48.91 6.69
CA SER C 369 19.61 50.36 6.89
C SER C 369 20.97 50.83 7.38
N ALA C 370 21.72 49.95 8.04
CA ALA C 370 23.08 50.17 8.56
C ALA C 370 23.18 51.30 9.59
N SER C 371 22.05 51.77 10.11
CA SER C 371 22.03 52.78 11.16
C SER C 371 22.03 52.16 12.55
N PHE C 372 22.14 50.84 12.64
CA PHE C 372 22.00 50.11 13.89
C PHE C 372 23.33 49.49 14.27
N SER C 373 23.81 49.79 15.49
CA SER C 373 25.12 49.32 15.93
C SER C 373 25.14 47.82 16.18
N THR C 374 24.16 47.27 16.89
CA THR C 374 24.12 45.84 17.16
C THR C 374 22.87 45.25 16.54
N PHE C 375 23.07 44.28 15.65
CA PHE C 375 22.00 43.58 14.94
C PHE C 375 22.49 42.14 14.75
N LYS C 376 22.19 41.28 15.73
CA LYS C 376 22.47 39.85 15.65
C LYS C 376 21.23 39.14 16.17
N CYS C 377 20.86 38.03 15.56
CA CYS C 377 19.57 37.46 15.88
C CYS C 377 19.63 36.00 16.30
N TYR C 378 18.82 35.69 17.32
CA TYR C 378 18.69 34.38 17.91
C TYR C 378 17.41 33.73 17.39
N GLY C 379 17.45 32.42 17.19
CA GLY C 379 16.25 31.69 16.83
C GLY C 379 16.04 31.57 15.32
N VAL C 380 16.34 32.64 14.60
CA VAL C 380 16.15 32.68 13.16
C VAL C 380 17.07 33.77 12.59
N SER C 381 17.66 33.49 11.44
CA SER C 381 18.51 34.46 10.75
C SER C 381 17.69 35.67 10.32
N PRO C 382 18.31 36.87 10.29
CA PRO C 382 17.59 38.06 9.82
C PRO C 382 17.17 37.99 8.36
N THR C 383 17.87 37.21 7.53
CA THR C 383 17.46 37.06 6.14
C THR C 383 16.24 36.15 5.99
N LYS C 384 16.18 35.07 6.77
CA LYS C 384 15.14 34.06 6.62
C LYS C 384 13.99 34.21 7.59
N LEU C 385 13.95 35.29 8.37
CA LEU C 385 12.77 35.59 9.16
C LEU C 385 11.79 36.47 8.38
N ASN C 386 12.07 36.76 7.11
CA ASN C 386 11.10 37.42 6.25
C ASN C 386 10.19 36.42 5.54
N ASP C 387 10.69 35.22 5.27
CA ASP C 387 9.91 34.15 4.66
C ASP C 387 9.27 33.22 5.69
N LEU C 388 9.55 33.44 6.97
CA LEU C 388 8.79 32.87 8.07
C LEU C 388 7.91 33.95 8.65
N CYS C 389 6.86 33.54 9.37
CA CYS C 389 5.94 34.51 9.90
C CYS C 389 5.16 33.93 11.08
N PHE C 390 4.48 34.82 11.81
CA PHE C 390 3.95 34.50 13.12
C PHE C 390 2.56 35.08 13.30
N THR C 391 2.07 35.00 14.55
CA THR C 391 0.72 35.40 14.90
C THR C 391 0.67 36.83 15.40
N ASN C 392 1.46 37.14 16.44
CA ASN C 392 1.54 38.48 16.99
C ASN C 392 3.00 38.84 17.22
N VAL C 393 3.34 40.10 16.98
CA VAL C 393 4.73 40.56 17.05
C VAL C 393 4.81 41.64 18.13
N TYR C 394 5.73 41.47 19.07
CA TYR C 394 5.83 42.39 20.20
C TYR C 394 7.09 43.23 20.07
N ALA C 395 6.91 44.56 20.10
CA ALA C 395 8.02 45.49 19.97
C ALA C 395 8.24 46.19 21.31
N ASP C 396 9.36 45.90 21.95
CA ASP C 396 9.70 46.44 23.26
C ASP C 396 10.81 47.46 23.07
N SER C 397 10.48 48.72 23.24
CA SER C 397 11.41 49.81 23.00
C SER C 397 11.80 50.47 24.33
N PHE C 398 13.10 50.76 24.45
CA PHE C 398 13.61 51.52 25.59
C PHE C 398 14.92 52.21 25.21
N VAL C 399 15.48 52.94 26.17
CA VAL C 399 16.75 53.63 26.04
C VAL C 399 17.61 53.25 27.24
N ILE C 400 18.79 52.69 26.98
CA ILE C 400 19.71 52.33 28.06
C ILE C 400 21.03 53.04 27.89
N ARG C 401 21.98 52.74 28.78
CA ARG C 401 23.37 53.07 28.51
C ARG C 401 23.95 51.97 27.62
N GLY C 402 24.86 52.37 26.73
CA GLY C 402 25.36 51.43 25.74
C GLY C 402 26.34 50.40 26.28
N ASP C 403 26.76 50.53 27.54
CA ASP C 403 27.74 49.61 28.10
C ASP C 403 27.10 48.30 28.56
N GLU C 404 25.77 48.29 28.69
CA GLU C 404 25.05 47.08 29.10
C GLU C 404 24.23 46.47 27.97
N VAL C 405 24.62 46.74 26.71
CA VAL C 405 23.89 46.16 25.58
C VAL C 405 24.16 44.67 25.45
N ARG C 406 25.21 44.16 26.10
CA ARG C 406 25.38 42.72 26.20
C ARG C 406 24.37 42.11 27.17
N GLN C 407 23.82 42.91 28.07
CA GLN C 407 22.78 42.44 28.98
C GLN C 407 21.43 42.27 28.30
N ILE C 408 21.26 42.82 27.10
CA ILE C 408 20.04 42.58 26.30
C ILE C 408 20.33 41.34 25.46
N ALA C 409 20.21 40.17 26.09
CA ALA C 409 20.54 38.89 25.49
C ALA C 409 19.93 37.80 26.36
N PRO C 410 19.59 36.64 25.79
CA PRO C 410 18.99 35.55 26.58
C PRO C 410 19.97 34.98 27.59
N GLY C 411 19.54 34.92 28.85
CA GLY C 411 20.35 34.37 29.92
C GLY C 411 21.53 35.23 30.30
N GLN C 412 21.28 36.45 30.75
CA GLN C 412 22.34 37.37 31.13
C GLN C 412 22.08 37.92 32.52
N THR C 413 23.15 38.38 33.17
CA THR C 413 23.09 38.88 34.53
C THR C 413 23.57 40.33 34.57
N GLY C 414 23.03 41.07 35.52
CA GLY C 414 23.29 42.48 35.63
C GLY C 414 22.06 43.17 36.19
N LYS C 415 22.20 44.49 36.39
CA LYS C 415 21.10 45.29 36.93
C LYS C 415 19.91 45.31 35.96
N ILE C 416 20.18 45.48 34.68
CA ILE C 416 19.15 45.77 33.70
C ILE C 416 18.42 44.49 33.30
N ALA C 417 19.16 43.39 33.12
CA ALA C 417 18.54 42.12 32.72
C ALA C 417 17.71 41.50 33.84
N ASP C 418 18.05 41.75 35.10
CA ASP C 418 17.37 41.11 36.21
C ASP C 418 16.32 41.97 36.91
N TYR C 419 16.34 43.28 36.69
CA TYR C 419 15.43 44.19 37.38
C TYR C 419 14.68 45.16 36.48
N ASN C 420 15.02 45.27 35.20
CA ASN C 420 14.33 46.18 34.29
C ASN C 420 13.69 45.47 33.11
N TYR C 421 14.39 44.51 32.51
CA TYR C 421 13.88 43.79 31.35
C TYR C 421 14.59 42.45 31.23
N LYS C 422 13.83 41.36 31.37
CA LYS C 422 14.37 40.01 31.38
C LYS C 422 14.00 39.29 30.09
N LEU C 423 14.98 38.60 29.49
CA LEU C 423 14.72 37.77 28.32
C LEU C 423 14.56 36.31 28.72
N PRO C 424 13.66 35.58 28.05
CA PRO C 424 13.61 34.13 28.23
C PRO C 424 14.75 33.44 27.49
N ASP C 425 15.04 32.22 27.93
CA ASP C 425 16.06 31.42 27.25
C ASP C 425 15.54 30.89 25.91
N ASP C 426 14.25 30.56 25.84
CA ASP C 426 13.64 30.09 24.60
C ASP C 426 13.07 31.27 23.80
N PHE C 427 13.97 32.19 23.47
CA PHE C 427 13.60 33.49 22.94
C PHE C 427 13.54 33.43 21.42
N THR C 428 12.38 33.74 20.87
CA THR C 428 12.22 33.97 19.45
C THR C 428 12.10 35.47 19.19
N GLY C 429 12.83 35.94 18.19
CA GLY C 429 13.05 37.36 18.01
C GLY C 429 14.45 37.76 18.47
N CYS C 430 14.70 39.07 18.37
CA CYS C 430 16.05 39.57 18.60
C CYS C 430 16.06 41.06 18.88
N VAL C 431 17.28 41.63 18.87
CA VAL C 431 17.60 42.92 19.49
C VAL C 431 18.18 43.85 18.43
N ILE C 432 17.71 45.09 18.40
CA ILE C 432 18.24 46.14 17.54
C ILE C 432 18.75 47.26 18.44
N ALA C 433 20.05 47.58 18.31
CA ALA C 433 20.67 48.59 19.15
C ALA C 433 21.34 49.65 18.30
N TRP C 434 21.06 50.93 18.59
CA TRP C 434 21.71 52.01 17.86
C TRP C 434 21.86 53.25 18.73
N ASN C 435 22.89 54.03 18.43
CA ASN C 435 23.22 55.21 19.22
C ASN C 435 22.19 56.32 19.04
N SER C 436 21.95 57.04 20.12
CA SER C 436 21.03 58.17 20.13
C SER C 436 21.61 59.32 20.94
N ASN C 437 22.89 59.62 20.70
CA ASN C 437 23.58 60.62 21.52
C ASN C 437 23.17 62.04 21.12
N ASN C 438 22.79 62.26 19.86
CA ASN C 438 22.40 63.61 19.44
C ASN C 438 20.96 63.98 19.81
N LEU C 439 20.17 63.04 20.32
CA LEU C 439 18.79 63.30 20.73
C LEU C 439 18.55 63.00 22.20
N ASP C 440 19.04 61.87 22.71
CA ASP C 440 18.71 61.46 24.07
C ASP C 440 19.68 62.02 25.11
N SER C 441 20.79 62.62 24.70
CA SER C 441 21.79 63.15 25.63
C SER C 441 21.82 64.65 25.53
N LYS C 442 21.66 65.32 26.67
CA LYS C 442 21.68 66.77 26.74
C LYS C 442 22.86 67.24 27.58
N VAL C 443 23.28 68.48 27.33
CA VAL C 443 24.44 69.05 28.00
C VAL C 443 24.11 69.27 29.46
N GLY C 444 24.94 68.73 30.34
CA GLY C 444 24.75 68.81 31.77
C GLY C 444 23.99 67.65 32.37
N GLY C 445 23.37 66.82 31.55
CA GLY C 445 22.66 65.67 32.06
C GLY C 445 21.18 65.59 31.71
N ASN C 446 20.81 64.60 30.90
CA ASN C 446 19.41 64.30 30.64
C ASN C 446 19.02 63.14 31.55
N TYR C 447 18.20 63.43 32.55
CA TYR C 447 17.96 62.53 33.67
C TYR C 447 16.54 61.99 33.71
N ASN C 448 15.80 62.07 32.59
CA ASN C 448 14.45 61.52 32.57
C ASN C 448 14.45 60.00 32.62
N TYR C 449 15.45 59.37 32.03
CA TYR C 449 15.50 57.91 31.95
C TYR C 449 16.02 57.32 33.25
N ARG C 450 15.29 56.34 33.79
CA ARG C 450 15.56 55.74 35.09
C ARG C 450 15.57 54.22 34.96
N TYR C 451 16.27 53.57 35.90
CA TYR C 451 16.35 52.11 35.91
C TYR C 451 16.22 51.60 37.33
N ARG C 452 15.72 50.37 37.46
CA ARG C 452 15.55 49.75 38.78
C ARG C 452 16.91 49.34 39.34
N LEU C 453 17.45 50.17 40.22
CA LEU C 453 18.70 49.84 40.90
C LEU C 453 18.49 48.79 41.98
N PHE C 454 17.37 48.85 42.69
CA PHE C 454 17.07 47.92 43.78
C PHE C 454 15.76 47.21 43.48
N ARG C 455 15.65 45.95 43.91
CA ARG C 455 14.39 45.22 43.79
C ARG C 455 14.34 44.12 44.85
N LYS C 456 13.16 43.52 44.99
CA LYS C 456 13.01 42.41 45.93
C LYS C 456 13.66 41.14 45.40
N SER C 457 13.44 40.81 44.12
CA SER C 457 14.00 39.60 43.53
C SER C 457 14.34 39.89 42.08
N ASN C 458 14.73 38.84 41.35
CA ASN C 458 14.94 38.97 39.92
C ASN C 458 13.59 39.01 39.19
N LEU C 459 13.63 39.38 37.92
CA LEU C 459 12.41 39.41 37.14
C LEU C 459 12.11 38.06 36.52
N LYS C 460 10.83 37.84 36.24
CA LYS C 460 10.43 36.83 35.27
C LYS C 460 10.62 37.40 33.88
N PRO C 461 10.78 36.54 32.86
CA PRO C 461 10.84 37.02 31.48
C PRO C 461 9.57 37.77 31.08
N PHE C 462 9.77 38.96 30.50
CA PHE C 462 8.72 39.91 30.12
C PHE C 462 7.85 40.29 31.32
N GLU C 463 8.47 40.96 32.28
CA GLU C 463 7.78 41.44 33.47
C GLU C 463 7.83 42.97 33.47
N ARG C 464 6.75 43.61 33.91
CA ARG C 464 6.67 45.05 33.94
C ARG C 464 6.63 45.55 35.38
N ASP C 465 7.51 46.52 35.70
CA ASP C 465 7.54 47.12 37.03
C ASP C 465 7.59 48.64 36.93
N ILE C 466 6.57 49.29 37.48
CA ILE C 466 6.49 50.76 37.52
C ILE C 466 6.52 51.29 38.95
N SER C 467 6.35 50.45 39.97
CA SER C 467 6.12 50.89 41.35
C SER C 467 7.36 51.56 41.95
N THR C 468 7.19 52.82 42.36
CA THR C 468 8.24 53.62 42.99
C THR C 468 8.17 53.60 44.51
N GLU C 469 7.77 52.46 45.08
CA GLU C 469 7.74 52.27 46.52
C GLU C 469 9.16 52.27 47.09
N ILE C 470 9.31 52.86 48.28
CA ILE C 470 10.62 53.09 48.88
C ILE C 470 11.24 51.75 49.29
N TYR C 471 12.52 51.56 48.96
CA TYR C 471 13.18 50.27 49.15
C TYR C 471 13.51 50.01 50.62
N GLN C 472 13.69 48.73 50.96
CA GLN C 472 13.98 48.28 52.31
C GLN C 472 15.34 47.61 52.29
N ALA C 473 16.41 48.39 52.47
CA ALA C 473 17.74 47.81 52.53
C ALA C 473 17.99 47.15 53.89
N GLY C 474 17.50 47.77 54.96
CA GLY C 474 17.69 47.26 56.31
C GLY C 474 16.43 46.73 56.95
N SER C 475 16.12 47.21 58.16
CA SER C 475 14.96 46.73 58.91
C SER C 475 14.47 47.88 59.79
N LYS C 476 13.45 48.58 59.29
CA LYS C 476 12.74 49.65 59.99
C LYS C 476 11.51 49.95 59.16
N PRO C 477 10.42 50.43 59.76
CA PRO C 477 9.32 50.95 58.93
C PRO C 477 9.74 52.26 58.25
N CYS C 478 9.99 52.20 56.94
CA CYS C 478 10.38 53.42 56.23
C CYS C 478 9.19 54.34 56.05
N ASN C 479 7.98 53.77 55.90
CA ASN C 479 6.69 54.48 55.95
C ASN C 479 6.54 55.53 54.84
N GLY C 480 7.13 55.28 53.68
CA GLY C 480 6.94 56.11 52.51
C GLY C 480 7.98 57.19 52.32
N VAL C 481 8.80 57.50 53.31
CA VAL C 481 9.76 58.59 53.22
C VAL C 481 11.15 58.02 52.97
N GLU C 482 12.09 58.89 52.58
CA GLU C 482 13.46 58.49 52.33
C GLU C 482 14.31 58.70 53.58
N GLY C 483 15.36 57.88 53.71
CA GLY C 483 16.22 57.87 54.88
C GLY C 483 17.29 56.80 54.80
N PHE C 484 18.00 56.56 55.91
CA PHE C 484 19.04 55.55 55.98
C PHE C 484 18.47 54.15 55.79
N ASN C 485 19.05 53.39 54.86
CA ASN C 485 18.62 52.07 54.37
C ASN C 485 17.21 52.08 53.77
N CYS C 486 16.67 53.26 53.48
CA CYS C 486 15.33 53.41 52.87
C CYS C 486 15.57 54.28 51.65
N TYR C 487 15.99 53.66 50.57
CA TYR C 487 16.39 54.37 49.36
C TYR C 487 15.27 54.31 48.33
N PHE C 488 15.36 55.22 47.38
CA PHE C 488 14.51 55.15 46.22
C PHE C 488 15.06 54.09 45.29
N PRO C 489 14.25 53.11 44.85
CA PRO C 489 14.81 51.97 44.09
C PRO C 489 15.26 52.31 42.69
N LEU C 490 14.89 53.46 42.15
CA LEU C 490 15.24 53.86 40.80
C LEU C 490 16.46 54.77 40.84
N GLN C 491 17.45 54.46 40.02
CA GLN C 491 18.61 55.32 39.82
C GLN C 491 18.48 55.97 38.45
N SER C 492 18.96 57.20 38.33
CA SER C 492 18.81 57.93 37.08
C SER C 492 20.02 57.77 36.17
N TYR C 493 19.75 57.64 34.88
CA TYR C 493 20.79 57.70 33.86
C TYR C 493 21.35 59.09 33.73
N GLY C 494 22.68 59.19 33.74
CA GLY C 494 23.37 60.43 33.45
C GLY C 494 23.90 60.48 32.03
N PHE C 495 23.31 61.32 31.19
CA PHE C 495 23.66 61.39 29.77
C PHE C 495 24.31 62.73 29.46
N GLN C 496 25.53 62.69 28.92
CA GLN C 496 26.23 63.87 28.46
C GLN C 496 26.57 63.69 27.00
N PRO C 497 26.75 64.80 26.26
CA PRO C 497 27.26 64.68 24.88
C PRO C 497 28.76 64.60 24.76
N THR C 498 29.51 64.71 25.88
CA THR C 498 30.97 64.71 25.84
C THR C 498 31.60 63.43 26.38
N ASN C 499 30.79 62.45 26.79
CA ASN C 499 31.30 61.28 27.50
C ASN C 499 31.80 60.22 26.51
N GLY C 500 32.06 59.02 27.03
CA GLY C 500 32.48 57.91 26.18
C GLY C 500 31.33 57.28 25.41
N VAL C 501 31.69 56.38 24.50
CA VAL C 501 30.77 55.96 23.45
C VAL C 501 29.80 54.88 23.95
N GLY C 502 30.30 53.95 24.78
CA GLY C 502 29.43 53.01 25.46
C GLY C 502 28.76 53.55 26.71
N TYR C 503 29.11 54.76 27.13
CA TYR C 503 28.54 55.38 28.31
C TYR C 503 27.51 56.44 27.97
N GLN C 504 27.04 56.46 26.73
CA GLN C 504 26.10 57.22 25.93
C GLN C 504 24.73 56.53 25.90
N PRO C 505 23.66 57.29 25.69
CA PRO C 505 22.33 56.66 25.54
C PRO C 505 22.24 55.90 24.22
N TYR C 506 21.71 54.69 24.29
CA TYR C 506 21.47 53.85 23.12
C TYR C 506 20.00 53.44 23.10
N ARG C 507 19.35 53.65 21.96
CA ARG C 507 17.99 53.18 21.74
C ARG C 507 18.03 51.72 21.34
N VAL C 508 17.26 50.90 22.06
CA VAL C 508 17.21 49.46 21.83
C VAL C 508 15.74 49.06 21.67
N VAL C 509 15.43 48.42 20.54
CA VAL C 509 14.10 47.89 20.27
C VAL C 509 14.24 46.39 20.07
N VAL C 510 13.51 45.62 20.86
CA VAL C 510 13.56 44.16 20.84
C VAL C 510 12.26 43.65 20.24
N LEU C 511 12.38 42.82 19.21
CA LEU C 511 11.22 42.22 18.56
C LEU C 511 11.09 40.78 19.03
N SER C 512 9.90 40.43 19.50
CA SER C 512 9.63 39.10 20.02
C SER C 512 8.49 38.48 19.24
N PHE C 513 8.67 37.24 18.82
CA PHE C 513 7.72 36.52 17.98
C PHE C 513 6.91 35.55 18.82
N GLU C 514 6.06 34.78 18.14
CA GLU C 514 5.26 33.79 18.84
C GLU C 514 5.89 32.41 18.71
N ALA C 520 -2.35 33.14 12.76
CA ALA C 520 -1.14 33.60 12.10
C ALA C 520 -1.49 34.53 10.94
N THR C 521 -1.26 35.82 11.12
CA THR C 521 -1.60 36.84 10.15
C THR C 521 -0.39 37.66 9.70
N VAL C 522 0.56 37.91 10.59
CA VAL C 522 1.59 38.92 10.34
C VAL C 522 2.65 38.25 9.48
N CYS C 523 2.42 38.30 8.16
CA CYS C 523 3.33 37.69 7.21
C CYS C 523 3.77 38.71 6.17
N GLY C 524 5.01 38.56 5.71
CA GLY C 524 5.74 39.66 5.12
C GLY C 524 5.42 39.87 3.66
N PRO C 525 6.38 40.46 2.95
CA PRO C 525 6.14 40.87 1.56
C PRO C 525 6.21 39.72 0.57
N LYS C 526 5.81 39.98 -0.68
CA LYS C 526 5.79 38.97 -1.72
C LYS C 526 5.69 39.60 -3.11
N LYS C 527 6.74 39.40 -3.90
CA LYS C 527 6.81 39.81 -5.29
C LYS C 527 8.03 39.13 -5.90
N SER C 528 7.89 38.64 -7.14
CA SER C 528 9.04 38.06 -7.83
C SER C 528 9.34 38.77 -9.14
N THR C 529 8.33 38.92 -10.00
CA THR C 529 8.57 39.23 -11.40
C THR C 529 7.48 40.15 -11.92
N ASN C 530 7.34 40.13 -13.24
CA ASN C 530 6.12 40.56 -13.89
C ASN C 530 5.28 39.34 -14.20
N LEU C 531 4.09 39.55 -14.71
CA LEU C 531 3.33 38.44 -15.30
C LEU C 531 3.87 38.13 -16.69
N VAL C 532 3.89 36.83 -17.03
CA VAL C 532 4.52 36.34 -18.23
C VAL C 532 3.45 35.71 -19.10
N LYS C 533 3.27 36.23 -20.31
CA LYS C 533 2.25 35.72 -21.21
C LYS C 533 2.81 34.97 -22.40
N ASN C 534 2.01 34.01 -22.88
CA ASN C 534 2.27 33.21 -24.08
C ASN C 534 3.57 32.43 -24.01
N LYS C 535 4.04 32.14 -22.81
CA LYS C 535 5.16 31.23 -22.65
C LYS C 535 4.85 30.26 -21.53
N CYS C 536 5.41 29.06 -21.65
CA CYS C 536 5.17 28.02 -20.65
C CYS C 536 5.86 28.43 -19.37
N VAL C 537 5.06 28.71 -18.35
CA VAL C 537 5.56 29.04 -17.02
C VAL C 537 4.86 28.11 -16.04
N ASN C 538 5.60 27.68 -15.03
CA ASN C 538 5.04 26.88 -13.95
C ASN C 538 4.74 27.78 -12.75
N PHE C 539 3.62 28.50 -12.87
CA PHE C 539 3.31 29.64 -12.04
C PHE C 539 2.93 29.21 -10.62
N ASN C 540 2.82 30.22 -9.75
CA ASN C 540 2.44 30.06 -8.34
C ASN C 540 1.66 31.31 -7.94
N PHE C 541 0.34 31.18 -7.93
CA PHE C 541 -0.56 32.29 -7.60
C PHE C 541 -1.18 31.96 -6.24
N ASN C 542 -0.81 32.72 -5.22
CA ASN C 542 -1.33 32.61 -3.84
C ASN C 542 -1.05 31.25 -3.19
N GLY C 543 -0.22 30.41 -3.79
CA GLY C 543 -0.06 29.05 -3.34
C GLY C 543 -0.51 27.98 -4.33
N LEU C 544 -1.36 28.32 -5.31
CA LEU C 544 -1.79 27.32 -6.27
C LEU C 544 -0.72 27.18 -7.35
N THR C 545 -0.17 25.99 -7.48
CA THR C 545 0.90 25.71 -8.42
C THR C 545 0.33 25.06 -9.67
N GLY C 546 0.56 25.68 -10.81
CA GLY C 546 0.12 25.12 -12.07
C GLY C 546 1.07 25.56 -13.16
N THR C 547 1.02 24.83 -14.26
CA THR C 547 1.92 25.07 -15.38
C THR C 547 1.09 25.28 -16.62
N GLY C 548 1.38 26.35 -17.37
CA GLY C 548 0.62 26.61 -18.56
C GLY C 548 0.86 28.03 -19.02
N VAL C 549 0.24 28.36 -20.13
CA VAL C 549 0.41 29.69 -20.69
C VAL C 549 -0.77 30.56 -20.29
N LEU C 550 -0.47 31.82 -20.01
CA LEU C 550 -1.42 32.79 -19.50
C LEU C 550 -1.76 33.76 -20.61
N THR C 551 -3.04 33.97 -20.85
CA THR C 551 -3.46 34.70 -22.04
C THR C 551 -4.52 35.72 -21.62
N GLU C 552 -4.70 36.75 -22.44
CA GLU C 552 -5.80 37.67 -22.25
C GLU C 552 -7.13 36.98 -22.49
N SER C 553 -8.10 37.27 -21.63
CA SER C 553 -9.36 36.56 -21.63
C SER C 553 -10.52 37.54 -21.72
N ASN C 554 -11.68 37.00 -22.07
CA ASN C 554 -12.90 37.79 -22.18
C ASN C 554 -13.92 37.38 -21.12
N LYS C 555 -13.51 36.58 -20.15
CA LYS C 555 -14.42 36.06 -19.13
C LYS C 555 -14.68 37.14 -18.10
N LYS C 556 -15.90 37.68 -18.10
CA LYS C 556 -16.24 38.76 -17.18
C LYS C 556 -16.38 38.24 -15.77
N PHE C 557 -15.27 38.22 -15.05
CA PHE C 557 -15.29 37.82 -13.64
C PHE C 557 -16.08 38.82 -12.83
N LEU C 558 -16.91 38.33 -11.93
CA LEU C 558 -17.55 39.20 -10.96
C LEU C 558 -16.51 39.64 -9.92
N PRO C 559 -16.67 40.85 -9.34
CA PRO C 559 -15.56 41.47 -8.59
C PRO C 559 -15.09 40.73 -7.36
N PHE C 560 -15.84 39.77 -6.84
CA PHE C 560 -15.38 39.18 -5.59
C PHE C 560 -14.51 37.95 -5.82
N GLN C 561 -14.90 37.04 -6.70
CA GLN C 561 -14.23 35.75 -6.77
C GLN C 561 -12.91 35.87 -7.52
N GLN C 562 -11.99 34.97 -7.19
CA GLN C 562 -10.62 35.12 -7.64
C GLN C 562 -10.33 34.36 -8.93
N PHE C 563 -10.46 33.05 -8.93
CA PHE C 563 -9.98 32.29 -10.07
C PHE C 563 -11.08 31.43 -10.67
N GLY C 564 -10.94 31.19 -11.97
CA GLY C 564 -11.91 30.44 -12.73
C GLY C 564 -11.77 28.96 -12.55
N ARG C 565 -12.71 28.25 -13.14
CA ARG C 565 -12.79 26.80 -13.10
C ARG C 565 -13.76 26.38 -14.19
N ASP C 566 -13.73 25.10 -14.55
CA ASP C 566 -14.58 24.59 -15.62
C ASP C 566 -15.21 23.29 -15.18
N ILE C 567 -15.95 22.68 -16.11
CA ILE C 567 -16.49 21.34 -15.90
C ILE C 567 -15.33 20.38 -15.76
N ALA C 568 -15.45 19.42 -14.84
CA ALA C 568 -14.39 18.49 -14.45
C ALA C 568 -13.17 19.26 -13.95
N ASP C 569 -13.39 19.85 -12.77
CA ASP C 569 -12.81 21.08 -12.25
C ASP C 569 -11.31 21.21 -12.49
N THR C 570 -10.94 22.18 -13.31
CA THR C 570 -9.55 22.56 -13.56
C THR C 570 -9.48 24.08 -13.59
N THR C 571 -8.41 24.63 -13.05
CA THR C 571 -8.33 26.08 -12.80
C THR C 571 -7.96 26.82 -14.07
N ASP C 572 -8.89 26.81 -15.02
CA ASP C 572 -8.58 27.28 -16.38
C ASP C 572 -8.50 28.79 -16.49
N ALA C 573 -8.99 29.55 -15.53
CA ALA C 573 -8.91 30.99 -15.57
C ALA C 573 -8.44 31.48 -14.21
N VAL C 574 -7.84 32.66 -14.19
CA VAL C 574 -7.39 33.24 -12.94
C VAL C 574 -7.39 34.76 -13.09
N ARG C 575 -7.76 35.44 -12.01
CA ARG C 575 -7.44 36.85 -11.88
C ARG C 575 -6.19 36.93 -11.04
N ASP C 576 -5.38 37.89 -11.32
CA ASP C 576 -4.19 37.96 -10.52
C ASP C 576 -4.47 38.63 -9.19
N PRO C 577 -3.83 38.19 -8.11
CA PRO C 577 -3.94 38.88 -6.81
C PRO C 577 -3.12 40.16 -6.72
N GLN C 578 -2.68 40.67 -7.87
CA GLN C 578 -1.54 41.56 -8.03
C GLN C 578 -1.97 42.90 -8.61
N THR C 579 -2.71 42.85 -9.72
CA THR C 579 -3.06 44.02 -10.49
C THR C 579 -4.53 43.96 -10.93
N LEU C 580 -5.20 42.81 -10.72
CA LEU C 580 -6.62 42.59 -10.98
C LEU C 580 -6.95 42.77 -12.47
N GLU C 581 -6.48 41.80 -13.25
CA GLU C 581 -6.91 41.53 -14.61
C GLU C 581 -7.15 40.04 -14.76
N ILE C 582 -7.70 39.63 -15.90
CA ILE C 582 -8.17 38.26 -16.10
C ILE C 582 -7.27 37.54 -17.10
N LEU C 583 -6.85 36.33 -16.73
CA LEU C 583 -5.87 35.57 -17.48
C LEU C 583 -6.35 34.14 -17.67
N ASP C 584 -6.55 33.75 -18.92
CA ASP C 584 -6.78 32.35 -19.24
C ASP C 584 -5.54 31.54 -18.95
N ILE C 585 -5.73 30.30 -18.53
CA ILE C 585 -4.64 29.35 -18.34
C ILE C 585 -4.87 28.18 -19.28
N THR C 586 -3.89 27.93 -20.14
CA THR C 586 -3.98 26.84 -21.09
C THR C 586 -2.87 25.85 -20.79
N PRO C 587 -3.15 24.54 -20.85
CA PRO C 587 -2.12 23.55 -20.58
C PRO C 587 -1.01 23.60 -21.60
N CYS C 588 0.16 23.16 -21.19
CA CYS C 588 1.39 23.49 -21.89
C CYS C 588 1.72 22.42 -22.93
N SER C 589 0.91 22.40 -23.98
CA SER C 589 1.28 21.93 -25.34
C SER C 589 1.88 20.52 -25.34
N PHE C 590 1.05 19.52 -25.08
CA PHE C 590 1.53 18.24 -24.59
C PHE C 590 1.36 17.10 -25.57
N GLY C 591 1.18 17.37 -26.85
CA GLY C 591 0.77 16.32 -27.78
C GLY C 591 1.85 15.28 -28.04
N GLY C 592 1.39 14.10 -28.44
CA GLY C 592 2.27 12.99 -28.75
C GLY C 592 2.89 13.13 -30.13
N VAL C 593 3.87 12.28 -30.42
CA VAL C 593 4.65 12.38 -31.64
C VAL C 593 4.71 11.02 -32.32
N SER C 594 4.58 11.03 -33.65
CA SER C 594 4.56 9.83 -34.45
C SER C 594 5.50 10.02 -35.62
N VAL C 595 5.95 8.92 -36.22
CA VAL C 595 6.97 8.97 -37.24
C VAL C 595 6.46 8.30 -38.50
N ILE C 596 6.50 9.01 -39.61
CA ILE C 596 6.08 8.46 -40.91
C ILE C 596 7.30 7.75 -41.47
N THR C 597 7.17 6.45 -41.72
CA THR C 597 8.31 5.91 -42.44
C THR C 597 7.85 5.19 -43.70
N PRO C 598 8.63 5.19 -44.75
CA PRO C 598 8.24 4.44 -45.95
C PRO C 598 8.77 3.04 -45.99
N GLY C 599 9.25 2.53 -44.87
CA GLY C 599 9.79 1.19 -44.84
C GLY C 599 11.29 1.27 -44.85
N THR C 600 11.92 0.47 -44.03
CA THR C 600 13.34 0.60 -43.96
C THR C 600 14.08 -0.03 -45.02
N ASN C 601 13.41 -0.68 -45.94
CA ASN C 601 14.11 -1.23 -47.05
C ASN C 601 13.91 -0.37 -48.23
N THR C 602 13.59 0.90 -48.08
CA THR C 602 13.39 1.76 -49.18
C THR C 602 14.15 2.95 -48.87
N SER C 603 13.95 3.54 -47.72
CA SER C 603 14.71 4.69 -47.34
C SER C 603 14.74 4.87 -45.86
N ASN C 604 15.50 5.84 -45.43
CA ASN C 604 15.52 6.18 -44.07
C ASN C 604 15.11 7.57 -43.94
N GLN C 605 14.63 8.19 -44.99
CA GLN C 605 14.02 9.48 -44.74
C GLN C 605 12.72 9.26 -44.01
N VAL C 606 12.50 10.01 -42.95
CA VAL C 606 11.27 9.89 -42.20
C VAL C 606 10.65 11.27 -42.10
N ALA C 607 9.35 11.28 -41.93
CA ALA C 607 8.63 12.48 -41.57
C ALA C 607 8.12 12.30 -40.16
N VAL C 608 8.06 13.39 -39.41
CA VAL C 608 7.71 13.34 -38.00
C VAL C 608 6.51 14.24 -37.80
N LEU C 609 5.48 13.71 -37.16
CA LEU C 609 4.25 14.44 -36.92
C LEU C 609 4.08 14.64 -35.43
N TYR C 610 3.82 15.86 -35.03
CA TYR C 610 3.56 16.17 -33.63
C TYR C 610 2.07 16.35 -33.47
N GLN C 611 1.40 15.44 -32.86
CA GLN C 611 0.00 15.54 -32.89
C GLN C 611 -0.67 16.56 -32.13
N GLY C 612 -1.32 17.45 -32.81
CA GLY C 612 -2.06 18.47 -32.15
C GLY C 612 -1.14 19.35 -31.47
N VAL C 613 -0.40 20.11 -32.22
CA VAL C 613 0.54 21.02 -31.69
C VAL C 613 0.68 21.97 -32.83
N ASN C 614 0.28 23.24 -32.70
CA ASN C 614 0.41 24.25 -33.78
C ASN C 614 1.88 24.27 -34.12
N CYS C 615 2.34 24.12 -35.34
CA CYS C 615 3.76 23.99 -35.67
C CYS C 615 4.68 25.19 -35.38
N THR C 616 4.55 25.78 -34.19
CA THR C 616 5.29 26.86 -33.57
C THR C 616 6.30 26.29 -32.59
N GLU C 617 6.11 25.05 -32.15
CA GLU C 617 6.97 24.42 -31.17
C GLU C 617 7.89 23.40 -31.83
N VAL C 618 9.19 23.59 -31.64
CA VAL C 618 10.24 22.75 -32.20
C VAL C 618 10.83 21.87 -31.12
N ASN C 639 10.89 21.35 -43.25
CA ASN C 639 9.87 21.50 -44.28
C ASN C 639 8.48 21.38 -43.69
N VAL C 640 8.12 22.37 -42.88
CA VAL C 640 6.96 22.26 -41.99
C VAL C 640 5.68 22.42 -42.77
N PHE C 641 4.71 21.53 -42.51
CA PHE C 641 3.36 21.65 -43.05
C PHE C 641 2.32 21.39 -41.98
N GLN C 642 1.72 22.46 -41.49
CA GLN C 642 0.68 22.38 -40.47
C GLN C 642 -0.58 21.75 -41.05
N THR C 643 -1.05 20.66 -40.42
CA THR C 643 -2.24 19.92 -40.86
C THR C 643 -3.19 19.91 -39.67
N ARG C 644 -4.47 19.59 -39.87
CA ARG C 644 -5.48 19.62 -38.78
C ARG C 644 -5.19 18.45 -37.85
N ALA C 645 -4.28 17.59 -38.25
CA ALA C 645 -3.94 16.41 -37.46
C ALA C 645 -2.85 16.81 -36.48
N GLY C 646 -1.90 17.60 -36.95
CA GLY C 646 -0.79 17.94 -36.07
C GLY C 646 0.24 18.89 -36.56
N CYS C 647 1.23 18.43 -37.31
CA CYS C 647 2.39 19.30 -37.56
C CYS C 647 3.19 18.88 -38.77
N LEU C 648 3.56 17.62 -38.88
CA LEU C 648 4.27 17.08 -40.05
C LEU C 648 5.50 17.87 -40.46
N ILE C 649 6.61 17.61 -39.82
CA ILE C 649 7.90 18.21 -40.21
C ILE C 649 8.64 17.13 -40.97
N GLY C 650 8.84 17.30 -42.25
CA GLY C 650 9.69 16.32 -42.95
C GLY C 650 9.05 15.90 -44.22
N ALA C 651 7.79 16.24 -44.37
CA ALA C 651 7.04 15.82 -45.53
C ALA C 651 6.69 17.03 -46.37
N GLU C 652 6.77 16.89 -47.67
CA GLU C 652 6.56 18.01 -48.58
C GLU C 652 5.12 17.99 -49.06
N HIS C 653 4.36 19.00 -48.69
CA HIS C 653 3.02 19.07 -49.15
C HIS C 653 2.97 19.12 -50.61
N VAL C 654 2.03 18.42 -51.21
CA VAL C 654 1.88 18.36 -52.69
C VAL C 654 0.40 18.62 -52.89
N ASN C 655 0.00 19.02 -54.09
CA ASN C 655 -1.42 19.34 -54.37
C ASN C 655 -2.09 18.16 -55.01
N ASN C 656 -1.40 17.55 -55.95
CA ASN C 656 -1.94 16.34 -56.59
C ASN C 656 -2.61 15.48 -55.53
N SER C 657 -3.84 15.07 -55.75
CA SER C 657 -4.49 14.14 -54.79
C SER C 657 -4.15 12.73 -55.23
N TYR C 658 -3.73 11.88 -54.32
CA TYR C 658 -3.48 10.48 -54.74
C TYR C 658 -4.17 9.54 -53.78
N GLU C 659 -4.12 8.25 -54.06
CA GLU C 659 -4.70 7.25 -53.18
C GLU C 659 -4.06 7.31 -51.82
N CYS C 660 -4.72 6.77 -50.81
CA CYS C 660 -4.07 6.80 -49.52
C CYS C 660 -2.96 5.77 -49.47
N ASP C 661 -2.12 5.97 -48.48
CA ASP C 661 -0.80 5.38 -48.35
C ASP C 661 -0.70 5.33 -46.84
N ILE C 662 0.47 5.54 -46.25
CA ILE C 662 0.56 5.87 -44.83
C ILE C 662 -0.46 6.93 -44.44
N PRO C 663 -1.46 6.62 -43.61
CA PRO C 663 -2.48 7.59 -43.27
C PRO C 663 -2.12 8.44 -42.07
N ILE C 664 -2.54 9.69 -42.11
CA ILE C 664 -2.16 10.68 -41.13
C ILE C 664 -3.34 11.20 -40.33
N GLY C 665 -4.42 11.56 -40.97
CA GLY C 665 -5.57 12.04 -40.23
C GLY C 665 -6.09 13.30 -40.87
N ALA C 666 -7.40 13.49 -40.75
CA ALA C 666 -8.15 14.59 -41.38
C ALA C 666 -7.93 14.63 -42.88
N GLY C 667 -7.86 13.47 -43.49
CA GLY C 667 -7.79 13.41 -44.92
C GLY C 667 -6.43 13.61 -45.50
N ILE C 668 -5.38 13.58 -44.70
CA ILE C 668 -4.02 13.67 -45.19
C ILE C 668 -3.43 12.27 -45.17
N CYS C 669 -2.77 11.90 -46.25
CA CYS C 669 -2.01 10.66 -46.30
C CYS C 669 -0.60 10.99 -46.73
N ALA C 670 0.26 9.99 -46.78
CA ALA C 670 1.65 10.20 -47.19
C ALA C 670 2.23 9.02 -47.92
N VAL C 685 6.55 8.07 -50.09
CA VAL C 685 7.68 8.24 -51.00
C VAL C 685 7.21 8.21 -52.42
N ALA C 686 7.50 9.29 -53.14
CA ALA C 686 7.19 9.41 -54.56
C ALA C 686 8.20 10.35 -55.17
N SER C 687 9.07 9.79 -56.02
CA SER C 687 10.14 10.49 -56.74
C SER C 687 11.08 11.22 -55.78
N GLN C 688 11.75 10.41 -54.96
CA GLN C 688 12.90 10.68 -54.07
C GLN C 688 12.58 11.38 -52.75
N SER C 689 11.32 11.59 -52.38
CA SER C 689 11.02 12.30 -51.15
C SER C 689 9.64 11.89 -50.65
N ILE C 690 9.36 12.25 -49.39
CA ILE C 690 8.09 11.91 -48.77
C ILE C 690 7.13 13.07 -48.97
N ILE C 691 6.00 12.79 -49.61
CA ILE C 691 5.01 13.80 -49.89
C ILE C 691 3.86 13.64 -48.91
N ALA C 692 3.04 14.68 -48.80
CA ALA C 692 1.92 14.66 -47.87
C ALA C 692 0.76 15.38 -48.53
N TYR C 693 -0.15 14.62 -49.10
CA TYR C 693 -1.22 15.14 -49.93
C TYR C 693 -2.55 15.02 -49.22
N THR C 694 -3.59 15.47 -49.88
CA THR C 694 -4.96 15.18 -49.47
C THR C 694 -5.40 13.90 -50.16
N MET C 695 -6.02 13.02 -49.39
CA MET C 695 -6.45 11.73 -49.90
C MET C 695 -7.52 11.89 -50.97
N SER C 696 -7.47 11.05 -51.98
CA SER C 696 -8.51 11.01 -53.00
C SER C 696 -9.27 9.71 -52.88
N LEU C 697 -10.57 9.78 -53.12
CA LEU C 697 -11.44 8.65 -52.86
C LEU C 697 -11.58 7.71 -54.04
N GLY C 698 -11.03 8.05 -55.19
CA GLY C 698 -11.14 7.16 -56.32
C GLY C 698 -11.27 7.93 -57.61
N ALA C 699 -11.36 7.21 -58.71
CA ALA C 699 -11.52 7.86 -60.00
C ALA C 699 -12.90 8.46 -60.12
N GLU C 700 -12.96 9.69 -60.61
CA GLU C 700 -14.26 10.24 -60.97
C GLU C 700 -14.80 9.49 -62.16
N ASN C 701 -16.09 9.19 -62.16
CA ASN C 701 -16.67 8.40 -63.23
C ASN C 701 -18.15 8.68 -63.34
N SER C 702 -18.53 9.55 -64.26
CA SER C 702 -19.93 9.84 -64.50
C SER C 702 -20.49 8.79 -65.43
N VAL C 703 -21.54 8.12 -65.02
CA VAL C 703 -22.16 7.08 -65.83
C VAL C 703 -23.10 7.74 -66.80
N ALA C 704 -23.08 7.30 -68.05
CA ALA C 704 -23.81 7.97 -69.11
C ALA C 704 -25.31 7.74 -69.02
N TYR C 705 -25.93 8.30 -67.98
CA TYR C 705 -27.36 8.12 -67.79
C TYR C 705 -28.15 8.89 -68.82
N SER C 706 -29.16 8.24 -69.37
CA SER C 706 -30.23 8.92 -70.07
C SER C 706 -31.45 8.02 -70.01
N ASN C 707 -32.60 8.57 -70.34
CA ASN C 707 -33.81 7.87 -69.98
C ASN C 707 -34.25 6.85 -71.00
N ASN C 708 -33.55 6.69 -72.11
CA ASN C 708 -33.66 5.48 -72.88
C ASN C 708 -32.27 5.06 -73.33
N SER C 709 -31.54 4.41 -72.44
CA SER C 709 -30.22 3.90 -72.76
C SER C 709 -29.85 2.92 -71.68
N ILE C 710 -29.54 1.69 -72.07
CA ILE C 710 -29.10 0.68 -71.12
C ILE C 710 -27.73 0.24 -71.58
N ALA C 711 -26.99 -0.35 -70.67
CA ALA C 711 -25.76 -1.05 -71.00
C ALA C 711 -25.93 -2.51 -70.64
N ILE C 712 -25.76 -3.38 -71.62
CA ILE C 712 -25.81 -4.82 -71.39
C ILE C 712 -24.37 -5.32 -71.52
N PRO C 713 -23.92 -6.20 -70.68
CA PRO C 713 -22.59 -6.75 -70.87
C PRO C 713 -22.56 -7.80 -71.95
N THR C 714 -21.38 -8.06 -72.50
CA THR C 714 -21.27 -8.96 -73.63
C THR C 714 -20.36 -10.14 -73.31
N ASN C 715 -19.29 -9.91 -72.59
CA ASN C 715 -18.37 -10.96 -72.36
C ASN C 715 -17.88 -10.90 -70.97
N PHE C 716 -18.44 -11.75 -70.09
CA PHE C 716 -18.14 -11.85 -68.67
C PHE C 716 -16.71 -12.28 -68.39
N THR C 717 -16.37 -12.26 -67.12
CA THR C 717 -15.18 -12.90 -66.60
C THR C 717 -15.51 -13.63 -65.32
N ILE C 718 -14.72 -14.65 -65.01
CA ILE C 718 -14.88 -15.43 -63.79
C ILE C 718 -13.75 -15.06 -62.87
N SER C 719 -14.06 -14.52 -61.71
CA SER C 719 -13.04 -14.01 -60.82
C SER C 719 -13.08 -14.79 -59.52
N VAL C 720 -11.93 -15.23 -59.04
CA VAL C 720 -11.83 -15.94 -57.79
C VAL C 720 -11.15 -15.02 -56.80
N THR C 721 -11.91 -14.44 -55.88
CA THR C 721 -11.31 -13.64 -54.83
C THR C 721 -11.04 -14.54 -53.64
N THR C 722 -10.35 -14.01 -52.65
CA THR C 722 -10.00 -14.77 -51.48
C THR C 722 -10.37 -13.99 -50.23
N GLU C 723 -10.69 -14.73 -49.17
CA GLU C 723 -11.13 -14.09 -47.94
C GLU C 723 -10.62 -14.87 -46.74
N ILE C 724 -9.87 -14.22 -45.89
CA ILE C 724 -9.18 -14.85 -44.79
C ILE C 724 -9.89 -14.49 -43.50
N LEU C 725 -10.29 -15.50 -42.72
CA LEU C 725 -11.02 -15.26 -41.51
C LEU C 725 -10.38 -16.01 -40.36
N PRO C 726 -10.10 -15.37 -39.24
CA PRO C 726 -9.65 -16.09 -38.06
C PRO C 726 -10.78 -16.86 -37.43
N VAL C 727 -10.48 -18.07 -36.98
CA VAL C 727 -11.47 -18.97 -36.44
C VAL C 727 -11.21 -19.29 -34.98
N SER C 728 -9.97 -19.57 -34.62
CA SER C 728 -9.67 -19.91 -33.24
C SER C 728 -8.36 -19.27 -32.87
N MET C 729 -8.08 -19.20 -31.58
CA MET C 729 -6.78 -18.78 -31.14
C MET C 729 -6.18 -19.84 -30.23
N THR C 730 -4.95 -19.63 -29.78
CA THR C 730 -4.25 -20.69 -29.07
C THR C 730 -4.86 -20.86 -27.70
N LYS C 731 -5.19 -22.10 -27.38
CA LYS C 731 -5.75 -22.39 -26.09
C LYS C 731 -4.65 -22.27 -25.07
N THR C 732 -4.91 -21.54 -24.01
CA THR C 732 -3.90 -21.38 -22.99
C THR C 732 -4.55 -21.51 -21.62
N SER C 733 -3.72 -21.78 -20.64
CA SER C 733 -4.14 -21.72 -19.26
C SER C 733 -2.96 -21.23 -18.46
N VAL C 734 -3.25 -20.58 -17.34
CA VAL C 734 -2.21 -20.07 -16.47
C VAL C 734 -2.55 -20.51 -15.05
N ASP C 735 -1.66 -21.30 -14.46
CA ASP C 735 -1.81 -21.66 -13.06
C ASP C 735 -1.54 -20.43 -12.21
N CYS C 736 -2.56 -19.98 -11.49
CA CYS C 736 -2.49 -18.71 -10.78
C CYS C 736 -1.49 -18.78 -9.63
N THR C 737 -1.53 -19.87 -8.86
CA THR C 737 -0.63 -20.01 -7.73
C THR C 737 0.82 -20.13 -8.17
N MET C 738 1.08 -20.87 -9.24
CA MET C 738 2.43 -20.95 -9.77
C MET C 738 2.87 -19.63 -10.39
N TYR C 739 1.94 -18.87 -10.97
CA TYR C 739 2.35 -17.62 -11.59
C TYR C 739 2.72 -16.58 -10.55
N ILE C 740 1.88 -16.42 -9.53
CA ILE C 740 2.10 -15.35 -8.56
C ILE C 740 3.32 -15.65 -7.70
N CYS C 741 3.45 -16.88 -7.22
CA CYS C 741 4.68 -17.30 -6.56
C CYS C 741 4.93 -18.78 -6.76
N GLY C 742 5.91 -19.05 -7.62
CA GLY C 742 6.25 -20.42 -7.94
C GLY C 742 7.01 -21.04 -6.79
N ASP C 743 6.49 -22.15 -6.28
CA ASP C 743 7.18 -23.11 -5.41
C ASP C 743 7.58 -22.54 -4.05
N SER C 744 7.07 -21.36 -3.68
CA SER C 744 7.24 -20.88 -2.32
C SER C 744 5.96 -21.07 -1.55
N THR C 745 6.09 -21.43 -0.29
CA THR C 745 4.95 -21.68 0.56
C THR C 745 4.37 -20.37 1.07
N GLU C 746 5.15 -19.29 1.02
CA GLU C 746 4.81 -18.07 1.75
C GLU C 746 3.68 -17.31 1.10
N CYS C 747 3.46 -17.44 -0.20
CA CYS C 747 2.16 -17.02 -0.69
C CYS C 747 1.41 -18.16 -1.36
N SER C 748 1.59 -19.34 -0.81
CA SER C 748 0.54 -20.33 -0.82
C SER C 748 -0.28 -20.23 0.44
N ASN C 749 -0.01 -19.21 1.25
CA ASN C 749 -0.75 -18.92 2.47
C ASN C 749 -1.32 -17.52 2.45
N LEU C 750 -0.54 -16.55 1.99
CA LEU C 750 -1.04 -15.19 1.85
C LEU C 750 -2.04 -15.08 0.72
N LEU C 751 -1.85 -15.86 -0.33
CA LEU C 751 -2.75 -15.80 -1.47
C LEU C 751 -4.10 -16.41 -1.17
N LEU C 752 -4.15 -17.39 -0.26
CA LEU C 752 -5.42 -17.95 0.18
C LEU C 752 -6.26 -16.94 0.92
N GLN C 753 -5.64 -15.89 1.44
CA GLN C 753 -6.39 -14.84 2.08
C GLN C 753 -7.08 -13.95 1.07
N TYR C 754 -6.74 -14.05 -0.20
CA TYR C 754 -7.37 -13.25 -1.23
C TYR C 754 -8.61 -13.91 -1.79
N GLY C 755 -9.00 -15.06 -1.27
CA GLY C 755 -10.25 -15.66 -1.67
C GLY C 755 -10.17 -16.37 -2.98
N SER C 756 -11.30 -16.50 -3.66
CA SER C 756 -11.39 -17.28 -4.88
C SER C 756 -11.13 -16.39 -6.10
N PHE C 757 -9.91 -15.87 -6.17
CA PHE C 757 -9.46 -15.19 -7.37
C PHE C 757 -8.70 -16.09 -8.29
N CYS C 758 -7.97 -17.06 -7.77
CA CYS C 758 -7.17 -17.92 -8.62
C CYS C 758 -7.94 -19.11 -9.13
N THR C 759 -9.18 -19.29 -8.69
CA THR C 759 -10.04 -20.30 -9.29
C THR C 759 -11.12 -19.69 -10.13
N GLN C 760 -11.23 -18.38 -10.16
CA GLN C 760 -12.14 -17.70 -11.05
C GLN C 760 -11.46 -17.38 -12.36
N LEU C 761 -10.19 -17.03 -12.28
CA LEU C 761 -9.38 -16.77 -13.46
C LEU C 761 -9.17 -18.04 -14.27
N ASN C 762 -8.94 -19.16 -13.57
CA ASN C 762 -8.81 -20.44 -14.25
C ASN C 762 -10.11 -20.85 -14.91
N ARG C 763 -11.24 -20.56 -14.26
CA ARG C 763 -12.53 -20.85 -14.84
C ARG C 763 -12.75 -20.04 -16.12
N ALA C 764 -12.35 -18.76 -16.11
CA ALA C 764 -12.49 -17.93 -17.30
C ALA C 764 -11.61 -18.43 -18.44
N LEU C 765 -10.37 -18.79 -18.15
CA LEU C 765 -9.47 -19.22 -19.20
C LEU C 765 -9.86 -20.58 -19.75
N THR C 766 -10.39 -21.47 -18.92
CA THR C 766 -10.86 -22.73 -19.48
C THR C 766 -12.14 -22.56 -20.25
N GLY C 767 -12.96 -21.55 -19.92
CA GLY C 767 -14.09 -21.25 -20.77
C GLY C 767 -13.68 -20.77 -22.15
N ILE C 768 -12.63 -19.93 -22.20
CA ILE C 768 -12.07 -19.50 -23.48
C ILE C 768 -11.54 -20.69 -24.27
N ALA C 769 -10.86 -21.60 -23.57
CA ALA C 769 -10.26 -22.74 -24.26
C ALA C 769 -11.31 -23.69 -24.81
N VAL C 770 -12.38 -23.96 -24.07
CA VAL C 770 -13.44 -24.80 -24.64
C VAL C 770 -14.13 -24.11 -25.80
N GLU C 771 -14.29 -22.78 -25.71
CA GLU C 771 -14.90 -22.03 -26.79
C GLU C 771 -14.08 -22.08 -28.08
N GLN C 772 -12.75 -22.17 -27.99
CA GLN C 772 -11.93 -22.25 -29.20
C GLN C 772 -12.22 -23.53 -29.99
N ASP C 773 -12.33 -24.65 -29.30
CA ASP C 773 -12.69 -25.88 -29.97
C ASP C 773 -14.11 -25.84 -30.49
N LYS C 774 -15.01 -25.13 -29.81
CA LYS C 774 -16.35 -24.95 -30.34
C LYS C 774 -16.33 -24.12 -31.62
N ASN C 775 -15.45 -23.13 -31.69
CA ASN C 775 -15.32 -22.30 -32.89
C ASN C 775 -14.89 -23.14 -34.08
N THR C 776 -13.85 -23.95 -33.90
CA THR C 776 -13.38 -24.79 -35.00
C THR C 776 -14.42 -25.82 -35.39
N GLN C 777 -15.11 -26.41 -34.41
CA GLN C 777 -16.16 -27.37 -34.72
C GLN C 777 -17.33 -26.74 -35.45
N GLU C 778 -17.66 -25.50 -35.14
CA GLU C 778 -18.79 -24.87 -35.80
C GLU C 778 -18.45 -24.46 -37.22
N VAL C 779 -17.21 -24.05 -37.46
CA VAL C 779 -16.84 -23.69 -38.81
C VAL C 779 -16.72 -24.91 -39.70
N PHE C 780 -15.91 -25.89 -39.30
CA PHE C 780 -15.53 -26.92 -40.23
C PHE C 780 -16.41 -28.15 -40.21
N ALA C 781 -16.89 -28.58 -39.05
CA ALA C 781 -17.67 -29.81 -38.98
C ALA C 781 -19.10 -29.52 -39.35
N GLN C 782 -19.33 -29.35 -40.65
CA GLN C 782 -20.67 -29.16 -41.16
C GLN C 782 -21.06 -30.23 -42.16
N VAL C 783 -20.31 -31.32 -42.22
CA VAL C 783 -20.67 -32.48 -42.99
C VAL C 783 -20.79 -33.67 -42.06
N LYS C 784 -21.86 -34.42 -42.23
CA LYS C 784 -21.96 -35.67 -41.49
C LYS C 784 -20.98 -36.69 -42.01
N GLN C 785 -20.78 -36.72 -43.32
CA GLN C 785 -20.02 -37.76 -43.98
C GLN C 785 -18.77 -37.16 -44.60
N ILE C 786 -17.77 -37.99 -44.84
CA ILE C 786 -16.54 -37.54 -45.45
C ILE C 786 -16.60 -37.90 -46.92
N TYR C 787 -16.87 -36.93 -47.75
CA TYR C 787 -17.00 -37.18 -49.17
C TYR C 787 -15.61 -37.29 -49.78
N LYS C 788 -15.52 -38.06 -50.84
CA LYS C 788 -14.27 -38.24 -51.54
C LYS C 788 -14.49 -37.98 -53.00
N THR C 789 -13.59 -37.30 -53.59
CA THR C 789 -13.66 -37.02 -55.00
C THR C 789 -13.32 -38.29 -55.79
N PRO C 790 -13.87 -38.45 -57.00
CA PRO C 790 -13.59 -39.64 -57.77
C PRO C 790 -12.14 -39.69 -58.20
N PRO C 791 -11.59 -40.87 -58.47
CA PRO C 791 -10.15 -40.94 -58.73
C PRO C 791 -9.75 -40.32 -60.06
N ILE C 792 -10.52 -40.52 -61.11
CA ILE C 792 -10.28 -39.80 -62.35
C ILE C 792 -11.02 -38.47 -62.28
N LYS C 793 -10.31 -37.39 -62.55
CA LYS C 793 -10.82 -36.07 -62.31
C LYS C 793 -11.10 -35.42 -63.65
N ASP C 794 -12.30 -35.71 -64.15
CA ASP C 794 -12.78 -35.16 -65.42
C ASP C 794 -14.03 -34.37 -65.10
N PHE C 795 -13.86 -33.08 -64.88
CA PHE C 795 -14.96 -32.20 -64.54
C PHE C 795 -15.26 -31.24 -65.66
N GLY C 796 -15.10 -31.71 -66.89
CA GLY C 796 -15.46 -30.88 -68.02
C GLY C 796 -14.50 -29.75 -68.32
N GLY C 797 -13.28 -29.83 -67.84
CA GLY C 797 -12.29 -28.82 -68.10
C GLY C 797 -11.92 -28.01 -66.89
N PHE C 798 -12.76 -28.00 -65.88
CA PHE C 798 -12.44 -27.32 -64.65
C PHE C 798 -11.40 -28.13 -63.90
N ASN C 799 -10.39 -27.42 -63.38
CA ASN C 799 -9.25 -28.03 -62.75
C ASN C 799 -9.11 -27.61 -61.31
N PHE C 800 -9.49 -28.49 -60.40
CA PHE C 800 -9.42 -28.16 -58.99
C PHE C 800 -8.16 -28.72 -58.35
N SER C 801 -7.06 -28.75 -59.10
CA SER C 801 -5.85 -29.36 -58.60
C SER C 801 -5.23 -28.55 -57.48
N GLN C 802 -5.42 -27.25 -57.49
CA GLN C 802 -4.85 -26.42 -56.45
C GLN C 802 -5.63 -26.44 -55.16
N ILE C 803 -6.84 -26.98 -55.15
CA ILE C 803 -7.63 -27.03 -53.94
C ILE C 803 -7.94 -28.44 -53.48
N LEU C 804 -7.91 -29.43 -54.36
CA LEU C 804 -8.03 -30.80 -53.91
C LEU C 804 -6.74 -31.22 -53.22
N PRO C 805 -6.79 -32.21 -52.31
CA PRO C 805 -5.58 -32.59 -51.59
C PRO C 805 -4.53 -33.20 -52.49
N ASP C 806 -3.29 -32.96 -52.14
CA ASP C 806 -2.18 -33.53 -52.89
C ASP C 806 -1.88 -34.89 -52.30
N PRO C 807 -2.08 -35.98 -53.05
CA PRO C 807 -1.91 -37.31 -52.46
C PRO C 807 -0.47 -37.71 -52.27
N SER C 808 0.45 -37.18 -53.07
CA SER C 808 1.86 -37.55 -52.99
C SER C 808 2.50 -36.99 -51.73
N LYS C 809 2.02 -35.85 -51.27
CA LYS C 809 2.64 -35.15 -50.18
C LYS C 809 2.29 -35.81 -48.85
N PRO C 810 3.22 -35.86 -47.89
CA PRO C 810 2.96 -36.57 -46.62
C PRO C 810 1.81 -36.02 -45.81
N SER C 811 1.71 -34.70 -45.70
CA SER C 811 0.55 -34.06 -45.11
C SER C 811 -0.44 -33.81 -46.22
N LYS C 812 -1.59 -34.49 -46.16
CA LYS C 812 -2.51 -34.51 -47.30
C LYS C 812 -3.26 -33.18 -47.34
N ARG C 813 -2.58 -32.19 -47.87
CA ARG C 813 -3.11 -30.84 -47.97
C ARG C 813 -3.02 -30.41 -49.42
N SER C 814 -3.88 -29.48 -49.80
CA SER C 814 -3.86 -28.96 -51.14
C SER C 814 -2.64 -28.06 -51.31
N PRO C 815 -2.23 -27.77 -52.55
CA PRO C 815 -1.14 -26.81 -52.74
C PRO C 815 -1.39 -25.45 -52.15
N ILE C 816 -2.63 -24.95 -52.22
CA ILE C 816 -2.90 -23.64 -51.68
C ILE C 816 -2.86 -23.65 -50.16
N GLU C 817 -3.43 -24.67 -49.52
CA GLU C 817 -3.38 -24.61 -48.08
C GLU C 817 -2.05 -25.05 -47.52
N ASP C 818 -1.22 -25.74 -48.29
CA ASP C 818 0.16 -25.92 -47.83
C ASP C 818 0.96 -24.66 -47.99
N LEU C 819 0.64 -23.86 -49.00
CA LEU C 819 1.23 -22.53 -49.09
C LEU C 819 0.74 -21.64 -47.96
N LEU C 820 -0.46 -21.87 -47.46
CA LEU C 820 -0.94 -21.10 -46.32
C LEU C 820 -0.25 -21.53 -45.04
N PHE C 821 0.04 -22.82 -44.90
CA PHE C 821 0.76 -23.25 -43.71
C PHE C 821 2.22 -22.87 -43.73
N ASN C 822 2.83 -22.73 -44.90
CA ASN C 822 4.21 -22.27 -44.97
C ASN C 822 4.32 -20.77 -45.07
N LYS C 823 3.26 -20.05 -44.73
CA LYS C 823 3.28 -18.60 -44.81
C LYS C 823 3.09 -17.96 -43.44
N VAL C 824 2.00 -18.27 -42.76
CA VAL C 824 1.81 -17.81 -41.39
C VAL C 824 2.58 -18.71 -40.43
N THR C 825 3.48 -18.10 -39.67
CA THR C 825 4.44 -18.81 -38.84
C THR C 825 4.54 -18.11 -37.49
N LEU C 826 5.48 -18.57 -36.67
CA LEU C 826 5.83 -17.94 -35.41
C LEU C 826 7.32 -18.09 -35.17
N GLN C 851 7.40 -24.12 -25.02
CA GLN C 851 6.86 -22.77 -24.96
C GLN C 851 6.05 -22.59 -23.68
N LYS C 852 6.47 -23.28 -22.62
CA LYS C 852 5.89 -23.11 -21.29
C LYS C 852 7.02 -22.88 -20.30
N PHE C 853 6.86 -21.90 -19.42
CA PHE C 853 7.81 -21.86 -18.32
C PHE C 853 7.15 -21.88 -16.96
N ASN C 854 6.31 -20.90 -16.67
CA ASN C 854 5.98 -20.59 -15.29
C ASN C 854 4.50 -20.31 -15.11
N GLY C 855 3.77 -21.39 -14.84
CA GLY C 855 2.35 -21.33 -14.68
C GLY C 855 1.57 -21.44 -15.96
N LEU C 856 2.14 -21.02 -17.07
CA LEU C 856 1.42 -20.97 -18.33
C LEU C 856 1.65 -22.24 -19.14
N THR C 857 0.56 -22.81 -19.62
CA THR C 857 0.58 -23.98 -20.47
C THR C 857 -0.28 -23.69 -21.67
N VAL C 858 0.05 -24.32 -22.79
CA VAL C 858 -0.66 -24.12 -24.04
C VAL C 858 -1.31 -25.44 -24.41
N LEU C 859 -2.59 -25.52 -24.26
CA LEU C 859 -3.31 -26.74 -24.52
C LEU C 859 -3.44 -26.95 -26.03
N PRO C 860 -3.19 -28.16 -26.53
CA PRO C 860 -3.30 -28.37 -27.96
C PRO C 860 -4.77 -28.45 -28.37
N PRO C 861 -5.10 -28.04 -29.59
CA PRO C 861 -6.49 -28.06 -30.02
C PRO C 861 -6.99 -29.47 -30.21
N LEU C 862 -8.32 -29.61 -30.10
CA LEU C 862 -8.92 -30.93 -30.19
C LEU C 862 -8.82 -31.49 -31.60
N LEU C 863 -9.03 -30.66 -32.60
CA LEU C 863 -8.91 -31.10 -33.98
C LEU C 863 -7.52 -30.78 -34.49
N THR C 864 -6.77 -31.79 -34.88
CA THR C 864 -5.47 -31.56 -35.47
C THR C 864 -5.63 -31.00 -36.88
N ASP C 865 -4.54 -30.45 -37.42
CA ASP C 865 -4.61 -29.85 -38.74
C ASP C 865 -4.86 -30.87 -39.83
N GLU C 866 -4.49 -32.12 -39.60
CA GLU C 866 -4.85 -33.18 -40.52
C GLU C 866 -6.36 -33.37 -40.55
N MET C 867 -7.01 -33.29 -39.40
CA MET C 867 -8.45 -33.49 -39.38
C MET C 867 -9.20 -32.29 -39.89
N ILE C 868 -8.69 -31.09 -39.67
CA ILE C 868 -9.31 -29.91 -40.25
C ILE C 868 -9.14 -29.92 -41.75
N ALA C 869 -8.00 -30.38 -42.25
CA ALA C 869 -7.84 -30.54 -43.69
C ALA C 869 -8.71 -31.65 -44.23
N GLN C 870 -9.04 -32.64 -43.41
CA GLN C 870 -9.93 -33.70 -43.88
C GLN C 870 -11.37 -33.23 -43.96
N TYR C 871 -11.83 -32.46 -42.97
CA TYR C 871 -13.06 -31.69 -43.10
C TYR C 871 -13.09 -30.79 -44.32
N THR C 872 -12.02 -30.05 -44.56
CA THR C 872 -12.00 -29.15 -45.71
C THR C 872 -12.03 -29.89 -47.03
N SER C 873 -11.37 -31.04 -47.11
CA SER C 873 -11.47 -31.84 -48.31
C SER C 873 -12.82 -32.49 -48.43
N ALA C 874 -13.49 -32.76 -47.32
CA ALA C 874 -14.82 -33.34 -47.38
C ALA C 874 -15.83 -32.35 -47.88
N LEU C 875 -15.76 -31.11 -47.41
CA LEU C 875 -16.64 -30.07 -47.90
C LEU C 875 -16.41 -29.79 -49.36
N LEU C 876 -15.15 -29.81 -49.76
CA LEU C 876 -14.81 -29.39 -51.10
C LEU C 876 -15.05 -30.49 -52.10
N ALA C 877 -14.88 -31.74 -51.71
CA ALA C 877 -15.24 -32.81 -52.62
C ALA C 877 -16.73 -33.03 -52.65
N GLY C 878 -17.44 -32.62 -51.61
CA GLY C 878 -18.88 -32.67 -51.66
C GLY C 878 -19.47 -31.68 -52.63
N THR C 879 -18.94 -30.47 -52.69
CA THR C 879 -19.48 -29.44 -53.56
C THR C 879 -19.01 -29.55 -55.00
N ILE C 880 -17.95 -30.29 -55.26
CA ILE C 880 -17.56 -30.56 -56.64
C ILE C 880 -18.47 -31.60 -57.23
N THR C 881 -18.75 -32.64 -56.48
CA THR C 881 -19.44 -33.79 -57.01
C THR C 881 -20.95 -33.68 -56.87
N SER C 882 -21.43 -33.01 -55.82
CA SER C 882 -22.86 -32.97 -55.58
C SER C 882 -23.47 -31.58 -55.58
N GLY C 883 -22.69 -30.53 -55.41
CA GLY C 883 -23.25 -29.21 -55.54
C GLY C 883 -23.71 -28.64 -54.23
N TRP C 884 -24.86 -28.00 -54.20
CA TRP C 884 -25.44 -27.62 -52.94
C TRP C 884 -26.28 -28.70 -52.30
N THR C 885 -26.45 -29.83 -52.95
CA THR C 885 -27.41 -30.81 -52.48
C THR C 885 -26.93 -31.55 -51.26
N PHE C 886 -25.64 -31.55 -50.99
CA PHE C 886 -25.16 -32.25 -49.81
C PHE C 886 -25.31 -31.43 -48.55
N GLY C 887 -25.59 -30.14 -48.67
CA GLY C 887 -25.83 -29.35 -47.48
C GLY C 887 -27.25 -29.43 -46.98
N ALA C 888 -28.16 -29.89 -47.81
CA ALA C 888 -29.56 -30.03 -47.43
C ALA C 888 -29.87 -31.45 -46.98
N GLY C 889 -29.69 -32.42 -47.87
CA GLY C 889 -30.04 -33.78 -47.56
C GLY C 889 -28.93 -34.73 -47.92
N PRO C 890 -29.28 -35.82 -48.58
CA PRO C 890 -28.26 -36.70 -49.12
C PRO C 890 -27.58 -36.07 -50.31
N ALA C 891 -26.33 -36.41 -50.52
CA ALA C 891 -25.58 -35.83 -51.61
C ALA C 891 -26.01 -36.47 -52.91
N LEU C 892 -26.60 -35.68 -53.78
CA LEU C 892 -27.04 -36.14 -55.08
C LEU C 892 -25.98 -35.68 -56.07
N GLN C 893 -25.34 -36.63 -56.75
CA GLN C 893 -24.28 -36.27 -57.67
C GLN C 893 -24.85 -35.56 -58.88
N ILE C 894 -24.02 -34.77 -59.54
CA ILE C 894 -24.40 -34.01 -60.72
C ILE C 894 -23.12 -33.61 -61.45
N PRO C 895 -23.04 -33.76 -62.76
CA PRO C 895 -21.83 -33.41 -63.49
C PRO C 895 -21.51 -31.93 -63.38
N PHE C 896 -20.24 -31.62 -63.22
CA PHE C 896 -19.85 -30.26 -62.86
C PHE C 896 -20.16 -29.17 -63.89
N PRO C 897 -20.15 -29.41 -65.20
CA PRO C 897 -20.75 -28.41 -66.08
C PRO C 897 -22.21 -28.20 -65.76
N MET C 898 -22.95 -29.27 -65.54
CA MET C 898 -24.37 -29.11 -65.28
C MET C 898 -24.63 -28.54 -63.90
N GLN C 899 -23.71 -28.69 -62.97
CA GLN C 899 -23.80 -27.97 -61.72
C GLN C 899 -23.59 -26.50 -61.92
N MET C 900 -22.57 -26.13 -62.66
CA MET C 900 -22.24 -24.74 -62.89
C MET C 900 -23.28 -24.01 -63.71
N ALA C 901 -23.93 -24.69 -64.64
CA ALA C 901 -25.05 -24.09 -65.35
C ALA C 901 -26.21 -23.77 -64.45
N TYR C 902 -26.42 -24.55 -63.39
CA TYR C 902 -27.44 -24.19 -62.43
C TYR C 902 -27.05 -22.91 -61.72
N ARG C 903 -25.76 -22.76 -61.46
CA ARG C 903 -25.28 -21.59 -60.77
C ARG C 903 -25.19 -20.36 -61.66
N PHE C 904 -25.04 -20.51 -62.98
CA PHE C 904 -25.40 -19.36 -63.81
C PHE C 904 -26.88 -19.10 -63.78
N ASN C 905 -27.70 -20.12 -63.71
CA ASN C 905 -29.12 -19.88 -63.78
C ASN C 905 -29.61 -19.25 -62.48
N GLY C 906 -28.84 -19.37 -61.42
CA GLY C 906 -29.17 -18.71 -60.18
C GLY C 906 -28.74 -17.28 -60.07
N ILE C 907 -27.97 -16.76 -61.02
CA ILE C 907 -27.65 -15.34 -61.07
C ILE C 907 -28.31 -14.66 -62.25
N GLY C 908 -29.29 -15.30 -62.86
CA GLY C 908 -30.07 -14.66 -63.89
C GLY C 908 -29.57 -14.83 -65.28
N VAL C 909 -28.38 -15.38 -65.46
CA VAL C 909 -27.84 -15.69 -66.77
C VAL C 909 -28.42 -17.04 -67.18
N THR C 910 -28.90 -17.15 -68.41
CA THR C 910 -29.50 -18.41 -68.79
C THR C 910 -28.45 -19.48 -68.98
N GLN C 911 -28.94 -20.70 -69.10
CA GLN C 911 -28.12 -21.88 -68.95
C GLN C 911 -27.26 -22.12 -70.18
N ASN C 912 -27.73 -21.72 -71.36
CA ASN C 912 -26.98 -21.85 -72.59
C ASN C 912 -25.74 -21.01 -72.63
N VAL C 913 -25.66 -19.96 -71.81
CA VAL C 913 -24.45 -19.15 -71.73
C VAL C 913 -23.31 -19.97 -71.18
N LEU C 914 -23.62 -20.96 -70.35
CA LEU C 914 -22.54 -21.77 -69.81
C LEU C 914 -21.97 -22.68 -70.89
N TYR C 915 -22.82 -23.55 -71.46
CA TYR C 915 -22.36 -24.60 -72.35
C TYR C 915 -21.68 -24.06 -73.59
N GLU C 916 -22.30 -23.06 -74.22
CA GLU C 916 -21.72 -22.45 -75.40
C GLU C 916 -20.43 -21.70 -75.11
N ASN C 917 -20.11 -21.43 -73.87
CA ASN C 917 -18.83 -20.84 -73.50
C ASN C 917 -18.07 -21.72 -72.53
N GLN C 918 -18.36 -23.02 -72.48
CA GLN C 918 -17.89 -23.88 -71.41
C GLN C 918 -16.37 -23.95 -71.37
N LYS C 919 -15.75 -24.16 -72.51
CA LYS C 919 -14.29 -24.21 -72.54
C LYS C 919 -13.68 -22.85 -72.25
N LEU C 920 -14.39 -21.78 -72.53
CA LEU C 920 -13.91 -20.47 -72.10
C LEU C 920 -14.02 -20.32 -70.60
N ILE C 921 -15.10 -20.82 -70.00
CA ILE C 921 -15.33 -20.60 -68.59
C ILE C 921 -14.38 -21.42 -67.76
N ALA C 922 -14.10 -22.64 -68.22
CA ALA C 922 -13.13 -23.48 -67.54
C ALA C 922 -11.75 -22.87 -67.60
N ASN C 923 -11.41 -22.23 -68.72
CA ASN C 923 -10.09 -21.63 -68.84
C ASN C 923 -9.94 -20.40 -67.97
N GLN C 924 -10.97 -19.59 -67.82
CA GLN C 924 -10.90 -18.48 -66.89
C GLN C 924 -10.89 -18.94 -65.46
N PHE C 925 -11.55 -20.05 -65.18
CA PHE C 925 -11.57 -20.59 -63.83
C PHE C 925 -10.21 -21.12 -63.44
N ASN C 926 -9.58 -21.90 -64.32
CA ASN C 926 -8.27 -22.45 -64.02
C ASN C 926 -7.22 -21.36 -63.93
N SER C 927 -7.33 -20.34 -64.78
CA SER C 927 -6.36 -19.27 -64.74
C SER C 927 -6.58 -18.31 -63.60
N ALA C 928 -7.71 -18.39 -62.91
CA ALA C 928 -7.91 -17.57 -61.73
C ALA C 928 -7.51 -18.28 -60.45
N ILE C 929 -7.59 -19.60 -60.42
CA ILE C 929 -7.04 -20.33 -59.29
C ILE C 929 -5.54 -20.47 -59.43
N GLY C 930 -5.01 -20.50 -60.66
CA GLY C 930 -3.58 -20.44 -60.81
C GLY C 930 -3.01 -19.12 -60.36
N LYS C 931 -3.81 -18.07 -60.41
CA LYS C 931 -3.39 -16.74 -60.07
C LYS C 931 -3.46 -16.46 -58.57
N ILE C 932 -4.06 -17.36 -57.80
CA ILE C 932 -4.31 -17.04 -56.41
C ILE C 932 -3.25 -17.68 -55.51
N GLN C 933 -2.52 -18.66 -56.00
CA GLN C 933 -1.25 -19.02 -55.36
C GLN C 933 -0.31 -17.85 -55.39
N ASP C 934 -0.14 -17.26 -56.57
CA ASP C 934 0.77 -16.14 -56.74
C ASP C 934 0.32 -14.90 -56.02
N SER C 935 -0.94 -14.79 -55.64
CA SER C 935 -1.34 -13.66 -54.83
C SER C 935 -1.04 -13.87 -53.36
N LEU C 936 -0.59 -15.06 -52.98
CA LEU C 936 -0.17 -15.34 -51.62
C LEU C 936 1.27 -15.81 -51.54
N SER C 937 1.82 -16.40 -52.61
CA SER C 937 3.23 -16.73 -52.75
C SER C 937 4.08 -15.53 -53.15
N SER C 938 3.49 -14.34 -53.02
CA SER C 938 4.02 -13.02 -53.29
C SER C 938 3.29 -12.18 -52.27
N THR C 939 3.03 -10.92 -52.60
CA THR C 939 2.95 -9.71 -51.78
C THR C 939 2.51 -9.95 -50.36
N PRO C 940 3.36 -9.65 -49.38
CA PRO C 940 3.04 -10.00 -47.98
C PRO C 940 1.93 -9.16 -47.38
N SER C 941 1.64 -9.45 -46.11
CA SER C 941 0.43 -9.00 -45.40
C SER C 941 -0.85 -9.48 -46.08
N ALA C 942 -0.75 -10.59 -46.82
CA ALA C 942 -1.95 -11.25 -47.30
C ALA C 942 -2.65 -11.98 -46.18
N LEU C 943 -1.87 -12.68 -45.35
CA LEU C 943 -2.36 -13.42 -44.22
C LEU C 943 -2.30 -12.61 -42.94
N GLY C 944 -2.47 -11.30 -43.04
CA GLY C 944 -2.24 -10.46 -41.90
C GLY C 944 -3.27 -10.59 -40.82
N LYS C 945 -4.48 -11.04 -41.18
CA LYS C 945 -5.51 -11.23 -40.17
C LYS C 945 -5.22 -12.45 -39.32
N LEU C 946 -4.60 -13.46 -39.89
CA LEU C 946 -4.25 -14.65 -39.13
C LEU C 946 -2.95 -14.48 -38.39
N GLN C 947 -1.97 -13.80 -38.99
CA GLN C 947 -0.75 -13.45 -38.28
C GLN C 947 -1.02 -12.49 -37.14
N ASN C 948 -2.05 -11.66 -37.28
CA ASN C 948 -2.35 -10.67 -36.28
C ASN C 948 -2.81 -11.28 -34.97
N VAL C 949 -3.61 -12.34 -34.99
CA VAL C 949 -4.06 -12.93 -33.73
C VAL C 949 -2.92 -13.69 -33.08
N VAL C 950 -2.04 -14.30 -33.88
CA VAL C 950 -0.88 -15.00 -33.35
C VAL C 950 0.07 -14.03 -32.68
N ASN C 951 0.31 -12.90 -33.32
CA ASN C 951 1.15 -11.88 -32.70
C ASN C 951 0.47 -11.26 -31.50
N GLN C 952 -0.84 -11.06 -31.55
CA GLN C 952 -1.52 -10.36 -30.46
C GLN C 952 -1.61 -11.19 -29.19
N ASN C 953 -1.84 -12.49 -29.27
CA ASN C 953 -1.82 -13.27 -28.04
C ASN C 953 -0.56 -14.09 -27.91
N ALA C 954 0.54 -13.56 -28.40
CA ALA C 954 1.87 -13.94 -27.95
C ALA C 954 2.63 -12.77 -27.38
N GLN C 955 2.31 -11.56 -27.78
CA GLN C 955 2.87 -10.36 -27.18
C GLN C 955 1.98 -9.83 -26.09
N ALA C 956 0.97 -10.60 -25.70
CA ALA C 956 0.33 -10.39 -24.43
C ALA C 956 0.68 -11.45 -23.42
N LEU C 957 1.08 -12.63 -23.87
CA LEU C 957 1.67 -13.62 -22.99
C LEU C 957 3.05 -13.19 -22.56
N ASN C 958 3.80 -12.57 -23.46
CA ASN C 958 5.13 -12.09 -23.12
C ASN C 958 5.08 -10.96 -22.12
N THR C 959 4.08 -10.09 -22.22
CA THR C 959 3.91 -9.05 -21.23
C THR C 959 3.47 -9.63 -19.89
N LEU C 960 2.76 -10.75 -19.91
CA LEU C 960 2.45 -11.43 -18.66
C LEU C 960 3.71 -12.00 -18.02
N VAL C 961 4.60 -12.56 -18.82
CA VAL C 961 5.85 -13.11 -18.27
C VAL C 961 6.75 -12.00 -17.79
N LYS C 962 6.82 -10.91 -18.54
CA LYS C 962 7.83 -9.88 -18.36
C LYS C 962 7.38 -8.89 -17.31
N GLN C 963 6.54 -9.32 -16.41
CA GLN C 963 6.09 -8.46 -15.34
C GLN C 963 6.13 -9.20 -14.03
N LEU C 964 6.53 -10.47 -14.04
CA LEU C 964 7.07 -11.08 -12.84
C LEU C 964 8.34 -10.39 -12.41
N SER C 965 9.15 -9.95 -13.37
CA SER C 965 10.35 -9.19 -13.08
C SER C 965 10.02 -7.70 -13.00
N SER C 966 9.12 -7.37 -12.09
CA SER C 966 8.73 -5.99 -11.88
C SER C 966 8.48 -5.78 -10.40
N ASN C 967 8.90 -4.63 -9.91
CA ASN C 967 9.09 -4.43 -8.48
C ASN C 967 7.78 -4.24 -7.74
N PHE C 968 6.83 -3.54 -8.34
CA PHE C 968 5.51 -3.22 -7.78
C PHE C 968 5.60 -2.47 -6.46
N GLY C 969 6.65 -1.68 -6.28
CA GLY C 969 6.78 -0.90 -5.07
C GLY C 969 7.34 -1.65 -3.88
N ALA C 970 7.68 -2.93 -4.03
CA ALA C 970 8.32 -3.66 -2.96
C ALA C 970 9.82 -3.38 -3.00
N ILE C 971 10.60 -4.07 -2.17
CA ILE C 971 12.03 -3.79 -2.18
C ILE C 971 12.72 -4.51 -3.31
N SER C 972 12.18 -5.63 -3.78
CA SER C 972 12.73 -6.34 -4.92
C SER C 972 11.61 -7.17 -5.54
N SER C 973 11.84 -7.61 -6.77
CA SER C 973 10.85 -8.37 -7.51
C SER C 973 10.96 -9.86 -7.33
N VAL C 974 12.16 -10.38 -7.22
CA VAL C 974 12.37 -11.81 -7.07
C VAL C 974 12.04 -12.21 -5.64
N LEU C 975 11.30 -13.31 -5.51
CA LEU C 975 10.63 -13.59 -4.25
C LEU C 975 11.58 -14.14 -3.21
N ASN C 976 12.50 -15.01 -3.63
CA ASN C 976 13.34 -15.71 -2.67
C ASN C 976 14.38 -14.79 -2.06
N ASP C 977 14.71 -13.70 -2.74
CA ASP C 977 15.64 -12.73 -2.16
C ASP C 977 15.01 -12.01 -0.99
N ILE C 978 13.79 -11.51 -1.15
CA ILE C 978 13.11 -10.88 -0.02
C ILE C 978 12.51 -11.88 0.94
N LEU C 979 12.53 -13.16 0.59
CA LEU C 979 12.18 -14.17 1.57
C LEU C 979 13.39 -14.58 2.40
N SER C 980 14.59 -14.48 1.83
CA SER C 980 15.80 -14.84 2.55
C SER C 980 16.09 -13.83 3.66
N ARG C 981 16.38 -12.60 3.28
CA ARG C 981 16.47 -11.53 4.26
C ARG C 981 15.08 -11.12 4.72
N LEU C 982 15.04 -10.16 5.64
CA LEU C 982 13.80 -9.55 6.14
C LEU C 982 12.85 -10.56 6.79
N ASP C 983 13.12 -10.94 8.05
CA ASP C 983 12.30 -11.82 8.90
C ASP C 983 10.80 -11.53 8.78
N PRO C 984 9.95 -12.55 8.84
CA PRO C 984 8.58 -12.42 8.34
C PRO C 984 7.53 -12.07 9.38
N PRO C 985 7.68 -10.99 10.17
CA PRO C 985 6.47 -10.19 10.42
C PRO C 985 6.32 -9.07 9.40
N GLU C 986 7.45 -8.62 8.87
CA GLU C 986 7.49 -7.39 8.10
C GLU C 986 7.83 -7.58 6.64
N ALA C 987 8.29 -8.76 6.23
CA ALA C 987 8.28 -9.14 4.83
C ALA C 987 7.07 -9.99 4.52
N GLU C 988 6.00 -9.73 5.25
CA GLU C 988 4.66 -10.15 4.89
C GLU C 988 3.98 -9.11 4.04
N VAL C 989 4.34 -7.84 4.22
CA VAL C 989 3.83 -6.81 3.35
C VAL C 989 4.69 -6.62 2.11
N GLN C 990 5.94 -7.09 2.14
CA GLN C 990 6.72 -7.08 0.92
C GLN C 990 6.23 -8.15 -0.05
N ILE C 991 5.79 -9.29 0.47
CA ILE C 991 5.16 -10.29 -0.38
C ILE C 991 3.82 -9.77 -0.88
N ASP C 992 3.05 -9.15 0.01
CA ASP C 992 1.67 -8.78 -0.32
C ASP C 992 1.62 -7.70 -1.39
N ARG C 993 2.64 -6.86 -1.46
CA ARG C 993 2.77 -5.93 -2.57
C ARG C 993 2.98 -6.67 -3.89
N LEU C 994 3.81 -7.71 -3.88
CA LEU C 994 4.04 -8.46 -5.10
C LEU C 994 2.82 -9.29 -5.49
N ILE C 995 2.08 -9.79 -4.51
CA ILE C 995 0.84 -10.51 -4.79
C ILE C 995 -0.17 -9.58 -5.44
N THR C 996 -0.36 -8.40 -4.88
CA THR C 996 -1.34 -7.51 -5.45
C THR C 996 -0.87 -6.85 -6.73
N GLY C 997 0.41 -6.95 -7.06
CA GLY C 997 0.84 -6.57 -8.39
C GLY C 997 0.62 -7.67 -9.40
N ARG C 998 1.05 -8.89 -9.07
CA ARG C 998 0.98 -9.98 -10.02
C ARG C 998 -0.44 -10.45 -10.26
N LEU C 999 -1.28 -10.44 -9.22
CA LEU C 999 -2.67 -10.81 -9.39
C LEU C 999 -3.40 -9.80 -10.25
N GLN C 1000 -3.09 -8.52 -10.11
CA GLN C 1000 -3.70 -7.53 -10.96
C GLN C 1000 -3.22 -7.65 -12.39
N SER C 1001 -1.94 -7.99 -12.58
CA SER C 1001 -1.44 -8.23 -13.92
C SER C 1001 -2.10 -9.44 -14.57
N LEU C 1002 -2.36 -10.47 -13.77
CA LEU C 1002 -3.07 -11.64 -14.27
C LEU C 1002 -4.50 -11.31 -14.63
N GLN C 1003 -5.17 -10.49 -13.82
CA GLN C 1003 -6.53 -10.11 -14.11
C GLN C 1003 -6.61 -9.27 -15.37
N THR C 1004 -5.62 -8.42 -15.59
CA THR C 1004 -5.57 -7.65 -16.83
C THR C 1004 -5.38 -8.55 -18.03
N TYR C 1005 -4.52 -9.57 -17.90
CA TYR C 1005 -4.34 -10.52 -18.99
C TYR C 1005 -5.62 -11.28 -19.29
N VAL C 1006 -6.32 -11.72 -18.26
CA VAL C 1006 -7.54 -12.52 -18.47
C VAL C 1006 -8.64 -11.67 -19.07
N THR C 1007 -8.75 -10.40 -18.66
CA THR C 1007 -9.76 -9.54 -19.25
C THR C 1007 -9.46 -9.22 -20.70
N GLN C 1008 -8.19 -8.98 -21.04
CA GLN C 1008 -7.83 -8.79 -22.45
C GLN C 1008 -8.12 -10.04 -23.26
N GLN C 1009 -7.86 -11.21 -22.67
CA GLN C 1009 -8.14 -12.44 -23.40
C GLN C 1009 -9.62 -12.67 -23.57
N LEU C 1010 -10.43 -12.26 -22.62
CA LEU C 1010 -11.87 -12.46 -22.77
C LEU C 1010 -12.43 -11.55 -23.85
N ILE C 1011 -11.93 -10.32 -23.94
CA ILE C 1011 -12.34 -9.43 -25.02
C ILE C 1011 -11.86 -9.97 -26.37
N ARG C 1012 -10.64 -10.45 -26.44
CA ARG C 1012 -10.13 -10.96 -27.70
C ARG C 1012 -10.80 -12.25 -28.11
N ALA C 1013 -11.22 -13.06 -27.15
CA ALA C 1013 -11.99 -14.26 -27.44
C ALA C 1013 -13.36 -13.93 -27.94
N ALA C 1014 -13.96 -12.85 -27.43
CA ALA C 1014 -15.24 -12.40 -27.95
C ALA C 1014 -15.11 -11.96 -29.40
N GLU C 1015 -14.01 -11.27 -29.72
CA GLU C 1015 -13.77 -10.88 -31.10
C GLU C 1015 -13.56 -12.08 -32.02
N ILE C 1016 -12.80 -13.07 -31.57
CA ILE C 1016 -12.58 -14.24 -32.42
C ILE C 1016 -13.82 -15.12 -32.50
N ARG C 1017 -14.67 -15.12 -31.48
CA ARG C 1017 -15.93 -15.86 -31.62
C ARG C 1017 -16.86 -15.18 -32.59
N ALA C 1018 -16.86 -13.84 -32.63
CA ALA C 1018 -17.64 -13.16 -33.64
C ALA C 1018 -17.13 -13.46 -35.04
N SER C 1019 -15.81 -13.49 -35.21
CA SER C 1019 -15.24 -13.83 -36.51
C SER C 1019 -15.48 -15.28 -36.88
N ALA C 1020 -15.49 -16.18 -35.91
CA ALA C 1020 -15.71 -17.59 -36.20
C ALA C 1020 -17.16 -17.86 -36.50
N ASN C 1021 -18.08 -17.13 -35.88
CA ASN C 1021 -19.48 -17.23 -36.25
C ASN C 1021 -19.69 -16.71 -37.66
N LEU C 1022 -18.97 -15.66 -38.04
CA LEU C 1022 -19.02 -15.20 -39.43
C LEU C 1022 -18.48 -16.24 -40.38
N ALA C 1023 -17.39 -16.91 -40.02
CA ALA C 1023 -16.83 -17.91 -40.91
C ALA C 1023 -17.71 -19.15 -41.01
N ALA C 1024 -18.41 -19.51 -39.93
CA ALA C 1024 -19.36 -20.60 -40.01
C ALA C 1024 -20.55 -20.23 -40.88
N THR C 1025 -20.98 -18.98 -40.82
CA THR C 1025 -22.02 -18.49 -41.71
C THR C 1025 -21.57 -18.48 -43.16
N LYS C 1026 -20.32 -18.10 -43.42
CA LYS C 1026 -19.85 -18.14 -44.79
C LYS C 1026 -19.66 -19.55 -45.30
N MET C 1027 -19.31 -20.48 -44.43
CA MET C 1027 -19.23 -21.87 -44.87
C MET C 1027 -20.59 -22.43 -45.15
N SER C 1028 -21.59 -22.04 -44.37
CA SER C 1028 -22.93 -22.50 -44.68
C SER C 1028 -23.43 -21.87 -45.97
N GLU C 1029 -23.55 -20.56 -46.00
CA GLU C 1029 -24.20 -19.91 -47.11
C GLU C 1029 -23.37 -19.80 -48.36
N CYS C 1030 -22.07 -19.54 -48.26
CA CYS C 1030 -21.24 -19.43 -49.45
C CYS C 1030 -20.80 -20.78 -50.01
N VAL C 1031 -20.38 -21.72 -49.17
CA VAL C 1031 -19.85 -22.97 -49.70
C VAL C 1031 -20.95 -23.97 -49.97
N LEU C 1032 -21.81 -24.19 -48.99
CA LEU C 1032 -22.84 -25.22 -49.09
C LEU C 1032 -24.08 -24.76 -49.84
N GLY C 1033 -24.07 -23.57 -50.41
CA GLY C 1033 -25.16 -23.09 -51.22
C GLY C 1033 -24.65 -21.97 -52.08
N GLN C 1034 -25.56 -21.33 -52.80
CA GLN C 1034 -25.21 -20.18 -53.62
C GLN C 1034 -25.95 -18.97 -53.09
N SER C 1035 -25.20 -17.97 -52.67
CA SER C 1035 -25.74 -16.89 -51.86
C SER C 1035 -26.12 -15.70 -52.73
N LYS C 1036 -27.31 -15.18 -52.51
CA LYS C 1036 -27.76 -13.99 -53.21
C LYS C 1036 -27.48 -12.72 -52.44
N ARG C 1037 -26.84 -12.81 -51.30
CA ARG C 1037 -26.52 -11.64 -50.52
C ARG C 1037 -25.31 -10.95 -51.13
N VAL C 1038 -25.44 -9.67 -51.38
CA VAL C 1038 -24.47 -8.95 -52.19
C VAL C 1038 -23.20 -8.73 -51.39
N ASP C 1039 -22.06 -9.07 -51.98
CA ASP C 1039 -20.72 -8.93 -51.44
C ASP C 1039 -20.52 -9.71 -50.15
N PHE C 1040 -21.40 -10.63 -49.84
CA PHE C 1040 -21.14 -11.53 -48.73
C PHE C 1040 -20.09 -12.52 -49.12
N CYS C 1041 -20.15 -13.00 -50.34
CA CYS C 1041 -19.27 -14.03 -50.80
C CYS C 1041 -18.45 -13.51 -51.97
N GLY C 1042 -17.82 -12.36 -51.81
CA GLY C 1042 -16.94 -11.84 -52.84
C GLY C 1042 -17.66 -10.90 -53.78
N LYS C 1043 -16.88 -10.09 -54.49
CA LYS C 1043 -17.42 -9.10 -55.40
C LYS C 1043 -17.88 -9.76 -56.69
N GLY C 1044 -19.05 -9.40 -57.14
CA GLY C 1044 -19.66 -10.02 -58.30
C GLY C 1044 -20.86 -10.83 -57.88
N TYR C 1045 -21.47 -11.46 -58.86
CA TYR C 1045 -22.53 -12.39 -58.56
C TYR C 1045 -21.93 -13.72 -58.20
N HIS C 1046 -22.35 -14.27 -57.08
CA HIS C 1046 -21.67 -15.41 -56.48
C HIS C 1046 -21.99 -16.68 -57.21
N LEU C 1047 -20.96 -17.41 -57.64
CA LEU C 1047 -21.16 -18.74 -58.18
C LEU C 1047 -20.93 -19.81 -57.15
N MET C 1048 -19.73 -19.90 -56.59
CA MET C 1048 -19.47 -20.90 -55.57
C MET C 1048 -18.31 -20.46 -54.69
N SER C 1049 -17.98 -21.28 -53.71
CA SER C 1049 -16.86 -20.96 -52.86
C SER C 1049 -16.19 -22.24 -52.43
N PHE C 1050 -14.91 -22.15 -52.12
CA PHE C 1050 -14.11 -23.31 -51.78
C PHE C 1050 -13.34 -23.00 -50.51
N PRO C 1051 -13.49 -23.77 -49.46
CA PRO C 1051 -12.73 -23.51 -48.25
C PRO C 1051 -11.34 -24.09 -48.34
N GLN C 1052 -10.43 -23.47 -47.62
CA GLN C 1052 -9.09 -24.00 -47.42
C GLN C 1052 -8.77 -23.76 -45.97
N SER C 1053 -8.25 -24.77 -45.29
CA SER C 1053 -7.89 -24.52 -43.91
C SER C 1053 -6.63 -23.69 -43.85
N ALA C 1054 -6.47 -22.97 -42.76
CA ALA C 1054 -5.28 -22.18 -42.54
C ALA C 1054 -5.01 -22.21 -41.06
N PRO C 1055 -3.78 -21.95 -40.64
CA PRO C 1055 -3.49 -22.01 -39.20
C PRO C 1055 -4.26 -21.00 -38.40
N HIS C 1056 -5.15 -21.55 -37.56
CA HIS C 1056 -6.11 -20.82 -36.76
C HIS C 1056 -7.08 -20.01 -37.60
N GLY C 1057 -7.50 -20.56 -38.73
CA GLY C 1057 -8.49 -19.84 -39.51
C GLY C 1057 -8.88 -20.56 -40.77
N VAL C 1058 -9.64 -19.88 -41.59
CA VAL C 1058 -10.14 -20.45 -42.83
C VAL C 1058 -9.92 -19.43 -43.92
N VAL C 1059 -9.76 -19.92 -45.14
CA VAL C 1059 -9.57 -19.08 -46.32
C VAL C 1059 -10.63 -19.51 -47.31
N PHE C 1060 -11.46 -18.59 -47.74
CA PHE C 1060 -12.49 -18.89 -48.70
C PHE C 1060 -12.03 -18.42 -50.06
N LEU C 1061 -12.30 -19.21 -51.07
CA LEU C 1061 -11.99 -18.87 -52.45
C LEU C 1061 -13.34 -18.68 -53.10
N HIS C 1062 -13.72 -17.43 -53.28
CA HIS C 1062 -15.04 -17.07 -53.75
C HIS C 1062 -15.00 -16.95 -55.25
N VAL C 1063 -15.59 -17.90 -55.96
CA VAL C 1063 -15.72 -17.86 -57.40
C VAL C 1063 -16.96 -17.08 -57.73
N THR C 1064 -16.80 -15.95 -58.39
CA THR C 1064 -17.88 -15.03 -58.70
C THR C 1064 -17.85 -14.70 -60.17
N TYR C 1065 -19.00 -14.29 -60.67
CA TYR C 1065 -19.20 -13.91 -62.07
C TYR C 1065 -19.18 -12.40 -62.10
N VAL C 1066 -18.34 -11.82 -62.95
CA VAL C 1066 -18.25 -10.38 -63.11
C VAL C 1066 -18.58 -10.06 -64.56
N PRO C 1067 -19.56 -9.22 -64.86
CA PRO C 1067 -19.81 -8.84 -66.24
C PRO C 1067 -18.70 -7.97 -66.79
N ALA C 1068 -18.47 -8.06 -68.09
CA ALA C 1068 -17.41 -7.24 -68.67
C ALA C 1068 -17.65 -6.99 -70.15
N GLN C 1069 -16.95 -5.96 -70.63
CA GLN C 1069 -17.04 -5.35 -71.96
C GLN C 1069 -18.50 -5.19 -72.42
N GLU C 1070 -19.17 -4.23 -71.86
CA GLU C 1070 -20.51 -3.98 -72.26
C GLU C 1070 -20.69 -3.09 -73.34
N LYS C 1071 -21.87 -3.07 -73.84
CA LYS C 1071 -22.28 -2.23 -74.90
C LYS C 1071 -23.52 -1.51 -74.55
N ASN C 1072 -23.71 -0.33 -75.08
CA ASN C 1072 -24.91 0.40 -74.75
C ASN C 1072 -25.95 0.54 -75.86
N PHE C 1073 -27.17 0.11 -75.57
CA PHE C 1073 -28.23 0.16 -76.52
C PHE C 1073 -29.31 1.09 -76.13
N THR C 1074 -30.47 1.00 -76.71
CA THR C 1074 -31.57 1.88 -76.43
C THR C 1074 -32.67 1.07 -76.00
N THR C 1075 -33.37 1.44 -74.99
CA THR C 1075 -34.46 0.61 -74.52
C THR C 1075 -35.82 1.23 -74.75
N ALA C 1076 -36.81 0.56 -74.19
CA ALA C 1076 -38.17 0.98 -74.14
C ALA C 1076 -38.82 0.16 -73.04
N PRO C 1077 -39.71 0.73 -72.27
CA PRO C 1077 -40.44 -0.08 -71.29
C PRO C 1077 -41.30 -1.16 -71.90
N ALA C 1078 -41.89 -0.89 -73.05
CA ALA C 1078 -42.81 -1.83 -73.66
C ALA C 1078 -42.77 -1.68 -75.16
N ILE C 1079 -43.57 -2.48 -75.85
CA ILE C 1079 -43.64 -2.48 -77.30
C ILE C 1079 -45.10 -2.44 -77.71
N CYS C 1080 -45.49 -1.43 -78.49
CA CYS C 1080 -46.82 -1.39 -79.08
C CYS C 1080 -46.92 -2.34 -80.24
N HIS C 1081 -47.80 -3.31 -80.14
CA HIS C 1081 -48.25 -4.00 -81.33
C HIS C 1081 -49.75 -4.08 -81.26
N ASP C 1082 -50.39 -3.70 -82.38
CA ASP C 1082 -51.82 -3.51 -82.66
C ASP C 1082 -52.61 -3.06 -81.43
N GLY C 1083 -52.17 -1.97 -80.84
CA GLY C 1083 -52.86 -1.35 -79.73
C GLY C 1083 -52.42 -1.82 -78.37
N LYS C 1084 -51.98 -3.06 -78.29
CA LYS C 1084 -51.63 -3.67 -77.02
C LYS C 1084 -50.18 -3.41 -76.66
N ALA C 1085 -49.90 -3.37 -75.37
CA ALA C 1085 -48.56 -3.13 -74.86
C ALA C 1085 -47.94 -4.45 -74.45
N HIS C 1086 -46.72 -4.71 -74.90
CA HIS C 1086 -46.03 -5.95 -74.62
C HIS C 1086 -44.80 -5.68 -73.77
N PHE C 1087 -44.72 -6.33 -72.66
CA PHE C 1087 -43.60 -6.25 -71.76
C PHE C 1087 -42.83 -7.54 -71.84
N PRO C 1088 -41.51 -7.55 -71.64
CA PRO C 1088 -40.78 -8.81 -71.74
C PRO C 1088 -41.03 -9.69 -70.53
N ARG C 1089 -40.98 -11.00 -70.75
CA ARG C 1089 -41.18 -11.91 -69.63
C ARG C 1089 -39.98 -11.90 -68.72
N GLU C 1090 -38.83 -12.34 -69.21
CA GLU C 1090 -37.56 -12.14 -68.53
C GLU C 1090 -36.65 -11.46 -69.53
N GLY C 1091 -36.15 -10.33 -69.19
CA GLY C 1091 -35.25 -9.67 -70.09
C GLY C 1091 -35.65 -8.24 -70.28
N VAL C 1092 -34.96 -7.59 -71.21
CA VAL C 1092 -35.14 -6.19 -71.53
C VAL C 1092 -35.45 -6.15 -73.00
N PHE C 1093 -35.93 -5.01 -73.46
CA PHE C 1093 -35.97 -4.69 -74.87
C PHE C 1093 -34.76 -3.83 -75.17
N VAL C 1094 -34.01 -4.17 -76.21
CA VAL C 1094 -32.90 -3.34 -76.65
C VAL C 1094 -33.10 -3.01 -78.10
N SER C 1095 -32.41 -1.97 -78.54
CA SER C 1095 -32.39 -1.58 -79.94
C SER C 1095 -30.96 -1.39 -80.35
N ASN C 1096 -30.53 -2.05 -81.40
CA ASN C 1096 -29.19 -1.87 -81.91
C ASN C 1096 -29.06 -0.65 -82.80
N GLY C 1097 -30.14 0.10 -82.98
CA GLY C 1097 -30.16 1.31 -83.77
C GLY C 1097 -31.33 1.26 -84.73
N THR C 1098 -31.56 0.10 -85.30
CA THR C 1098 -32.62 -0.08 -86.29
C THR C 1098 -33.73 -0.97 -85.78
N HIS C 1099 -33.41 -2.14 -85.27
CA HIS C 1099 -34.40 -3.13 -84.91
C HIS C 1099 -34.35 -3.37 -83.41
N TRP C 1100 -35.44 -3.92 -82.88
CA TRP C 1100 -35.55 -4.18 -81.47
C TRP C 1100 -35.48 -5.67 -81.20
N PHE C 1101 -34.93 -5.99 -80.04
CA PHE C 1101 -34.75 -7.37 -79.62
C PHE C 1101 -35.11 -7.46 -78.16
N VAL C 1102 -35.28 -8.67 -77.68
CA VAL C 1102 -35.40 -8.98 -76.27
C VAL C 1102 -34.11 -9.64 -75.90
N THR C 1103 -33.46 -9.20 -74.85
CA THR C 1103 -32.32 -9.96 -74.38
C THR C 1103 -32.41 -10.17 -72.88
N GLN C 1104 -31.71 -11.18 -72.39
CA GLN C 1104 -31.59 -11.31 -70.95
C GLN C 1104 -30.72 -10.20 -70.43
N ARG C 1105 -31.06 -9.72 -69.25
CA ARG C 1105 -30.54 -8.45 -68.81
C ARG C 1105 -29.10 -8.50 -68.31
N ASN C 1106 -28.50 -9.68 -68.23
CA ASN C 1106 -27.14 -9.80 -67.75
C ASN C 1106 -26.15 -10.29 -68.78
N PHE C 1107 -26.57 -10.46 -70.02
CA PHE C 1107 -25.71 -11.00 -71.05
C PHE C 1107 -26.37 -10.67 -72.37
N TYR C 1108 -25.64 -10.05 -73.28
CA TYR C 1108 -26.25 -9.64 -74.53
C TYR C 1108 -26.50 -10.87 -75.39
N GLU C 1109 -27.74 -11.31 -75.39
CA GLU C 1109 -28.19 -12.41 -76.25
C GLU C 1109 -29.48 -11.95 -76.89
N PRO C 1110 -29.40 -11.24 -78.00
CA PRO C 1110 -30.61 -10.64 -78.57
C PRO C 1110 -31.42 -11.68 -79.32
N GLN C 1111 -32.73 -11.67 -79.10
CA GLN C 1111 -33.65 -12.52 -79.82
C GLN C 1111 -34.78 -11.66 -80.33
N ILE C 1112 -35.48 -12.14 -81.36
CA ILE C 1112 -36.56 -11.36 -81.91
C ILE C 1112 -37.74 -11.40 -80.97
N ILE C 1113 -38.49 -10.31 -80.96
CA ILE C 1113 -39.60 -10.13 -80.01
C ILE C 1113 -40.76 -10.96 -80.52
N THR C 1114 -41.09 -12.03 -79.83
CA THR C 1114 -42.23 -12.85 -80.19
C THR C 1114 -43.29 -12.72 -79.12
N THR C 1115 -44.35 -13.50 -79.24
CA THR C 1115 -45.35 -13.55 -78.20
C THR C 1115 -45.08 -14.64 -77.20
N ASP C 1116 -43.93 -15.31 -77.28
CA ASP C 1116 -43.58 -16.30 -76.28
C ASP C 1116 -42.41 -15.86 -75.44
N ASN C 1117 -41.96 -14.62 -75.59
CA ASN C 1117 -41.06 -14.03 -74.62
C ASN C 1117 -41.55 -12.68 -74.15
N THR C 1118 -42.78 -12.30 -74.48
CA THR C 1118 -43.41 -11.10 -73.96
C THR C 1118 -44.78 -11.46 -73.44
N PHE C 1119 -45.27 -10.68 -72.50
CA PHE C 1119 -46.65 -10.77 -72.06
C PHE C 1119 -47.33 -9.45 -72.31
N VAL C 1120 -48.62 -9.52 -72.55
CA VAL C 1120 -49.41 -8.38 -72.96
C VAL C 1120 -50.19 -7.86 -71.77
N SER C 1121 -50.29 -6.53 -71.65
CA SER C 1121 -51.03 -5.92 -70.56
C SER C 1121 -51.45 -4.52 -70.94
N GLY C 1122 -52.73 -4.27 -71.02
CA GLY C 1122 -53.19 -2.92 -71.24
C GLY C 1122 -53.03 -2.50 -72.69
N ASN C 1123 -53.03 -1.20 -72.89
CA ASN C 1123 -52.92 -0.65 -74.23
C ASN C 1123 -51.91 0.49 -74.26
N CYS C 1124 -51.68 1.01 -75.45
CA CYS C 1124 -50.57 1.90 -75.73
C CYS C 1124 -50.84 3.35 -75.38
N ASP C 1125 -51.33 3.65 -74.19
CA ASP C 1125 -51.42 5.04 -73.82
C ASP C 1125 -51.07 5.31 -72.37
N VAL C 1126 -50.79 4.28 -71.58
CA VAL C 1126 -50.55 4.48 -70.17
C VAL C 1126 -49.07 4.37 -69.84
N VAL C 1127 -48.37 3.45 -70.51
CA VAL C 1127 -46.93 3.32 -70.34
C VAL C 1127 -46.23 4.51 -70.98
N ILE C 1128 -45.32 5.11 -70.26
CA ILE C 1128 -44.58 6.26 -70.74
C ILE C 1128 -43.28 5.78 -71.37
N GLY C 1129 -43.08 6.10 -72.63
CA GLY C 1129 -41.90 5.68 -73.34
C GLY C 1129 -42.06 4.45 -74.19
N ILE C 1130 -43.28 4.03 -74.43
CA ILE C 1130 -43.54 2.82 -75.19
C ILE C 1130 -43.31 3.08 -76.66
N VAL C 1131 -42.66 2.16 -77.35
CA VAL C 1131 -42.34 2.37 -78.75
C VAL C 1131 -43.09 1.36 -79.58
N ASN C 1132 -43.22 1.66 -80.87
CA ASN C 1132 -43.91 0.77 -81.77
C ASN C 1132 -42.92 -0.17 -82.43
N ASN C 1133 -43.24 -1.47 -82.39
CA ASN C 1133 -42.54 -2.43 -83.22
C ASN C 1133 -43.47 -3.61 -83.38
N THR C 1134 -43.24 -4.39 -84.42
CA THR C 1134 -44.00 -5.62 -84.58
C THR C 1134 -43.55 -6.64 -83.55
N VAL C 1135 -44.48 -7.53 -83.19
CA VAL C 1135 -44.24 -8.63 -82.27
C VAL C 1135 -44.57 -9.90 -83.04
N TYR C 1136 -43.55 -10.66 -83.41
CA TYR C 1136 -43.74 -11.72 -84.37
C TYR C 1136 -44.44 -12.91 -83.73
N ASP C 1137 -45.69 -13.12 -84.10
CA ASP C 1137 -46.46 -14.25 -83.59
C ASP C 1137 -46.05 -15.50 -84.34
N PRO C 1138 -45.50 -16.51 -83.67
CA PRO C 1138 -44.99 -17.68 -84.40
C PRO C 1138 -46.06 -18.62 -84.88
N LEU C 1139 -47.28 -18.52 -84.33
CA LEU C 1139 -48.36 -19.40 -84.76
C LEU C 1139 -48.80 -19.11 -86.19
N GLN C 1140 -48.96 -17.82 -86.51
CA GLN C 1140 -49.56 -17.42 -87.78
C GLN C 1140 -48.84 -17.91 -89.04
N PRO C 1141 -47.48 -17.91 -89.16
CA PRO C 1141 -46.92 -18.49 -90.38
C PRO C 1141 -46.76 -20.00 -90.34
N GLU C 1142 -47.78 -20.69 -89.86
CA GLU C 1142 -47.90 -22.14 -89.95
C GLU C 1142 -49.14 -22.56 -90.68
N LEU C 1143 -50.26 -21.91 -90.43
CA LEU C 1143 -51.58 -22.43 -90.81
C LEU C 1143 -51.84 -22.33 -92.31
N ASP C 1144 -51.05 -21.55 -93.03
CA ASP C 1144 -51.29 -21.22 -94.44
C ASP C 1144 -51.15 -22.42 -95.37
N GLU D 1 70.43 18.09 41.71
CA GLU D 1 69.81 17.85 43.01
C GLU D 1 68.71 16.77 42.90
N VAL D 2 69.00 15.59 43.44
CA VAL D 2 68.05 14.49 43.47
C VAL D 2 67.51 14.38 44.89
N GLN D 3 66.23 14.70 45.05
CA GLN D 3 65.57 14.59 46.35
C GLN D 3 64.19 13.99 46.16
N LEU D 4 63.81 13.12 47.11
CA LEU D 4 62.49 12.49 47.14
C LEU D 4 62.02 12.57 48.59
N VAL D 5 61.35 13.66 48.94
CA VAL D 5 61.00 13.92 50.33
C VAL D 5 59.54 13.57 50.57
N GLU D 6 59.27 12.85 51.64
CA GLU D 6 58.00 12.18 51.84
C GLU D 6 57.27 12.72 53.06
N SER D 7 55.95 12.54 53.07
CA SER D 7 55.10 13.06 54.13
C SER D 7 53.80 12.28 54.16
N GLY D 8 53.01 12.52 55.20
CA GLY D 8 51.69 11.92 55.34
C GLY D 8 51.59 10.82 56.38
N GLY D 9 52.69 10.44 57.01
CA GLY D 9 52.64 9.39 58.00
C GLY D 9 52.03 9.84 59.31
N GLY D 10 51.56 8.87 60.08
CA GLY D 10 50.98 9.15 61.37
C GLY D 10 50.19 7.95 61.88
N LEU D 11 49.76 8.08 63.13
CA LEU D 11 49.03 7.01 63.80
C LEU D 11 47.55 7.09 63.47
N ILE D 12 47.00 5.96 63.01
CA ILE D 12 45.59 5.87 62.63
C ILE D 12 45.03 4.59 63.23
N GLN D 13 43.71 4.55 63.37
CA GLN D 13 43.05 3.36 63.85
C GLN D 13 43.09 2.26 62.79
N PRO D 14 43.07 0.99 63.19
CA PRO D 14 42.88 -0.09 62.20
C PRO D 14 41.46 -0.03 61.65
N GLY D 15 41.36 0.24 60.35
CA GLY D 15 40.10 0.56 59.73
C GLY D 15 39.91 2.04 59.40
N GLY D 16 40.93 2.86 59.60
CA GLY D 16 40.88 4.26 59.25
C GLY D 16 41.50 4.53 57.88
N SER D 17 41.61 5.81 57.55
CA SER D 17 42.14 6.23 56.27
C SER D 17 43.15 7.35 56.49
N LEU D 18 44.15 7.40 55.61
CA LEU D 18 45.12 8.50 55.60
C LEU D 18 45.55 8.75 54.16
N ARG D 19 46.56 9.62 54.01
CA ARG D 19 47.00 10.07 52.69
C ARG D 19 48.49 10.40 52.75
N LEU D 20 49.25 9.94 51.75
CA LEU D 20 50.67 10.20 51.67
C LEU D 20 50.99 11.26 50.63
N SER D 21 52.26 11.69 50.62
CA SER D 21 52.79 12.56 49.59
C SER D 21 54.28 12.30 49.41
N CYS D 22 54.76 12.41 48.18
CA CYS D 22 56.20 12.34 47.87
C CYS D 22 56.54 13.49 46.94
N ALA D 23 57.10 14.55 47.49
CA ALA D 23 57.61 15.65 46.68
C ALA D 23 58.92 15.25 46.03
N ALA D 24 58.98 15.38 44.72
CA ALA D 24 60.15 15.04 43.94
C ALA D 24 60.93 16.30 43.56
N SER D 25 62.22 16.12 43.30
CA SER D 25 63.08 17.22 42.90
C SER D 25 63.72 16.92 41.55
N GLU D 26 63.65 17.91 40.64
CA GLU D 26 64.40 18.05 39.39
C GLU D 26 63.91 17.09 38.30
N PHE D 27 63.02 16.15 38.60
CA PHE D 27 62.43 15.30 37.57
C PHE D 27 60.91 15.29 37.74
N ILE D 28 60.23 14.82 36.71
CA ILE D 28 58.78 14.89 36.64
C ILE D 28 58.16 13.60 37.19
N VAL D 29 57.23 13.76 38.13
CA VAL D 29 56.45 12.63 38.66
C VAL D 29 55.57 12.01 37.58
N SER D 30 54.83 12.83 36.85
CA SER D 30 53.80 12.31 35.97
C SER D 30 54.37 11.70 34.69
N ARG D 31 55.66 11.87 34.41
CA ARG D 31 56.26 11.44 33.16
C ARG D 31 57.36 10.39 33.36
N ASN D 32 57.84 10.20 34.59
CA ASN D 32 58.84 9.20 34.91
C ASN D 32 58.17 7.97 35.53
N TYR D 33 58.93 6.87 35.64
CA TYR D 33 58.46 5.66 36.27
C TYR D 33 58.89 5.64 37.73
N MET D 34 57.93 5.59 38.67
CA MET D 34 58.32 5.39 40.06
C MET D 34 57.38 4.41 40.75
N SER D 35 57.67 4.15 42.03
CA SER D 35 57.05 3.09 42.79
C SER D 35 56.92 3.46 44.26
N TRP D 36 55.90 2.90 44.90
CA TRP D 36 55.73 2.95 46.34
C TRP D 36 56.13 1.60 46.93
N VAL D 37 57.08 1.64 47.89
CA VAL D 37 57.65 0.45 48.50
C VAL D 37 57.45 0.57 50.00
N ARG D 38 57.42 -0.55 50.70
CA ARG D 38 57.31 -0.52 52.16
C ARG D 38 58.39 -1.37 52.79
N GLN D 39 58.77 -1.01 54.02
CA GLN D 39 59.69 -1.80 54.83
C GLN D 39 59.12 -1.89 56.24
N ALA D 40 58.96 -3.12 56.72
CA ALA D 40 58.54 -3.44 58.08
C ALA D 40 59.57 -4.35 58.72
N PRO D 41 59.81 -4.24 60.03
CA PRO D 41 60.76 -5.15 60.68
C PRO D 41 60.24 -6.57 60.75
N GLY D 42 61.16 -7.52 60.63
CA GLY D 42 60.82 -8.94 60.59
C GLY D 42 60.51 -9.44 59.21
N THR D 43 59.78 -8.66 58.43
CA THR D 43 59.55 -8.93 57.03
C THR D 43 60.64 -8.27 56.20
N GLY D 44 60.73 -8.66 54.93
CA GLY D 44 61.66 -8.03 54.02
C GLY D 44 61.11 -6.74 53.45
N LEU D 45 61.94 -6.10 52.65
CA LEU D 45 61.50 -4.93 51.89
C LEU D 45 60.52 -5.39 50.82
N GLU D 46 59.38 -4.70 50.72
CA GLU D 46 58.25 -5.17 49.93
C GLU D 46 57.77 -4.11 48.96
N TRP D 47 57.61 -4.50 47.70
CA TRP D 47 56.97 -3.67 46.69
C TRP D 47 55.47 -3.61 46.92
N VAL D 48 54.92 -2.40 46.88
CA VAL D 48 53.47 -2.20 47.00
C VAL D 48 52.87 -1.82 45.67
N SER D 49 53.32 -0.73 45.05
CA SER D 49 52.70 -0.24 43.83
C SER D 49 53.77 0.37 42.93
N VAL D 50 53.43 0.52 41.66
CA VAL D 50 54.29 1.16 40.66
C VAL D 50 53.39 1.95 39.72
N ILE D 51 53.89 3.08 39.22
CA ILE D 51 53.12 4.01 38.42
C ILE D 51 54.00 4.52 37.27
N TYR D 52 53.37 4.59 36.09
CA TYR D 52 54.01 4.77 34.79
C TYR D 52 53.87 6.22 34.33
N PRO D 53 54.47 6.59 33.17
CA PRO D 53 54.08 7.85 32.53
C PRO D 53 52.66 7.79 32.00
N GLY D 54 51.74 8.40 32.73
CA GLY D 54 50.33 8.35 32.42
C GLY D 54 49.78 7.00 32.78
N GLY D 55 50.09 6.03 31.91
CA GLY D 55 50.11 4.59 32.15
C GLY D 55 49.05 3.95 33.02
N SER D 56 49.50 3.09 33.91
CA SER D 56 48.59 2.30 34.73
C SER D 56 49.17 2.19 36.13
N THR D 57 48.28 1.95 37.08
CA THR D 57 48.65 1.76 38.47
C THR D 57 48.73 0.27 38.74
N PHE D 58 49.88 -0.20 39.22
CA PHE D 58 50.02 -1.63 39.47
C PHE D 58 50.28 -1.86 40.95
N TYR D 59 49.46 -2.72 41.54
CA TYR D 59 49.45 -2.92 42.99
C TYR D 59 49.96 -4.31 43.32
N ALA D 60 50.29 -4.50 44.58
CA ALA D 60 50.53 -5.86 45.07
C ALA D 60 49.19 -6.58 45.21
N ASP D 61 49.25 -7.91 45.20
CA ASP D 61 48.03 -8.70 45.31
C ASP D 61 47.47 -8.66 46.73
N SER D 62 48.32 -8.40 47.72
CA SER D 62 47.87 -8.26 49.10
C SER D 62 47.09 -6.98 49.33
N VAL D 63 47.50 -5.87 48.74
CA VAL D 63 46.90 -4.57 48.96
C VAL D 63 46.01 -4.12 47.82
N LYS D 64 45.72 -5.01 46.86
CA LYS D 64 44.92 -4.66 45.69
C LYS D 64 43.47 -4.38 46.09
N GLY D 65 42.96 -3.23 45.68
CA GLY D 65 41.65 -2.82 46.11
C GLY D 65 41.66 -1.90 47.32
N ARG D 66 42.67 -2.04 48.20
CA ARG D 66 42.69 -1.22 49.39
C ARG D 66 43.42 0.10 49.18
N PHE D 67 44.69 0.06 48.80
CA PHE D 67 45.38 1.32 48.53
C PHE D 67 44.93 1.88 47.18
N THR D 68 45.05 3.20 47.06
CA THR D 68 44.92 3.80 45.74
C THR D 68 46.00 4.85 45.56
N ILE D 69 46.37 5.10 44.31
CA ILE D 69 47.36 6.12 43.98
C ILE D 69 46.73 7.10 43.00
N SER D 70 46.85 8.38 43.31
CA SER D 70 46.32 9.45 42.46
C SER D 70 47.37 10.56 42.49
N ARG D 71 48.25 10.54 41.50
CA ARG D 71 49.23 11.60 41.38
C ARG D 71 48.54 12.91 41.00
N ASP D 72 48.96 13.98 41.67
CA ASP D 72 48.37 15.30 41.50
C ASP D 72 49.36 16.14 40.70
N ASN D 73 48.91 16.64 39.56
CA ASN D 73 49.78 17.35 38.63
C ASN D 73 49.53 18.84 38.84
N SER D 74 50.15 19.38 39.89
CA SER D 74 50.27 20.81 40.09
C SER D 74 51.75 21.09 40.35
N LYS D 75 52.42 20.07 40.87
CA LYS D 75 53.84 20.11 41.18
C LYS D 75 54.36 18.68 41.16
N ASN D 76 55.63 18.52 41.53
CA ASN D 76 56.30 17.22 41.45
C ASN D 76 56.00 16.41 42.71
N THR D 77 54.72 16.02 42.85
CA THR D 77 54.26 15.27 44.00
C THR D 77 53.60 13.97 43.58
N LEU D 78 53.75 12.95 44.42
CA LEU D 78 53.13 11.66 44.23
C LEU D 78 52.42 11.24 45.51
N TYR D 79 51.14 10.89 45.41
CA TYR D 79 50.33 10.59 46.59
C TYR D 79 49.96 9.12 46.61
N LEU D 80 49.43 8.71 47.76
CA LEU D 80 48.81 7.40 47.92
C LEU D 80 47.79 7.52 49.04
N GLN D 81 46.53 7.24 48.73
CA GLN D 81 45.49 7.23 49.76
C GLN D 81 45.33 5.82 50.28
N MET D 82 45.40 5.70 51.61
CA MET D 82 45.36 4.42 52.31
C MET D 82 44.02 4.29 53.01
N ASP D 83 43.22 3.33 52.58
CA ASP D 83 41.94 3.03 53.20
C ASP D 83 41.93 1.56 53.59
N SER D 84 41.16 1.26 54.65
CA SER D 84 40.98 -0.08 55.20
C SER D 84 42.31 -0.73 55.59
N LEU D 85 43.07 -0.01 56.41
CA LEU D 85 44.39 -0.46 56.80
C LEU D 85 44.28 -1.62 57.78
N ARG D 86 44.95 -2.73 57.46
CA ARG D 86 44.97 -3.90 58.32
C ARG D 86 46.00 -3.74 59.42
N VAL D 87 46.06 -4.76 60.29
CA VAL D 87 46.94 -4.72 61.45
C VAL D 87 48.41 -4.88 61.07
N GLU D 88 48.70 -5.51 59.93
CA GLU D 88 50.07 -5.81 59.52
C GLU D 88 50.71 -4.67 58.76
N ASP D 89 50.04 -3.52 58.66
CA ASP D 89 50.48 -2.43 57.81
C ASP D 89 51.25 -1.36 58.58
N THR D 90 52.06 -1.77 59.56
CA THR D 90 53.01 -0.88 60.22
C THR D 90 54.32 -0.94 59.45
N ALA D 91 54.62 0.10 58.68
CA ALA D 91 55.80 0.09 57.85
C ALA D 91 56.21 1.51 57.51
N VAL D 92 57.47 1.66 57.11
CA VAL D 92 57.92 2.91 56.52
C VAL D 92 57.77 2.81 55.00
N TYR D 93 57.16 3.84 54.42
CA TYR D 93 56.80 3.84 53.01
C TYR D 93 57.79 4.76 52.29
N TYR D 94 58.27 4.29 51.15
CA TYR D 94 59.32 4.95 50.38
C TYR D 94 58.82 5.17 48.96
N CYS D 95 59.08 6.35 48.41
CA CYS D 95 58.87 6.59 46.99
C CYS D 95 60.21 6.44 46.27
N ALA D 96 60.24 5.54 45.29
CA ALA D 96 61.48 5.12 44.67
C ALA D 96 61.35 5.21 43.16
N ARG D 97 62.25 5.96 42.54
CA ARG D 97 62.23 6.09 41.09
C ARG D 97 62.88 4.88 40.44
N ASP D 98 62.19 4.34 39.43
CA ASP D 98 62.51 3.10 38.74
C ASP D 98 63.10 3.36 37.35
N TYR D 99 63.66 2.30 36.77
CA TYR D 99 64.07 2.26 35.37
C TYR D 99 63.03 1.42 34.62
N GLY D 100 61.84 1.99 34.48
CA GLY D 100 60.70 1.27 33.96
C GLY D 100 60.06 0.37 35.00
N ASP D 101 60.18 -0.94 34.80
CA ASP D 101 59.75 -1.93 35.78
C ASP D 101 60.86 -2.96 35.98
N PHE D 102 62.10 -2.50 35.98
CA PHE D 102 63.23 -3.39 36.18
C PHE D 102 63.83 -3.28 37.58
N TYR D 103 64.27 -2.10 37.97
CA TYR D 103 65.08 -1.95 39.16
C TYR D 103 64.91 -0.55 39.75
N PHE D 104 65.01 -0.47 41.07
CA PHE D 104 64.86 0.79 41.79
C PHE D 104 66.15 1.61 41.66
N ASP D 105 66.07 2.70 40.90
CA ASP D 105 67.23 3.57 40.69
C ASP D 105 67.49 4.41 41.93
N TYR D 106 66.49 5.16 42.38
CA TYR D 106 66.65 6.08 43.51
C TYR D 106 65.54 5.90 44.53
N TRP D 107 65.79 6.39 45.73
CA TRP D 107 64.90 6.19 46.86
C TRP D 107 64.66 7.51 47.57
N GLY D 108 63.67 7.52 48.44
CA GLY D 108 63.42 8.62 49.36
C GLY D 108 63.96 8.37 50.74
N GLN D 109 63.47 9.15 51.70
CA GLN D 109 63.80 8.91 53.11
C GLN D 109 62.69 8.15 53.83
N GLY D 110 61.51 8.05 53.24
CA GLY D 110 60.43 7.27 53.80
C GLY D 110 59.69 7.99 54.92
N THR D 111 58.38 7.79 54.98
CA THR D 111 57.59 8.21 56.11
C THR D 111 56.95 6.98 56.73
N LEU D 112 57.03 6.88 58.05
CA LEU D 112 56.72 5.63 58.72
C LEU D 112 55.31 5.72 59.31
N VAL D 113 54.48 4.73 59.01
CA VAL D 113 53.11 4.66 59.49
C VAL D 113 53.05 3.50 60.47
N THR D 114 52.51 3.77 61.66
CA THR D 114 52.23 2.77 62.67
C THR D 114 50.73 2.75 62.91
N VAL D 115 50.12 1.57 62.78
CA VAL D 115 48.70 1.38 63.02
C VAL D 115 48.54 0.38 64.16
N SER D 116 47.74 0.76 65.15
CA SER D 116 47.62 -0.03 66.38
C SER D 116 46.36 0.42 67.11
N SER D 117 46.01 -0.33 68.16
CA SER D 117 44.93 0.07 69.05
C SER D 117 45.55 0.68 70.30
N ALA D 118 46.08 1.88 70.14
CA ALA D 118 46.69 2.63 71.23
C ALA D 118 46.67 4.11 70.88
N SER D 119 47.41 4.90 71.63
CA SER D 119 47.55 6.33 71.35
C SER D 119 48.90 6.85 71.83
N GLU E 1 56.92 -17.90 42.81
CA GLU E 1 57.87 -16.79 42.85
C GLU E 1 59.21 -17.27 43.38
N ILE E 2 60.26 -16.47 43.19
CA ILE E 2 61.54 -16.76 43.80
C ILE E 2 61.51 -16.27 45.24
N VAL E 3 61.56 -17.20 46.18
CA VAL E 3 61.67 -16.87 47.60
C VAL E 3 63.15 -16.84 47.92
N MET E 4 63.62 -15.70 48.43
CA MET E 4 65.05 -15.51 48.63
C MET E 4 65.49 -16.14 49.95
N THR E 5 66.78 -16.51 49.98
CA THR E 5 67.43 -17.04 51.17
C THR E 5 68.87 -16.59 51.16
N GLN E 6 69.30 -15.96 52.25
CA GLN E 6 70.71 -15.66 52.46
C GLN E 6 71.29 -16.68 53.43
N SER E 7 72.31 -17.42 52.98
CA SER E 7 72.95 -18.39 53.86
C SER E 7 73.84 -17.72 54.93
N PRO E 8 74.75 -16.75 54.60
CA PRO E 8 75.46 -16.08 55.71
C PRO E 8 74.65 -14.93 56.27
N VAL E 9 73.71 -15.23 57.18
CA VAL E 9 72.73 -14.23 57.60
C VAL E 9 73.35 -13.20 58.54
N SER E 10 74.46 -13.53 59.20
CA SER E 10 75.12 -12.59 60.10
C SER E 10 76.61 -12.90 60.12
N LEU E 11 77.44 -11.92 59.73
CA LEU E 11 78.86 -12.15 59.53
C LEU E 11 79.66 -11.00 60.13
N SER E 12 80.48 -11.31 61.14
CA SER E 12 81.34 -10.34 61.81
C SER E 12 82.77 -10.56 61.32
N VAL E 13 83.31 -9.55 60.63
CA VAL E 13 84.54 -9.67 59.85
C VAL E 13 85.48 -8.52 60.25
N SER E 14 86.78 -8.84 60.33
CA SER E 14 87.84 -7.88 60.67
C SER E 14 87.87 -6.72 59.69
N PRO E 15 88.40 -5.54 60.10
CA PRO E 15 88.47 -4.39 59.17
C PRO E 15 89.40 -4.58 58.00
N GLY E 16 88.93 -5.35 57.01
CA GLY E 16 89.64 -5.63 55.77
C GLY E 16 90.10 -7.05 55.74
N GLU E 17 89.27 -7.91 55.15
CA GLU E 17 89.57 -9.34 55.11
C GLU E 17 89.07 -9.98 53.83
N ARG E 18 88.51 -9.20 52.88
CA ARG E 18 87.85 -9.68 51.66
C ARG E 18 86.72 -10.67 52.00
N ALA E 19 85.70 -10.13 52.67
CA ALA E 19 84.59 -10.96 53.14
C ALA E 19 83.70 -11.41 51.98
N THR E 20 83.05 -12.56 52.21
CA THR E 20 82.25 -13.26 51.21
C THR E 20 80.82 -13.37 51.70
N LEU E 21 79.87 -12.86 50.90
CA LEU E 21 78.45 -12.99 51.16
C LEU E 21 77.81 -13.72 49.99
N SER E 22 76.66 -14.34 50.22
CA SER E 22 76.06 -15.15 49.17
C SER E 22 74.55 -15.20 49.35
N CYS E 23 73.88 -15.62 48.27
CA CYS E 23 72.50 -16.07 48.34
C CYS E 23 72.26 -17.15 47.30
N ARG E 24 71.15 -17.87 47.45
CA ARG E 24 70.73 -18.83 46.44
C ARG E 24 69.36 -18.40 45.93
N ALA E 25 69.11 -18.61 44.65
CA ALA E 25 67.83 -18.33 44.03
C ALA E 25 67.09 -19.64 43.83
N SER E 26 65.88 -19.72 44.41
CA SER E 26 65.12 -20.96 44.46
C SER E 26 64.60 -21.39 43.10
N GLN E 27 64.61 -20.48 42.12
CA GLN E 27 64.32 -20.86 40.74
C GLN E 27 65.55 -20.60 39.87
N GLY E 28 65.42 -20.82 38.57
CA GLY E 28 66.55 -20.66 37.67
C GLY E 28 66.53 -19.36 36.91
N VAL E 29 67.41 -18.44 37.30
CA VAL E 29 67.61 -17.19 36.58
C VAL E 29 69.06 -17.17 36.09
N ALA E 30 69.27 -16.71 34.86
CA ALA E 30 70.59 -16.79 34.24
C ALA E 30 71.61 -15.94 34.98
N SER E 31 71.46 -14.61 34.91
CA SER E 31 72.28 -13.70 35.68
C SER E 31 71.43 -12.55 36.21
N ASN E 32 70.13 -12.79 36.31
CA ASN E 32 69.16 -11.77 36.70
C ASN E 32 69.29 -11.56 38.20
N LEU E 33 70.26 -10.74 38.61
CA LEU E 33 70.40 -10.43 40.02
C LEU E 33 70.97 -9.02 40.16
N ALA E 34 70.48 -8.30 41.16
CA ALA E 34 71.01 -7.03 41.59
C ALA E 34 71.28 -7.09 43.09
N TRP E 35 72.41 -6.53 43.51
CA TRP E 35 72.78 -6.44 44.91
C TRP E 35 72.56 -5.03 45.43
N TYR E 36 71.97 -4.97 46.63
CA TYR E 36 71.52 -3.77 47.34
C TYR E 36 72.24 -3.62 48.66
N GLN E 37 72.42 -2.37 49.11
CA GLN E 37 72.97 -2.10 50.43
C GLN E 37 72.12 -1.05 51.14
N GLN E 38 71.48 -1.46 52.23
CA GLN E 38 70.72 -0.57 53.10
C GLN E 38 71.57 -0.24 54.32
N LYS E 39 71.81 1.05 54.55
CA LYS E 39 72.55 1.48 55.72
C LYS E 39 71.57 1.76 56.86
N ALA E 40 72.11 2.15 58.01
CA ALA E 40 71.30 2.33 59.22
C ALA E 40 70.46 3.59 59.11
N GLY E 41 69.17 3.43 58.87
CA GLY E 41 68.26 4.56 58.71
C GLY E 41 68.52 5.39 57.47
N GLN E 42 68.93 4.75 56.38
CA GLN E 42 69.29 5.45 55.16
C GLN E 42 68.60 4.79 53.97
N ALA E 43 68.81 5.38 52.80
CA ALA E 43 68.20 4.86 51.57
C ALA E 43 69.00 3.68 51.04
N PRO E 44 68.33 2.53 50.78
CA PRO E 44 69.06 1.35 50.30
C PRO E 44 69.54 1.47 48.87
N ARG E 45 70.83 1.73 48.71
CA ARG E 45 71.43 1.88 47.39
C ARG E 45 71.53 0.54 46.69
N LEU E 46 71.48 0.57 45.36
CA LEU E 46 71.98 -0.54 44.57
C LEU E 46 73.50 -0.62 44.61
N LEU E 47 74.03 -1.83 44.62
CA LEU E 47 75.45 -2.02 44.45
C LEU E 47 75.75 -2.57 43.06
N ILE E 48 75.15 -3.70 42.70
CA ILE E 48 75.51 -4.45 41.50
C ILE E 48 74.23 -4.69 40.71
N TYR E 49 74.26 -4.46 39.39
CA TYR E 49 73.11 -4.78 38.56
C TYR E 49 73.51 -5.71 37.42
N GLY E 50 72.66 -6.70 37.15
CA GLY E 50 72.96 -7.74 36.19
C GLY E 50 73.92 -8.79 36.70
N ALA E 51 74.22 -8.76 37.99
CA ALA E 51 75.12 -9.66 38.73
C ALA E 51 76.58 -9.58 38.28
N SER E 52 76.92 -8.67 37.36
CA SER E 52 78.30 -8.53 36.95
C SER E 52 78.74 -7.10 36.66
N THR E 53 77.88 -6.10 36.84
CA THR E 53 78.22 -4.72 36.51
C THR E 53 78.04 -3.84 37.74
N ARG E 54 78.98 -2.92 37.94
CA ARG E 54 78.91 -1.92 38.99
C ARG E 54 78.30 -0.64 38.42
N ALA E 55 77.18 -0.21 39.00
CA ALA E 55 76.32 0.78 38.36
C ALA E 55 76.92 2.17 38.21
N THR E 56 77.07 2.89 39.33
CA THR E 56 77.51 4.29 39.33
C THR E 56 78.26 4.54 40.63
N GLY E 57 79.57 4.77 40.55
CA GLY E 57 80.37 5.04 41.73
C GLY E 57 80.61 3.84 42.62
N ILE E 58 80.19 2.65 42.21
CA ILE E 58 80.40 1.41 42.95
C ILE E 58 81.83 0.96 42.67
N PRO E 59 82.67 0.82 43.71
CA PRO E 59 84.11 0.66 43.49
C PRO E 59 84.50 -0.71 42.98
N ALA E 60 85.80 -0.91 42.78
CA ALA E 60 86.36 -2.20 42.41
C ALA E 60 86.48 -3.15 43.59
N ARG E 61 86.11 -2.70 44.79
CA ARG E 61 86.01 -3.61 45.93
C ARG E 61 84.95 -4.67 45.70
N PHE E 62 83.81 -4.27 45.14
CA PHE E 62 82.68 -5.17 44.96
C PHE E 62 82.87 -5.97 43.69
N SER E 63 83.06 -7.27 43.84
CA SER E 63 83.31 -8.21 42.76
C SER E 63 82.26 -9.30 42.78
N GLY E 64 81.00 -8.89 42.91
CA GLY E 64 79.92 -9.83 42.99
C GLY E 64 79.63 -10.47 41.63
N SER E 65 79.45 -11.78 41.65
CA SER E 65 79.11 -12.54 40.45
C SER E 65 78.22 -13.70 40.89
N GLY E 66 78.12 -14.71 40.05
CA GLY E 66 77.30 -15.86 40.31
C GLY E 66 76.20 -16.03 39.26
N SER E 67 75.60 -17.20 39.26
CA SER E 67 74.59 -17.51 38.26
C SER E 67 73.70 -18.64 38.77
N GLY E 68 72.52 -18.74 38.15
CA GLY E 68 71.71 -19.94 38.19
C GLY E 68 71.05 -20.19 39.52
N THR E 69 71.87 -20.68 40.45
CA THR E 69 71.41 -21.07 41.78
C THR E 69 72.38 -20.67 42.87
N GLU E 70 73.48 -20.00 42.56
CA GLU E 70 74.42 -19.56 43.58
C GLU E 70 74.98 -18.20 43.18
N PHE E 71 74.87 -17.23 44.09
CA PHE E 71 75.32 -15.87 43.82
C PHE E 71 76.18 -15.41 44.98
N THR E 72 77.27 -14.68 44.67
CA THR E 72 78.27 -14.34 45.68
C THR E 72 78.77 -12.92 45.48
N LEU E 73 78.72 -12.13 46.55
CA LEU E 73 79.27 -10.79 46.58
C LEU E 73 80.57 -10.82 47.38
N THR E 74 81.59 -10.15 46.83
CA THR E 74 82.91 -10.10 47.45
C THR E 74 83.19 -8.65 47.83
N ILE E 75 83.42 -8.40 49.12
CA ILE E 75 83.79 -7.09 49.60
C ILE E 75 85.26 -7.12 50.05
N SER E 76 86.04 -6.15 49.57
CA SER E 76 87.50 -6.29 49.57
C SER E 76 88.19 -5.72 50.82
N THR E 77 88.07 -4.41 51.07
CA THR E 77 88.92 -3.80 52.09
C THR E 77 88.17 -3.24 53.29
N LEU E 78 86.84 -3.18 53.25
CA LEU E 78 85.97 -3.13 54.43
C LEU E 78 86.19 -1.89 55.30
N GLN E 79 85.81 -0.73 54.75
CA GLN E 79 85.64 0.43 55.61
C GLN E 79 84.47 0.19 56.57
N SER E 80 84.45 0.97 57.66
CA SER E 80 83.43 0.81 58.69
C SER E 80 82.05 1.28 58.25
N GLU E 81 81.96 1.97 57.11
CA GLU E 81 80.69 2.39 56.54
C GLU E 81 80.04 1.31 55.69
N ASP E 82 80.66 0.14 55.57
CA ASP E 82 80.09 -1.00 54.89
C ASP E 82 79.35 -1.94 55.85
N SER E 83 79.26 -1.57 57.12
CA SER E 83 78.56 -2.35 58.14
C SER E 83 77.07 -2.13 57.96
N ALA E 84 76.46 -2.90 57.06
CA ALA E 84 75.13 -2.57 56.59
C ALA E 84 74.39 -3.85 56.24
N VAL E 85 73.27 -3.71 55.52
CA VAL E 85 72.38 -4.81 55.18
C VAL E 85 72.48 -5.06 53.68
N TYR E 86 72.83 -6.28 53.30
CA TYR E 86 73.09 -6.62 51.91
C TYR E 86 71.94 -7.48 51.38
N TYR E 87 71.22 -6.95 50.39
CA TYR E 87 70.12 -7.64 49.75
C TYR E 87 70.54 -8.15 48.37
N CYS E 88 69.85 -9.19 47.91
CA CYS E 88 69.98 -9.63 46.53
C CYS E 88 68.58 -9.83 45.95
N GLN E 89 68.36 -9.33 44.74
CA GLN E 89 67.01 -9.30 44.18
C GLN E 89 67.04 -9.71 42.71
N GLN E 90 66.07 -10.53 42.33
CA GLN E 90 66.00 -11.04 40.97
C GLN E 90 65.31 -10.04 40.04
N TYR E 91 65.43 -10.26 38.74
CA TYR E 91 64.75 -9.45 37.73
C TYR E 91 63.59 -10.18 37.06
N ASN E 92 63.54 -11.50 37.15
CA ASN E 92 62.80 -12.31 36.20
C ASN E 92 61.34 -12.52 36.58
N ASP E 93 61.06 -12.80 37.85
CA ASP E 93 59.72 -13.18 38.28
C ASP E 93 58.97 -12.00 38.86
N ARG E 94 57.79 -11.75 38.30
CA ARG E 94 56.80 -10.91 38.95
C ARG E 94 55.94 -11.79 39.85
N PRO E 95 55.74 -11.42 41.14
CA PRO E 95 56.24 -10.27 41.90
C PRO E 95 57.70 -10.34 42.31
N ARG E 96 58.34 -9.19 42.45
CA ARG E 96 59.76 -9.10 42.78
C ARG E 96 59.93 -9.29 44.28
N THR E 97 60.80 -10.22 44.65
CA THR E 97 61.11 -10.51 46.03
C THR E 97 62.56 -10.16 46.31
N PHE E 98 62.78 -9.35 47.34
CA PHE E 98 64.11 -8.98 47.78
C PHE E 98 64.74 -10.10 48.60
N GLY E 99 66.03 -9.95 48.87
CA GLY E 99 66.72 -10.82 49.80
C GLY E 99 66.31 -10.53 51.23
N GLN E 100 66.68 -11.46 52.11
CA GLN E 100 66.34 -11.35 53.52
C GLN E 100 67.30 -10.44 54.29
N GLY E 101 68.38 -10.01 53.66
CA GLY E 101 69.32 -9.11 54.29
C GLY E 101 70.49 -9.81 54.94
N THR E 102 71.70 -9.36 54.63
CA THR E 102 72.93 -9.84 55.24
C THR E 102 73.47 -8.73 56.13
N LYS E 103 73.53 -9.00 57.43
CA LYS E 103 73.96 -8.02 58.41
C LYS E 103 75.48 -8.13 58.53
N LEU E 104 76.19 -7.15 57.98
CA LEU E 104 77.64 -7.14 58.02
C LEU E 104 78.11 -6.02 58.95
N GLU E 105 78.94 -6.37 59.92
CA GLU E 105 79.54 -5.38 60.80
C GLU E 105 81.03 -5.64 60.93
N ILE E 106 81.73 -4.61 61.39
CA ILE E 106 83.17 -4.63 61.57
C ILE E 106 83.45 -4.63 63.07
N LYS E 107 84.24 -5.61 63.52
CA LYS E 107 84.53 -5.75 64.94
C LYS E 107 85.53 -4.70 65.40
N ARG E 108 85.24 -4.06 66.53
CA ARG E 108 86.05 -2.99 67.07
C ARG E 108 86.57 -3.41 68.44
N THR E 109 87.31 -2.49 69.07
CA THR E 109 88.00 -2.76 70.33
C THR E 109 87.07 -2.76 71.52
N GLU F 1 27.63 -13.49 76.47
CA GLU F 1 28.14 -12.12 76.45
C GLU F 1 27.32 -11.23 75.51
N VAL F 2 26.54 -10.34 76.10
CA VAL F 2 25.72 -9.38 75.36
C VAL F 2 26.42 -8.04 75.44
N GLN F 3 26.93 -7.56 74.31
CA GLN F 3 27.57 -6.25 74.23
C GLN F 3 27.13 -5.55 72.96
N LEU F 4 26.91 -4.23 73.07
CA LEU F 4 26.56 -3.39 71.94
C LEU F 4 27.41 -2.12 72.08
N VAL F 5 28.60 -2.15 71.51
CA VAL F 5 29.57 -1.07 71.71
C VAL F 5 29.57 -0.14 70.50
N GLU F 6 29.51 1.16 70.77
CA GLU F 6 29.20 2.14 69.74
C GLU F 6 30.37 3.09 69.51
N SER F 7 30.39 3.71 68.33
CA SER F 7 31.47 4.59 67.94
C SER F 7 30.98 5.51 66.83
N GLY F 8 31.82 6.50 66.50
CA GLY F 8 31.54 7.42 65.42
C GLY F 8 31.13 8.82 65.84
N GLY F 9 30.97 9.07 67.13
CA GLY F 9 30.58 10.39 67.59
C GLY F 9 31.70 11.39 67.51
N GLY F 10 31.31 12.66 67.48
CA GLY F 10 32.27 13.74 67.45
C GLY F 10 31.61 15.04 67.04
N LEU F 11 32.40 16.12 67.12
CA LEU F 11 31.91 17.45 66.84
C LEU F 11 31.99 17.74 65.34
N ILE F 12 30.87 18.17 64.76
CA ILE F 12 30.78 18.48 63.35
C ILE F 12 30.05 19.81 63.21
N GLN F 13 30.25 20.45 62.06
CA GLN F 13 29.56 21.69 61.76
C GLN F 13 28.07 21.40 61.49
N PRO F 14 27.19 22.36 61.76
CA PRO F 14 25.79 22.22 61.30
C PRO F 14 25.75 22.32 59.78
N GLY F 15 25.34 21.23 59.14
CA GLY F 15 25.47 21.08 57.71
C GLY F 15 26.58 20.17 57.26
N GLY F 16 27.27 19.49 58.18
CA GLY F 16 28.30 18.53 57.87
C GLY F 16 27.76 17.10 57.86
N SER F 17 28.68 16.16 57.71
CA SER F 17 28.32 14.75 57.63
C SER F 17 29.27 13.95 58.53
N LEU F 18 28.74 12.86 59.08
CA LEU F 18 29.56 11.92 59.86
C LEU F 18 28.99 10.52 59.67
N ARG F 19 29.54 9.57 60.43
CA ARG F 19 29.21 8.15 60.26
C ARG F 19 29.33 7.46 61.61
N LEU F 20 28.35 6.63 61.95
CA LEU F 20 28.35 5.88 63.19
C LEU F 20 28.69 4.40 62.97
N SER F 21 28.89 3.69 64.08
CA SER F 21 29.06 2.25 64.06
C SER F 21 28.57 1.66 65.38
N CYS F 22 27.98 0.48 65.31
CA CYS F 22 27.58 -0.28 66.51
C CYS F 22 28.06 -1.71 66.33
N ALA F 23 29.18 -2.05 66.96
CA ALA F 23 29.64 -3.43 67.00
C ALA F 23 28.81 -4.24 67.97
N ALA F 24 28.25 -5.34 67.49
CA ALA F 24 27.43 -6.23 68.29
C ALA F 24 28.21 -7.46 68.71
N SER F 25 27.77 -8.06 69.81
CA SER F 25 28.40 -9.27 70.33
C SER F 25 27.39 -10.40 70.39
N GLU F 26 27.79 -11.57 69.88
CA GLU F 26 27.19 -12.90 70.05
C GLU F 26 25.88 -13.07 69.26
N PHE F 27 25.34 -12.01 68.67
CA PHE F 27 24.17 -12.14 67.80
C PHE F 27 24.43 -11.40 66.49
N ILE F 28 23.60 -11.70 65.50
CA ILE F 28 23.80 -11.22 64.13
C ILE F 28 23.06 -9.90 63.92
N VAL F 29 23.79 -8.89 63.43
CA VAL F 29 23.18 -7.60 63.04
C VAL F 29 22.23 -7.78 61.87
N SER F 30 22.66 -8.48 60.82
CA SER F 30 21.90 -8.49 59.59
C SER F 30 20.66 -9.37 59.66
N ARG F 31 20.50 -10.18 60.72
CA ARG F 31 19.43 -11.16 60.80
C ARG F 31 18.50 -10.90 61.98
N ASN F 32 18.89 -10.05 62.94
CA ASN F 32 18.06 -9.69 64.08
C ASN F 32 17.41 -8.33 63.84
N TYR F 33 16.43 -7.98 64.67
CA TYR F 33 15.76 -6.69 64.61
C TYR F 33 16.42 -5.73 65.60
N MET F 34 16.97 -4.60 65.09
CA MET F 34 17.46 -3.59 66.02
C MET F 34 17.07 -2.20 65.55
N SER F 35 17.45 -1.20 66.34
CA SER F 35 17.01 0.17 66.17
C SER F 35 18.08 1.15 66.62
N TRP F 36 18.05 2.34 65.99
CA TRP F 36 18.83 3.48 66.41
C TRP F 36 17.93 4.47 67.14
N VAL F 37 18.33 4.81 68.37
CA VAL F 37 17.54 5.65 69.26
C VAL F 37 18.42 6.82 69.66
N ARG F 38 17.81 7.95 70.02
CA ARG F 38 18.58 9.10 70.50
C ARG F 38 18.04 9.59 71.84
N GLN F 39 18.92 10.20 72.63
CA GLN F 39 18.53 10.87 73.86
C GLN F 39 19.22 12.22 73.92
N ALA F 40 18.44 13.28 74.07
CA ALA F 40 18.90 14.64 74.27
C ALA F 40 18.30 15.19 75.55
N PRO F 41 19.02 16.06 76.28
CA PRO F 41 18.45 16.64 77.50
C PRO F 41 17.34 17.63 77.19
N GLY F 42 16.35 17.65 78.08
CA GLY F 42 15.17 18.48 77.89
C GLY F 42 14.07 17.79 77.11
N THR F 43 14.45 17.08 76.05
CA THR F 43 13.55 16.23 75.31
C THR F 43 13.55 14.82 75.91
N GLY F 44 12.57 14.02 75.53
CA GLY F 44 12.54 12.64 75.96
C GLY F 44 13.42 11.77 75.10
N LEU F 45 13.47 10.49 75.47
CA LEU F 45 14.14 9.48 74.65
C LEU F 45 13.34 9.29 73.37
N GLU F 46 14.02 9.30 72.23
CA GLU F 46 13.37 9.38 70.93
C GLU F 46 13.84 8.27 70.00
N TRP F 47 12.90 7.57 69.40
CA TRP F 47 13.19 6.62 68.34
C TRP F 47 13.54 7.35 67.05
N VAL F 48 14.63 6.93 66.41
CA VAL F 48 15.04 7.48 65.12
C VAL F 48 14.77 6.49 64.00
N SER F 49 15.34 5.29 64.06
CA SER F 49 15.22 4.35 62.96
C SER F 49 15.17 2.94 63.52
N VAL F 50 14.70 2.01 62.68
CA VAL F 50 14.64 0.59 63.01
C VAL F 50 14.95 -0.18 61.72
N ILE F 51 15.61 -1.33 61.88
CA ILE F 51 16.10 -2.12 60.76
C ILE F 51 15.85 -3.61 61.06
N TYR F 52 15.39 -4.31 60.02
CA TYR F 52 14.82 -5.65 60.07
C TYR F 52 15.85 -6.68 59.60
N PRO F 53 15.50 -7.99 59.66
CA PRO F 53 16.32 -8.97 58.92
C PRO F 53 16.18 -8.80 57.42
N GLY F 54 17.19 -8.18 56.81
CA GLY F 54 17.16 -7.86 55.40
C GLY F 54 16.25 -6.67 55.19
N GLY F 55 14.95 -6.97 55.22
CA GLY F 55 13.84 -6.06 55.47
C GLY F 55 13.85 -4.67 54.91
N SER F 56 13.51 -3.70 55.76
CA SER F 56 13.36 -2.32 55.34
C SER F 56 13.90 -1.42 56.44
N THR F 57 14.27 -0.22 56.03
CA THR F 57 14.76 0.80 56.93
C THR F 57 13.61 1.73 57.27
N PHE F 58 13.30 1.88 58.55
CA PHE F 58 12.20 2.75 58.92
C PHE F 58 12.70 3.90 59.76
N TYR F 59 12.36 5.12 59.35
CA TYR F 59 12.92 6.33 59.92
C TYR F 59 11.82 7.08 60.66
N ALA F 60 12.25 8.04 61.48
CA ALA F 60 11.31 9.01 62.02
C ALA F 60 10.93 10.00 60.93
N ASP F 61 9.78 10.64 61.12
CA ASP F 61 9.32 11.61 60.13
C ASP F 61 10.13 12.89 60.17
N SER F 62 10.74 13.18 61.31
CA SER F 62 11.61 14.35 61.44
C SER F 62 12.92 14.19 60.69
N VAL F 63 13.51 13.00 60.73
CA VAL F 63 14.83 12.75 60.14
C VAL F 63 14.74 12.00 58.83
N LYS F 64 13.54 11.83 58.27
CA LYS F 64 13.36 11.06 57.04
C LYS F 64 13.97 11.79 55.86
N GLY F 65 14.82 11.09 55.11
CA GLY F 65 15.55 11.73 54.03
C GLY F 65 16.93 12.18 54.44
N ARG F 66 17.13 12.54 55.72
CA ARG F 66 18.44 13.03 56.14
C ARG F 66 19.36 11.90 56.58
N PHE F 67 18.98 11.14 57.60
CA PHE F 67 19.83 10.03 57.99
C PHE F 67 19.70 8.89 57.01
N THR F 68 20.74 8.07 56.92
CA THR F 68 20.62 6.80 56.22
C THR F 68 21.30 5.71 57.04
N ILE F 69 20.84 4.48 56.85
CA ILE F 69 21.41 3.32 57.51
C ILE F 69 21.84 2.32 56.45
N SER F 70 23.09 1.86 56.57
CA SER F 70 23.63 0.88 55.64
C SER F 70 24.47 -0.07 56.49
N ARG F 71 23.84 -1.17 56.90
CA ARG F 71 24.57 -2.18 57.64
C ARG F 71 25.59 -2.87 56.73
N ASP F 72 26.78 -3.06 57.28
CA ASP F 72 27.90 -3.63 56.54
C ASP F 72 28.11 -5.05 57.04
N ASN F 73 28.01 -6.02 56.13
CA ASN F 73 28.05 -7.43 56.48
C ASN F 73 29.46 -7.93 56.19
N SER F 74 30.37 -7.64 57.12
CA SER F 74 31.68 -8.26 57.16
C SER F 74 31.87 -8.77 58.59
N LYS F 75 31.17 -8.12 59.51
CA LYS F 75 31.18 -8.44 60.93
C LYS F 75 29.88 -7.94 61.54
N ASN F 76 29.77 -8.07 62.85
CA ASN F 76 28.54 -7.74 63.56
C ASN F 76 28.50 -6.24 63.87
N THR F 77 28.40 -5.44 62.80
CA THR F 77 28.40 -3.98 62.91
C THR F 77 27.15 -3.40 62.27
N LEU F 78 26.69 -2.30 62.85
CA LEU F 78 25.56 -1.55 62.33
C LEU F 78 25.93 -0.07 62.24
N TYR F 79 25.74 0.53 61.06
CA TYR F 79 26.19 1.90 60.83
C TYR F 79 24.98 2.81 60.64
N LEU F 80 25.26 4.11 60.66
CA LEU F 80 24.30 5.15 60.29
C LEU F 80 25.09 6.34 59.78
N GLN F 81 24.87 6.73 58.53
CA GLN F 81 25.50 7.92 58.00
C GLN F 81 24.58 9.12 58.20
N MET F 82 25.13 10.17 58.80
CA MET F 82 24.39 11.37 59.17
C MET F 82 24.80 12.50 58.25
N ASP F 83 23.85 12.97 57.44
CA ASP F 83 24.07 14.09 56.55
C ASP F 83 23.01 15.15 56.84
N SER F 84 23.38 16.40 56.58
CA SER F 84 22.53 17.58 56.77
C SER F 84 22.01 17.69 58.21
N LEU F 85 22.94 17.65 59.15
CA LEU F 85 22.58 17.67 60.56
C LEU F 85 22.09 19.06 60.96
N ARG F 86 20.90 19.12 61.55
CA ARG F 86 20.33 20.36 62.02
C ARG F 86 20.89 20.72 63.40
N VAL F 87 20.44 21.88 63.89
CA VAL F 87 20.95 22.41 65.16
C VAL F 87 20.42 21.63 66.36
N GLU F 88 19.29 20.96 66.23
CA GLU F 88 18.65 20.27 67.35
C GLU F 88 19.17 18.84 67.52
N ASP F 89 20.19 18.45 66.76
CA ASP F 89 20.64 17.07 66.71
C ASP F 89 21.84 16.82 67.62
N THR F 90 21.87 17.47 68.79
CA THR F 90 22.85 17.16 69.83
C THR F 90 22.25 16.08 70.72
N ALA F 91 22.73 14.85 70.58
CA ALA F 91 22.15 13.74 71.33
C ALA F 91 23.14 12.60 71.43
N VAL F 92 22.91 11.73 72.40
CA VAL F 92 23.62 10.46 72.45
C VAL F 92 22.80 9.41 71.72
N TYR F 93 23.46 8.68 70.82
CA TYR F 93 22.81 7.73 69.94
C TYR F 93 23.11 6.33 70.47
N TYR F 94 22.07 5.51 70.51
CA TYR F 94 22.13 4.17 71.09
C TYR F 94 21.66 3.16 70.04
N CYS F 95 22.36 2.04 69.94
CA CYS F 95 21.88 0.91 69.16
C CYS F 95 21.22 -0.09 70.11
N ALA F 96 19.96 -0.40 69.84
CA ALA F 96 19.13 -1.15 70.77
C ALA F 96 18.47 -2.30 70.03
N ARG F 97 18.69 -3.51 70.53
CA ARG F 97 18.08 -4.68 69.93
C ARG F 97 16.63 -4.83 70.39
N ASP F 98 15.74 -5.06 69.41
CA ASP F 98 14.30 -5.09 69.54
C ASP F 98 13.76 -6.51 69.51
N TYR F 99 12.49 -6.63 69.89
CA TYR F 99 11.69 -7.86 69.72
C TYR F 99 10.74 -7.60 68.56
N GLY F 100 11.31 -7.52 67.36
CA GLY F 100 10.57 -7.12 66.18
C GLY F 100 10.40 -5.62 66.09
N ASP F 101 9.17 -5.15 66.25
CA ASP F 101 8.85 -3.72 66.36
C ASP F 101 7.95 -3.48 67.55
N PHE F 102 8.18 -4.21 68.63
CA PHE F 102 7.38 -4.05 69.83
C PHE F 102 8.08 -3.26 70.92
N TYR F 103 9.24 -3.73 71.36
CA TYR F 103 9.87 -3.20 72.56
C TYR F 103 11.38 -3.40 72.51
N PHE F 104 12.10 -2.45 73.11
CA PHE F 104 13.57 -2.48 73.14
C PHE F 104 14.04 -3.50 74.18
N ASP F 105 14.59 -4.61 73.69
CA ASP F 105 15.10 -5.65 74.58
C ASP F 105 16.40 -5.24 75.23
N TYR F 106 17.40 -4.88 74.42
CA TYR F 106 18.72 -4.54 74.93
C TYR F 106 19.22 -3.24 74.34
N TRP F 107 20.22 -2.66 74.99
CA TRP F 107 20.72 -1.34 74.65
C TRP F 107 22.23 -1.37 74.59
N GLY F 108 22.80 -0.31 74.03
CA GLY F 108 24.23 -0.08 74.04
C GLY F 108 24.64 0.91 75.12
N GLN F 109 25.85 1.44 74.98
CA GLN F 109 26.32 2.51 75.86
C GLN F 109 26.17 3.89 75.23
N GLY F 110 25.93 3.94 73.92
CA GLY F 110 25.69 5.19 73.23
C GLY F 110 26.95 5.97 72.92
N THR F 111 26.96 6.63 71.78
CA THR F 111 28.00 7.60 71.47
C THR F 111 27.34 8.95 71.26
N LEU F 112 27.90 9.97 71.86
CA LEU F 112 27.21 11.24 71.96
C LEU F 112 27.76 12.20 70.91
N VAL F 113 26.87 12.80 70.13
CA VAL F 113 27.22 13.73 69.08
C VAL F 113 26.72 15.10 69.52
N THR F 114 27.62 16.09 69.47
CA THR F 114 27.31 17.49 69.72
C THR F 114 27.59 18.27 68.45
N VAL F 115 26.60 19.00 67.96
CA VAL F 115 26.73 19.84 66.77
C VAL F 115 26.48 21.29 67.18
N SER F 116 27.39 22.17 66.82
CA SER F 116 27.35 23.56 67.27
C SER F 116 28.25 24.38 66.37
N SER F 117 28.18 25.70 66.54
CA SER F 117 29.11 26.61 65.86
C SER F 117 30.18 27.02 66.88
N ALA F 118 31.06 26.08 67.17
CA ALA F 118 32.17 26.30 68.09
C ALA F 118 33.27 25.29 67.78
N SER F 119 34.22 25.17 68.69
CA SER F 119 35.29 24.18 68.56
C SER F 119 35.82 23.76 69.93
N GLU G 1 -0.69 10.15 67.86
CA GLU G 1 0.17 9.27 68.65
C GLU G 1 -0.18 9.38 70.12
N ILE G 2 0.30 8.44 70.92
CA ILE G 2 0.15 8.55 72.37
C ILE G 2 1.26 9.45 72.88
N VAL G 3 0.89 10.63 73.38
CA VAL G 3 1.83 11.52 74.05
C VAL G 3 1.81 11.18 75.52
N MET G 4 2.97 10.84 76.07
CA MET G 4 3.05 10.34 77.42
C MET G 4 3.06 11.48 78.42
N THR G 5 2.58 11.18 79.63
CA THR G 5 2.60 12.11 80.75
C THR G 5 2.80 11.32 82.03
N GLN G 6 3.80 11.69 82.81
CA GLN G 6 3.98 11.16 84.16
C GLN G 6 3.46 12.18 85.16
N SER G 7 2.47 11.79 85.96
CA SER G 7 1.96 12.68 86.98
C SER G 7 2.92 12.85 88.17
N PRO G 8 3.49 11.75 88.79
CA PRO G 8 4.50 12.02 89.83
C PRO G 8 5.88 12.23 89.22
N VAL G 9 6.17 13.45 88.77
CA VAL G 9 7.37 13.68 87.97
C VAL G 9 8.64 13.68 88.84
N SER G 10 8.51 13.93 90.14
CA SER G 10 9.67 13.90 91.03
C SER G 10 9.20 13.48 92.42
N LEU G 11 9.77 12.38 92.92
CA LEU G 11 9.28 11.77 94.16
C LEU G 11 10.45 11.37 95.04
N SER G 12 10.56 11.98 96.22
CA SER G 12 11.60 11.70 97.20
C SER G 12 10.99 10.85 98.31
N VAL G 13 11.47 9.61 98.43
CA VAL G 13 10.84 8.57 99.24
C VAL G 13 11.90 7.97 100.16
N SER G 14 11.50 7.67 101.40
CA SER G 14 12.35 7.05 102.43
C SER G 14 12.90 5.71 101.96
N PRO G 15 14.05 5.25 102.52
CA PRO G 15 14.61 3.95 102.10
C PRO G 15 13.75 2.75 102.49
N GLY G 16 12.69 2.53 101.72
CA GLY G 16 11.77 1.42 101.87
C GLY G 16 10.45 1.91 102.40
N GLU G 17 9.53 2.18 101.48
CA GLU G 17 8.24 2.72 101.85
C GLU G 17 7.14 2.23 100.92
N ARG G 18 7.44 1.33 99.97
CA ARG G 18 6.54 0.87 98.91
C ARG G 18 5.99 2.06 98.10
N ALA G 19 6.90 2.73 97.41
CA ALA G 19 6.54 3.93 96.66
C ALA G 19 5.73 3.61 95.41
N THR G 20 4.91 4.59 95.00
CA THR G 20 3.94 4.46 93.92
C THR G 20 4.27 5.46 92.83
N LEU G 21 4.46 4.97 91.61
CA LEU G 21 4.66 5.79 90.43
C LEU G 21 3.56 5.48 89.43
N SER G 22 3.28 6.42 88.53
CA SER G 22 2.16 6.23 87.63
C SER G 22 2.39 6.98 86.32
N CYS G 23 1.61 6.61 85.31
CA CYS G 23 1.44 7.44 84.12
C CYS G 23 0.04 7.23 83.57
N ARG G 24 -0.38 8.14 82.68
CA ARG G 24 -1.63 7.98 81.97
C ARG G 24 -1.31 7.92 80.47
N ALA G 25 -2.07 7.11 79.75
CA ALA G 25 -1.95 7.00 78.31
C ALA G 25 -3.08 7.78 77.66
N SER G 26 -2.72 8.74 76.81
CA SER G 26 -3.68 9.67 76.24
C SER G 26 -4.63 9.02 75.23
N GLN G 27 -4.30 7.81 74.77
CA GLN G 27 -5.23 7.03 73.98
C GLN G 27 -5.58 5.74 74.71
N GLY G 28 -6.37 4.89 74.09
CA GLY G 28 -6.80 3.66 74.73
C GLY G 28 -6.02 2.44 74.29
N VAL G 29 -5.15 1.95 75.17
CA VAL G 29 -4.43 0.71 74.96
C VAL G 29 -4.84 -0.24 76.07
N ALA G 30 -5.04 -1.52 75.73
CA ALA G 30 -5.57 -2.49 76.68
C ALA G 30 -4.62 -2.73 77.84
N SER G 31 -3.48 -3.36 77.56
CA SER G 31 -2.43 -3.52 78.56
C SER G 31 -1.07 -3.33 77.90
N ASN G 32 -1.05 -2.62 76.78
CA ASN G 32 0.15 -2.41 75.97
C ASN G 32 1.02 -1.40 76.69
N LEU G 33 1.80 -1.86 77.66
CA LEU G 33 2.72 -0.97 78.34
C LEU G 33 3.93 -1.76 78.81
N ALA G 34 5.10 -1.12 78.71
CA ALA G 34 6.34 -1.61 79.27
C ALA G 34 6.95 -0.52 80.13
N TRP G 35 7.50 -0.91 81.28
CA TRP G 35 8.18 0.00 82.18
C TRP G 35 9.69 -0.20 82.07
N TYR G 36 10.39 0.94 82.03
CA TYR G 36 11.82 1.10 81.81
C TYR G 36 12.48 1.79 83.00
N GLN G 37 13.75 1.46 83.23
CA GLN G 37 14.55 2.14 84.26
C GLN G 37 15.90 2.53 83.68
N GLN G 38 16.15 3.83 83.58
CA GLN G 38 17.43 4.37 83.18
C GLN G 38 18.18 4.83 84.42
N LYS G 39 19.38 4.30 84.62
CA LYS G 39 20.21 4.71 85.74
C LYS G 39 21.12 5.86 85.29
N ALA G 40 21.94 6.36 86.22
CA ALA G 40 22.76 7.54 85.96
C ALA G 40 23.92 7.16 85.05
N GLY G 41 23.84 7.58 83.79
CA GLY G 41 24.87 7.27 82.81
C GLY G 41 24.98 5.80 82.47
N GLN G 42 23.86 5.09 82.45
CA GLN G 42 23.84 3.65 82.22
C GLN G 42 22.80 3.31 81.16
N ALA G 43 22.73 2.03 80.82
CA ALA G 43 21.79 1.56 79.82
C ALA G 43 20.40 1.41 80.41
N PRO G 44 19.37 2.01 79.81
CA PRO G 44 18.00 1.92 80.36
C PRO G 44 17.37 0.56 80.20
N ARG G 45 17.36 -0.21 81.29
CA ARG G 45 16.79 -1.55 81.29
C ARG G 45 15.28 -1.48 81.20
N LEU G 46 14.68 -2.52 80.61
CA LEU G 46 13.28 -2.80 80.82
C LEU G 46 13.03 -3.33 82.23
N LEU G 47 11.90 -2.94 82.82
CA LEU G 47 11.46 -3.56 84.05
C LEU G 47 10.29 -4.49 83.80
N ILE G 48 9.22 -3.99 83.20
CA ILE G 48 7.95 -4.71 83.10
C ILE G 48 7.54 -4.71 81.63
N TYR G 49 7.12 -5.87 81.11
CA TYR G 49 6.60 -5.91 79.75
C TYR G 49 5.19 -6.51 79.72
N GLY G 50 4.32 -5.89 78.92
CA GLY G 50 2.92 -6.27 78.88
C GLY G 50 2.12 -5.75 80.05
N ALA G 51 2.71 -4.86 80.85
CA ALA G 51 2.15 -4.21 82.04
C ALA G 51 1.82 -5.18 83.17
N SER G 52 2.14 -6.47 83.04
CA SER G 52 1.88 -7.41 84.11
C SER G 52 2.93 -8.50 84.27
N THR G 53 4.01 -8.50 83.48
CA THR G 53 5.01 -9.55 83.55
C THR G 53 6.38 -8.95 83.82
N ARG G 54 7.15 -9.62 84.67
CA ARG G 54 8.53 -9.24 84.96
C ARG G 54 9.45 -10.05 84.07
N ALA G 55 10.25 -9.37 83.25
CA ALA G 55 10.92 -10.00 82.12
C ALA G 55 11.99 -11.03 82.50
N THR G 56 13.12 -10.57 83.03
CA THR G 56 14.28 -11.42 83.31
C THR G 56 15.02 -10.81 84.50
N GLY G 57 15.00 -11.50 85.64
CA GLY G 57 15.68 -11.03 86.83
C GLY G 57 15.04 -9.85 87.51
N ILE G 58 13.86 -9.43 87.05
CA ILE G 58 13.09 -8.35 87.66
C ILE G 58 12.38 -8.90 88.88
N PRO G 59 12.64 -8.36 90.07
CA PRO G 59 12.21 -9.02 91.31
C PRO G 59 10.72 -8.91 91.57
N ALA G 60 10.28 -9.50 92.68
CA ALA G 60 8.90 -9.37 93.14
C ALA G 60 8.62 -8.05 93.82
N ARG G 61 9.62 -7.17 93.93
CA ARG G 61 9.38 -5.81 94.39
C ARG G 61 8.49 -5.05 93.42
N PHE G 62 8.72 -5.23 92.12
CA PHE G 62 8.00 -4.49 91.09
C PHE G 62 6.68 -5.19 90.82
N SER G 63 5.59 -4.51 91.15
CA SER G 63 4.23 -5.00 91.02
C SER G 63 3.42 -4.03 90.17
N GLY G 64 4.02 -3.64 89.05
CA GLY G 64 3.36 -2.70 88.15
C GLY G 64 2.22 -3.34 87.39
N SER G 65 1.11 -2.62 87.34
CA SER G 65 -0.08 -3.05 86.61
C SER G 65 -0.76 -1.80 86.07
N GLY G 66 -2.03 -1.94 85.73
CA GLY G 66 -2.80 -0.86 85.18
C GLY G 66 -3.30 -1.15 83.77
N SER G 67 -4.24 -0.35 83.32
CA SER G 67 -4.84 -0.59 82.01
C SER G 67 -5.47 0.71 81.52
N GLY G 68 -5.69 0.74 80.20
CA GLY G 68 -6.61 1.68 79.57
C GLY G 68 -6.12 3.10 79.54
N THR G 69 -6.21 3.74 80.71
CA THR G 69 -5.87 5.14 80.86
C THR G 69 -5.13 5.42 82.16
N GLU G 70 -4.84 4.42 82.98
CA GLU G 70 -4.11 4.63 84.21
C GLU G 70 -3.18 3.44 84.43
N PHE G 71 -1.89 3.72 84.63
CA PHE G 71 -0.89 2.68 84.82
C PHE G 71 -0.06 3.02 86.04
N THR G 72 0.28 2.01 86.84
CA THR G 72 0.92 2.24 88.14
C THR G 72 2.01 1.19 88.39
N LEU G 73 3.21 1.67 88.72
CA LEU G 73 4.32 0.83 89.13
C LEU G 73 4.49 0.95 90.63
N THR G 74 4.67 -0.21 91.28
CA THR G 74 4.84 -0.27 92.73
C THR G 74 6.25 -0.78 93.02
N ILE G 75 7.03 0.03 93.74
CA ILE G 75 8.37 -0.38 94.17
C ILE G 75 8.35 -0.60 95.68
N SER G 76 8.87 -1.75 96.11
CA SER G 76 8.56 -2.27 97.45
C SER G 76 9.55 -1.83 98.54
N THR G 77 10.82 -2.23 98.43
CA THR G 77 11.72 -2.06 99.56
C THR G 77 12.88 -1.09 99.33
N LEU G 78 13.08 -0.62 98.09
CA LEU G 78 13.80 0.62 97.79
C LEU G 78 15.27 0.61 98.24
N GLN G 79 16.06 -0.23 97.58
CA GLN G 79 17.50 -0.04 97.67
C GLN G 79 17.91 1.28 97.02
N SER G 80 19.11 1.77 97.39
CA SER G 80 19.58 3.06 96.90
C SER G 80 19.96 3.03 95.42
N GLU G 81 20.05 1.85 94.82
CA GLU G 81 20.31 1.70 93.40
C GLU G 81 19.06 1.81 92.55
N ASP G 82 17.90 2.03 93.17
CA ASP G 82 16.66 2.28 92.45
C ASP G 82 16.39 3.77 92.26
N SER G 83 17.33 4.63 92.67
CA SER G 83 17.21 6.08 92.50
C SER G 83 17.52 6.42 91.05
N ALA G 84 16.50 6.33 90.20
CA ALA G 84 16.74 6.33 88.77
C ALA G 84 15.56 6.97 88.06
N VAL G 85 15.49 6.77 86.75
CA VAL G 85 14.49 7.40 85.89
C VAL G 85 13.56 6.30 85.38
N TYR G 86 12.27 6.45 85.64
CA TYR G 86 11.28 5.43 85.34
C TYR G 86 10.44 5.88 84.15
N TYR G 87 10.53 5.14 83.05
CA TYR G 87 9.76 5.41 81.84
C TYR G 87 8.63 4.41 81.70
N CYS G 88 7.59 4.82 80.97
CA CYS G 88 6.53 3.90 80.56
C CYS G 88 6.27 4.11 79.07
N GLN G 89 6.17 3.01 78.33
CA GLN G 89 6.11 3.08 76.88
C GLN G 89 5.06 2.13 76.34
N GLN G 90 4.30 2.60 75.36
CA GLN G 90 3.21 1.82 74.79
C GLN G 90 3.74 0.88 73.70
N TYR G 91 2.92 -0.09 73.30
CA TYR G 91 3.24 -0.98 72.20
C TYR G 91 2.45 -0.70 70.93
N ASN G 92 1.33 0.02 71.02
CA ASN G 92 0.28 -0.03 70.03
C ASN G 92 0.48 0.94 68.88
N ASP G 93 0.87 2.18 69.17
CA ASP G 93 0.91 3.22 68.16
C ASP G 93 2.32 3.41 67.61
N ARG G 94 2.43 3.31 66.29
CA ARG G 94 3.60 3.81 65.59
C ARG G 94 3.37 5.28 65.25
N PRO G 95 4.33 6.18 65.56
CA PRO G 95 5.62 6.03 66.23
C PRO G 95 5.55 5.80 67.74
N ARG G 96 6.55 5.11 68.28
CA ARG G 96 6.58 4.76 69.69
C ARG G 96 7.09 5.96 70.48
N THR G 97 6.35 6.35 71.50
CA THR G 97 6.71 7.46 72.37
C THR G 97 6.96 6.92 73.77
N PHE G 98 8.11 7.25 74.33
CA PHE G 98 8.47 6.89 75.68
C PHE G 98 7.80 7.83 76.69
N GLY G 99 7.88 7.44 77.96
CA GLY G 99 7.47 8.32 79.03
C GLY G 99 8.45 9.47 79.22
N GLN G 100 8.00 10.45 80.00
CA GLN G 100 8.82 11.64 80.25
C GLN G 100 9.83 11.42 81.37
N GLY G 101 9.78 10.29 82.06
CA GLY G 101 10.73 9.99 83.10
C GLY G 101 10.27 10.37 84.49
N THR G 102 10.35 9.42 85.41
CA THR G 102 10.06 9.64 86.82
C THR G 102 11.37 9.60 87.59
N LYS G 103 11.74 10.72 88.20
CA LYS G 103 13.01 10.83 88.91
C LYS G 103 12.77 10.39 90.34
N LEU G 104 13.26 9.21 90.69
CA LEU G 104 13.11 8.66 92.02
C LEU G 104 14.44 8.66 92.73
N GLU G 105 14.49 9.26 93.92
CA GLU G 105 15.69 9.23 94.74
C GLU G 105 15.33 8.87 96.17
N ILE G 106 16.34 8.45 96.91
CA ILE G 106 16.23 8.03 98.29
C ILE G 106 16.88 9.10 99.16
N LYS G 107 16.15 9.61 100.14
CA LYS G 107 16.65 10.68 101.00
C LYS G 107 17.65 10.12 102.01
N ARG G 108 18.77 10.82 102.15
CA ARG G 108 19.86 10.41 103.03
C ARG G 108 20.08 11.46 104.10
N THR G 109 21.07 11.22 104.94
CA THR G 109 21.33 12.05 106.11
C THR G 109 22.02 13.37 105.75
N GLU H 1 21.86 49.36 64.68
CA GLU H 1 23.18 48.76 64.88
C GLU H 1 23.75 48.23 63.55
N VAL H 2 24.76 48.93 63.04
CA VAL H 2 25.46 48.54 61.83
C VAL H 2 26.79 47.94 62.23
N GLN H 3 26.95 46.63 62.01
CA GLN H 3 28.20 45.95 62.30
C GLN H 3 28.52 44.98 61.18
N LEU H 4 29.80 44.90 60.83
CA LEU H 4 30.30 43.96 59.82
C LEU H 4 31.58 43.36 60.40
N VAL H 5 31.42 42.26 61.13
CA VAL H 5 32.54 41.69 61.88
C VAL H 5 33.10 40.49 61.13
N GLU H 6 34.42 40.44 61.00
CA GLU H 6 35.08 39.55 60.05
C GLU H 6 35.95 38.54 60.78
N SER H 7 36.22 37.42 60.10
CA SER H 7 36.98 36.33 60.67
C SER H 7 37.55 35.47 59.56
N GLY H 8 38.43 34.55 59.93
CA GLY H 8 39.02 33.60 59.00
C GLY H 8 40.46 33.85 58.63
N GLY H 9 41.06 34.95 59.11
CA GLY H 9 42.44 35.24 58.78
C GLY H 9 43.42 34.35 59.53
N GLY H 10 44.61 34.25 58.97
CA GLY H 10 45.66 33.48 59.60
C GLY H 10 46.79 33.21 58.61
N LEU H 11 47.86 32.62 59.15
CA LEU H 11 49.06 32.35 58.36
C LEU H 11 48.92 31.02 57.64
N ILE H 12 49.15 31.05 56.33
CA ILE H 12 49.06 29.85 55.49
C ILE H 12 50.28 29.83 54.57
N GLN H 13 50.59 28.64 54.06
CA GLN H 13 51.68 28.49 53.12
C GLN H 13 51.29 29.10 51.78
N PRO H 14 52.26 29.58 51.00
CA PRO H 14 51.98 29.97 49.61
C PRO H 14 51.64 28.72 48.79
N GLY H 15 50.40 28.66 48.31
CA GLY H 15 49.87 27.45 47.72
C GLY H 15 48.90 26.70 48.60
N GLY H 16 48.53 27.25 49.76
CA GLY H 16 47.53 26.66 50.62
C GLY H 16 46.15 27.25 50.40
N SER H 17 45.22 26.84 51.26
CA SER H 17 43.84 27.29 51.16
C SER H 17 43.34 27.70 52.54
N LEU H 18 42.44 28.68 52.56
CA LEU H 18 41.77 29.09 53.78
C LEU H 18 40.34 29.54 53.44
N ARG H 19 39.66 30.08 54.44
CA ARG H 19 38.25 30.43 54.32
C ARG H 19 37.95 31.64 55.20
N LEU H 20 37.22 32.61 54.68
CA LEU H 20 36.83 33.80 55.43
C LEU H 20 35.37 33.76 55.85
N SER H 21 35.00 34.72 56.70
CA SER H 21 33.61 34.94 57.07
C SER H 21 33.40 36.42 57.41
N CYS H 22 32.22 36.93 57.07
CA CYS H 22 31.81 38.29 57.45
C CYS H 22 30.40 38.20 58.01
N ALA H 23 30.27 38.21 59.33
CA ALA H 23 28.98 38.29 59.97
C ALA H 23 28.45 39.71 59.89
N ALA H 24 27.24 39.85 59.37
CA ALA H 24 26.59 41.14 59.20
C ALA H 24 25.54 41.35 60.29
N SER H 25 25.25 42.62 60.56
CA SER H 25 24.25 42.97 61.55
C SER H 25 23.15 43.82 60.92
N GLU H 26 21.89 43.44 61.19
CA GLU H 26 20.66 44.19 60.98
C GLU H 26 20.24 44.28 59.51
N PHE H 27 21.08 43.84 58.57
CA PHE H 27 20.69 43.76 57.17
C PHE H 27 21.04 42.39 56.61
N ILE H 28 20.47 42.08 55.45
CA ILE H 28 20.56 40.75 54.87
C ILE H 28 21.74 40.67 53.92
N VAL H 29 22.60 39.66 54.12
CA VAL H 29 23.71 39.38 53.20
C VAL H 29 23.20 38.97 51.82
N SER H 30 22.26 38.03 51.79
CA SER H 30 21.89 37.43 50.52
C SER H 30 21.02 38.32 49.65
N ARG H 31 20.53 39.46 50.18
CA ARG H 31 19.60 40.31 49.47
C ARG H 31 20.14 41.71 49.22
N ASN H 32 21.23 42.10 49.90
CA ASN H 32 21.87 43.39 49.71
C ASN H 32 23.10 43.24 48.81
N TYR H 33 23.63 44.36 48.34
CA TYR H 33 24.84 44.38 47.53
C TYR H 33 26.05 44.62 48.42
N MET H 34 27.01 43.67 48.45
CA MET H 34 28.26 43.96 49.17
C MET H 34 29.44 43.46 48.38
N SER H 35 30.63 43.69 48.92
CA SER H 35 31.90 43.49 48.23
C SER H 35 32.99 43.06 49.20
N TRP H 36 33.95 42.30 48.67
CA TRP H 36 35.19 41.98 49.36
C TRP H 36 36.31 42.85 48.79
N VAL H 37 36.99 43.57 49.69
CA VAL H 37 38.03 44.53 49.33
C VAL H 37 39.30 44.13 50.08
N ARG H 38 40.46 44.50 49.56
CA ARG H 38 41.70 44.23 50.26
C ARG H 38 42.54 45.50 50.39
N GLN H 39 43.36 45.55 51.43
CA GLN H 39 44.33 46.63 51.61
C GLN H 39 45.67 46.01 52.00
N ALA H 40 46.71 46.31 51.24
CA ALA H 40 48.08 45.93 51.51
C ALA H 40 48.96 47.18 51.56
N PRO H 41 50.00 47.20 52.39
CA PRO H 41 50.88 48.37 52.42
C PRO H 41 51.71 48.49 51.15
N GLY H 42 51.96 49.72 50.74
CA GLY H 42 52.67 50.02 49.51
C GLY H 42 51.76 50.11 48.31
N THR H 43 50.80 49.20 48.22
CA THR H 43 49.75 49.25 47.21
C THR H 43 48.57 50.05 47.76
N GLY H 44 47.67 50.43 46.87
CA GLY H 44 46.47 51.11 47.28
C GLY H 44 45.40 50.13 47.75
N LEU H 45 44.29 50.70 48.18
CA LEU H 45 43.11 49.89 48.51
C LEU H 45 42.54 49.30 47.22
N GLU H 46 42.26 48.01 47.22
CA GLU H 46 41.96 47.28 46.01
C GLU H 46 40.66 46.50 46.13
N TRP H 47 39.80 46.66 45.13
CA TRP H 47 38.59 45.85 45.01
C TRP H 47 38.96 44.44 44.54
N VAL H 48 38.40 43.44 45.22
CA VAL H 48 38.58 42.04 44.83
C VAL H 48 37.32 41.48 44.20
N SER H 49 36.20 41.50 44.91
CA SER H 49 34.98 40.87 44.41
C SER H 49 33.78 41.66 44.88
N VAL H 50 32.65 41.43 44.21
CA VAL H 50 31.37 42.04 44.57
C VAL H 50 30.28 41.00 44.32
N ILE H 51 29.23 41.04 45.15
CA ILE H 51 28.18 40.04 45.13
C ILE H 51 26.84 40.73 45.31
N TYR H 52 25.86 40.28 44.52
CA TYR H 52 24.57 40.91 44.28
C TYR H 52 23.48 40.22 45.09
N PRO H 53 22.22 40.74 45.04
CA PRO H 53 21.09 39.92 45.52
C PRO H 53 20.85 38.73 44.62
N GLY H 54 21.30 37.55 45.07
CA GLY H 54 21.23 36.34 44.29
C GLY H 54 22.28 36.39 43.22
N GLY H 55 21.98 37.16 42.17
CA GLY H 55 22.88 37.76 41.22
C GLY H 55 24.07 36.97 40.71
N SER H 56 25.22 37.64 40.68
CA SER H 56 26.43 37.07 40.12
C SER H 56 27.60 37.48 40.98
N THR H 57 28.66 36.69 40.88
CA THR H 57 29.91 36.95 41.59
C THR H 57 30.86 37.63 40.62
N PHE H 58 31.35 38.81 40.98
CA PHE H 58 32.26 39.50 40.08
C PHE H 58 33.61 39.67 40.74
N TYR H 59 34.66 39.23 40.04
CA TYR H 59 36.00 39.15 40.60
C TYR H 59 36.90 40.16 39.93
N ALA H 60 38.04 40.40 40.54
CA ALA H 60 39.10 41.13 39.86
C ALA H 60 39.75 40.21 38.83
N ASP H 61 40.39 40.82 37.83
CA ASP H 61 41.03 40.04 36.77
C ASP H 61 42.31 39.38 37.28
N SER H 62 42.92 39.92 38.32
CA SER H 62 44.09 39.31 38.93
C SER H 62 43.76 38.04 39.70
N VAL H 63 42.65 38.02 40.42
CA VAL H 63 42.27 36.90 41.28
C VAL H 63 41.18 36.04 40.66
N LYS H 64 40.84 36.25 39.40
CA LYS H 64 39.76 35.51 38.75
C LYS H 64 40.15 34.05 38.56
N GLY H 65 39.29 33.15 39.02
CA GLY H 65 39.63 31.74 39.00
C GLY H 65 40.21 31.24 40.31
N ARG H 66 40.90 32.11 41.05
CA ARG H 66 41.53 31.65 42.29
C ARG H 66 40.60 31.78 43.49
N PHE H 67 40.12 32.99 43.79
CA PHE H 67 39.19 33.10 44.91
C PHE H 67 37.81 32.61 44.48
N THR H 68 37.04 32.18 45.46
CA THR H 68 35.62 31.95 45.22
C THR H 68 34.82 32.51 46.38
N ILE H 69 33.58 32.86 46.10
CA ILE H 69 32.65 33.36 47.11
C ILE H 69 31.41 32.48 47.11
N SER H 70 31.03 32.02 48.30
CA SER H 70 29.84 31.18 48.47
C SER H 70 29.18 31.67 49.76
N ARG H 71 28.22 32.57 49.62
CA ARG H 71 27.48 33.02 50.77
C ARG H 71 26.60 31.89 51.29
N ASP H 72 26.59 31.75 52.62
CA ASP H 72 25.86 30.69 53.29
C ASP H 72 24.64 31.29 53.95
N ASN H 73 23.47 30.81 53.57
CA ASN H 73 22.21 31.39 54.01
C ASN H 73 21.67 30.53 55.15
N SER H 74 22.23 30.74 56.33
CA SER H 74 21.68 30.22 57.58
C SER H 74 21.59 31.41 58.53
N LYS H 75 22.45 32.39 58.30
CA LYS H 75 22.53 33.62 59.07
C LYS H 75 23.14 34.68 58.19
N ASN H 76 23.38 35.86 58.77
CA ASN H 76 23.87 37.02 58.02
C ASN H 76 25.39 36.95 57.89
N THR H 77 25.86 35.96 57.15
CA THR H 77 27.29 35.72 56.96
C THR H 77 27.64 35.72 55.49
N LEU H 78 28.85 36.19 55.20
CA LEU H 78 29.40 36.20 53.85
C LEU H 78 30.80 35.61 53.88
N TYR H 79 31.05 34.61 53.03
CA TYR H 79 32.31 33.87 53.06
C TYR H 79 33.11 34.16 51.79
N LEU H 80 34.37 33.74 51.83
CA LEU H 80 35.24 33.71 50.66
C LEU H 80 36.27 32.61 50.88
N GLN H 81 36.30 31.63 50.00
CA GLN H 81 37.31 30.59 50.07
C GLN H 81 38.49 30.98 49.19
N MET H 82 39.68 30.95 49.78
CA MET H 82 40.92 31.38 49.15
C MET H 82 41.76 30.14 48.84
N ASP H 83 41.97 29.88 47.56
CA ASP H 83 42.80 28.79 47.11
C ASP H 83 43.87 29.35 46.18
N SER H 84 45.02 28.67 46.16
CA SER H 84 46.19 29.01 45.33
C SER H 84 46.67 30.43 45.59
N LEU H 85 46.92 30.73 46.86
CA LEU H 85 47.32 32.06 47.26
C LEU H 85 48.74 32.35 46.82
N ARG H 86 48.92 33.45 46.09
CA ARG H 86 50.24 33.86 45.64
C ARG H 86 50.98 34.62 46.73
N VAL H 87 52.22 35.01 46.42
CA VAL H 87 53.09 35.65 47.39
C VAL H 87 52.65 37.08 47.68
N GLU H 88 51.95 37.73 46.76
CA GLU H 88 51.58 39.13 46.90
C GLU H 88 50.27 39.32 47.65
N ASP H 89 49.71 38.25 48.21
CA ASP H 89 48.38 38.27 48.80
C ASP H 89 48.42 38.44 50.31
N THR H 90 49.35 39.24 50.82
CA THR H 90 49.37 39.64 52.22
C THR H 90 48.57 40.93 52.34
N ALA H 91 47.35 40.84 52.87
CA ALA H 91 46.48 42.01 52.94
C ALA H 91 45.44 41.81 54.03
N VAL H 92 44.87 42.92 54.45
CA VAL H 92 43.68 42.87 55.30
C VAL H 92 42.44 42.94 54.41
N TYR H 93 41.52 42.02 54.64
CA TYR H 93 40.35 41.85 53.81
C TYR H 93 39.15 42.42 54.55
N TYR H 94 38.34 43.20 53.83
CA TYR H 94 37.22 43.93 54.38
C TYR H 94 35.95 43.55 53.63
N CYS H 95 34.87 43.34 54.37
CA CYS H 95 33.55 43.20 53.75
C CYS H 95 32.84 44.55 53.83
N ALA H 96 32.43 45.07 52.67
CA ALA H 96 31.95 46.43 52.55
C ALA H 96 30.62 46.43 51.81
N ARG H 97 29.60 46.99 52.45
CA ARG H 97 28.29 47.08 51.83
C ARG H 97 28.25 48.25 50.85
N ASP H 98 27.73 47.97 49.65
CA ASP H 98 27.71 48.84 48.49
C ASP H 98 26.31 49.41 48.26
N TYR H 99 26.27 50.43 47.39
CA TYR H 99 25.03 50.97 46.82
C TYR H 99 24.93 50.47 45.39
N GLY H 100 24.68 49.16 45.26
CA GLY H 100 24.73 48.49 43.97
C GLY H 100 26.15 48.19 43.54
N ASP H 101 26.61 48.87 42.49
CA ASP H 101 28.00 48.80 42.05
C ASP H 101 28.54 50.20 41.83
N PHE H 102 28.15 51.13 42.69
CA PHE H 102 28.61 52.50 42.58
C PHE H 102 29.69 52.84 43.60
N TYR H 103 29.38 52.70 44.88
CA TYR H 103 30.23 53.23 45.93
C TYR H 103 30.07 52.43 47.22
N PHE H 104 31.16 52.35 47.98
CA PHE H 104 31.18 51.60 49.23
C PHE H 104 30.50 52.43 50.33
N ASP H 105 29.31 51.99 50.74
CA ASP H 105 28.56 52.68 51.78
C ASP H 105 29.18 52.44 53.15
N TYR H 106 29.32 51.16 53.53
CA TYR H 106 29.81 50.81 54.86
C TYR H 106 30.92 49.77 54.77
N TRP H 107 31.67 49.66 55.84
CA TRP H 107 32.87 48.82 55.88
C TRP H 107 32.86 47.98 57.15
N GLY H 108 33.74 46.98 57.17
CA GLY H 108 34.00 46.19 58.36
C GLY H 108 35.26 46.64 59.08
N GLN H 109 35.77 45.77 59.95
CA GLN H 109 37.04 46.01 60.60
C GLN H 109 38.18 45.26 59.94
N GLY H 110 37.87 44.30 59.07
CA GLY H 110 38.88 43.59 58.32
C GLY H 110 39.58 42.50 59.10
N THR H 111 39.89 41.40 58.44
CA THR H 111 40.76 40.39 59.00
C THR H 111 41.98 40.26 58.11
N LEU H 112 43.15 40.25 58.71
CA LEU H 112 44.39 40.41 57.96
C LEU H 112 45.03 39.04 57.76
N VAL H 113 45.36 38.74 56.50
CA VAL H 113 45.98 37.48 56.12
C VAL H 113 47.42 37.81 55.70
N THR H 114 48.37 37.08 56.26
CA THR H 114 49.77 37.13 55.89
C THR H 114 50.18 35.77 55.37
N VAL H 115 50.72 35.73 54.17
CA VAL H 115 51.20 34.50 53.55
C VAL H 115 52.70 34.65 53.29
N SER H 116 53.48 33.67 53.74
CA SER H 116 54.93 33.76 53.70
C SER H 116 55.50 32.36 53.88
N SER H 117 56.81 32.25 53.70
CA SER H 117 57.52 31.01 53.99
C SER H 117 58.22 31.17 55.33
N ALA H 118 57.42 31.17 56.39
CA ALA H 118 57.91 31.28 57.76
C ALA H 118 56.88 30.68 58.70
N SER H 119 57.05 30.95 59.99
CA SER H 119 56.08 30.49 60.99
C SER H 119 56.06 31.44 62.19
N GLU I 1 41.99 50.11 33.17
CA GLU I 1 41.37 50.65 34.37
C GLU I 1 41.98 52.01 34.69
N ILE I 2 41.32 52.76 35.56
CA ILE I 2 41.90 54.00 36.06
C ILE I 2 42.86 53.65 37.20
N VAL I 3 44.16 53.86 36.97
CA VAL I 3 45.16 53.70 38.01
C VAL I 3 45.31 55.05 38.68
N MET I 4 45.11 55.09 39.99
CA MET I 4 45.07 56.35 40.72
C MET I 4 46.48 56.81 41.05
N THR I 5 46.62 58.14 41.19
CA THR I 5 47.86 58.77 41.61
C THR I 5 47.52 59.99 42.43
N GLN I 6 48.07 60.08 43.64
CA GLN I 6 48.00 61.30 44.44
C GLN I 6 49.31 62.04 44.32
N SER I 7 49.27 63.28 43.83
CA SER I 7 50.47 64.09 43.73
C SER I 7 50.97 64.58 45.11
N PRO I 8 50.11 65.20 46.00
CA PRO I 8 50.64 65.53 47.33
C PRO I 8 50.54 64.34 48.27
N VAL I 9 51.53 63.44 48.22
CA VAL I 9 51.42 62.16 48.90
C VAL I 9 51.63 62.32 50.42
N SER I 10 52.28 63.38 50.86
CA SER I 10 52.50 63.62 52.29
C SER I 10 52.57 65.12 52.53
N LEU I 11 51.67 65.64 53.36
CA LEU I 11 51.51 67.08 53.53
C LEU I 11 51.37 67.41 55.01
N SER I 12 52.32 68.16 55.56
CA SER I 12 52.31 68.60 56.96
C SER I 12 51.91 70.06 56.98
N VAL I 13 50.75 70.34 57.59
CA VAL I 13 50.07 71.64 57.49
C VAL I 13 49.75 72.13 58.89
N SER I 14 49.89 73.44 59.12
CA SER I 14 49.59 74.11 60.38
C SER I 14 48.14 73.90 60.79
N PRO I 15 47.83 73.99 62.11
CA PRO I 15 46.42 73.80 62.55
C PRO I 15 45.48 74.90 62.08
N GLY I 16 45.08 74.79 60.81
CA GLY I 16 44.13 75.69 60.17
C GLY I 16 44.84 76.57 59.17
N GLU I 17 44.86 76.13 57.93
CA GLU I 17 45.56 76.85 56.88
C GLU I 17 44.85 76.72 55.54
N ARG I 18 43.69 76.07 55.48
CA ARG I 18 42.96 75.74 54.25
C ARG I 18 43.84 74.94 53.28
N ALA I 19 44.20 73.73 53.72
CA ALA I 19 45.11 72.88 52.96
C ALA I 19 44.44 72.31 51.71
N THR I 20 45.28 72.03 50.71
CA THR I 20 44.87 71.61 49.38
C THR I 20 45.44 70.22 49.08
N LEU I 21 44.56 69.27 48.77
CA LEU I 21 44.95 67.94 48.35
C LEU I 21 44.39 67.70 46.95
N SER I 22 44.99 66.78 46.21
CA SER I 22 44.59 66.59 44.83
C SER I 22 44.86 65.15 44.39
N CYS I 23 44.22 64.78 43.29
CA CYS I 23 44.62 63.59 42.52
C CYS I 23 44.32 63.83 41.05
N ARG I 24 44.91 62.98 40.20
CA ARG I 24 44.61 62.99 38.78
C ARG I 24 44.05 61.63 38.41
N ALA I 25 43.10 61.62 37.49
CA ALA I 25 42.51 60.39 36.98
C ALA I 25 43.10 60.11 35.60
N SER I 26 43.71 58.93 35.45
CA SER I 26 44.47 58.60 34.25
C SER I 26 43.58 58.39 33.03
N GLN I 27 42.27 58.23 33.23
CA GLN I 27 41.33 58.25 32.13
C GLN I 27 40.37 59.43 32.27
N GLY I 28 39.40 59.53 31.37
CA GLY I 28 38.48 60.65 31.39
C GLY I 28 37.14 60.32 32.01
N VAL I 29 36.92 60.82 33.22
CA VAL I 29 35.63 60.72 33.89
C VAL I 29 35.11 62.14 34.11
N ALA I 30 33.82 62.34 33.91
CA ALA I 30 33.25 63.68 33.94
C ALA I 30 33.33 64.30 35.33
N SER I 31 32.59 63.75 36.28
CA SER I 31 32.70 64.16 37.67
C SER I 31 32.58 62.94 38.57
N ASN I 32 32.88 61.76 38.03
CA ASN I 32 32.74 60.49 38.72
C ASN I 32 33.89 60.38 39.72
N LEU I 33 33.72 60.99 40.88
CA LEU I 33 34.73 60.86 41.92
C LEU I 33 34.06 60.95 43.29
N ALA I 34 34.56 60.15 44.22
CA ALA I 34 34.20 60.21 45.63
C ALA I 34 35.48 60.31 46.44
N TRP I 35 35.46 61.16 47.47
CA TRP I 35 36.57 61.31 48.40
C TRP I 35 36.26 60.61 49.71
N TYR I 36 37.28 59.89 50.20
CA TYR I 36 37.27 59.01 51.36
C TYR I 36 38.27 59.48 52.42
N GLN I 37 37.96 59.23 53.69
CA GLN I 37 38.89 59.50 54.78
C GLN I 37 38.99 58.29 55.70
N GLN I 38 40.17 57.69 55.74
CA GLN I 38 40.48 56.59 56.66
C GLN I 38 41.27 57.16 57.83
N LYS I 39 40.76 56.95 59.04
CA LYS I 39 41.47 57.38 60.23
C LYS I 39 42.34 56.23 60.74
N ALA I 40 43.08 56.49 61.83
CA ALA I 40 44.06 55.52 62.34
C ALA I 40 43.33 54.36 63.01
N GLY I 41 43.32 53.21 62.34
CA GLY I 41 42.65 52.03 62.86
C GLY I 41 41.14 52.16 62.94
N GLN I 42 40.53 52.88 61.99
CA GLN I 42 39.10 53.15 62.02
C GLN I 42 38.49 52.84 60.66
N ALA I 43 37.18 52.99 60.57
CA ALA I 43 36.47 52.72 59.33
C ALA I 43 36.59 53.90 58.36
N PRO I 44 37.03 53.66 57.11
CA PRO I 44 37.21 54.76 56.17
C PRO I 44 35.90 55.35 55.66
N ARG I 45 35.54 56.51 56.20
CA ARG I 45 34.31 57.18 55.83
C ARG I 45 34.43 57.77 54.43
N LEU I 46 33.30 57.87 53.74
CA LEU I 46 33.18 58.78 52.61
C LEU I 46 33.17 60.23 53.06
N LEU I 47 33.78 61.10 52.27
CA LEU I 47 33.64 62.53 52.49
C LEU I 47 32.73 63.13 51.43
N ILE I 48 33.09 62.96 50.16
CA ILE I 48 32.45 63.68 49.05
C ILE I 48 31.98 62.63 48.04
N TYR I 49 30.75 62.75 47.55
CA TYR I 49 30.30 61.86 46.48
C TYR I 49 29.81 62.66 45.28
N GLY I 50 30.17 62.19 44.08
CA GLY I 50 29.90 62.90 42.85
C GLY I 50 30.81 64.07 42.60
N ALA I 51 31.88 64.21 43.40
CA ALA I 51 32.92 65.24 43.36
C ALA I 51 32.39 66.63 43.66
N SER I 52 31.12 66.79 44.02
CA SER I 52 30.59 68.10 44.35
C SER I 52 29.55 68.11 45.46
N THR I 53 29.24 66.97 46.07
CA THR I 53 28.20 66.92 47.10
C THR I 53 28.77 66.33 48.38
N ARG I 54 28.38 66.90 49.51
CA ARG I 54 28.75 66.41 50.83
C ARG I 54 27.62 65.51 51.34
N ALA I 55 27.96 64.25 51.62
CA ALA I 55 26.95 63.20 51.79
C ALA I 55 26.05 63.36 53.00
N THR I 56 26.59 63.15 54.21
CA THR I 56 25.81 63.15 55.44
C THR I 56 26.72 63.61 56.57
N GLY I 57 26.45 64.79 57.13
CA GLY I 57 27.24 65.33 58.21
C GLY I 57 28.62 65.81 57.82
N ILE I 58 28.94 65.82 56.53
CA ILE I 58 30.19 66.32 56.00
C ILE I 58 30.12 67.84 55.97
N PRO I 59 31.00 68.55 56.67
CA PRO I 59 30.80 69.99 56.89
C PRO I 59 31.09 70.84 55.68
N ALA I 60 30.93 72.15 55.84
CA ALA I 60 31.26 73.12 54.79
C ALA I 60 32.76 73.38 54.72
N ARG I 61 33.56 72.75 55.58
CA ARG I 61 35.01 72.81 55.44
C ARG I 61 35.46 72.16 54.14
N PHE I 62 34.85 71.03 53.78
CA PHE I 62 35.26 70.26 52.61
C PHE I 62 34.59 70.84 51.38
N SER I 63 35.41 71.40 50.49
CA SER I 63 34.97 72.05 49.26
C SER I 63 35.66 71.40 48.07
N GLY I 64 35.63 70.06 48.07
CA GLY I 64 36.26 69.32 47.01
C GLY I 64 35.48 69.41 45.71
N SER I 65 36.21 69.63 44.63
CA SER I 65 35.64 69.68 43.29
C SER I 65 36.68 69.14 42.32
N GLY I 66 36.52 69.47 41.05
CA GLY I 66 37.40 69.01 40.02
C GLY I 66 36.69 68.16 38.98
N SER I 67 37.35 67.95 37.86
CA SER I 67 36.74 67.20 36.76
C SER I 67 37.83 66.65 35.86
N GLY I 68 37.45 65.65 35.08
CA GLY I 68 38.18 65.23 33.89
C GLY I 68 39.49 64.54 34.18
N THR I 69 40.47 65.34 34.55
CA THR I 69 41.83 64.88 34.79
C THR I 69 42.47 65.55 35.99
N GLU I 70 41.78 66.41 36.71
CA GLU I 70 42.33 67.04 37.89
C GLU I 70 41.24 67.20 38.93
N PHE I 71 41.49 66.70 40.14
CA PHE I 71 40.50 66.73 41.21
C PHE I 71 41.18 67.27 42.47
N THR I 72 40.47 68.11 43.22
CA THR I 72 41.06 68.83 44.34
C THR I 72 40.10 68.88 45.53
N LEU I 73 40.58 68.47 46.69
CA LEU I 73 39.85 68.58 47.94
C LEU I 73 40.45 69.71 48.76
N THR I 74 39.56 70.54 49.32
CA THR I 74 39.96 71.69 50.11
C THR I 74 39.49 71.47 51.54
N ILE I 75 40.44 71.47 52.49
CA ILE I 75 40.11 71.36 53.90
C ILE I 75 40.41 72.70 54.57
N SER I 76 39.44 73.19 55.35
CA SER I 76 39.41 74.61 55.71
C SER I 76 40.11 74.94 57.04
N THR I 77 39.63 74.39 58.16
CA THR I 77 40.10 74.89 59.45
C THR I 77 40.87 73.87 60.28
N LEU I 78 40.89 72.60 59.87
CA LEU I 78 41.92 71.61 60.25
C LEU I 78 41.97 71.35 61.76
N GLN I 79 40.93 70.70 62.25
CA GLN I 79 41.05 70.07 63.57
C GLN I 79 42.05 68.93 63.52
N SER I 80 42.56 68.55 64.69
CA SER I 80 43.59 67.51 64.77
C SER I 80 43.05 66.11 64.46
N GLU I 81 41.74 65.95 64.38
CA GLU I 81 41.12 64.69 64.01
C GLU I 81 41.02 64.51 62.51
N ASP I 82 41.50 65.48 61.73
CA ASP I 82 41.58 65.35 60.28
C ASP I 82 42.93 64.84 59.81
N SER I 83 43.82 64.49 60.74
CA SER I 83 45.14 63.94 60.42
C SER I 83 44.97 62.49 60.02
N ALA I 84 44.67 62.26 58.76
CA ALA I 84 44.18 60.95 58.33
C ALA I 84 44.62 60.69 56.89
N VAL I 85 44.01 59.68 56.27
CA VAL I 85 44.38 59.21 54.95
C VAL I 85 43.24 59.56 54.00
N TYR I 86 43.55 60.31 52.94
CA TYR I 86 42.54 60.83 52.03
C TYR I 86 42.63 60.08 50.70
N TYR I 87 41.56 59.35 50.37
CA TYR I 87 41.47 58.59 49.13
C TYR I 87 40.55 59.30 48.15
N CYS I 88 40.76 59.03 46.86
CA CYS I 88 39.82 59.45 45.83
C CYS I 88 39.54 58.26 44.91
N GLN I 89 38.27 58.04 44.60
CA GLN I 89 37.87 56.82 43.90
C GLN I 89 36.85 57.15 42.82
N GLN I 90 37.03 56.53 41.66
CA GLN I 90 36.17 56.79 40.52
C GLN I 90 34.90 55.93 40.60
N TYR I 91 33.90 56.28 39.78
CA TYR I 91 32.68 55.50 39.67
C TYR I 91 32.57 54.71 38.38
N ASN I 92 33.34 55.06 37.36
CA ASN I 92 33.04 54.71 35.99
C ASN I 92 33.58 53.36 35.55
N ASP I 93 34.82 53.03 35.90
CA ASP I 93 35.46 51.83 35.40
C ASP I 93 35.38 50.69 36.40
N ARG I 94 34.85 49.58 35.92
CA ARG I 94 35.02 48.30 36.60
C ARG I 94 36.31 47.64 36.10
N PRO I 95 37.20 47.20 37.00
CA PRO I 95 37.20 47.22 38.47
C PRO I 95 37.48 48.58 39.09
N ARG I 96 36.95 48.80 40.30
CA ARG I 96 37.08 50.09 40.99
C ARG I 96 38.44 50.13 41.67
N THR I 97 39.18 51.19 41.42
CA THR I 97 40.49 51.40 42.02
C THR I 97 40.43 52.63 42.91
N PHE I 98 40.85 52.47 44.16
CA PHE I 98 40.94 53.56 45.11
C PHE I 98 42.19 54.40 44.87
N GLY I 99 42.24 55.55 45.54
CA GLY I 99 43.44 56.35 45.57
C GLY I 99 44.52 55.71 46.40
N GLN I 100 45.73 56.25 46.26
CA GLN I 100 46.88 55.71 46.99
C GLN I 100 46.98 56.26 48.40
N GLY I 101 46.15 57.22 48.76
CA GLY I 101 46.14 57.76 50.10
C GLY I 101 46.98 59.00 50.27
N THR I 102 46.38 60.04 50.85
CA THR I 102 47.08 61.28 51.19
C THR I 102 47.20 61.34 52.71
N LYS I 103 48.44 61.33 53.19
CA LYS I 103 48.71 61.31 54.62
C LYS I 103 48.76 62.77 55.09
N LEU I 104 47.73 63.20 55.80
CA LEU I 104 47.66 64.57 56.30
C LEU I 104 47.82 64.55 57.81
N GLU I 105 48.77 65.34 58.32
CA GLU I 105 48.94 65.49 59.75
C GLU I 105 49.09 66.97 60.09
N ILE I 106 48.87 67.25 61.38
CA ILE I 106 48.94 68.60 61.92
C ILE I 106 50.19 68.69 62.79
N LYS I 107 51.03 69.68 62.51
CA LYS I 107 52.28 69.82 63.24
C LYS I 107 52.04 70.39 64.63
N ARG I 108 52.67 69.78 65.63
CA ARG I 108 52.51 70.16 67.03
C ARG I 108 53.84 70.63 67.58
N THR I 109 53.83 70.97 68.87
CA THR I 109 54.98 71.55 69.54
C THR I 109 56.07 70.53 69.86
#